data_5WAB
#
_entry.id   5WAB
#
_cell.length_a   94.610
_cell.length_b   96.430
_cell.length_c   106.770
_cell.angle_alpha   87.76
_cell.angle_beta   89.11
_cell.angle_gamma   61.00
#
_symmetry.space_group_name_H-M   'P 1'
#
loop_
_entity.id
_entity.type
_entity.pdbx_description
1 polymer 'Putative beta-glucosidase'
2 non-polymer GLYCEROL
3 water water
#
_entity_poly.entity_id   1
_entity_poly.type   'polypeptide(L)'
_entity_poly.pdbx_seq_one_letter_code
;MSENTYPSVNDLTLEEKASLTSGGDAWHLQGVEAKGIPGYMITDGPHGLRKSNSATTGEVDLNNSVPATCFPPAAGLSSS
WNPELIHQVGEAMAEECIQEKVAVILGPGVNIKRNPLGGRCFEYWSEDPYLAGHEAVGIVAGVQSKGVGTSLKHFAANNQ
ETDRLRVSANISQRALREIYFPAFEHIVKTAQPWTIMCSYNRINGVHSAQNRWLLTDVLRDEWGYEGIVMSDWGADHDRV
ASLNAGLNLEMPPSYTDDQIVYAARDGRIQPEQLDRMAQGMVDLVNKTRSAMSIDDYHFDVDAHDEVAHQAAIESMVLLK
NDDDILPVAANAKIAVIGEFARTPRYQGGGSSHITPTKMTSFLDTLAARGVDVAFAPGFTLDLEPADRTLEAEAVETAKN
ADVVLMFLGLPEAAESEGFDRETLDIPAKQVELLKAVAAENKNIVVVLSNGSVVSVAPWAGNAKGILESWLLGQAGGPAL
ADVIFGKVSPSGKLAQTIPMNINDDPSMINWPGEEGHVDYGEGVFVGYRYYDTYDKAVDYPFGFGLSYATFAIDGVNVAK
TGANTAHVTATVTNTSDVDAAETVQVYVAPGKAAVARPKHELKGFRKVFLKAGESAEITFDLDERAFAYWSEKFNDWHVE
AGEYTVEVGTSSRDIAAVAVVTLDGDGKALPLDEWSTFGEWADDPVGSKIVASVYAEGEAGNLPQLPDNDMMRMFLKSMP
INSMPMLMSDGGKAITAFMLDEYAKIAETAE
;
_entity_poly.pdbx_strand_id   A,B,C,D
#
loop_
_chem_comp.id
_chem_comp.type
_chem_comp.name
_chem_comp.formula
GOL non-polymer GLYCEROL 'C3 H8 O3'
#
# COMPACT_ATOMS: atom_id res chain seq x y z
N THR A 5 3.00 -27.57 -21.99
CA THR A 5 4.27 -27.04 -21.52
C THR A 5 4.95 -28.02 -20.55
N TYR A 6 6.26 -28.11 -20.63
CA TYR A 6 7.01 -29.10 -19.88
C TYR A 6 7.32 -28.56 -18.48
N PRO A 7 7.04 -29.32 -17.42
CA PRO A 7 6.47 -30.68 -17.55
C PRO A 7 4.94 -30.73 -17.46
N SER A 8 4.35 -31.79 -18.02
CA SER A 8 2.93 -32.12 -17.87
C SER A 8 2.81 -33.62 -17.72
N VAL A 9 1.58 -34.12 -17.61
CA VAL A 9 1.38 -35.56 -17.51
C VAL A 9 1.68 -36.27 -18.83
N ASN A 10 1.68 -35.53 -19.95
CA ASN A 10 2.09 -36.12 -21.22
C ASN A 10 3.55 -36.56 -21.22
N ASP A 11 4.36 -35.99 -20.34
CA ASP A 11 5.77 -36.31 -20.26
C ASP A 11 6.06 -37.45 -19.29
N LEU A 12 5.04 -37.99 -18.64
CA LEU A 12 5.22 -39.01 -17.62
C LEU A 12 4.76 -40.38 -18.09
N THR A 13 5.45 -41.41 -17.60
CA THR A 13 4.96 -42.77 -17.78
C THR A 13 3.81 -43.03 -16.80
N LEU A 14 3.17 -44.19 -16.95
CA LEU A 14 2.10 -44.55 -16.02
C LEU A 14 2.60 -44.61 -14.58
N GLU A 15 3.77 -45.22 -14.36
CA GLU A 15 4.29 -45.35 -13.01
C GLU A 15 4.59 -43.97 -12.42
N GLU A 16 5.08 -43.05 -13.25
CA GLU A 16 5.34 -41.69 -12.77
C GLU A 16 4.04 -40.95 -12.48
N LYS A 17 3.01 -41.15 -13.30
CA LYS A 17 1.72 -40.54 -13.02
C LYS A 17 1.17 -41.00 -11.69
N ALA A 18 1.17 -42.32 -11.46
CA ALA A 18 0.62 -42.87 -10.22
C ALA A 18 1.43 -42.45 -9.00
N SER A 19 2.74 -42.28 -9.14
CA SER A 19 3.53 -41.88 -7.98
C SER A 19 3.14 -40.49 -7.51
N LEU A 20 2.73 -39.61 -8.43
CA LEU A 20 2.36 -38.26 -8.05
C LEU A 20 1.12 -38.22 -7.16
N THR A 21 0.33 -39.29 -7.12
CA THR A 21 -0.90 -39.32 -6.36
C THR A 21 -0.68 -39.66 -4.89
N SER A 22 0.57 -39.68 -4.44
CA SER A 22 0.92 -39.85 -3.03
C SER A 22 2.29 -39.22 -2.82
N GLY A 23 2.48 -38.64 -1.64
CA GLY A 23 3.70 -37.89 -1.37
C GLY A 23 4.94 -38.75 -1.44
N GLY A 24 6.09 -38.07 -1.55
CA GLY A 24 7.36 -38.77 -1.50
C GLY A 24 7.62 -39.37 -0.12
N ASP A 25 7.43 -38.59 0.92
CA ASP A 25 7.39 -39.10 2.29
C ASP A 25 6.26 -38.38 3.01
N ALA A 26 6.26 -38.46 4.34
CA ALA A 26 5.18 -37.87 5.13
C ALA A 26 5.14 -36.35 5.07
N TRP A 27 6.14 -35.70 4.46
CA TRP A 27 6.19 -34.24 4.46
C TRP A 27 6.61 -33.65 3.13
N HIS A 28 6.64 -34.43 2.06
CA HIS A 28 7.04 -33.95 0.75
C HIS A 28 6.10 -34.51 -0.31
N LEU A 29 5.84 -33.69 -1.33
CA LEU A 29 5.16 -34.17 -2.52
C LEU A 29 6.05 -35.21 -3.21
N GLN A 30 5.46 -35.94 -4.16
CA GLN A 30 6.24 -36.93 -4.89
C GLN A 30 7.18 -36.21 -5.83
N GLY A 31 8.47 -36.45 -5.67
CA GLY A 31 9.43 -35.86 -6.56
C GLY A 31 9.75 -36.73 -7.76
N VAL A 32 9.48 -36.23 -8.95
CA VAL A 32 9.97 -36.83 -10.19
C VAL A 32 11.04 -35.88 -10.70
N GLU A 33 12.17 -35.81 -9.98
CA GLU A 33 13.21 -34.84 -10.31
C GLU A 33 13.80 -35.08 -11.69
N ALA A 34 13.74 -36.31 -12.18
CA ALA A 34 14.30 -36.61 -13.50
C ALA A 34 13.55 -35.89 -14.62
N LYS A 35 12.32 -35.45 -14.36
CA LYS A 35 11.51 -34.81 -15.37
C LYS A 35 11.05 -33.44 -14.90
N GLY A 36 11.82 -32.84 -13.98
CA GLY A 36 11.58 -31.48 -13.57
C GLY A 36 10.42 -31.25 -12.63
N ILE A 37 10.05 -32.24 -11.85
CA ILE A 37 8.97 -32.12 -10.88
C ILE A 37 9.57 -32.34 -9.50
N PRO A 38 9.93 -31.27 -8.79
CA PRO A 38 10.53 -31.44 -7.46
C PRO A 38 9.50 -31.82 -6.42
N GLY A 39 9.94 -32.59 -5.43
CA GLY A 39 9.08 -32.98 -4.34
C GLY A 39 9.14 -31.98 -3.20
N TYR A 40 8.45 -30.85 -3.36
CA TYR A 40 8.50 -29.77 -2.39
C TYR A 40 7.93 -30.22 -1.04
N MET A 41 8.38 -29.56 0.02
CA MET A 41 7.96 -29.88 1.37
C MET A 41 6.59 -29.30 1.68
N ILE A 42 5.76 -30.09 2.35
CA ILE A 42 4.45 -29.70 2.85
C ILE A 42 4.50 -29.82 4.37
N THR A 43 4.04 -28.79 5.08
CA THR A 43 4.08 -28.83 6.54
C THR A 43 2.99 -27.95 7.14
N ASP A 44 2.71 -28.20 8.42
CA ASP A 44 1.62 -27.55 9.13
C ASP A 44 1.84 -26.07 9.34
N GLY A 45 0.75 -25.39 9.68
CA GLY A 45 0.81 -24.03 10.11
C GLY A 45 -0.41 -23.18 9.85
N PRO A 46 -1.52 -23.48 10.53
CA PRO A 46 -2.69 -22.58 10.41
C PRO A 46 -2.42 -21.22 11.03
N HIS A 47 -1.53 -21.15 12.00
CA HIS A 47 -1.14 -19.87 12.59
C HIS A 47 0.38 -19.73 12.65
N GLY A 48 1.08 -20.27 11.67
CA GLY A 48 2.52 -20.10 11.56
C GLY A 48 3.27 -21.34 11.11
N LEU A 49 4.40 -21.12 10.44
CA LEU A 49 5.20 -22.24 9.93
C LEU A 49 5.65 -23.14 11.07
N ARG A 50 5.35 -24.44 10.95
CA ARG A 50 5.79 -25.44 11.91
C ARG A 50 6.54 -26.50 11.13
N LYS A 51 7.82 -26.24 10.87
CA LYS A 51 8.69 -27.16 10.15
C LYS A 51 9.41 -28.06 11.17
N SER A 52 10.44 -28.77 10.73
CA SER A 52 11.17 -29.68 11.61
C SER A 52 12.57 -29.98 11.07
N SER A 65 9.67 -27.18 14.68
CA SER A 65 10.69 -26.84 15.67
C SER A 65 11.71 -25.87 15.10
N VAL A 66 11.64 -25.62 13.79
CA VAL A 66 12.44 -24.54 13.20
C VAL A 66 11.87 -23.20 13.67
N PRO A 67 12.69 -22.28 14.17
CA PRO A 67 12.16 -21.03 14.72
C PRO A 67 11.33 -20.26 13.71
N ALA A 68 10.09 -19.98 14.09
CA ALA A 68 9.18 -19.24 13.22
C ALA A 68 8.27 -18.38 14.10
N THR A 69 7.60 -17.43 13.48
CA THR A 69 6.68 -16.57 14.19
C THR A 69 5.40 -17.33 14.53
N CYS A 70 5.08 -17.42 15.82
CA CYS A 70 3.86 -18.08 16.27
C CYS A 70 2.77 -17.02 16.33
N PHE A 71 1.93 -16.98 15.30
CA PHE A 71 0.82 -16.03 15.29
C PHE A 71 -0.29 -16.52 16.22
N PRO A 72 -1.20 -15.63 16.62
CA PRO A 72 -2.30 -16.07 17.47
C PRO A 72 -3.14 -17.12 16.76
N PRO A 73 -3.47 -18.21 17.44
CA PRO A 73 -4.39 -19.19 16.86
C PRO A 73 -5.72 -18.55 16.50
N ALA A 74 -6.43 -19.19 15.57
CA ALA A 74 -7.62 -18.60 14.98
C ALA A 74 -8.70 -18.30 16.02
N ALA A 75 -8.79 -19.09 17.09
CA ALA A 75 -9.77 -18.81 18.13
C ALA A 75 -9.59 -17.42 18.71
N GLY A 76 -8.37 -16.89 18.67
CA GLY A 76 -8.10 -15.53 19.07
C GLY A 76 -8.24 -14.57 17.91
N LEU A 77 -7.58 -14.88 16.79
CA LEU A 77 -7.56 -13.96 15.66
C LEU A 77 -8.94 -13.72 15.08
N SER A 78 -9.86 -14.67 15.26
CA SER A 78 -11.24 -14.48 14.82
C SER A 78 -11.95 -13.36 15.56
N SER A 79 -11.41 -12.89 16.68
CA SER A 79 -11.99 -11.76 17.37
C SER A 79 -11.76 -10.44 16.65
N SER A 80 -10.85 -10.40 15.68
CA SER A 80 -10.48 -9.16 15.02
C SER A 80 -11.52 -8.68 14.02
N TRP A 81 -12.23 -9.61 13.36
CA TRP A 81 -13.17 -9.27 12.29
C TRP A 81 -12.49 -8.38 11.25
N ASN A 82 -11.22 -8.65 10.99
CA ASN A 82 -10.35 -7.77 10.21
C ASN A 82 -9.66 -8.57 9.11
N PRO A 83 -10.35 -8.77 7.98
CA PRO A 83 -9.73 -9.54 6.89
C PRO A 83 -8.41 -8.95 6.39
N GLU A 84 -8.26 -7.63 6.40
CA GLU A 84 -7.01 -7.04 5.93
C GLU A 84 -5.86 -7.43 6.84
N LEU A 85 -6.08 -7.41 8.16
CA LEU A 85 -5.03 -7.82 9.08
C LEU A 85 -4.73 -9.31 8.95
N ILE A 86 -5.77 -10.13 8.76
CA ILE A 86 -5.56 -11.56 8.54
C ILE A 86 -4.81 -11.80 7.23
N HIS A 87 -5.14 -11.02 6.19
CA HIS A 87 -4.42 -11.11 4.94
C HIS A 87 -2.95 -10.79 5.13
N GLN A 88 -2.66 -9.91 6.10
CA GLN A 88 -1.29 -9.50 6.38
C GLN A 88 -0.53 -10.59 7.13
N VAL A 89 -1.19 -11.29 8.05
CA VAL A 89 -0.61 -12.46 8.70
C VAL A 89 -0.23 -13.53 7.68
N GLY A 90 -1.08 -13.72 6.66
CA GLY A 90 -0.78 -14.73 5.65
C GLY A 90 0.47 -14.40 4.85
N GLU A 91 0.63 -13.13 4.48
CA GLU A 91 1.82 -12.73 3.74
C GLU A 91 3.09 -13.04 4.51
N ALA A 92 3.08 -12.79 5.82
CA ALA A 92 4.26 -13.08 6.64
C ALA A 92 4.51 -14.59 6.70
N MET A 93 3.44 -15.38 6.86
CA MET A 93 3.57 -16.83 6.86
C MET A 93 4.20 -17.35 5.57
N ALA A 94 3.80 -16.78 4.42
CA ALA A 94 4.37 -17.24 3.16
C ALA A 94 5.84 -16.89 3.05
N GLU A 95 6.23 -15.70 3.50
CA GLU A 95 7.64 -15.30 3.43
C GLU A 95 8.51 -16.21 4.29
N GLU A 96 7.99 -16.66 5.43
CA GLU A 96 8.75 -17.62 6.21
C GLU A 96 8.84 -18.96 5.50
N CYS A 97 7.77 -19.35 4.78
CA CYS A 97 7.82 -20.56 3.97
C CYS A 97 8.86 -20.42 2.87
N ILE A 98 8.98 -19.23 2.28
CA ILE A 98 9.94 -19.03 1.19
C ILE A 98 11.36 -19.18 1.69
N GLN A 99 11.64 -18.71 2.91
CA GLN A 99 12.96 -18.93 3.50
C GLN A 99 13.23 -20.41 3.73
N GLU A 100 12.22 -21.15 4.17
CA GLU A 100 12.41 -22.52 4.63
C GLU A 100 12.06 -23.55 3.56
N LYS A 101 11.89 -23.12 2.31
CA LYS A 101 11.64 -24.01 1.18
C LYS A 101 10.40 -24.89 1.42
N VAL A 102 9.31 -24.24 1.83
CA VAL A 102 8.03 -24.90 2.08
C VAL A 102 7.03 -24.39 1.04
N ALA A 103 6.54 -25.29 0.19
CA ALA A 103 5.68 -24.87 -0.91
C ALA A 103 4.22 -24.72 -0.51
N VAL A 104 3.76 -25.52 0.45
CA VAL A 104 2.38 -25.45 0.91
C VAL A 104 2.38 -25.44 2.44
N ILE A 105 1.65 -24.50 3.03
CA ILE A 105 1.45 -24.45 4.47
C ILE A 105 0.03 -24.94 4.77
N LEU A 106 -0.09 -25.88 5.71
CA LEU A 106 -1.31 -26.67 5.87
C LEU A 106 -2.32 -25.93 6.75
N GLY A 107 -3.00 -24.98 6.13
CA GLY A 107 -4.02 -24.21 6.80
C GLY A 107 -4.66 -23.26 5.81
N PRO A 108 -5.67 -22.51 6.25
CA PRO A 108 -6.23 -22.54 7.61
C PRO A 108 -7.37 -23.56 7.76
N GLY A 109 -7.79 -23.80 9.00
CA GLY A 109 -8.92 -24.67 9.28
C GLY A 109 -10.15 -23.81 9.49
N VAL A 110 -11.23 -24.19 8.80
CA VAL A 110 -12.45 -23.38 8.80
C VAL A 110 -13.67 -24.19 9.24
N ASN A 111 -13.46 -25.32 9.90
CA ASN A 111 -14.60 -26.11 10.37
C ASN A 111 -15.45 -25.32 11.35
N ILE A 112 -16.77 -25.50 11.22
CA ILE A 112 -17.71 -24.82 12.09
C ILE A 112 -17.57 -25.35 13.52
N LYS A 113 -17.55 -24.43 14.48
CA LYS A 113 -17.56 -24.79 15.90
C LYS A 113 -19.01 -25.10 16.28
N ARG A 114 -19.44 -26.31 15.92
CA ARG A 114 -20.79 -26.75 16.24
C ARG A 114 -21.02 -26.74 17.75
N ASN A 115 -20.05 -27.26 18.50
CA ASN A 115 -20.10 -27.31 19.95
C ASN A 115 -18.77 -26.80 20.50
N PRO A 116 -18.80 -25.88 21.48
CA PRO A 116 -17.55 -25.29 21.96
C PRO A 116 -16.62 -26.28 22.65
N LEU A 117 -17.09 -27.49 22.95
CA LEU A 117 -16.23 -28.52 23.54
C LEU A 117 -15.31 -29.17 22.51
N GLY A 118 -15.48 -28.87 21.23
CA GLY A 118 -14.65 -29.45 20.19
C GLY A 118 -13.16 -29.23 20.42
N GLY A 119 -12.38 -30.31 20.38
CA GLY A 119 -10.98 -30.23 20.74
C GLY A 119 -10.15 -29.32 19.84
N ARG A 120 -10.56 -29.15 18.57
CA ARG A 120 -9.81 -28.32 17.63
C ARG A 120 -10.36 -26.90 17.50
N CYS A 121 -11.25 -26.46 18.40
CA CYS A 121 -11.83 -25.12 18.28
C CYS A 121 -10.76 -24.03 18.29
N PHE A 122 -9.62 -24.27 18.95
CA PHE A 122 -8.59 -23.24 19.04
C PHE A 122 -8.00 -22.91 17.67
N GLU A 123 -8.08 -23.87 16.72
CA GLU A 123 -7.51 -23.76 15.39
C GLU A 123 -8.53 -23.35 14.34
N TYR A 124 -9.81 -23.19 14.72
CA TYR A 124 -10.88 -22.77 13.82
C TYR A 124 -11.32 -21.36 14.15
N TRP A 125 -12.26 -20.83 13.35
CA TRP A 125 -12.56 -19.41 13.36
C TRP A 125 -13.87 -19.04 14.06
N SER A 126 -14.99 -19.67 13.72
CA SER A 126 -16.26 -19.21 14.28
C SER A 126 -17.28 -20.33 14.30
N GLU A 127 -18.39 -20.07 15.00
CA GLU A 127 -19.59 -20.87 14.89
C GLU A 127 -20.45 -20.46 13.71
N ASP A 128 -20.14 -19.33 13.07
CA ASP A 128 -20.95 -18.80 11.99
C ASP A 128 -20.24 -19.01 10.66
N PRO A 129 -20.92 -19.50 9.62
CA PRO A 129 -20.22 -19.75 8.35
C PRO A 129 -19.74 -18.48 7.65
N TYR A 130 -20.53 -17.41 7.67
CA TYR A 130 -20.13 -16.19 6.97
C TYR A 130 -18.87 -15.59 7.58
N LEU A 131 -18.83 -15.51 8.90
CA LEU A 131 -17.66 -14.93 9.58
C LEU A 131 -16.41 -15.76 9.30
N ALA A 132 -16.53 -17.09 9.39
CA ALA A 132 -15.36 -17.95 9.16
C ALA A 132 -14.83 -17.79 7.75
N GLY A 133 -15.72 -17.73 6.75
CA GLY A 133 -15.27 -17.62 5.37
C GLY A 133 -14.66 -16.27 5.07
N HIS A 134 -15.30 -15.20 5.53
CA HIS A 134 -14.80 -13.85 5.25
C HIS A 134 -13.62 -13.46 6.12
N GLU A 135 -13.29 -14.23 7.15
CA GLU A 135 -12.07 -14.01 7.91
C GLU A 135 -10.93 -14.86 7.38
N ALA A 136 -11.12 -16.18 7.35
CA ALA A 136 -10.02 -17.08 7.00
C ALA A 136 -9.54 -16.92 5.57
N VAL A 137 -10.34 -16.29 4.71
CA VAL A 137 -9.90 -16.06 3.33
C VAL A 137 -8.64 -15.20 3.30
N GLY A 138 -8.43 -14.38 4.33
CA GLY A 138 -7.21 -13.58 4.40
C GLY A 138 -5.96 -14.43 4.44
N ILE A 139 -6.02 -15.60 5.08
CA ILE A 139 -4.87 -16.51 5.12
C ILE A 139 -4.57 -17.04 3.72
N VAL A 140 -5.61 -17.51 3.01
CA VAL A 140 -5.40 -18.07 1.67
C VAL A 140 -4.88 -17.01 0.71
N ALA A 141 -5.59 -15.87 0.63
CA ALA A 141 -5.17 -14.81 -0.30
C ALA A 141 -3.82 -14.24 0.09
N GLY A 142 -3.56 -14.11 1.39
CA GLY A 142 -2.31 -13.53 1.83
C GLY A 142 -1.12 -14.41 1.52
N VAL A 143 -1.19 -15.69 1.90
CA VAL A 143 -0.06 -16.60 1.67
C VAL A 143 0.22 -16.74 0.18
N GLN A 144 -0.83 -17.01 -0.60
CA GLN A 144 -0.64 -17.29 -2.02
C GLN A 144 -0.28 -16.03 -2.81
N SER A 145 -0.50 -14.83 -2.24
CA SER A 145 -0.03 -13.61 -2.89
C SER A 145 1.48 -13.56 -2.96
N LYS A 146 2.17 -14.39 -2.18
CA LYS A 146 3.62 -14.48 -2.21
C LYS A 146 4.12 -15.67 -3.01
N GLY A 147 3.20 -16.44 -3.61
CA GLY A 147 3.55 -17.58 -4.41
C GLY A 147 3.62 -18.90 -3.66
N VAL A 148 3.11 -18.96 -2.43
CA VAL A 148 3.15 -20.17 -1.61
C VAL A 148 1.73 -20.70 -1.45
N GLY A 149 1.59 -22.03 -1.50
CA GLY A 149 0.27 -22.62 -1.40
C GLY A 149 -0.23 -22.75 0.03
N THR A 150 -1.55 -22.81 0.18
CA THR A 150 -2.23 -23.09 1.43
C THR A 150 -3.00 -24.39 1.30
N SER A 151 -3.66 -24.79 2.38
CA SER A 151 -4.46 -26.01 2.40
C SER A 151 -5.71 -25.76 3.25
N LEU A 152 -6.78 -25.30 2.61
CA LEU A 152 -8.07 -25.18 3.26
C LEU A 152 -8.46 -26.52 3.86
N LYS A 153 -8.59 -26.57 5.19
CA LYS A 153 -8.37 -27.81 5.93
C LYS A 153 -9.67 -28.42 6.45
N HIS A 154 -9.76 -29.74 6.26
CA HIS A 154 -10.76 -30.66 6.83
C HIS A 154 -12.13 -30.47 6.20
N PHE A 155 -12.19 -30.74 4.92
CA PHE A 155 -13.42 -30.62 4.13
C PHE A 155 -14.05 -32.01 4.04
N ALA A 156 -15.19 -32.20 4.71
CA ALA A 156 -15.84 -31.18 5.53
C ALA A 156 -16.48 -31.80 6.78
N ALA A 157 -17.05 -30.93 7.61
CA ALA A 157 -17.85 -31.32 8.78
C ALA A 157 -17.02 -32.13 9.78
N ASN A 158 -15.82 -31.61 10.09
CA ASN A 158 -14.94 -32.18 11.10
C ASN A 158 -15.05 -31.30 12.35
N ASN A 159 -16.09 -31.55 13.14
CA ASN A 159 -16.48 -30.66 14.23
C ASN A 159 -16.24 -31.26 15.61
N GLN A 160 -15.59 -32.42 15.70
CA GLN A 160 -15.27 -33.04 16.98
C GLN A 160 -14.06 -33.93 16.82
N GLU A 161 -13.36 -34.17 17.93
CA GLU A 161 -12.22 -35.07 17.96
C GLU A 161 -12.62 -36.49 18.34
N THR A 162 -13.70 -36.63 19.10
CA THR A 162 -14.12 -37.93 19.60
C THR A 162 -14.48 -38.86 18.45
N ASP A 163 -13.70 -39.95 18.32
CA ASP A 163 -13.91 -40.98 17.30
C ASP A 163 -13.82 -40.38 15.88
N ARG A 164 -12.95 -39.37 15.70
CA ARG A 164 -12.90 -38.66 14.43
C ARG A 164 -12.49 -39.53 13.25
N LEU A 165 -11.78 -40.64 13.49
CA LEU A 165 -11.33 -41.47 12.40
C LEU A 165 -12.42 -42.37 11.85
N ARG A 166 -13.51 -42.57 12.59
CA ARG A 166 -14.53 -43.51 12.20
C ARG A 166 -15.93 -42.91 12.14
N VAL A 167 -16.20 -41.89 12.97
CA VAL A 167 -17.58 -41.45 13.17
C VAL A 167 -18.16 -40.92 11.87
N SER A 168 -19.46 -41.16 11.66
CA SER A 168 -20.19 -40.62 10.54
C SER A 168 -20.99 -39.42 11.03
N ALA A 169 -20.66 -38.24 10.54
CA ALA A 169 -21.49 -37.07 10.81
C ALA A 169 -22.69 -37.17 9.89
N ASN A 170 -23.85 -37.47 10.47
CA ASN A 170 -25.10 -37.60 9.72
C ASN A 170 -25.81 -36.25 9.74
N ILE A 171 -25.81 -35.59 8.58
CA ILE A 171 -26.20 -34.19 8.46
C ILE A 171 -27.20 -34.05 7.34
N SER A 172 -28.23 -33.23 7.55
CA SER A 172 -29.17 -32.93 6.48
C SER A 172 -28.50 -32.06 5.41
N GLN A 173 -29.09 -32.06 4.22
CA GLN A 173 -28.55 -31.27 3.12
C GLN A 173 -28.58 -29.77 3.43
N ARG A 174 -29.69 -29.27 3.98
CA ARG A 174 -29.75 -27.86 4.37
C ARG A 174 -28.62 -27.49 5.30
N ALA A 175 -28.40 -28.30 6.33
CA ALA A 175 -27.35 -27.95 7.30
C ALA A 175 -25.97 -28.00 6.66
N LEU A 176 -25.74 -28.96 5.76
CA LEU A 176 -24.49 -29.00 5.01
C LEU A 176 -24.34 -27.75 4.15
N ARG A 177 -25.39 -27.40 3.41
CA ARG A 177 -25.31 -26.28 2.47
C ARG A 177 -25.23 -24.93 3.18
N GLU A 178 -25.92 -24.78 4.32
CA GLU A 178 -25.99 -23.47 4.95
C GLU A 178 -25.00 -23.28 6.09
N ILE A 179 -24.56 -24.35 6.76
CA ILE A 179 -23.68 -24.23 7.93
C ILE A 179 -22.25 -24.66 7.61
N TYR A 180 -22.06 -25.90 7.16
CA TYR A 180 -20.71 -26.47 7.10
C TYR A 180 -20.02 -26.26 5.77
N PHE A 181 -20.74 -25.84 4.73
CA PHE A 181 -20.14 -25.60 3.42
C PHE A 181 -19.77 -24.13 3.16
N PRO A 182 -20.62 -23.14 3.53
CA PRO A 182 -20.41 -21.77 3.01
C PRO A 182 -19.02 -21.20 3.23
N ALA A 183 -18.37 -21.51 4.36
CA ALA A 183 -17.00 -21.02 4.57
C ALA A 183 -16.04 -21.62 3.56
N PHE A 184 -16.15 -22.93 3.31
CA PHE A 184 -15.36 -23.54 2.25
C PHE A 184 -15.71 -22.94 0.89
N GLU A 185 -17.02 -22.80 0.62
CA GLU A 185 -17.46 -22.30 -0.68
C GLU A 185 -16.94 -20.89 -0.95
N HIS A 186 -17.01 -20.00 0.05
CA HIS A 186 -16.59 -18.62 -0.15
C HIS A 186 -15.10 -18.51 -0.44
N ILE A 187 -14.28 -19.25 0.30
CA ILE A 187 -12.84 -19.17 0.09
C ILE A 187 -12.44 -19.78 -1.25
N VAL A 188 -13.11 -20.86 -1.67
CA VAL A 188 -12.83 -21.47 -2.96
C VAL A 188 -13.19 -20.52 -4.10
N LYS A 189 -14.32 -19.84 -3.98
CA LYS A 189 -14.76 -18.95 -5.05
C LYS A 189 -14.05 -17.60 -5.01
N THR A 190 -13.77 -17.07 -3.81
CA THR A 190 -13.16 -15.74 -3.74
C THR A 190 -11.66 -15.82 -3.95
N ALA A 191 -10.99 -16.66 -3.18
CA ALA A 191 -9.62 -16.95 -3.49
C ALA A 191 -9.67 -18.27 -4.23
N GLN A 192 -8.61 -19.02 -4.22
CA GLN A 192 -8.62 -20.30 -4.92
C GLN A 192 -7.48 -21.07 -4.30
N PRO A 193 -7.72 -21.76 -3.19
CA PRO A 193 -6.61 -22.41 -2.49
C PRO A 193 -5.98 -23.45 -3.39
N TRP A 194 -4.65 -23.43 -3.46
CA TRP A 194 -3.99 -24.37 -4.35
C TRP A 194 -4.13 -25.81 -3.85
N THR A 195 -4.55 -25.99 -2.60
CA THR A 195 -4.66 -27.30 -1.98
C THR A 195 -5.80 -27.28 -0.97
N ILE A 196 -6.52 -28.39 -0.88
CA ILE A 196 -7.56 -28.60 0.12
C ILE A 196 -7.28 -29.92 0.82
N MET A 197 -7.47 -29.97 2.13
CA MET A 197 -7.32 -31.18 2.92
C MET A 197 -8.69 -31.70 3.32
N CYS A 198 -8.98 -32.95 2.98
CA CYS A 198 -10.25 -33.54 3.39
C CYS A 198 -10.15 -34.01 4.84
N SER A 199 -11.32 -34.22 5.44
CA SER A 199 -11.41 -34.62 6.84
C SER A 199 -11.33 -36.14 6.99
N TYR A 200 -11.05 -36.57 8.22
CA TYR A 200 -11.01 -38.01 8.53
C TYR A 200 -12.40 -38.63 8.53
N ASN A 201 -13.43 -37.86 8.91
CA ASN A 201 -14.69 -38.46 9.28
C ASN A 201 -15.51 -38.82 8.03
N ARG A 202 -16.59 -39.55 8.27
CA ARG A 202 -17.58 -39.82 7.26
C ARG A 202 -18.70 -38.80 7.35
N ILE A 203 -19.34 -38.53 6.21
CA ILE A 203 -20.54 -37.71 6.15
C ILE A 203 -21.63 -38.56 5.53
N ASN A 204 -22.62 -38.94 6.35
CA ASN A 204 -23.72 -39.80 5.90
C ASN A 204 -23.20 -41.11 5.34
N GLY A 205 -22.22 -41.70 6.02
CA GLY A 205 -21.72 -43.02 5.68
C GLY A 205 -20.52 -43.07 4.75
N VAL A 206 -20.05 -41.94 4.24
CA VAL A 206 -18.96 -41.90 3.27
C VAL A 206 -17.81 -41.09 3.86
N HIS A 207 -16.63 -41.70 3.96
CA HIS A 207 -15.43 -40.96 4.34
C HIS A 207 -15.16 -39.87 3.32
N SER A 208 -14.68 -38.72 3.81
CA SER A 208 -14.48 -37.59 2.91
C SER A 208 -13.45 -37.91 1.83
N ALA A 209 -12.43 -38.70 2.15
CA ALA A 209 -11.39 -39.04 1.18
C ALA A 209 -11.92 -39.85 0.02
N GLN A 210 -13.13 -40.37 0.15
CA GLN A 210 -13.74 -41.32 -0.78
C GLN A 210 -15.06 -40.80 -1.31
N ASN A 211 -15.40 -39.55 -1.02
CA ASN A 211 -16.72 -38.99 -1.27
C ASN A 211 -16.67 -38.22 -2.59
N ARG A 212 -17.11 -38.87 -3.67
CA ARG A 212 -17.06 -38.21 -4.97
C ARG A 212 -18.02 -37.03 -5.04
N TRP A 213 -19.19 -37.16 -4.42
CA TRP A 213 -20.11 -36.03 -4.37
C TRP A 213 -19.45 -34.82 -3.72
N LEU A 214 -18.74 -35.04 -2.62
CA LEU A 214 -18.11 -33.94 -1.92
C LEU A 214 -16.95 -33.37 -2.73
N LEU A 215 -16.01 -34.22 -3.12
CA LEU A 215 -14.75 -33.76 -3.72
C LEU A 215 -14.89 -33.39 -5.20
N THR A 216 -15.94 -33.85 -5.89
CA THR A 216 -16.07 -33.60 -7.31
C THR A 216 -17.38 -32.90 -7.66
N ASP A 217 -18.53 -33.48 -7.29
CA ASP A 217 -19.82 -32.88 -7.62
C ASP A 217 -19.93 -31.47 -7.05
N VAL A 218 -19.71 -31.33 -5.75
CA VAL A 218 -19.84 -30.02 -5.11
C VAL A 218 -18.60 -29.17 -5.34
N LEU A 219 -17.45 -29.66 -4.89
CA LEU A 219 -16.25 -28.84 -4.83
C LEU A 219 -15.84 -28.32 -6.20
N ARG A 220 -15.84 -29.18 -7.22
CA ARG A 220 -15.33 -28.82 -8.53
C ARG A 220 -16.43 -28.49 -9.54
N ASP A 221 -17.43 -29.35 -9.70
CA ASP A 221 -18.43 -29.13 -10.75
C ASP A 221 -19.35 -27.96 -10.43
N GLU A 222 -19.68 -27.75 -9.15
CA GLU A 222 -20.57 -26.67 -8.75
C GLU A 222 -19.81 -25.40 -8.37
N TRP A 223 -18.79 -25.51 -7.53
CA TRP A 223 -18.09 -24.33 -7.02
C TRP A 223 -16.94 -23.87 -7.91
N GLY A 224 -16.45 -24.71 -8.83
CA GLY A 224 -15.33 -24.32 -9.66
C GLY A 224 -13.97 -24.35 -8.99
N TYR A 225 -13.76 -25.26 -8.05
CA TYR A 225 -12.46 -25.39 -7.41
C TYR A 225 -11.42 -25.86 -8.43
N GLU A 226 -10.32 -25.12 -8.54
CA GLU A 226 -9.31 -25.40 -9.55
C GLU A 226 -8.09 -26.14 -8.99
N GLY A 227 -8.04 -26.36 -7.69
CA GLY A 227 -6.86 -26.85 -7.03
C GLY A 227 -6.87 -28.34 -6.78
N ILE A 228 -6.09 -28.75 -5.79
CA ILE A 228 -5.85 -30.15 -5.46
C ILE A 228 -6.52 -30.48 -4.13
N VAL A 229 -6.89 -31.75 -3.97
CA VAL A 229 -7.40 -32.27 -2.72
C VAL A 229 -6.42 -33.30 -2.20
N MET A 230 -6.00 -33.16 -0.96
CA MET A 230 -5.17 -34.15 -0.29
C MET A 230 -5.92 -34.69 0.92
N SER A 231 -5.51 -35.87 1.36
CA SER A 231 -6.11 -36.48 2.52
C SER A 231 -5.42 -35.98 3.78
N ASP A 232 -6.15 -36.03 4.89
CA ASP A 232 -5.49 -35.97 6.18
C ASP A 232 -4.66 -37.23 6.40
N TRP A 233 -3.73 -37.16 7.33
CA TRP A 233 -2.71 -38.20 7.46
C TRP A 233 -3.36 -39.49 7.92
N GLY A 234 -3.49 -40.44 6.99
CA GLY A 234 -4.16 -41.69 7.24
C GLY A 234 -5.59 -41.74 6.78
N ALA A 235 -6.13 -40.63 6.25
CA ALA A 235 -7.54 -40.58 5.88
C ALA A 235 -7.86 -41.32 4.59
N ASP A 236 -6.85 -41.65 3.79
CA ASP A 236 -7.06 -42.39 2.54
C ASP A 236 -7.04 -43.87 2.87
N HIS A 237 -8.22 -44.50 2.80
CA HIS A 237 -8.35 -45.92 3.14
C HIS A 237 -8.38 -46.84 1.94
N ASP A 238 -8.87 -46.34 0.79
CA ASP A 238 -8.94 -47.10 -0.45
C ASP A 238 -8.29 -46.25 -1.54
N ARG A 239 -7.09 -46.66 -1.97
CA ARG A 239 -6.35 -45.85 -2.94
C ARG A 239 -7.16 -45.63 -4.21
N VAL A 240 -7.76 -46.68 -4.75
CA VAL A 240 -8.49 -46.55 -6.01
C VAL A 240 -9.76 -45.73 -5.79
N ALA A 241 -10.49 -46.02 -4.71
CA ALA A 241 -11.74 -45.30 -4.45
C ALA A 241 -11.49 -43.82 -4.23
N SER A 242 -10.44 -43.48 -3.48
CA SER A 242 -10.14 -42.07 -3.22
C SER A 242 -9.79 -41.33 -4.51
N LEU A 243 -8.96 -41.94 -5.36
CA LEU A 243 -8.59 -41.28 -6.60
C LEU A 243 -9.80 -41.04 -7.49
N ASN A 244 -10.70 -42.03 -7.57
CA ASN A 244 -11.90 -41.87 -8.38
C ASN A 244 -12.83 -40.83 -7.79
N ALA A 245 -12.80 -40.64 -6.47
CA ALA A 245 -13.64 -39.62 -5.86
C ALA A 245 -13.14 -38.21 -6.12
N GLY A 246 -11.86 -38.06 -6.46
CA GLY A 246 -11.29 -36.74 -6.71
C GLY A 246 -10.18 -36.35 -5.76
N LEU A 247 -9.68 -37.31 -4.99
CA LEU A 247 -8.54 -37.08 -4.10
C LEU A 247 -7.25 -37.19 -4.89
N ASN A 248 -6.54 -36.08 -5.04
CA ASN A 248 -5.31 -36.10 -5.83
C ASN A 248 -4.15 -36.77 -5.11
N LEU A 249 -4.05 -36.61 -3.79
CA LEU A 249 -2.81 -36.89 -3.09
C LEU A 249 -3.08 -37.66 -1.80
N GLU A 250 -2.46 -38.83 -1.68
CA GLU A 250 -2.45 -39.58 -0.42
C GLU A 250 -1.30 -39.09 0.43
N MET A 251 -1.58 -38.74 1.68
CA MET A 251 -0.56 -38.35 2.64
C MET A 251 -0.90 -39.00 3.98
N PRO A 252 0.08 -39.62 4.66
CA PRO A 252 1.42 -39.85 4.13
C PRO A 252 1.39 -41.04 3.17
N PRO A 253 2.43 -41.23 2.37
CA PRO A 253 2.44 -42.36 1.45
C PRO A 253 2.48 -43.68 2.19
N SER A 254 1.52 -44.56 1.88
CA SER A 254 1.52 -45.92 2.36
C SER A 254 2.31 -46.86 1.45
N TYR A 255 2.98 -46.31 0.44
CA TYR A 255 3.75 -47.07 -0.54
C TYR A 255 2.85 -48.10 -1.24
N THR A 256 1.73 -47.59 -1.78
CA THR A 256 0.72 -48.41 -2.45
C THR A 256 0.37 -47.81 -3.81
N ASP A 257 1.29 -47.08 -4.42
CA ASP A 257 1.03 -46.54 -5.76
C ASP A 257 0.84 -47.65 -6.78
N ASP A 258 1.37 -48.85 -6.51
CA ASP A 258 1.18 -49.95 -7.43
C ASP A 258 -0.30 -50.25 -7.64
N GLN A 259 -1.13 -49.95 -6.64
CA GLN A 259 -2.58 -50.13 -6.78
C GLN A 259 -3.17 -49.17 -7.80
N ILE A 260 -2.64 -47.95 -7.90
CA ILE A 260 -3.11 -47.04 -8.94
C ILE A 260 -2.71 -47.55 -10.31
N VAL A 261 -1.49 -48.08 -10.44
CA VAL A 261 -1.00 -48.59 -11.72
C VAL A 261 -1.84 -49.77 -12.17
N TYR A 262 -2.07 -50.74 -11.28
CA TYR A 262 -2.87 -51.91 -11.61
C TYR A 262 -4.28 -51.52 -12.00
N ALA A 263 -4.91 -50.63 -11.20
CA ALA A 263 -6.28 -50.21 -11.47
C ALA A 263 -6.38 -49.40 -12.77
N ALA A 264 -5.34 -48.63 -13.09
CA ALA A 264 -5.33 -47.90 -14.35
C ALA A 264 -5.19 -48.82 -15.55
N ARG A 265 -4.72 -50.04 -15.35
CA ARG A 265 -4.53 -50.99 -16.44
C ARG A 265 -5.72 -51.91 -16.65
N ASP A 266 -6.52 -52.16 -15.62
CA ASP A 266 -7.64 -53.09 -15.74
C ASP A 266 -9.01 -52.41 -15.69
N GLY A 267 -9.06 -51.10 -15.90
CA GLY A 267 -10.31 -50.41 -16.07
C GLY A 267 -11.02 -49.95 -14.81
N ARG A 268 -10.38 -50.03 -13.65
CA ARG A 268 -11.00 -49.47 -12.44
C ARG A 268 -10.80 -47.97 -12.32
N ILE A 269 -9.79 -47.43 -12.99
CA ILE A 269 -9.55 -45.99 -13.07
C ILE A 269 -9.50 -45.63 -14.55
N GLN A 270 -10.37 -44.72 -14.97
CA GLN A 270 -10.30 -44.22 -16.34
C GLN A 270 -8.99 -43.46 -16.55
N PRO A 271 -8.34 -43.64 -17.70
CA PRO A 271 -7.09 -42.89 -17.97
C PRO A 271 -7.26 -41.40 -17.85
N GLU A 272 -8.44 -40.87 -18.18
CA GLU A 272 -8.69 -39.45 -18.02
C GLU A 272 -8.66 -39.04 -16.54
N GLN A 273 -9.17 -39.91 -15.66
CA GLN A 273 -9.23 -39.56 -14.24
C GLN A 273 -7.84 -39.50 -13.62
N LEU A 274 -6.98 -40.48 -13.93
CA LEU A 274 -5.61 -40.42 -13.42
C LEU A 274 -4.86 -39.24 -14.00
N ASP A 275 -5.04 -38.95 -15.28
CA ASP A 275 -4.40 -37.79 -15.88
C ASP A 275 -4.85 -36.50 -15.20
N ARG A 276 -6.16 -36.36 -14.93
CA ARG A 276 -6.65 -35.17 -14.24
C ARG A 276 -6.04 -35.06 -12.85
N MET A 277 -6.05 -36.16 -12.09
CA MET A 277 -5.53 -36.14 -10.72
C MET A 277 -4.03 -35.85 -10.70
N ALA A 278 -3.27 -36.51 -11.58
CA ALA A 278 -1.82 -36.34 -11.59
C ALA A 278 -1.39 -34.99 -12.17
N GLN A 279 -2.10 -34.53 -13.21
CA GLN A 279 -1.78 -33.23 -13.78
C GLN A 279 -1.96 -32.12 -12.76
N GLY A 280 -3.00 -32.24 -11.92
CA GLY A 280 -3.18 -31.27 -10.86
C GLY A 280 -1.97 -31.18 -9.95
N MET A 281 -1.35 -32.32 -9.66
CA MET A 281 -0.14 -32.32 -8.84
C MET A 281 1.02 -31.66 -9.56
N VAL A 282 1.07 -31.80 -10.90
CA VAL A 282 2.06 -31.06 -11.68
C VAL A 282 1.78 -29.57 -11.62
N ASP A 283 0.50 -29.19 -11.75
CA ASP A 283 0.13 -27.77 -11.69
C ASP A 283 0.47 -27.15 -10.35
N LEU A 284 0.32 -27.92 -9.26
CA LEU A 284 0.69 -27.43 -7.94
C LEU A 284 2.18 -27.09 -7.89
N VAL A 285 3.03 -27.99 -8.40
CA VAL A 285 4.45 -27.71 -8.43
C VAL A 285 4.74 -26.47 -9.26
N ASN A 286 4.08 -26.33 -10.41
CA ASN A 286 4.32 -25.15 -11.25
C ASN A 286 3.82 -23.88 -10.58
N LYS A 287 2.70 -23.95 -9.84
CA LYS A 287 2.20 -22.78 -9.13
C LYS A 287 3.17 -22.32 -8.04
N THR A 288 3.87 -23.25 -7.40
CA THR A 288 4.76 -22.96 -6.30
C THR A 288 6.22 -22.90 -6.72
N ARG A 289 6.51 -23.12 -8.00
CA ARG A 289 7.90 -23.26 -8.45
C ARG A 289 8.69 -21.97 -8.24
N SER A 290 8.12 -20.84 -8.63
CA SER A 290 8.84 -19.57 -8.55
C SER A 290 9.27 -19.28 -7.12
N ALA A 291 8.35 -19.39 -6.16
CA ALA A 291 8.69 -19.08 -4.77
C ALA A 291 9.75 -20.03 -4.22
N MET A 292 9.76 -21.28 -4.69
CA MET A 292 10.76 -22.23 -4.21
C MET A 292 12.09 -22.12 -4.96
N SER A 293 12.16 -21.29 -6.00
CA SER A 293 13.43 -21.05 -6.67
C SER A 293 14.16 -19.82 -6.13
N ILE A 294 13.57 -19.11 -5.17
CA ILE A 294 14.22 -17.97 -4.55
C ILE A 294 15.35 -18.47 -3.64
N ASP A 295 16.56 -18.00 -3.89
CA ASP A 295 17.74 -18.47 -3.16
C ASP A 295 18.11 -17.50 -2.05
N ASP A 296 18.42 -18.07 -0.88
CA ASP A 296 18.96 -17.34 0.26
C ASP A 296 18.08 -16.15 0.65
N TYR A 297 16.79 -16.42 0.83
CA TYR A 297 15.89 -15.41 1.38
C TYR A 297 15.75 -15.59 2.89
N HIS A 298 15.88 -14.49 3.61
CA HIS A 298 15.70 -14.48 5.06
C HIS A 298 14.63 -13.47 5.41
N PHE A 299 13.59 -13.92 6.11
CA PHE A 299 12.49 -13.04 6.46
C PHE A 299 12.86 -12.14 7.63
N ASP A 300 12.24 -10.97 7.68
CA ASP A 300 12.48 -10.01 8.75
C ASP A 300 11.81 -10.51 10.02
N VAL A 301 12.62 -10.95 10.99
CA VAL A 301 12.07 -11.50 12.23
C VAL A 301 11.28 -10.43 12.99
N ASP A 302 11.87 -9.24 13.12
CA ASP A 302 11.20 -8.19 13.89
C ASP A 302 9.94 -7.70 13.19
N ALA A 303 9.97 -7.61 11.87
CA ALA A 303 8.79 -7.16 11.13
C ALA A 303 7.65 -8.16 11.29
N HIS A 304 7.95 -9.46 11.23
CA HIS A 304 6.92 -10.47 11.40
C HIS A 304 6.42 -10.50 12.84
N ASP A 305 7.31 -10.26 13.80
CA ASP A 305 6.89 -10.23 15.19
C ASP A 305 5.97 -9.05 15.48
N GLU A 306 6.10 -7.97 14.70
CA GLU A 306 5.21 -6.83 14.86
C GLU A 306 3.84 -7.12 14.27
N VAL A 307 3.79 -7.88 13.17
CA VAL A 307 2.50 -8.34 12.67
C VAL A 307 1.81 -9.20 13.72
N ALA A 308 2.57 -10.07 14.37
CA ALA A 308 2.03 -10.87 15.47
C ALA A 308 1.63 -10.00 16.66
N HIS A 309 2.35 -8.90 16.89
CA HIS A 309 1.97 -7.98 17.95
C HIS A 309 0.61 -7.36 17.66
N GLN A 310 0.42 -6.85 16.44
CA GLN A 310 -0.87 -6.26 16.09
C GLN A 310 -1.96 -7.32 16.02
N ALA A 311 -1.65 -8.50 15.46
CA ALA A 311 -2.62 -9.59 15.45
C ALA A 311 -3.00 -10.01 16.87
N ALA A 312 -2.06 -9.97 17.80
CA ALA A 312 -2.36 -10.33 19.18
C ALA A 312 -3.26 -9.30 19.85
N ILE A 313 -3.02 -8.01 19.56
CA ILE A 313 -3.84 -6.95 20.15
C ILE A 313 -5.30 -7.14 19.78
N GLU A 314 -5.57 -7.44 18.51
CA GLU A 314 -6.95 -7.58 18.02
C GLU A 314 -7.53 -8.96 18.26
N SER A 315 -6.88 -9.81 19.05
CA SER A 315 -7.43 -11.11 19.40
C SER A 315 -8.12 -11.12 20.76
N MET A 316 -8.15 -9.97 21.45
CA MET A 316 -8.74 -9.88 22.78
C MET A 316 -10.15 -9.29 22.70
N VAL A 317 -11.06 -9.85 23.49
CA VAL A 317 -12.41 -9.34 23.64
C VAL A 317 -12.60 -8.87 25.09
N LEU A 318 -12.99 -7.61 25.26
CA LEU A 318 -13.33 -7.07 26.57
C LEU A 318 -14.77 -7.41 26.90
N LEU A 319 -14.98 -8.27 27.89
CA LEU A 319 -16.33 -8.71 28.22
C LEU A 319 -17.00 -7.79 29.23
N LYS A 320 -16.28 -7.35 30.27
CA LYS A 320 -16.86 -6.53 31.31
C LYS A 320 -15.80 -5.55 31.77
N ASN A 321 -16.26 -4.37 32.22
CA ASN A 321 -15.33 -3.32 32.63
C ASN A 321 -16.02 -2.36 33.60
N ASP A 322 -16.41 -2.86 34.77
CA ASP A 322 -17.12 -2.05 35.75
C ASP A 322 -16.26 -0.88 36.21
N ASP A 323 -16.89 0.29 36.35
CA ASP A 323 -16.25 1.49 36.88
C ASP A 323 -15.03 1.90 36.08
N ASP A 324 -14.92 1.41 34.84
CA ASP A 324 -13.78 1.68 33.96
C ASP A 324 -12.46 1.37 34.67
N ILE A 325 -12.40 0.20 35.29
CA ILE A 325 -11.17 -0.24 35.93
C ILE A 325 -10.06 -0.43 34.89
N LEU A 326 -10.44 -0.75 33.65
CA LEU A 326 -9.50 -0.71 32.54
C LEU A 326 -9.77 0.53 31.69
N PRO A 327 -8.72 1.25 31.25
CA PRO A 327 -7.29 0.99 31.46
C PRO A 327 -6.77 1.34 32.85
N VAL A 328 -5.64 0.72 33.19
CA VAL A 328 -4.93 0.94 34.44
C VAL A 328 -4.00 2.13 34.25
N ALA A 329 -3.86 2.97 35.28
CA ALA A 329 -3.11 4.21 35.22
C ALA A 329 -1.60 4.06 35.05
N ALA A 330 -1.08 2.84 34.86
CA ALA A 330 0.35 2.61 34.62
C ALA A 330 1.28 3.02 35.76
N ASN A 331 0.91 4.04 36.54
CA ASN A 331 1.69 4.44 37.71
C ASN A 331 1.16 3.80 38.99
N ALA A 332 0.12 2.97 38.88
CA ALA A 332 -0.56 2.36 40.00
C ALA A 332 0.26 1.20 40.56
N LYS A 333 -0.08 0.82 41.79
CA LYS A 333 0.56 -0.32 42.45
C LYS A 333 -0.15 -1.60 42.00
N ILE A 334 0.52 -2.39 41.17
CA ILE A 334 -0.10 -3.52 40.49
C ILE A 334 0.25 -4.79 41.23
N ALA A 335 -0.74 -5.67 41.37
CA ALA A 335 -0.53 -7.02 41.87
C ALA A 335 -0.87 -7.98 40.74
N VAL A 336 0.12 -8.68 40.23
CA VAL A 336 -0.10 -9.65 39.16
C VAL A 336 -0.13 -11.02 39.80
N ILE A 337 -1.25 -11.73 39.60
CA ILE A 337 -1.49 -13.04 40.20
C ILE A 337 -1.87 -14.03 39.11
N GLY A 338 -1.33 -15.23 39.17
CA GLY A 338 -1.64 -16.26 38.20
C GLY A 338 -0.40 -16.68 37.43
N GLU A 339 -0.15 -17.99 37.42
CA GLU A 339 1.05 -18.53 36.79
C GLU A 339 1.07 -18.26 35.29
N PHE A 340 -0.08 -18.00 34.67
CA PHE A 340 -0.11 -17.67 33.26
C PHE A 340 0.70 -16.42 32.95
N ALA A 341 0.84 -15.52 33.93
CA ALA A 341 1.60 -14.30 33.69
C ALA A 341 3.10 -14.57 33.58
N ARG A 342 3.60 -15.61 34.23
CA ARG A 342 5.00 -15.99 34.12
C ARG A 342 5.23 -17.12 33.12
N THR A 343 4.35 -18.11 33.09
CA THR A 343 4.43 -19.20 32.12
C THR A 343 3.24 -19.08 31.19
N PRO A 344 3.34 -18.34 30.09
CA PRO A 344 2.15 -18.04 29.29
C PRO A 344 1.67 -19.26 28.50
N ARG A 345 0.35 -19.32 28.34
CA ARG A 345 -0.28 -20.24 27.41
C ARG A 345 -0.76 -19.44 26.20
N TYR A 346 -0.12 -19.66 25.06
CA TYR A 346 -0.33 -18.83 23.88
C TYR A 346 -0.56 -19.61 22.59
N GLN A 347 -0.58 -20.93 22.62
CA GLN A 347 -0.88 -21.73 21.44
C GLN A 347 -1.46 -23.07 21.88
N GLY A 348 -1.57 -24.00 20.95
CA GLY A 348 -2.13 -25.31 21.24
C GLY A 348 -1.08 -26.38 21.50
N SER A 351 2.45 -32.84 17.54
CA SER A 351 2.14 -31.62 18.28
C SER A 351 2.04 -30.41 17.37
N SER A 352 1.30 -29.40 17.82
CA SER A 352 1.16 -28.15 17.09
C SER A 352 2.14 -27.09 17.56
N HIS A 353 3.16 -27.48 18.31
CA HIS A 353 4.06 -26.51 18.93
C HIS A 353 4.90 -25.80 17.89
N ILE A 354 4.92 -24.47 17.94
CA ILE A 354 5.81 -23.64 17.14
C ILE A 354 6.85 -23.04 18.06
N THR A 355 8.12 -23.28 17.78
CA THR A 355 9.19 -22.63 18.53
C THR A 355 9.26 -21.17 18.13
N PRO A 356 8.85 -20.23 18.96
CA PRO A 356 8.77 -18.84 18.52
C PRO A 356 10.15 -18.23 18.31
N THR A 357 10.22 -17.27 17.39
CA THR A 357 11.44 -16.51 17.22
C THR A 357 11.75 -15.70 18.47
N LYS A 358 10.73 -15.10 19.07
CA LYS A 358 10.89 -14.38 20.32
C LYS A 358 9.57 -14.44 21.08
N MET A 359 9.64 -14.67 22.38
CA MET A 359 8.44 -14.64 23.21
C MET A 359 8.80 -14.00 24.54
N THR A 360 8.02 -13.00 24.94
CA THR A 360 8.20 -12.31 26.22
C THR A 360 6.90 -12.36 26.99
N SER A 361 6.95 -12.91 28.21
CA SER A 361 5.76 -13.05 29.02
C SER A 361 5.24 -11.69 29.45
N PHE A 362 4.06 -11.71 30.07
CA PHE A 362 3.48 -10.47 30.58
C PHE A 362 4.33 -9.89 31.70
N LEU A 363 4.88 -10.75 32.55
CA LEU A 363 5.75 -10.28 33.63
C LEU A 363 7.00 -9.62 33.09
N ASP A 364 7.72 -10.30 32.19
CA ASP A 364 8.91 -9.71 31.60
C ASP A 364 8.57 -8.47 30.78
N THR A 365 7.33 -8.36 30.28
CA THR A 365 6.96 -7.16 29.55
C THR A 365 6.84 -5.97 30.49
N LEU A 366 6.16 -6.17 31.63
CA LEU A 366 6.05 -5.09 32.61
C LEU A 366 7.42 -4.74 33.18
N ALA A 367 8.26 -5.75 33.42
CA ALA A 367 9.60 -5.49 33.93
C ALA A 367 10.42 -4.66 32.95
N ALA A 368 10.43 -5.05 31.68
CA ALA A 368 11.18 -4.31 30.67
C ALA A 368 10.61 -2.91 30.42
N ARG A 369 9.39 -2.63 30.86
CA ARG A 369 8.76 -1.33 30.68
C ARG A 369 8.85 -0.45 31.91
N GLY A 370 9.56 -0.89 32.95
CA GLY A 370 9.65 -0.10 34.17
C GLY A 370 8.46 -0.20 35.08
N VAL A 371 7.40 -0.90 34.67
CA VAL A 371 6.21 -1.08 35.50
C VAL A 371 6.58 -2.02 36.64
N ASP A 372 6.60 -1.48 37.86
CA ASP A 372 6.92 -2.28 39.04
C ASP A 372 5.65 -2.90 39.59
N VAL A 373 5.68 -4.23 39.76
CA VAL A 373 4.52 -4.99 40.22
C VAL A 373 4.99 -5.95 41.30
N ALA A 374 4.01 -6.54 41.98
CA ALA A 374 4.23 -7.65 42.91
C ALA A 374 3.58 -8.88 42.31
N PHE A 375 4.35 -9.94 42.13
CA PHE A 375 3.86 -11.15 41.49
C PHE A 375 3.69 -12.26 42.53
N ALA A 376 2.62 -13.03 42.37
CA ALA A 376 2.39 -14.21 43.15
C ALA A 376 1.79 -15.25 42.20
N PRO A 377 2.36 -16.45 42.12
CA PRO A 377 1.79 -17.47 41.22
C PRO A 377 0.35 -17.80 41.55
N GLY A 378 0.01 -17.89 42.83
CA GLY A 378 -1.35 -18.21 43.25
C GLY A 378 -1.74 -19.65 43.09
N PHE A 379 -1.48 -20.23 41.93
CA PHE A 379 -1.86 -21.61 41.64
C PHE A 379 -0.87 -22.19 40.66
N THR A 380 -0.95 -23.50 40.47
CA THR A 380 -0.10 -24.20 39.52
C THR A 380 -0.90 -24.58 38.28
N LEU A 381 -0.18 -24.76 37.17
CA LEU A 381 -0.80 -25.11 35.90
C LEU A 381 -0.98 -26.61 35.71
N ASP A 382 -1.15 -27.34 36.80
CA ASP A 382 -1.36 -28.78 36.78
C ASP A 382 -2.69 -29.13 37.43
N LEU A 383 -2.99 -30.43 37.43
CA LEU A 383 -4.20 -30.95 38.04
C LEU A 383 -4.06 -31.19 39.54
N GLU A 384 -2.90 -30.87 40.11
CA GLU A 384 -2.69 -31.04 41.55
C GLU A 384 -3.69 -30.20 42.34
N PRO A 385 -4.01 -30.61 43.56
CA PRO A 385 -4.94 -29.83 44.38
C PRO A 385 -4.41 -28.43 44.68
N ALA A 386 -5.28 -27.62 45.29
CA ALA A 386 -4.94 -26.23 45.58
C ALA A 386 -3.82 -26.16 46.61
N ASP A 387 -2.90 -25.22 46.42
CA ASP A 387 -1.82 -24.98 47.37
C ASP A 387 -2.23 -23.80 48.26
N ARG A 388 -2.54 -24.10 49.52
CA ARG A 388 -2.94 -23.04 50.46
C ARG A 388 -1.81 -22.04 50.68
N THR A 389 -0.56 -22.47 50.55
CA THR A 389 0.56 -21.56 50.74
C THR A 389 0.64 -20.55 49.60
N LEU A 390 0.58 -21.03 48.36
CA LEU A 390 0.56 -20.12 47.22
C LEU A 390 -0.69 -19.23 47.25
N GLU A 391 -1.82 -19.80 47.68
CA GLU A 391 -3.06 -19.04 47.75
C GLU A 391 -2.94 -17.91 48.76
N ALA A 392 -2.35 -18.19 49.92
CA ALA A 392 -2.18 -17.16 50.95
C ALA A 392 -1.22 -16.06 50.50
N GLU A 393 -0.14 -16.44 49.80
CA GLU A 393 0.78 -15.42 49.28
C GLU A 393 0.06 -14.49 48.31
N ALA A 394 -0.80 -15.05 47.44
CA ALA A 394 -1.52 -14.22 46.49
C ALA A 394 -2.50 -13.30 47.20
N VAL A 395 -3.01 -13.71 48.36
CA VAL A 395 -3.90 -12.83 49.12
C VAL A 395 -3.11 -11.70 49.77
N GLU A 396 -1.91 -11.99 50.29
CA GLU A 396 -1.10 -10.92 50.85
C GLU A 396 -0.71 -9.92 49.78
N THR A 397 -0.41 -10.41 48.58
CA THR A 397 -0.32 -9.53 47.43
C THR A 397 -1.75 -9.11 47.09
N ALA A 398 -1.89 -8.01 46.35
CA ALA A 398 -3.21 -7.46 45.99
C ALA A 398 -3.89 -6.84 47.20
N LYS A 399 -3.61 -7.37 48.40
CA LYS A 399 -4.06 -6.67 49.58
C LYS A 399 -3.32 -5.34 49.69
N ASN A 400 -2.09 -5.31 49.18
CA ASN A 400 -1.29 -4.11 49.06
C ASN A 400 -1.18 -3.75 47.59
N ALA A 401 -2.28 -3.24 47.02
CA ALA A 401 -2.25 -2.91 45.59
C ALA A 401 -3.47 -2.12 45.18
N ASP A 402 -3.27 -1.23 44.20
CA ASP A 402 -4.38 -0.50 43.62
C ASP A 402 -5.25 -1.41 42.78
N VAL A 403 -4.64 -2.16 41.87
CA VAL A 403 -5.35 -3.06 40.97
C VAL A 403 -4.63 -4.39 40.96
N VAL A 404 -5.39 -5.48 40.92
CA VAL A 404 -4.84 -6.82 40.81
C VAL A 404 -5.21 -7.37 39.44
N LEU A 405 -4.19 -7.70 38.66
CA LEU A 405 -4.35 -8.34 37.35
C LEU A 405 -4.18 -9.84 37.54
N MET A 406 -5.30 -10.57 37.56
CA MET A 406 -5.29 -12.01 37.78
C MET A 406 -5.45 -12.74 36.46
N PHE A 407 -4.51 -13.63 36.17
CA PHE A 407 -4.48 -14.35 34.90
C PHE A 407 -4.95 -15.79 35.13
N LEU A 408 -6.13 -16.10 34.60
CA LEU A 408 -6.75 -17.41 34.77
C LEU A 408 -6.95 -18.06 33.40
N GLY A 409 -7.42 -19.29 33.41
CA GLY A 409 -7.73 -19.97 32.17
C GLY A 409 -7.39 -21.44 32.24
N LEU A 410 -7.27 -22.04 31.05
CA LEU A 410 -7.10 -23.47 30.91
C LEU A 410 -5.63 -23.81 30.76
N PRO A 411 -5.06 -24.68 31.60
CA PRO A 411 -3.73 -25.21 31.32
C PRO A 411 -3.80 -26.15 30.14
N GLU A 412 -2.62 -26.55 29.65
CA GLU A 412 -2.56 -27.37 28.43
C GLU A 412 -3.28 -28.70 28.61
N ALA A 413 -3.19 -29.30 29.80
CA ALA A 413 -3.84 -30.58 30.04
C ALA A 413 -5.36 -30.46 30.08
N ALA A 414 -5.91 -29.27 30.30
CA ALA A 414 -7.35 -29.07 30.19
C ALA A 414 -7.80 -29.00 28.74
N GLU A 415 -6.86 -28.90 27.80
CA GLU A 415 -7.12 -28.94 26.37
C GLU A 415 -6.17 -29.92 25.70
N SER A 416 -6.15 -31.16 26.18
CA SER A 416 -5.25 -32.17 25.65
C SER A 416 -5.54 -32.44 24.18
N GLU A 417 -4.48 -32.54 23.39
CA GLU A 417 -4.62 -32.76 21.95
C GLU A 417 -5.33 -34.07 21.66
N GLY A 418 -6.17 -34.06 20.62
CA GLY A 418 -6.91 -35.24 20.23
C GLY A 418 -8.13 -35.55 21.08
N PHE A 419 -8.53 -34.65 21.97
CA PHE A 419 -9.66 -34.89 22.86
C PHE A 419 -10.60 -33.69 22.82
N ASP A 420 -11.88 -33.96 22.99
CA ASP A 420 -12.87 -32.91 23.23
C ASP A 420 -12.96 -32.65 24.73
N ARG A 421 -13.19 -31.39 25.09
CA ARG A 421 -13.42 -31.06 26.49
C ARG A 421 -14.71 -31.70 26.98
N GLU A 422 -14.79 -31.89 28.30
CA GLU A 422 -16.00 -32.38 28.93
C GLU A 422 -16.66 -31.34 29.82
N THR A 423 -16.03 -30.19 30.02
CA THR A 423 -16.60 -29.10 30.78
C THR A 423 -16.16 -27.79 30.17
N LEU A 424 -16.97 -26.75 30.35
CA LEU A 424 -16.60 -25.40 29.94
C LEU A 424 -15.84 -24.65 31.04
N ASP A 425 -15.87 -25.16 32.28
CA ASP A 425 -15.35 -24.41 33.41
C ASP A 425 -13.84 -24.36 33.40
N ILE A 426 -13.30 -23.28 33.95
CA ILE A 426 -11.86 -23.15 34.26
C ILE A 426 -11.58 -23.96 35.51
N PRO A 427 -10.33 -24.28 35.83
CA PRO A 427 -10.06 -25.10 37.03
C PRO A 427 -10.65 -24.50 38.30
N ALA A 428 -11.19 -25.38 39.15
CA ALA A 428 -11.91 -24.95 40.35
C ALA A 428 -11.01 -24.26 41.36
N LYS A 429 -9.75 -24.69 41.46
CA LYS A 429 -8.84 -24.04 42.41
C LYS A 429 -8.51 -22.61 41.98
N GLN A 430 -8.58 -22.32 40.68
CA GLN A 430 -8.43 -20.94 40.21
C GLN A 430 -9.64 -20.10 40.59
N VAL A 431 -10.84 -20.69 40.57
CA VAL A 431 -12.01 -19.97 41.05
C VAL A 431 -11.92 -19.71 42.55
N GLU A 432 -11.46 -20.70 43.32
CA GLU A 432 -11.30 -20.51 44.75
C GLU A 432 -10.33 -19.39 45.05
N LEU A 433 -9.22 -19.32 44.32
CA LEU A 433 -8.26 -18.24 44.53
C LEU A 433 -8.88 -16.88 44.23
N LEU A 434 -9.66 -16.79 43.16
CA LEU A 434 -10.32 -15.54 42.82
C LEU A 434 -11.28 -15.12 43.94
N LYS A 435 -12.05 -16.07 44.49
CA LYS A 435 -12.95 -15.73 45.59
C LYS A 435 -12.18 -15.23 46.80
N ALA A 436 -11.04 -15.87 47.11
CA ALA A 436 -10.25 -15.47 48.26
C ALA A 436 -9.63 -14.10 48.04
N VAL A 437 -9.11 -13.84 46.84
CA VAL A 437 -8.54 -12.52 46.57
C VAL A 437 -9.61 -11.45 46.62
N ALA A 438 -10.82 -11.74 46.12
CA ALA A 438 -11.89 -10.76 46.09
C ALA A 438 -12.33 -10.34 47.49
N ALA A 439 -12.10 -11.19 48.49
CA ALA A 439 -12.46 -10.82 49.85
C ALA A 439 -11.58 -9.71 50.41
N GLU A 440 -10.37 -9.53 49.87
CA GLU A 440 -9.47 -8.50 50.34
C GLU A 440 -9.27 -7.36 49.35
N ASN A 441 -9.64 -7.54 48.08
CA ASN A 441 -9.47 -6.48 47.09
C ASN A 441 -10.47 -6.72 45.97
N LYS A 442 -11.41 -5.78 45.80
CA LYS A 442 -12.46 -5.93 44.81
C LYS A 442 -12.05 -5.42 43.43
N ASN A 443 -10.96 -4.66 43.35
CA ASN A 443 -10.50 -4.09 42.08
C ASN A 443 -9.68 -5.15 41.35
N ILE A 444 -10.38 -6.10 40.76
CA ILE A 444 -9.78 -7.26 40.10
C ILE A 444 -10.07 -7.18 38.61
N VAL A 445 -9.02 -7.37 37.80
CA VAL A 445 -9.17 -7.63 36.38
C VAL A 445 -8.70 -9.05 36.11
N VAL A 446 -9.58 -9.87 35.55
CA VAL A 446 -9.27 -11.24 35.17
C VAL A 446 -8.97 -11.27 33.67
N VAL A 447 -7.80 -11.80 33.32
CA VAL A 447 -7.42 -12.04 31.93
C VAL A 447 -7.46 -13.54 31.67
N LEU A 448 -8.21 -13.95 30.64
CA LEU A 448 -8.46 -15.36 30.36
C LEU A 448 -7.54 -15.88 29.26
N SER A 449 -6.99 -17.08 29.49
CA SER A 449 -6.21 -17.82 28.51
C SER A 449 -6.92 -19.14 28.25
N ASN A 450 -7.40 -19.33 27.02
CA ASN A 450 -8.15 -20.53 26.70
C ASN A 450 -8.29 -20.68 25.20
N GLY A 451 -8.20 -21.93 24.71
CA GLY A 451 -8.36 -22.18 23.29
C GLY A 451 -9.80 -22.18 22.81
N SER A 452 -10.76 -22.44 23.70
CA SER A 452 -12.17 -22.39 23.33
C SER A 452 -12.96 -21.85 24.51
N VAL A 453 -14.27 -21.69 24.30
CA VAL A 453 -15.12 -20.98 25.26
C VAL A 453 -14.99 -21.59 26.65
N VAL A 454 -14.76 -20.73 27.63
CA VAL A 454 -14.88 -21.12 29.03
C VAL A 454 -16.08 -20.36 29.61
N SER A 455 -16.69 -20.96 30.62
CA SER A 455 -17.77 -20.28 31.34
C SER A 455 -17.22 -19.12 32.15
N VAL A 456 -18.00 -18.04 32.20
CA VAL A 456 -17.59 -16.82 32.88
C VAL A 456 -18.55 -16.44 34.00
N ALA A 457 -19.85 -16.52 33.75
CA ALA A 457 -20.85 -16.07 34.73
C ALA A 457 -20.72 -16.66 36.12
N PRO A 458 -20.36 -17.94 36.32
CA PRO A 458 -20.31 -18.46 37.70
C PRO A 458 -19.37 -17.70 38.62
N TRP A 459 -18.37 -17.00 38.10
CA TRP A 459 -17.40 -16.29 38.93
C TRP A 459 -17.24 -14.81 38.58
N ALA A 460 -17.95 -14.32 37.57
CA ALA A 460 -17.76 -12.94 37.11
C ALA A 460 -18.04 -11.92 38.19
N GLY A 461 -18.81 -12.26 39.22
CA GLY A 461 -19.10 -11.32 40.29
C GLY A 461 -17.88 -10.91 41.10
N ASN A 462 -16.80 -11.66 41.02
CA ASN A 462 -15.58 -11.35 41.74
C ASN A 462 -14.59 -10.54 40.92
N ALA A 463 -14.97 -10.15 39.70
CA ALA A 463 -14.09 -9.40 38.82
C ALA A 463 -14.81 -8.16 38.31
N LYS A 464 -14.16 -7.01 38.42
CA LYS A 464 -14.71 -5.79 37.83
C LYS A 464 -14.42 -5.73 36.35
N GLY A 465 -13.27 -6.24 35.92
CA GLY A 465 -12.90 -6.28 34.52
C GLY A 465 -12.56 -7.68 34.08
N ILE A 466 -13.07 -8.08 32.91
CA ILE A 466 -12.83 -9.42 32.35
C ILE A 466 -12.38 -9.25 30.91
N LEU A 467 -11.14 -9.61 30.64
CA LEU A 467 -10.57 -9.56 29.30
C LEU A 467 -10.37 -10.99 28.82
N GLU A 468 -11.08 -11.37 27.77
CA GLU A 468 -10.93 -12.69 27.16
C GLU A 468 -9.87 -12.58 26.06
N SER A 469 -8.68 -13.11 26.33
CA SER A 469 -7.55 -12.98 25.42
C SER A 469 -7.25 -14.24 24.63
N TRP A 470 -8.07 -15.29 24.79
CA TRP A 470 -7.94 -16.55 24.06
C TRP A 470 -6.51 -17.07 24.05
N LEU A 471 -5.97 -17.27 22.85
CA LEU A 471 -4.55 -17.57 22.66
C LEU A 471 -3.97 -16.51 21.73
N LEU A 472 -2.90 -15.85 22.17
CA LEU A 472 -2.40 -14.65 21.53
C LEU A 472 -1.17 -14.86 20.68
N GLY A 473 -0.54 -16.02 20.73
CA GLY A 473 0.69 -16.24 19.99
C GLY A 473 1.89 -15.70 20.74
N GLN A 474 3.01 -15.62 20.02
CA GLN A 474 4.28 -15.30 20.67
C GLN A 474 4.37 -13.85 21.15
N ALA A 475 3.50 -12.96 20.66
CA ALA A 475 3.56 -11.55 21.02
C ALA A 475 2.47 -11.14 22.01
N GLY A 476 1.92 -12.10 22.76
CA GLY A 476 0.85 -11.78 23.69
C GLY A 476 1.28 -10.84 24.81
N GLY A 477 2.50 -10.99 25.29
CA GLY A 477 3.02 -10.17 26.36
C GLY A 477 2.89 -8.68 26.10
N PRO A 478 3.59 -8.19 25.08
CA PRO A 478 3.48 -6.76 24.74
C PRO A 478 2.05 -6.33 24.41
N ALA A 479 1.28 -7.19 23.75
CA ALA A 479 -0.08 -6.83 23.38
C ALA A 479 -0.95 -6.63 24.61
N LEU A 480 -0.79 -7.49 25.62
CA LEU A 480 -1.55 -7.34 26.85
C LEU A 480 -1.22 -6.03 27.56
N ALA A 481 0.06 -5.67 27.58
CA ALA A 481 0.47 -4.42 28.22
C ALA A 481 -0.16 -3.21 27.53
N ASP A 482 -0.19 -3.24 26.19
CA ASP A 482 -0.74 -2.12 25.44
C ASP A 482 -2.24 -1.94 25.67
N VAL A 483 -2.97 -3.05 25.80
CA VAL A 483 -4.41 -2.96 25.99
C VAL A 483 -4.74 -2.62 27.44
N ILE A 484 -4.14 -3.35 28.39
CA ILE A 484 -4.46 -3.20 29.80
C ILE A 484 -4.07 -1.80 30.28
N PHE A 485 -2.98 -1.25 29.76
CA PHE A 485 -2.51 0.05 30.18
C PHE A 485 -2.88 1.16 29.21
N GLY A 486 -3.76 0.86 28.25
CA GLY A 486 -4.40 1.91 27.48
C GLY A 486 -3.59 2.46 26.34
N LYS A 487 -2.46 1.84 25.98
CA LYS A 487 -1.77 2.26 24.76
C LYS A 487 -2.65 2.05 23.54
N VAL A 488 -3.52 1.04 23.57
CA VAL A 488 -4.48 0.79 22.51
C VAL A 488 -5.77 0.32 23.17
N SER A 489 -6.89 0.61 22.51
CA SER A 489 -8.15 0.11 23.05
C SER A 489 -8.46 -1.28 22.50
N PRO A 490 -9.00 -2.18 23.32
CA PRO A 490 -9.41 -3.49 22.79
C PRO A 490 -10.59 -3.32 21.86
N SER A 491 -10.63 -4.15 20.80
CA SER A 491 -11.68 -4.06 19.81
C SER A 491 -12.26 -5.41 19.39
N GLY A 492 -12.00 -6.47 20.15
CA GLY A 492 -12.42 -7.78 19.73
C GLY A 492 -13.91 -8.00 19.96
N LYS A 493 -14.53 -8.71 19.03
CA LYS A 493 -15.91 -9.15 19.12
C LYS A 493 -15.95 -10.68 19.13
N LEU A 494 -16.85 -11.24 19.92
CA LEU A 494 -16.93 -12.69 20.03
C LEU A 494 -17.25 -13.32 18.67
N ALA A 495 -16.39 -14.25 18.25
CA ALA A 495 -16.66 -15.13 17.13
C ALA A 495 -17.34 -16.41 17.58
N GLN A 496 -17.66 -16.52 18.87
CA GLN A 496 -18.23 -17.68 19.50
C GLN A 496 -19.20 -17.21 20.58
N THR A 497 -20.33 -17.89 20.69
CA THR A 497 -21.28 -17.59 21.76
C THR A 497 -20.75 -18.13 23.10
N ILE A 498 -20.86 -17.33 24.15
CA ILE A 498 -20.57 -17.81 25.50
C ILE A 498 -21.89 -18.13 26.20
N PRO A 499 -22.26 -19.40 26.35
CA PRO A 499 -23.56 -19.73 26.91
C PRO A 499 -23.55 -19.72 28.43
N MET A 500 -24.76 -19.73 29.00
CA MET A 500 -24.88 -19.86 30.46
C MET A 500 -24.51 -21.26 30.92
N ASN A 501 -24.65 -22.27 30.05
CA ASN A 501 -24.44 -23.66 30.38
C ASN A 501 -24.36 -24.45 29.08
N ILE A 502 -23.45 -25.43 29.04
CA ILE A 502 -23.30 -26.24 27.82
C ILE A 502 -24.59 -26.99 27.50
N ASN A 503 -25.41 -27.26 28.52
CA ASN A 503 -26.66 -27.96 28.27
C ASN A 503 -27.70 -27.08 27.61
N ASP A 504 -27.41 -25.81 27.36
CA ASP A 504 -28.29 -24.98 26.55
C ASP A 504 -28.04 -25.17 25.05
N ASP A 505 -26.85 -25.65 24.69
CA ASP A 505 -26.49 -25.83 23.28
C ASP A 505 -27.38 -26.90 22.65
N PRO A 506 -28.03 -26.61 21.52
CA PRO A 506 -28.94 -27.60 20.92
C PRO A 506 -28.24 -28.82 20.37
N SER A 507 -26.91 -28.82 20.30
CA SER A 507 -26.13 -29.97 19.84
C SER A 507 -25.75 -30.91 20.97
N MET A 508 -25.85 -30.48 22.23
CA MET A 508 -25.35 -31.29 23.32
C MET A 508 -26.08 -32.62 23.42
N ILE A 509 -27.35 -32.65 23.01
CA ILE A 509 -28.12 -33.88 22.96
C ILE A 509 -27.47 -34.88 22.00
N ASN A 510 -26.92 -34.41 20.90
CA ASN A 510 -26.23 -35.26 19.94
C ASN A 510 -24.74 -34.98 19.94
N TRP A 511 -24.09 -35.16 21.10
CA TRP A 511 -22.67 -34.89 21.26
C TRP A 511 -22.09 -35.80 22.33
N PRO A 512 -21.03 -36.58 22.01
CA PRO A 512 -20.32 -36.64 20.73
C PRO A 512 -20.79 -37.77 19.82
N GLY A 513 -21.98 -38.31 20.09
CA GLY A 513 -22.49 -39.42 19.31
C GLY A 513 -22.18 -40.75 19.96
N GLU A 514 -22.52 -41.81 19.22
CA GLU A 514 -22.44 -43.17 19.75
C GLU A 514 -22.39 -44.15 18.59
N GLU A 515 -21.72 -45.29 18.82
CA GLU A 515 -21.73 -46.41 17.90
C GLU A 515 -21.38 -45.98 16.47
N GLY A 516 -20.34 -45.14 16.36
CA GLY A 516 -19.82 -44.77 15.07
C GLY A 516 -20.58 -43.68 14.34
N HIS A 517 -21.54 -43.01 14.97
CA HIS A 517 -22.26 -41.96 14.26
C HIS A 517 -22.69 -40.87 15.23
N VAL A 518 -22.81 -39.65 14.71
CA VAL A 518 -23.33 -38.51 15.45
C VAL A 518 -24.30 -37.76 14.52
N ASP A 519 -25.55 -37.63 14.96
CA ASP A 519 -26.62 -37.06 14.14
C ASP A 519 -26.76 -35.57 14.44
N TYR A 520 -26.54 -34.73 13.43
CA TYR A 520 -26.64 -33.28 13.63
C TYR A 520 -28.12 -32.88 13.68
N GLY A 521 -28.78 -33.31 14.76
CA GLY A 521 -30.22 -33.16 14.88
C GLY A 521 -30.68 -31.72 15.00
N GLU A 522 -29.78 -30.81 15.36
CA GLU A 522 -30.12 -29.40 15.49
C GLU A 522 -30.28 -28.71 14.13
N GLY A 523 -29.82 -29.34 13.05
CA GLY A 523 -30.00 -28.78 11.72
C GLY A 523 -29.21 -27.50 11.54
N VAL A 524 -29.87 -26.47 11.00
CA VAL A 524 -29.17 -25.21 10.79
C VAL A 524 -29.09 -24.37 12.06
N PHE A 525 -29.75 -24.81 13.14
CA PHE A 525 -29.82 -24.02 14.37
C PHE A 525 -28.61 -24.33 15.25
N VAL A 526 -27.48 -23.75 14.86
CA VAL A 526 -26.20 -23.92 15.53
C VAL A 526 -25.81 -22.61 16.18
N GLY A 527 -25.41 -22.67 17.44
CA GLY A 527 -24.93 -21.48 18.13
C GLY A 527 -26.03 -20.44 18.26
N TYR A 528 -25.68 -19.18 17.98
CA TYR A 528 -26.64 -18.10 18.16
C TYR A 528 -27.85 -18.25 17.24
N ARG A 529 -27.72 -19.00 16.15
CA ARG A 529 -28.87 -19.25 15.30
C ARG A 529 -30.00 -19.91 16.09
N TYR A 530 -29.66 -20.74 17.08
CA TYR A 530 -30.67 -21.31 17.95
C TYR A 530 -31.05 -20.35 19.07
N TYR A 531 -30.04 -19.75 19.72
CA TYR A 531 -30.29 -18.91 20.89
C TYR A 531 -31.17 -17.73 20.54
N ASP A 532 -30.89 -17.06 19.41
CA ASP A 532 -31.63 -15.86 19.05
C ASP A 532 -33.02 -16.18 18.52
N THR A 533 -33.27 -17.41 18.11
CA THR A 533 -34.57 -17.79 17.57
C THR A 533 -35.55 -18.22 18.66
N TYR A 534 -35.06 -18.88 19.72
CA TYR A 534 -35.91 -19.40 20.78
C TYR A 534 -35.78 -18.60 22.07
N ASP A 535 -35.28 -17.37 21.99
CA ASP A 535 -35.29 -16.42 23.11
C ASP A 535 -34.61 -17.01 24.35
N LYS A 536 -33.40 -17.52 24.16
CA LYS A 536 -32.64 -18.14 25.23
C LYS A 536 -31.57 -17.17 25.73
N ALA A 537 -31.39 -17.14 27.04
CA ALA A 537 -30.32 -16.32 27.60
C ALA A 537 -28.95 -16.93 27.32
N VAL A 538 -27.97 -16.07 27.13
CA VAL A 538 -26.58 -16.45 27.00
C VAL A 538 -25.76 -15.54 27.91
N ASP A 539 -24.54 -15.95 28.20
CA ASP A 539 -23.66 -15.12 29.01
C ASP A 539 -23.18 -13.92 28.22
N TYR A 540 -22.56 -14.16 27.06
CA TYR A 540 -22.15 -13.09 26.17
C TYR A 540 -22.46 -13.49 24.74
N PRO A 541 -23.16 -12.64 23.98
CA PRO A 541 -23.66 -13.05 22.67
C PRO A 541 -22.60 -12.97 21.59
N PHE A 542 -22.87 -13.67 20.50
CA PHE A 542 -22.03 -13.61 19.32
C PHE A 542 -21.88 -12.17 18.84
N GLY A 543 -20.65 -11.77 18.52
CA GLY A 543 -20.38 -10.43 18.07
C GLY A 543 -20.29 -9.38 19.15
N PHE A 544 -20.22 -9.77 20.42
CA PHE A 544 -20.18 -8.81 21.53
C PHE A 544 -18.75 -8.46 21.89
N GLY A 545 -18.56 -7.22 22.32
CA GLY A 545 -17.26 -6.76 22.78
C GLY A 545 -17.27 -5.32 23.23
N LEU A 546 -16.62 -5.02 24.36
CA LEU A 546 -16.53 -3.66 24.84
C LEU A 546 -15.24 -3.00 24.35
N SER A 547 -15.17 -1.69 24.52
CA SER A 547 -14.02 -0.91 24.09
C SER A 547 -13.82 0.23 25.09
N TYR A 548 -12.65 0.87 25.02
CA TYR A 548 -12.43 2.07 25.81
C TYR A 548 -13.14 3.29 25.24
N ALA A 549 -13.70 3.20 24.05
CA ALA A 549 -14.40 4.32 23.41
C ALA A 549 -15.90 4.04 23.34
N THR A 550 -16.64 5.06 22.95
CA THR A 550 -18.08 4.94 22.72
C THR A 550 -18.38 5.29 21.26
N PHE A 551 -19.37 4.62 20.70
CA PHE A 551 -19.73 4.80 19.30
C PHE A 551 -21.24 4.94 19.17
N ALA A 552 -21.66 5.62 18.09
CA ALA A 552 -23.06 5.81 17.78
C ALA A 552 -23.26 5.56 16.29
N ILE A 553 -24.38 4.91 15.97
CA ILE A 553 -24.73 4.59 14.59
C ILE A 553 -25.99 5.35 14.22
N ASP A 554 -25.94 6.10 13.11
CA ASP A 554 -27.12 6.77 12.59
C ASP A 554 -27.00 6.82 11.08
N GLY A 555 -27.95 7.50 10.43
CA GLY A 555 -27.94 7.58 8.99
C GLY A 555 -28.07 6.24 8.30
N VAL A 556 -28.70 5.27 8.97
CA VAL A 556 -28.84 3.94 8.39
C VAL A 556 -29.91 3.98 7.30
N ASN A 557 -29.54 3.55 6.10
CA ASN A 557 -30.47 3.52 4.98
C ASN A 557 -30.27 2.23 4.20
N VAL A 558 -31.34 1.47 4.04
CA VAL A 558 -31.32 0.24 3.27
C VAL A 558 -32.16 0.45 2.03
N ALA A 559 -31.58 0.16 0.87
CA ALA A 559 -32.26 0.38 -0.40
C ALA A 559 -32.20 -0.88 -1.25
N LYS A 560 -33.31 -1.19 -1.90
CA LYS A 560 -33.38 -2.32 -2.82
C LYS A 560 -32.65 -1.97 -4.11
N THR A 561 -31.81 -2.88 -4.58
CA THR A 561 -31.00 -2.65 -5.78
C THR A 561 -31.31 -3.62 -6.91
N GLY A 562 -32.32 -4.47 -6.76
CA GLY A 562 -32.65 -5.42 -7.80
C GLY A 562 -33.88 -6.20 -7.39
N ALA A 563 -34.20 -7.23 -8.18
CA ALA A 563 -35.34 -8.07 -7.85
C ALA A 563 -35.17 -8.72 -6.48
N ASN A 564 -33.95 -9.10 -6.13
CA ASN A 564 -33.69 -9.79 -4.85
C ASN A 564 -32.36 -9.37 -4.25
N THR A 565 -32.02 -8.09 -4.37
CA THR A 565 -30.80 -7.57 -3.75
C THR A 565 -31.09 -6.23 -3.08
N ALA A 566 -30.26 -5.90 -2.08
CA ALA A 566 -30.42 -4.68 -1.34
C ALA A 566 -29.03 -4.10 -1.04
N HIS A 567 -29.02 -2.86 -0.57
CA HIS A 567 -27.79 -2.17 -0.26
C HIS A 567 -27.96 -1.39 1.04
N VAL A 568 -26.95 -1.46 1.90
CA VAL A 568 -27.03 -0.87 3.23
C VAL A 568 -26.06 0.30 3.32
N THR A 569 -26.52 1.39 3.91
CA THR A 569 -25.68 2.55 4.11
C THR A 569 -25.86 3.00 5.55
N ALA A 570 -24.74 3.27 6.24
CA ALA A 570 -24.80 3.69 7.64
C ALA A 570 -23.57 4.53 7.99
N THR A 571 -23.72 5.34 9.04
CA THR A 571 -22.63 6.16 9.58
C THR A 571 -22.33 5.73 11.01
N VAL A 572 -21.06 5.50 11.31
CA VAL A 572 -20.61 5.17 12.66
C VAL A 572 -19.68 6.28 13.13
N THR A 573 -19.83 6.69 14.38
CA THR A 573 -19.13 7.86 14.89
C THR A 573 -18.53 7.55 16.25
N ASN A 574 -17.25 7.90 16.43
CA ASN A 574 -16.60 7.79 17.73
C ASN A 574 -17.00 9.01 18.56
N THR A 575 -17.87 8.79 19.56
CA THR A 575 -18.41 9.86 20.38
C THR A 575 -17.65 10.05 21.69
N SER A 576 -16.39 9.63 21.76
CA SER A 576 -15.62 9.67 22.99
C SER A 576 -14.34 10.48 22.77
N ASP A 577 -13.44 10.42 23.76
CA ASP A 577 -12.12 11.05 23.67
C ASP A 577 -11.02 10.05 23.40
N VAL A 578 -11.36 8.80 23.08
CA VAL A 578 -10.39 7.73 22.92
C VAL A 578 -10.45 7.22 21.48
N ASP A 579 -9.29 7.11 20.85
CA ASP A 579 -9.20 6.50 19.53
C ASP A 579 -9.36 4.99 19.66
N ALA A 580 -10.34 4.43 18.95
CA ALA A 580 -10.61 3.00 19.02
C ALA A 580 -11.37 2.57 17.78
N ALA A 581 -11.44 1.25 17.58
CA ALA A 581 -12.11 0.66 16.44
C ALA A 581 -13.45 0.05 16.84
N GLU A 582 -14.40 0.12 15.91
CA GLU A 582 -15.73 -0.45 16.09
C GLU A 582 -16.04 -1.36 14.91
N THR A 583 -16.70 -2.47 15.18
CA THR A 583 -17.06 -3.43 14.15
C THR A 583 -18.57 -3.43 13.98
N VAL A 584 -19.04 -2.81 12.90
CA VAL A 584 -20.47 -2.76 12.59
C VAL A 584 -20.87 -4.07 11.94
N GLN A 585 -22.02 -4.60 12.35
CA GLN A 585 -22.48 -5.92 11.92
C GLN A 585 -23.86 -5.80 11.30
N VAL A 586 -24.09 -6.53 10.22
CA VAL A 586 -25.37 -6.54 9.51
C VAL A 586 -25.94 -7.94 9.58
N TYR A 587 -27.19 -8.04 10.06
CA TYR A 587 -27.92 -9.29 10.11
C TYR A 587 -29.15 -9.21 9.22
N VAL A 588 -29.59 -10.34 8.69
CA VAL A 588 -30.81 -10.41 7.90
C VAL A 588 -31.82 -11.23 8.69
N ALA A 589 -32.97 -10.61 9.00
CA ALA A 589 -34.03 -11.25 9.75
C ALA A 589 -35.19 -11.53 8.82
N PRO A 590 -35.34 -12.75 8.32
CA PRO A 590 -36.39 -13.04 7.34
C PRO A 590 -37.74 -13.27 7.99
N GLY A 591 -38.78 -13.03 7.21
CA GLY A 591 -40.12 -13.35 7.66
C GLY A 591 -40.40 -14.83 7.60
N LYS A 592 -41.63 -15.18 7.99
CA LYS A 592 -42.07 -16.58 7.98
C LYS A 592 -41.88 -17.16 6.59
N ALA A 593 -41.20 -18.30 6.52
CA ALA A 593 -40.84 -18.95 5.27
C ALA A 593 -41.36 -20.37 5.24
N ALA A 594 -41.26 -21.00 4.06
CA ALA A 594 -41.69 -22.38 3.89
C ALA A 594 -40.80 -23.35 4.64
N VAL A 595 -39.62 -22.92 5.09
CA VAL A 595 -38.72 -23.74 5.88
C VAL A 595 -38.40 -23.02 7.18
N ALA A 596 -37.94 -23.79 8.15
CA ALA A 596 -37.49 -23.23 9.43
C ALA A 596 -36.18 -22.47 9.23
N ARG A 597 -36.12 -21.25 9.76
CA ARG A 597 -34.96 -20.40 9.63
C ARG A 597 -34.68 -19.70 10.96
N PRO A 598 -33.40 -19.47 11.28
CA PRO A 598 -33.06 -18.67 12.46
C PRO A 598 -33.63 -17.26 12.35
N LYS A 599 -33.83 -16.63 13.51
CA LYS A 599 -34.42 -15.30 13.50
C LYS A 599 -33.58 -14.34 12.68
N HIS A 600 -32.26 -14.40 12.82
CA HIS A 600 -31.39 -13.62 11.95
C HIS A 600 -30.06 -14.34 11.77
N GLU A 601 -29.34 -13.95 10.71
CA GLU A 601 -28.04 -14.51 10.38
C GLU A 601 -27.11 -13.40 9.94
N LEU A 602 -25.84 -13.49 10.34
CA LEU A 602 -24.85 -12.49 9.96
C LEU A 602 -24.60 -12.53 8.45
N LYS A 603 -24.73 -11.37 7.80
CA LYS A 603 -24.55 -11.28 6.35
C LYS A 603 -23.59 -10.15 5.93
N GLY A 604 -22.88 -9.55 6.88
CA GLY A 604 -21.89 -8.54 6.53
C GLY A 604 -21.30 -7.86 7.75
N PHE A 605 -20.07 -7.36 7.63
CA PHE A 605 -19.44 -6.64 8.74
C PHE A 605 -18.32 -5.77 8.20
N ARG A 606 -18.00 -4.73 8.98
CA ARG A 606 -16.94 -3.80 8.64
C ARG A 606 -16.33 -3.24 9.91
N LYS A 607 -15.02 -3.38 10.06
CA LYS A 607 -14.29 -2.80 11.19
C LYS A 607 -13.71 -1.47 10.76
N VAL A 608 -13.90 -0.44 11.58
CA VAL A 608 -13.49 0.93 11.27
C VAL A 608 -12.67 1.48 12.43
N PHE A 609 -11.48 1.97 12.14
CA PHE A 609 -10.65 2.63 13.13
C PHE A 609 -10.94 4.13 13.08
N LEU A 610 -11.37 4.69 14.20
CA LEU A 610 -11.80 6.09 14.26
C LEU A 610 -11.13 6.79 15.42
N LYS A 611 -10.51 7.93 15.16
CA LYS A 611 -10.03 8.79 16.23
C LYS A 611 -11.20 9.48 16.93
N ALA A 612 -10.88 10.12 18.05
CA ALA A 612 -11.87 10.80 18.87
C ALA A 612 -12.64 11.84 18.06
N GLY A 613 -13.96 11.67 17.99
CA GLY A 613 -14.81 12.59 17.30
C GLY A 613 -15.04 12.29 15.83
N GLU A 614 -14.25 11.39 15.25
CA GLU A 614 -14.37 11.10 13.82
C GLU A 614 -15.59 10.24 13.53
N SER A 615 -16.09 10.37 12.31
CA SER A 615 -17.18 9.58 11.81
C SER A 615 -16.78 8.98 10.47
N ALA A 616 -17.49 7.93 10.08
CA ALA A 616 -17.19 7.25 8.83
C ALA A 616 -18.47 6.69 8.23
N GLU A 617 -18.59 6.80 6.92
CA GLU A 617 -19.73 6.24 6.20
C GLU A 617 -19.32 4.90 5.61
N ILE A 618 -20.09 3.86 5.94
CA ILE A 618 -19.75 2.51 5.50
C ILE A 618 -20.96 1.93 4.79
N THR A 619 -20.71 1.06 3.81
CA THR A 619 -21.76 0.45 3.03
C THR A 619 -21.62 -1.06 3.03
N PHE A 620 -22.76 -1.74 2.85
CA PHE A 620 -22.81 -3.19 2.78
C PHE A 620 -23.63 -3.59 1.55
N ASP A 621 -23.08 -4.48 0.73
CA ASP A 621 -23.82 -5.11 -0.35
C ASP A 621 -24.45 -6.39 0.17
N LEU A 622 -25.74 -6.59 -0.11
CA LEU A 622 -26.46 -7.79 0.27
C LEU A 622 -26.94 -8.47 -1.01
N ASP A 623 -26.19 -9.47 -1.47
CA ASP A 623 -26.57 -10.16 -2.70
C ASP A 623 -27.74 -11.09 -2.43
N GLU A 624 -28.13 -11.84 -3.46
CA GLU A 624 -29.27 -12.76 -3.31
C GLU A 624 -29.00 -13.82 -2.25
N ARG A 625 -27.74 -14.24 -2.09
CA ARG A 625 -27.40 -15.24 -1.08
C ARG A 625 -27.57 -14.71 0.35
N ALA A 626 -27.63 -13.39 0.54
CA ALA A 626 -27.90 -12.85 1.87
C ALA A 626 -29.34 -13.10 2.31
N PHE A 627 -30.23 -13.44 1.36
CA PHE A 627 -31.64 -13.66 1.64
C PHE A 627 -32.10 -15.06 1.28
N ALA A 628 -31.20 -15.97 0.91
CA ALA A 628 -31.57 -17.25 0.36
C ALA A 628 -31.26 -18.39 1.32
N TYR A 629 -32.19 -19.33 1.43
CA TYR A 629 -31.93 -20.59 2.13
C TYR A 629 -31.77 -21.70 1.11
N TRP A 630 -31.23 -22.82 1.56
CA TRP A 630 -31.16 -24.00 0.72
C TRP A 630 -32.49 -24.73 0.75
N SER A 631 -33.06 -24.97 -0.42
CA SER A 631 -34.31 -25.71 -0.53
C SER A 631 -34.00 -27.12 -1.02
N GLU A 632 -34.32 -28.12 -0.21
CA GLU A 632 -34.16 -29.49 -0.67
C GLU A 632 -35.22 -29.84 -1.70
N LYS A 633 -36.31 -29.08 -1.74
CA LYS A 633 -37.31 -29.27 -2.78
C LYS A 633 -36.80 -28.77 -4.12
N PHE A 634 -36.13 -27.61 -4.13
CA PHE A 634 -35.55 -27.09 -5.36
C PHE A 634 -34.18 -27.67 -5.65
N ASN A 635 -33.53 -28.26 -4.65
CA ASN A 635 -32.14 -28.71 -4.79
C ASN A 635 -31.24 -27.55 -5.19
N ASP A 636 -31.48 -26.38 -4.57
CA ASP A 636 -30.80 -25.16 -4.97
C ASP A 636 -31.15 -24.07 -3.96
N TRP A 637 -30.37 -23.00 -4.00
CA TRP A 637 -30.70 -21.83 -3.19
C TRP A 637 -32.03 -21.22 -3.66
N HIS A 638 -32.75 -20.61 -2.73
CA HIS A 638 -34.06 -20.05 -3.04
C HIS A 638 -34.26 -18.77 -2.24
N VAL A 639 -34.55 -17.67 -2.95
CA VAL A 639 -34.98 -16.43 -2.33
C VAL A 639 -36.50 -16.40 -2.43
N GLU A 640 -37.15 -16.40 -1.27
CA GLU A 640 -38.61 -16.41 -1.18
C GLU A 640 -39.14 -14.97 -1.16
N ALA A 641 -40.23 -14.74 -1.89
CA ALA A 641 -40.83 -13.41 -1.91
C ALA A 641 -41.35 -13.04 -0.54
N GLY A 642 -41.16 -11.79 -0.16
CA GLY A 642 -41.67 -11.28 1.09
C GLY A 642 -40.73 -10.25 1.68
N GLU A 643 -40.99 -9.92 2.94
CA GLU A 643 -40.23 -8.89 3.63
C GLU A 643 -39.07 -9.50 4.39
N TYR A 644 -37.94 -8.79 4.36
CA TYR A 644 -36.74 -9.18 5.09
C TYR A 644 -36.27 -7.98 5.88
N THR A 645 -35.99 -8.19 7.16
CA THR A 645 -35.53 -7.11 8.02
C THR A 645 -34.01 -7.09 8.02
N VAL A 646 -33.43 -5.94 7.66
CA VAL A 646 -31.99 -5.74 7.74
C VAL A 646 -31.69 -5.05 9.06
N GLU A 647 -30.85 -5.68 9.88
CA GLU A 647 -30.47 -5.16 11.19
C GLU A 647 -29.03 -4.67 11.14
N VAL A 648 -28.79 -3.49 11.71
CA VAL A 648 -27.46 -2.89 11.78
C VAL A 648 -27.13 -2.66 13.24
N GLY A 649 -25.97 -3.11 13.66
CA GLY A 649 -25.59 -2.95 15.05
C GLY A 649 -24.13 -3.29 15.29
N THR A 650 -23.81 -3.50 16.56
CA THR A 650 -22.45 -3.82 16.96
C THR A 650 -22.37 -5.17 17.66
N SER A 651 -23.45 -5.95 17.59
CA SER A 651 -23.59 -7.23 18.27
C SER A 651 -24.87 -7.89 17.75
N SER A 652 -24.94 -9.22 17.89
CA SER A 652 -26.16 -9.93 17.54
C SER A 652 -27.32 -9.58 18.46
N ARG A 653 -27.05 -8.96 19.61
CA ARG A 653 -28.08 -8.50 20.53
C ARG A 653 -27.88 -7.02 20.88
N ASP A 654 -27.22 -6.27 19.98
CA ASP A 654 -27.03 -4.82 20.10
C ASP A 654 -27.32 -4.24 18.71
N ILE A 655 -28.60 -4.13 18.38
CA ILE A 655 -29.01 -3.62 17.09
C ILE A 655 -29.29 -2.13 17.22
N ALA A 656 -28.66 -1.33 16.37
CA ALA A 656 -28.83 0.11 16.43
C ALA A 656 -30.00 0.59 15.60
N ALA A 657 -30.21 -0.01 14.43
CA ALA A 657 -31.27 0.42 13.54
C ALA A 657 -31.69 -0.76 12.68
N VAL A 658 -32.95 -0.75 12.24
CA VAL A 658 -33.48 -1.77 11.35
C VAL A 658 -34.24 -1.09 10.23
N ALA A 659 -34.43 -1.83 9.15
CA ALA A 659 -35.20 -1.37 8.01
C ALA A 659 -35.70 -2.59 7.25
N VAL A 660 -36.91 -2.49 6.70
CA VAL A 660 -37.56 -3.60 6.03
C VAL A 660 -37.44 -3.43 4.53
N VAL A 661 -37.02 -4.49 3.85
CA VAL A 661 -37.03 -4.53 2.39
C VAL A 661 -37.93 -5.68 1.95
N THR A 662 -38.59 -5.47 0.82
CA THR A 662 -39.48 -6.46 0.23
C THR A 662 -38.86 -6.95 -1.09
N LEU A 663 -38.60 -8.25 -1.15
CA LEU A 663 -37.99 -8.85 -2.33
C LEU A 663 -39.03 -9.58 -3.18
N ASP A 664 -38.70 -9.77 -4.47
CA ASP A 664 -39.64 -10.37 -5.41
C ASP A 664 -39.66 -11.90 -5.36
N GLY A 665 -38.61 -12.53 -4.84
CA GLY A 665 -38.43 -13.95 -5.05
C GLY A 665 -37.74 -14.25 -6.36
N ASP A 666 -37.05 -15.39 -6.40
CA ASP A 666 -36.22 -15.73 -7.55
C ASP A 666 -36.98 -16.41 -8.68
N GLY A 667 -38.29 -16.63 -8.52
CA GLY A 667 -39.09 -17.15 -9.61
C GLY A 667 -38.96 -18.63 -9.88
N LYS A 668 -38.23 -19.38 -9.07
CA LYS A 668 -38.08 -20.82 -9.31
C LYS A 668 -39.42 -21.53 -9.16
N ALA A 669 -39.77 -22.32 -10.18
CA ALA A 669 -41.03 -23.04 -10.22
C ALA A 669 -40.81 -24.54 -10.06
N LEU A 670 -41.88 -25.24 -9.71
CA LEU A 670 -41.89 -26.65 -9.39
C LEU A 670 -42.83 -27.39 -10.32
N PRO A 671 -42.47 -28.60 -10.76
CA PRO A 671 -43.49 -29.41 -11.44
C PRO A 671 -44.63 -29.63 -10.46
N LEU A 672 -45.83 -29.24 -10.86
CA LEU A 672 -47.01 -29.38 -10.02
C LEU A 672 -47.79 -30.64 -10.38
N ASP A 673 -48.31 -31.31 -9.36
CA ASP A 673 -49.03 -32.57 -9.55
C ASP A 673 -50.25 -32.56 -8.63
N GLU A 674 -50.91 -33.71 -8.53
CA GLU A 674 -52.11 -33.80 -7.69
C GLU A 674 -51.76 -33.75 -6.22
N TRP A 675 -50.59 -34.29 -5.85
CA TRP A 675 -50.21 -34.38 -4.45
C TRP A 675 -49.85 -33.04 -3.82
N SER A 676 -49.74 -31.99 -4.63
CA SER A 676 -49.37 -30.68 -4.11
C SER A 676 -50.56 -30.01 -3.43
N THR A 677 -50.26 -28.94 -2.72
CA THR A 677 -51.27 -28.14 -2.04
C THR A 677 -51.47 -26.82 -2.79
N PHE A 678 -52.65 -26.22 -2.57
CA PHE A 678 -52.94 -24.96 -3.25
C PHE A 678 -51.91 -23.89 -2.93
N GLY A 679 -51.29 -23.94 -1.74
CA GLY A 679 -50.27 -22.97 -1.40
C GLY A 679 -48.99 -23.16 -2.18
N GLU A 680 -48.70 -24.39 -2.62
CA GLU A 680 -47.54 -24.62 -3.47
C GLU A 680 -47.76 -24.07 -4.87
N TRP A 681 -49.01 -24.06 -5.34
CA TRP A 681 -49.33 -23.41 -6.61
C TRP A 681 -49.38 -21.89 -6.45
N ALA A 682 -49.94 -21.42 -5.33
CA ALA A 682 -50.04 -19.99 -5.08
C ALA A 682 -48.67 -19.32 -5.06
N ASP A 683 -47.65 -20.03 -4.56
CA ASP A 683 -46.29 -19.49 -4.53
C ASP A 683 -45.52 -19.77 -5.82
N ASP A 684 -46.04 -20.63 -6.71
CA ASP A 684 -45.39 -20.94 -7.97
C ASP A 684 -45.78 -19.91 -9.04
N PRO A 685 -44.82 -19.39 -9.82
CA PRO A 685 -45.21 -18.44 -10.89
C PRO A 685 -46.20 -19.02 -11.86
N VAL A 686 -46.07 -20.31 -12.21
CA VAL A 686 -47.04 -20.93 -13.13
C VAL A 686 -48.37 -21.15 -12.42
N GLY A 687 -48.33 -21.50 -11.14
CA GLY A 687 -49.56 -21.72 -10.40
C GLY A 687 -50.22 -20.47 -9.89
N SER A 688 -49.48 -19.34 -9.82
CA SER A 688 -50.09 -18.09 -9.38
C SER A 688 -51.16 -17.61 -10.34
N LYS A 689 -51.01 -17.91 -11.64
CA LYS A 689 -52.04 -17.57 -12.61
C LYS A 689 -53.25 -18.49 -12.49
N ILE A 690 -53.04 -19.72 -12.00
CA ILE A 690 -54.15 -20.65 -11.80
C ILE A 690 -54.98 -20.31 -10.56
N VAL A 691 -54.45 -19.49 -9.66
CA VAL A 691 -55.19 -19.16 -8.44
C VAL A 691 -56.44 -18.35 -8.76
N ALA A 692 -56.32 -17.38 -9.66
CA ALA A 692 -57.46 -16.54 -10.03
C ALA A 692 -58.05 -16.96 -11.37
N THR B 5 73.33 53.39 2.48
CA THR B 5 74.12 54.60 2.58
C THR B 5 73.25 55.85 2.78
N TYR B 6 73.60 56.68 3.76
CA TYR B 6 72.90 57.93 4.01
C TYR B 6 72.89 58.77 2.74
N PRO B 7 71.83 59.56 2.49
CA PRO B 7 70.66 59.90 3.31
C PRO B 7 69.61 58.81 3.42
N SER B 8 68.75 58.93 4.43
CA SER B 8 67.60 58.07 4.64
C SER B 8 66.39 58.94 4.94
N VAL B 9 65.26 58.29 5.24
CA VAL B 9 64.04 59.04 5.51
C VAL B 9 64.12 59.82 6.82
N ASN B 10 65.04 59.46 7.71
CA ASN B 10 65.23 60.24 8.93
C ASN B 10 65.78 61.63 8.66
N ASP B 11 66.39 61.85 7.50
CA ASP B 11 66.97 63.14 7.17
C ASP B 11 66.01 64.05 6.41
N LEU B 12 64.80 63.61 6.12
CA LEU B 12 63.91 64.36 5.25
C LEU B 12 62.81 65.04 6.07
N THR B 13 62.39 66.20 5.58
CA THR B 13 61.22 66.87 6.13
C THR B 13 59.95 66.18 5.65
N LEU B 14 58.82 66.57 6.24
CA LEU B 14 57.54 66.00 5.83
C LEU B 14 57.25 66.30 4.36
N GLU B 15 57.49 67.54 3.92
CA GLU B 15 57.22 67.90 2.54
C GLU B 15 58.10 67.09 1.59
N GLU B 16 59.35 66.85 1.98
CA GLU B 16 60.25 66.09 1.12
C GLU B 16 59.83 64.63 1.00
N LYS B 17 59.38 64.03 2.11
CA LYS B 17 58.90 62.67 2.08
C LYS B 17 57.71 62.53 1.13
N ALA B 18 56.76 63.48 1.22
CA ALA B 18 55.59 63.44 0.37
C ALA B 18 55.94 63.61 -1.10
N SER B 19 57.00 64.39 -1.41
CA SER B 19 57.38 64.59 -2.80
C SER B 19 57.86 63.30 -3.45
N LEU B 20 58.52 62.43 -2.66
CA LEU B 20 59.03 61.16 -3.16
C LEU B 20 57.92 60.19 -3.55
N THR B 21 56.70 60.43 -3.10
CA THR B 21 55.58 59.54 -3.39
C THR B 21 54.95 59.82 -4.76
N SER B 22 55.60 60.64 -5.58
CA SER B 22 55.19 60.88 -6.95
C SER B 22 56.42 61.33 -7.73
N GLY B 23 56.46 60.97 -9.01
CA GLY B 23 57.64 61.22 -9.80
C GLY B 23 57.95 62.70 -9.92
N GLY B 24 59.19 62.98 -10.32
CA GLY B 24 59.56 64.36 -10.59
C GLY B 24 58.86 64.90 -11.82
N ASP B 25 58.87 64.13 -12.90
CA ASP B 25 58.04 64.40 -14.06
C ASP B 25 57.47 63.08 -14.54
N ALA B 26 56.94 63.05 -15.75
CA ALA B 26 56.31 61.84 -16.28
C ALA B 26 57.31 60.73 -16.52
N TRP B 27 58.62 61.00 -16.36
CA TRP B 27 59.64 60.02 -16.71
C TRP B 27 60.75 59.91 -15.68
N HIS B 28 60.63 60.54 -14.51
CA HIS B 28 61.70 60.51 -13.52
C HIS B 28 61.13 60.31 -12.13
N LEU B 29 61.92 59.63 -11.29
CA LEU B 29 61.64 59.61 -9.86
C LEU B 29 61.78 61.02 -9.29
N GLN B 30 61.29 61.19 -8.06
CA GLN B 30 61.35 62.50 -7.41
C GLN B 30 62.79 62.83 -7.02
N GLY B 31 63.28 63.96 -7.52
CA GLY B 31 64.60 64.43 -7.15
C GLY B 31 64.55 65.32 -5.92
N VAL B 32 65.27 64.94 -4.87
CA VAL B 32 65.43 65.83 -3.72
C VAL B 32 66.85 66.37 -3.74
N GLU B 33 67.11 67.30 -4.65
CA GLU B 33 68.47 67.79 -4.85
C GLU B 33 69.04 68.38 -3.57
N ALA B 34 68.20 68.88 -2.67
CA ALA B 34 68.71 69.43 -1.42
C ALA B 34 69.26 68.38 -0.46
N LYS B 35 68.91 67.09 -0.61
CA LYS B 35 69.27 66.06 0.36
C LYS B 35 69.95 64.81 -0.21
N GLY B 36 70.59 64.92 -1.36
CA GLY B 36 71.39 63.82 -1.91
C GLY B 36 70.60 62.70 -2.56
N ILE B 37 69.41 63.00 -3.05
CA ILE B 37 68.52 62.02 -3.66
C ILE B 37 68.26 62.41 -5.11
N PRO B 38 68.95 61.79 -6.06
CA PRO B 38 68.73 62.11 -7.48
C PRO B 38 67.44 61.49 -8.01
N GLY B 39 66.80 62.20 -8.94
CA GLY B 39 65.60 61.71 -9.59
C GLY B 39 65.84 60.98 -10.89
N TYR B 40 66.24 59.70 -10.80
CA TYR B 40 66.62 58.93 -11.97
C TYR B 40 65.44 58.72 -12.92
N MET B 41 65.77 58.48 -14.19
CA MET B 41 64.76 58.29 -15.23
C MET B 41 64.21 56.87 -15.21
N ILE B 42 62.89 56.76 -15.40
CA ILE B 42 62.17 55.51 -15.52
C ILE B 42 61.56 55.48 -16.92
N THR B 43 61.69 54.35 -17.61
CA THR B 43 61.16 54.30 -18.98
C THR B 43 60.81 52.87 -19.36
N ASP B 44 59.99 52.77 -20.41
CA ASP B 44 59.42 51.51 -20.84
C ASP B 44 60.48 50.57 -21.38
N GLY B 45 60.07 49.29 -21.50
CA GLY B 45 60.82 48.33 -22.26
C GLY B 45 60.83 46.93 -21.68
N PRO B 46 59.69 46.24 -21.75
CA PRO B 46 59.69 44.83 -21.32
C PRO B 46 60.53 43.96 -22.23
N HIS B 47 60.73 44.36 -23.49
CA HIS B 47 61.59 43.62 -24.41
C HIS B 47 62.61 44.54 -25.09
N GLY B 48 63.08 45.55 -24.38
CA GLY B 48 64.15 46.42 -24.86
C GLY B 48 63.94 47.86 -24.45
N LEU B 49 65.05 48.57 -24.24
CA LEU B 49 65.01 49.96 -23.79
C LEU B 49 64.32 50.87 -24.80
N ARG B 50 63.27 51.59 -24.37
CA ARG B 50 62.59 52.58 -25.21
C ARG B 50 62.52 53.93 -24.49
N LYS B 51 63.59 54.70 -24.54
CA LYS B 51 63.58 56.05 -24.00
C LYS B 51 63.29 57.03 -25.15
N SER B 52 63.61 58.31 -24.95
CA SER B 52 63.34 59.31 -25.95
C SER B 52 64.27 60.50 -25.79
N SER B 65 62.99 57.10 -30.35
CA SER B 65 63.77 56.56 -29.25
C SER B 65 65.26 56.54 -29.56
N VAL B 66 66.07 56.44 -28.52
CA VAL B 66 67.50 56.21 -28.70
C VAL B 66 67.72 54.80 -29.26
N PRO B 67 68.55 54.62 -30.28
CA PRO B 67 68.70 53.28 -30.85
C PRO B 67 69.12 52.27 -29.80
N ALA B 68 68.34 51.20 -29.68
CA ALA B 68 68.58 50.14 -28.73
C ALA B 68 68.19 48.82 -29.38
N THR B 69 68.63 47.73 -28.77
CA THR B 69 68.32 46.41 -29.30
C THR B 69 66.86 46.07 -29.03
N CYS B 70 66.11 45.82 -30.11
CA CYS B 70 64.72 45.36 -29.99
C CYS B 70 64.74 43.84 -29.91
N PHE B 71 64.62 43.31 -28.71
CA PHE B 71 64.56 41.87 -28.51
C PHE B 71 63.17 41.36 -28.86
N PRO B 72 63.01 40.06 -29.07
CA PRO B 72 61.67 39.52 -29.36
C PRO B 72 60.72 39.77 -28.21
N PRO B 73 59.51 40.25 -28.48
CA PRO B 73 58.50 40.36 -27.43
C PRO B 73 58.22 39.03 -26.74
N ALA B 74 57.63 39.12 -25.55
CA ALA B 74 57.45 37.93 -24.70
C ALA B 74 56.62 36.85 -25.40
N ALA B 75 55.65 37.25 -26.23
CA ALA B 75 54.85 36.25 -26.94
C ALA B 75 55.72 35.33 -27.79
N GLY B 76 56.87 35.82 -28.27
CA GLY B 76 57.81 34.98 -28.99
C GLY B 76 58.80 34.32 -28.06
N LEU B 77 59.44 35.11 -27.19
CA LEU B 77 60.48 34.57 -26.33
C LEU B 77 59.93 33.54 -25.34
N SER B 78 58.64 33.59 -25.02
CA SER B 78 58.06 32.55 -24.17
C SER B 78 58.06 31.19 -24.84
N SER B 79 58.30 31.12 -26.15
CA SER B 79 58.44 29.83 -26.80
C SER B 79 59.74 29.13 -26.44
N SER B 80 60.70 29.86 -25.88
CA SER B 80 62.04 29.30 -25.67
C SER B 80 62.06 28.31 -24.53
N TRP B 81 61.22 28.50 -23.50
CA TRP B 81 61.25 27.68 -22.29
C TRP B 81 62.68 27.59 -21.77
N ASN B 82 63.39 28.71 -21.86
CA ASN B 82 64.83 28.78 -21.63
C ASN B 82 65.11 29.93 -20.68
N PRO B 83 64.97 29.71 -19.37
CA PRO B 83 65.23 30.80 -18.42
C PRO B 83 66.63 31.38 -18.50
N GLU B 84 67.64 30.56 -18.79
CA GLU B 84 69.02 31.07 -18.85
C GLU B 84 69.20 32.02 -20.03
N LEU B 85 68.61 31.69 -21.18
CA LEU B 85 68.70 32.58 -22.33
C LEU B 85 67.95 33.88 -22.09
N ILE B 86 66.80 33.81 -21.43
CA ILE B 86 66.06 35.01 -21.11
C ILE B 86 66.84 35.88 -20.13
N HIS B 87 67.53 35.23 -19.18
CA HIS B 87 68.37 35.97 -18.24
C HIS B 87 69.46 36.75 -18.95
N GLN B 88 69.97 36.21 -20.07
CA GLN B 88 71.01 36.93 -20.82
C GLN B 88 70.41 38.11 -21.56
N VAL B 89 69.19 37.95 -22.07
CA VAL B 89 68.46 39.09 -22.60
C VAL B 89 68.32 40.17 -21.54
N GLY B 90 68.07 39.76 -20.29
CA GLY B 90 67.96 40.73 -19.21
C GLY B 90 69.27 41.46 -18.96
N GLU B 91 70.39 40.74 -19.00
CA GLU B 91 71.69 41.37 -18.80
C GLU B 91 71.95 42.46 -19.83
N ALA B 92 71.63 42.18 -21.10
CA ALA B 92 71.86 43.16 -22.15
C ALA B 92 70.94 44.37 -21.98
N MET B 93 69.67 44.13 -21.65
CA MET B 93 68.75 45.24 -21.44
C MET B 93 69.26 46.18 -20.35
N ALA B 94 69.82 45.61 -19.27
CA ALA B 94 70.34 46.44 -18.19
C ALA B 94 71.57 47.22 -18.62
N GLU B 95 72.45 46.58 -19.40
CA GLU B 95 73.66 47.27 -19.85
C GLU B 95 73.33 48.45 -20.75
N GLU B 96 72.28 48.33 -21.57
CA GLU B 96 71.87 49.47 -22.38
C GLU B 96 71.29 50.58 -21.52
N CYS B 97 70.59 50.22 -20.44
CA CYS B 97 70.12 51.23 -19.50
C CYS B 97 71.28 51.98 -18.87
N ILE B 98 72.38 51.27 -18.59
CA ILE B 98 73.53 51.91 -17.97
C ILE B 98 74.13 52.95 -18.90
N GLN B 99 74.13 52.69 -20.22
CA GLN B 99 74.59 53.68 -21.16
C GLN B 99 73.70 54.92 -21.14
N GLU B 100 72.39 54.72 -21.02
CA GLU B 100 71.41 55.79 -21.16
C GLU B 100 70.92 56.34 -19.83
N LYS B 101 71.58 55.96 -18.72
CA LYS B 101 71.26 56.49 -17.39
C LYS B 101 69.79 56.24 -17.02
N VAL B 102 69.36 54.99 -17.16
CA VAL B 102 68.01 54.57 -16.80
C VAL B 102 68.11 53.61 -15.62
N ALA B 103 67.49 53.98 -14.50
CA ALA B 103 67.62 53.20 -13.27
C ALA B 103 66.63 52.04 -13.21
N VAL B 104 65.45 52.19 -13.80
CA VAL B 104 64.44 51.14 -13.80
C VAL B 104 63.89 51.00 -15.20
N ILE B 105 63.84 49.78 -15.72
CA ILE B 105 63.21 49.48 -16.99
C ILE B 105 61.88 48.78 -16.68
N LEU B 106 60.81 49.23 -17.34
CA LEU B 106 59.44 48.89 -16.95
C LEU B 106 59.02 47.56 -17.57
N GLY B 107 59.46 46.49 -16.93
CA GLY B 107 59.10 45.15 -17.36
C GLY B 107 59.63 44.13 -16.39
N PRO B 108 59.30 42.85 -16.59
CA PRO B 108 58.43 42.35 -17.67
C PRO B 108 56.97 42.28 -17.27
N GLY B 109 56.10 42.06 -18.25
CA GLY B 109 54.68 41.87 -18.00
C GLY B 109 54.34 40.40 -17.97
N VAL B 110 53.68 39.98 -16.90
CA VAL B 110 53.44 38.57 -16.64
C VAL B 110 51.96 38.24 -16.46
N ASN B 111 51.07 39.13 -16.92
CA ASN B 111 49.64 38.86 -16.79
C ASN B 111 49.26 37.59 -17.55
N ILE B 112 48.40 36.78 -16.94
CA ILE B 112 47.95 35.55 -17.57
C ILE B 112 47.14 35.86 -18.81
N LYS B 113 47.42 35.13 -19.88
CA LYS B 113 46.62 35.23 -21.10
C LYS B 113 45.35 34.42 -20.89
N ARG B 114 44.40 35.04 -20.19
CA ARG B 114 43.11 34.41 -19.94
C ARG B 114 42.41 34.07 -21.26
N ASN B 115 42.41 35.02 -22.20
CA ASN B 115 41.80 34.85 -23.51
C ASN B 115 42.80 35.34 -24.55
N PRO B 116 43.03 34.58 -25.63
CA PRO B 116 44.05 35.01 -26.62
C PRO B 116 43.68 36.29 -27.34
N LEU B 117 42.43 36.76 -27.24
CA LEU B 117 42.03 38.01 -27.86
C LEU B 117 42.55 39.24 -27.12
N GLY B 118 43.12 39.07 -25.94
CA GLY B 118 43.63 40.17 -25.14
C GLY B 118 44.66 41.02 -25.85
N GLY B 119 44.45 42.34 -25.86
CA GLY B 119 45.26 43.21 -26.70
C GLY B 119 46.74 43.24 -26.35
N ARG B 120 47.10 43.02 -25.09
CA ARG B 120 48.51 43.06 -24.70
C ARG B 120 49.15 41.68 -24.61
N CYS B 121 48.54 40.66 -25.20
CA CYS B 121 49.12 39.32 -25.15
C CYS B 121 50.53 39.29 -25.73
N PHE B 122 50.85 40.19 -26.66
CA PHE B 122 52.16 40.14 -27.32
C PHE B 122 53.31 40.36 -26.35
N GLU B 123 53.09 41.08 -25.26
CA GLU B 123 54.15 41.34 -24.29
C GLU B 123 54.07 40.47 -23.03
N TYR B 124 53.09 39.56 -22.95
CA TYR B 124 52.98 38.65 -21.82
C TYR B 124 53.48 37.27 -22.23
N TRP B 125 53.53 36.34 -21.27
CA TRP B 125 54.30 35.12 -21.47
C TRP B 125 53.45 33.88 -21.77
N SER B 126 52.44 33.58 -20.97
CA SER B 126 51.75 32.30 -21.16
C SER B 126 50.33 32.39 -20.64
N GLU B 127 49.56 31.36 -20.98
CA GLU B 127 48.29 31.08 -20.33
C GLU B 127 48.48 30.32 -19.02
N ASP B 128 49.70 29.85 -18.75
CA ASP B 128 50.01 29.04 -17.59
C ASP B 128 50.78 29.86 -16.55
N PRO B 129 50.39 29.82 -15.28
CA PRO B 129 51.11 30.62 -14.28
C PRO B 129 52.53 30.12 -14.04
N TYR B 130 52.76 28.81 -14.06
CA TYR B 130 54.08 28.29 -13.77
C TYR B 130 55.08 28.68 -14.84
N LEU B 131 54.71 28.51 -16.11
CA LEU B 131 55.61 28.82 -17.21
C LEU B 131 55.96 30.30 -17.26
N ALA B 132 54.97 31.18 -17.09
CA ALA B 132 55.25 32.61 -17.14
C ALA B 132 56.20 33.03 -16.03
N GLY B 133 55.99 32.51 -14.81
CA GLY B 133 56.85 32.89 -13.70
C GLY B 133 58.26 32.35 -13.83
N HIS B 134 58.38 31.08 -14.21
CA HIS B 134 59.69 30.45 -14.31
C HIS B 134 60.43 30.83 -15.58
N GLU B 135 59.77 31.50 -16.54
CA GLU B 135 60.44 32.10 -17.68
C GLU B 135 60.78 33.56 -17.41
N ALA B 136 59.77 34.38 -17.11
CA ALA B 136 59.98 35.81 -16.99
C ALA B 136 60.89 36.20 -15.84
N VAL B 137 61.15 35.28 -14.90
CA VAL B 137 62.05 35.59 -13.81
C VAL B 137 63.45 35.90 -14.35
N GLY B 138 63.78 35.36 -15.53
CA GLY B 138 65.06 35.67 -16.14
C GLY B 138 65.24 37.14 -16.45
N ILE B 139 64.16 37.85 -16.77
CA ILE B 139 64.26 39.28 -17.03
C ILE B 139 64.60 40.03 -15.75
N VAL B 140 63.87 39.76 -14.67
CA VAL B 140 64.12 40.44 -13.40
C VAL B 140 65.51 40.09 -12.89
N ALA B 141 65.84 38.80 -12.84
CA ALA B 141 67.15 38.38 -12.37
C ALA B 141 68.24 38.88 -13.30
N GLY B 142 67.98 38.89 -14.61
CA GLY B 142 68.99 39.34 -15.56
C GLY B 142 69.27 40.82 -15.47
N VAL B 143 68.22 41.64 -15.52
CA VAL B 143 68.43 43.09 -15.49
C VAL B 143 69.04 43.51 -14.16
N GLN B 144 68.46 43.05 -13.04
CA GLN B 144 68.91 43.50 -11.74
C GLN B 144 70.27 42.95 -11.35
N SER B 145 70.75 41.88 -12.00
CA SER B 145 72.11 41.44 -11.75
C SER B 145 73.14 42.48 -12.19
N LYS B 146 72.72 43.46 -12.99
CA LYS B 146 73.60 44.54 -13.42
C LYS B 146 73.40 45.81 -12.61
N GLY B 147 72.54 45.80 -11.61
CA GLY B 147 72.31 46.97 -10.79
C GLY B 147 71.20 47.88 -11.24
N VAL B 148 70.38 47.44 -12.20
CA VAL B 148 69.28 48.22 -12.75
C VAL B 148 67.97 47.57 -12.34
N GLY B 149 66.99 48.40 -11.97
CA GLY B 149 65.71 47.89 -11.51
C GLY B 149 64.78 47.50 -12.65
N THR B 150 63.84 46.63 -12.32
CA THR B 150 62.76 46.24 -13.22
C THR B 150 61.43 46.69 -12.64
N SER B 151 60.34 46.44 -13.38
CA SER B 151 59.00 46.77 -12.91
C SER B 151 58.07 45.66 -13.39
N LEU B 152 57.96 44.60 -12.59
CA LEU B 152 56.99 43.53 -12.83
C LEU B 152 55.59 44.15 -12.88
N LYS B 153 54.95 44.15 -14.05
CA LYS B 153 53.90 45.10 -14.34
C LYS B 153 52.52 44.45 -14.38
N HIS B 154 51.54 45.21 -13.90
CA HIS B 154 50.09 44.97 -13.93
C HIS B 154 49.68 43.91 -12.93
N PHE B 155 49.91 44.22 -11.67
CA PHE B 155 49.57 43.38 -10.53
C PHE B 155 48.25 43.91 -9.98
N ALA B 156 47.15 43.18 -10.19
CA ALA B 156 47.13 41.92 -10.93
C ALA B 156 45.85 41.82 -11.74
N ALA B 157 45.71 40.74 -12.50
CA ALA B 157 44.48 40.42 -13.24
C ALA B 157 44.16 41.50 -14.29
N ASN B 158 45.17 41.87 -15.07
CA ASN B 158 45.00 42.79 -16.19
C ASN B 158 45.04 41.95 -17.46
N ASN B 159 43.90 41.35 -17.81
CA ASN B 159 43.87 40.33 -18.85
C ASN B 159 43.14 40.77 -20.11
N GLN B 160 42.69 42.03 -20.18
CA GLN B 160 41.98 42.55 -21.33
C GLN B 160 42.21 44.06 -21.41
N GLU B 161 42.08 44.59 -22.62
CA GLU B 161 42.16 46.03 -22.83
C GLU B 161 40.80 46.69 -22.79
N THR B 162 39.75 45.95 -23.13
CA THR B 162 38.42 46.54 -23.21
C THR B 162 38.01 47.10 -21.86
N ASP B 163 37.80 48.41 -21.82
CA ASP B 163 37.36 49.10 -20.61
C ASP B 163 38.33 48.87 -19.45
N ARG B 164 39.63 48.82 -19.77
CA ARG B 164 40.63 48.48 -18.75
C ARG B 164 40.66 49.48 -17.61
N LEU B 165 40.20 50.72 -17.84
CA LEU B 165 40.27 51.75 -16.82
C LEU B 165 39.13 51.67 -15.81
N ARG B 166 38.03 50.98 -16.12
CA ARG B 166 36.86 51.01 -15.26
C ARG B 166 36.42 49.62 -14.81
N VAL B 167 36.67 48.61 -15.65
CA VAL B 167 36.05 47.31 -15.44
C VAL B 167 36.53 46.69 -14.13
N SER B 168 35.63 45.95 -13.47
CA SER B 168 35.95 45.16 -12.29
C SER B 168 36.05 43.69 -12.69
N ALA B 169 37.23 43.12 -12.51
CA ALA B 169 37.42 41.68 -12.70
C ALA B 169 36.90 40.95 -11.47
N ASN B 170 35.81 40.21 -11.63
CA ASN B 170 35.22 39.44 -10.54
C ASN B 170 35.79 38.02 -10.58
N ILE B 171 36.67 37.71 -9.65
CA ILE B 171 37.47 36.49 -9.66
C ILE B 171 37.39 35.83 -8.29
N SER B 172 37.22 34.50 -8.27
CA SER B 172 37.23 33.75 -7.03
C SER B 172 38.63 33.70 -6.44
N GLN B 173 38.69 33.40 -5.14
CA GLN B 173 39.98 33.35 -4.45
C GLN B 173 40.87 32.25 -5.01
N ARG B 174 40.31 31.08 -5.28
CA ARG B 174 41.08 29.99 -5.90
C ARG B 174 41.70 30.44 -7.22
N ALA B 175 40.90 31.09 -8.07
CA ALA B 175 41.39 31.51 -9.37
C ALA B 175 42.48 32.56 -9.24
N LEU B 176 42.33 33.48 -8.28
CA LEU B 176 43.39 34.44 -8.00
C LEU B 176 44.64 33.73 -7.51
N ARG B 177 44.48 32.82 -6.55
CA ARG B 177 45.63 32.17 -5.93
C ARG B 177 46.34 31.21 -6.88
N GLU B 178 45.60 30.51 -7.75
CA GLU B 178 46.20 29.47 -8.57
C GLU B 178 46.57 29.93 -9.98
N ILE B 179 45.89 30.94 -10.52
CA ILE B 179 46.06 31.36 -11.91
C ILE B 179 46.82 32.68 -11.99
N TYR B 180 46.29 33.75 -11.39
CA TYR B 180 46.78 35.10 -11.63
C TYR B 180 47.83 35.56 -10.64
N PHE B 181 48.06 34.83 -9.54
CA PHE B 181 49.07 35.20 -8.56
C PHE B 181 50.40 34.46 -8.72
N PRO B 182 50.43 33.14 -8.97
CA PRO B 182 51.70 32.39 -8.84
C PRO B 182 52.87 32.95 -9.63
N ALA B 183 52.64 33.49 -10.83
CA ALA B 183 53.75 34.07 -11.58
C ALA B 183 54.31 35.28 -10.85
N PHE B 184 53.44 36.14 -10.32
CA PHE B 184 53.89 37.24 -9.47
C PHE B 184 54.55 36.71 -8.21
N GLU B 185 53.91 35.74 -7.55
CA GLU B 185 54.42 35.21 -6.29
C GLU B 185 55.81 34.60 -6.46
N HIS B 186 56.01 33.83 -7.53
CA HIS B 186 57.30 33.17 -7.73
C HIS B 186 58.40 34.18 -8.06
N ILE B 187 58.11 35.17 -8.93
CA ILE B 187 59.13 36.14 -9.29
C ILE B 187 59.47 37.03 -8.10
N VAL B 188 58.48 37.34 -7.26
CA VAL B 188 58.72 38.14 -6.06
C VAL B 188 59.62 37.39 -5.08
N LYS B 189 59.37 36.09 -4.90
CA LYS B 189 60.11 35.36 -3.89
C LYS B 189 61.52 35.00 -4.36
N THR B 190 61.66 34.67 -5.65
CA THR B 190 62.93 34.19 -6.18
C THR B 190 63.89 35.32 -6.56
N ALA B 191 63.41 36.28 -7.38
CA ALA B 191 64.25 37.37 -7.87
C ALA B 191 64.05 38.71 -7.17
N GLN B 192 62.96 38.89 -6.41
CA GLN B 192 62.61 40.11 -5.69
C GLN B 192 62.76 41.36 -6.55
N PRO B 193 61.79 41.67 -7.40
CA PRO B 193 61.92 42.85 -8.27
C PRO B 193 61.93 44.12 -7.45
N TRP B 194 62.82 45.04 -7.81
CA TRP B 194 62.94 46.28 -7.05
C TRP B 194 61.70 47.16 -7.19
N THR B 195 60.85 46.89 -8.18
CA THR B 195 59.68 47.72 -8.44
C THR B 195 58.58 46.84 -9.01
N ILE B 196 57.34 47.13 -8.60
CA ILE B 196 56.15 46.50 -9.16
C ILE B 196 55.18 47.60 -9.57
N MET B 197 54.54 47.40 -10.72
CA MET B 197 53.51 48.31 -11.22
C MET B 197 52.15 47.65 -11.12
N CYS B 198 51.20 48.33 -10.48
CA CYS B 198 49.84 47.82 -10.35
C CYS B 198 49.04 48.05 -11.63
N SER B 199 47.93 47.33 -11.76
CA SER B 199 47.08 47.40 -12.94
C SER B 199 46.06 48.53 -12.82
N TYR B 200 45.47 48.89 -13.97
CA TYR B 200 44.41 49.90 -13.98
C TYR B 200 43.10 49.38 -13.41
N ASN B 201 42.83 48.09 -13.55
CA ASN B 201 41.49 47.58 -13.35
C ASN B 201 41.18 47.39 -11.86
N ARG B 202 39.90 47.11 -11.59
CA ARG B 202 39.47 46.71 -10.26
C ARG B 202 39.45 45.20 -10.17
N ILE B 203 39.65 44.68 -8.96
CA ILE B 203 39.51 43.26 -8.68
C ILE B 203 38.44 43.12 -7.60
N ASN B 204 37.28 42.59 -7.99
CA ASN B 204 36.15 42.43 -7.07
C ASN B 204 35.77 43.76 -6.41
N GLY B 205 35.72 44.81 -7.22
CA GLY B 205 35.23 46.10 -6.77
C GLY B 205 36.27 47.09 -6.26
N VAL B 206 37.54 46.70 -6.17
CA VAL B 206 38.59 47.52 -5.57
C VAL B 206 39.66 47.79 -6.63
N HIS B 207 39.94 49.08 -6.88
CA HIS B 207 41.06 49.43 -7.76
C HIS B 207 42.38 48.97 -7.16
N SER B 208 43.27 48.48 -8.03
CA SER B 208 44.52 47.89 -7.56
C SER B 208 45.40 48.92 -6.87
N ALA B 209 45.40 50.16 -7.34
CA ALA B 209 46.23 51.19 -6.74
C ALA B 209 45.82 51.50 -5.30
N GLN B 210 44.63 51.06 -4.87
CA GLN B 210 44.06 51.39 -3.58
C GLN B 210 43.77 50.13 -2.77
N ASN B 211 44.25 48.97 -3.21
CA ASN B 211 43.89 47.68 -2.64
C ASN B 211 44.93 47.31 -1.60
N ARG B 212 44.61 47.57 -0.32
CA ARG B 212 45.58 47.24 0.73
C ARG B 212 45.75 45.74 0.86
N TRP B 213 44.66 44.98 0.71
CA TRP B 213 44.76 43.53 0.72
C TRP B 213 45.75 43.06 -0.34
N LEU B 214 45.64 43.61 -1.55
CA LEU B 214 46.53 43.19 -2.63
C LEU B 214 47.94 43.69 -2.39
N LEU B 215 48.10 45.00 -2.19
CA LEU B 215 49.44 45.58 -2.19
C LEU B 215 50.19 45.36 -0.88
N THR B 216 49.49 45.03 0.21
CA THR B 216 50.13 44.91 1.53
C THR B 216 49.90 43.56 2.17
N ASP B 217 48.64 43.14 2.37
CA ASP B 217 48.39 41.86 3.01
C ASP B 217 49.01 40.71 2.23
N VAL B 218 48.72 40.62 0.94
CA VAL B 218 49.23 39.52 0.14
C VAL B 218 50.68 39.77 -0.28
N LEU B 219 50.92 40.87 -0.98
CA LEU B 219 52.22 41.08 -1.62
C LEU B 219 53.35 41.13 -0.60
N ARG B 220 53.16 41.86 0.50
CA ARG B 220 54.26 42.06 1.44
C ARG B 220 54.15 41.17 2.67
N ASP B 221 52.99 41.11 3.31
CA ASP B 221 52.88 40.36 4.55
C ASP B 221 53.00 38.86 4.32
N GLU B 222 52.48 38.37 3.20
CA GLU B 222 52.52 36.94 2.91
C GLU B 222 53.74 36.54 2.06
N TRP B 223 53.99 37.25 0.96
CA TRP B 223 55.05 36.88 0.02
C TRP B 223 56.41 37.46 0.37
N GLY B 224 56.47 38.49 1.21
CA GLY B 224 57.73 39.10 1.58
C GLY B 224 58.36 40.01 0.56
N TYR B 225 57.54 40.70 -0.24
CA TYR B 225 58.07 41.63 -1.23
C TYR B 225 58.77 42.79 -0.54
N GLU B 226 60.01 43.06 -0.94
CA GLU B 226 60.83 44.08 -0.30
C GLU B 226 60.92 45.39 -1.08
N GLY B 227 60.28 45.49 -2.25
CA GLY B 227 60.43 46.63 -3.11
C GLY B 227 59.29 47.64 -2.98
N ILE B 228 59.13 48.44 -4.03
CA ILE B 228 58.12 49.48 -4.05
C ILE B 228 57.07 49.12 -5.08
N VAL B 229 55.88 49.68 -4.90
CA VAL B 229 54.78 49.56 -5.84
C VAL B 229 54.53 50.94 -6.44
N MET B 230 54.48 51.01 -7.76
CA MET B 230 54.11 52.22 -8.47
C MET B 230 52.81 51.99 -9.23
N SER B 231 52.12 53.07 -9.56
CA SER B 231 50.87 52.96 -10.29
C SER B 231 51.16 52.91 -11.78
N ASP B 232 50.20 52.35 -12.52
CA ASP B 232 50.17 52.60 -13.95
C ASP B 232 49.82 54.08 -14.19
N TRP B 233 50.10 54.56 -15.40
CA TRP B 233 50.02 55.99 -15.66
C TRP B 233 48.56 56.43 -15.59
N GLY B 234 48.20 57.10 -14.50
CA GLY B 234 46.84 57.52 -14.27
C GLY B 234 46.01 56.62 -13.37
N ALA B 235 46.55 55.49 -12.91
CA ALA B 235 45.78 54.52 -12.13
C ALA B 235 45.55 54.97 -10.69
N ASP B 236 46.30 55.97 -10.22
CA ASP B 236 46.15 56.48 -8.87
C ASP B 236 45.08 57.56 -8.87
N HIS B 237 43.91 57.23 -8.34
CA HIS B 237 42.77 58.15 -8.31
C HIS B 237 42.61 58.83 -6.96
N ASP B 238 43.02 58.18 -5.88
CA ASP B 238 42.95 58.75 -4.54
C ASP B 238 44.34 58.68 -3.94
N ARG B 239 45.02 59.84 -3.86
CA ARG B 239 46.40 59.85 -3.38
C ARG B 239 46.50 59.24 -1.99
N VAL B 240 45.64 59.67 -1.07
CA VAL B 240 45.71 59.20 0.31
C VAL B 240 45.35 57.74 0.41
N ALA B 241 44.30 57.32 -0.31
CA ALA B 241 43.89 55.93 -0.26
C ALA B 241 44.98 55.02 -0.78
N SER B 242 45.64 55.43 -1.88
CA SER B 242 46.71 54.63 -2.47
C SER B 242 47.88 54.49 -1.52
N LEU B 243 48.30 55.59 -0.89
CA LEU B 243 49.44 55.53 0.01
C LEU B 243 49.16 54.59 1.18
N ASN B 244 47.96 54.65 1.75
CA ASN B 244 47.64 53.75 2.86
C ASN B 244 47.59 52.31 2.40
N ALA B 245 47.25 52.07 1.13
CA ALA B 245 47.19 50.71 0.62
C ALA B 245 48.56 50.12 0.38
N GLY B 246 49.58 50.95 0.22
CA GLY B 246 50.93 50.46 -0.02
C GLY B 246 51.49 50.88 -1.37
N LEU B 247 50.84 51.83 -2.03
CA LEU B 247 51.35 52.34 -3.30
C LEU B 247 52.38 53.42 -2.99
N ASN B 248 53.65 53.12 -3.30
CA ASN B 248 54.74 54.04 -2.96
C ASN B 248 54.75 55.27 -3.88
N LEU B 249 54.44 55.08 -5.17
CA LEU B 249 54.77 56.06 -6.20
C LEU B 249 53.60 56.29 -7.13
N GLU B 250 53.19 57.55 -7.26
CA GLU B 250 52.23 57.98 -8.27
C GLU B 250 52.97 58.36 -9.54
N MET B 251 52.55 57.78 -10.68
CA MET B 251 53.09 58.12 -11.99
C MET B 251 51.90 58.21 -12.96
N PRO B 252 51.82 59.28 -13.76
CA PRO B 252 52.72 60.41 -13.67
C PRO B 252 52.32 61.33 -12.52
N PRO B 253 53.20 62.24 -12.11
CA PRO B 253 52.84 63.16 -11.03
C PRO B 253 51.68 64.06 -11.45
N SER B 254 50.63 64.06 -10.64
CA SER B 254 49.54 65.01 -10.80
C SER B 254 49.76 66.30 -10.03
N TYR B 255 50.93 66.44 -9.41
CA TYR B 255 51.26 67.62 -8.62
C TYR B 255 50.22 67.83 -7.51
N THR B 256 50.03 66.77 -6.71
CA THR B 256 49.07 66.72 -5.62
C THR B 256 49.70 66.18 -4.35
N ASP B 257 51.01 66.42 -4.16
CA ASP B 257 51.66 65.95 -2.94
C ASP B 257 51.10 66.63 -1.70
N ASP B 258 50.44 67.79 -1.86
CA ASP B 258 49.88 68.50 -0.71
C ASP B 258 48.82 67.68 0.01
N GLN B 259 48.12 66.79 -0.71
CA GLN B 259 47.15 65.93 -0.07
C GLN B 259 47.82 64.94 0.88
N ILE B 260 49.04 64.51 0.56
CA ILE B 260 49.78 63.66 1.48
C ILE B 260 50.17 64.45 2.73
N VAL B 261 50.59 65.70 2.55
CA VAL B 261 51.02 66.52 3.69
C VAL B 261 49.84 66.81 4.62
N TYR B 262 48.70 67.23 4.07
CA TYR B 262 47.52 67.47 4.91
C TYR B 262 47.10 66.20 5.63
N ALA B 263 47.02 65.08 4.89
CA ALA B 263 46.55 63.85 5.48
C ALA B 263 47.48 63.34 6.58
N ALA B 264 48.78 63.56 6.43
CA ALA B 264 49.71 63.16 7.47
C ALA B 264 49.58 64.02 8.71
N ARG B 265 49.00 65.21 8.59
CA ARG B 265 48.87 66.11 9.73
C ARG B 265 47.55 65.95 10.48
N ASP B 266 46.51 65.41 9.85
CA ASP B 266 45.23 65.26 10.53
C ASP B 266 44.88 63.81 10.80
N GLY B 267 45.86 62.91 10.77
CA GLY B 267 45.60 61.53 11.16
C GLY B 267 45.01 60.66 10.07
N ARG B 268 44.98 61.13 8.81
CA ARG B 268 44.52 60.26 7.75
C ARG B 268 45.63 59.34 7.25
N ILE B 269 46.89 59.71 7.43
CA ILE B 269 48.03 58.86 7.11
C ILE B 269 48.88 58.74 8.37
N GLN B 270 49.14 57.51 8.81
CA GLN B 270 50.07 57.31 9.90
C GLN B 270 51.46 57.75 9.47
N PRO B 271 52.20 58.48 10.32
CA PRO B 271 53.57 58.85 9.97
C PRO B 271 54.47 57.67 9.65
N GLU B 272 54.25 56.51 10.28
CA GLU B 272 55.03 55.32 9.92
C GLU B 272 54.72 54.87 8.50
N GLN B 273 53.45 54.97 8.09
CA GLN B 273 53.08 54.56 6.74
C GLN B 273 53.72 55.45 5.70
N LEU B 274 53.73 56.76 5.95
CA LEU B 274 54.47 57.66 5.05
C LEU B 274 55.96 57.37 5.12
N ASP B 275 56.48 57.10 6.32
CA ASP B 275 57.89 56.76 6.45
C ASP B 275 58.25 55.51 5.64
N ARG B 276 57.40 54.49 5.69
CA ARG B 276 57.65 53.27 4.93
C ARG B 276 57.66 53.55 3.44
N MET B 277 56.64 54.27 2.94
CA MET B 277 56.56 54.53 1.51
C MET B 277 57.70 55.41 1.03
N ALA B 278 58.08 56.43 1.80
CA ALA B 278 59.16 57.31 1.36
C ALA B 278 60.51 56.60 1.47
N GLN B 279 60.70 55.79 2.51
CA GLN B 279 61.95 55.03 2.64
C GLN B 279 62.11 54.03 1.49
N GLY B 280 61.00 53.43 1.04
CA GLY B 280 61.06 52.56 -0.11
C GLY B 280 61.59 53.25 -1.34
N MET B 281 61.19 54.51 -1.56
CA MET B 281 61.71 55.24 -2.72
C MET B 281 63.18 55.60 -2.55
N VAL B 282 63.62 55.87 -1.32
CA VAL B 282 65.04 56.12 -1.09
C VAL B 282 65.85 54.84 -1.36
N ASP B 283 65.35 53.69 -0.90
CA ASP B 283 66.07 52.44 -1.13
C ASP B 283 66.17 52.13 -2.61
N LEU B 284 65.13 52.45 -3.38
CA LEU B 284 65.20 52.24 -4.82
C LEU B 284 66.35 53.02 -5.43
N VAL B 285 66.46 54.30 -5.06
CA VAL B 285 67.56 55.13 -5.55
C VAL B 285 68.90 54.56 -5.11
N ASN B 286 68.98 54.10 -3.85
CA ASN B 286 70.23 53.54 -3.36
C ASN B 286 70.58 52.24 -4.06
N LYS B 287 69.58 51.39 -4.34
CA LYS B 287 69.86 50.15 -5.03
C LYS B 287 70.39 50.38 -6.43
N THR B 288 69.98 51.47 -7.07
CA THR B 288 70.35 51.75 -8.46
C THR B 288 71.51 52.75 -8.57
N ARG B 289 72.07 53.21 -7.45
CA ARG B 289 73.02 54.32 -7.50
C ARG B 289 74.29 53.94 -8.24
N SER B 290 74.84 52.75 -7.95
CA SER B 290 76.08 52.32 -8.60
C SER B 290 75.93 52.28 -10.11
N ALA B 291 74.88 51.61 -10.60
CA ALA B 291 74.68 51.48 -12.04
C ALA B 291 74.51 52.83 -12.71
N MET B 292 73.93 53.80 -12.01
CA MET B 292 73.74 55.13 -12.55
C MET B 292 74.96 56.03 -12.35
N SER B 293 75.97 55.56 -11.63
CA SER B 293 77.21 56.33 -11.45
C SER B 293 78.30 55.94 -12.45
N ILE B 294 78.03 54.98 -13.33
CA ILE B 294 78.98 54.61 -14.37
C ILE B 294 78.99 55.70 -15.44
N ASP B 295 80.16 56.28 -15.69
CA ASP B 295 80.30 57.35 -16.67
C ASP B 295 80.82 56.79 -17.98
N ASP B 296 80.22 57.23 -19.09
CA ASP B 296 80.69 56.93 -20.43
C ASP B 296 80.85 55.44 -20.68
N TYR B 297 79.78 54.69 -20.36
CA TYR B 297 79.70 53.29 -20.74
C TYR B 297 78.90 53.20 -22.03
N HIS B 298 79.43 52.45 -22.99
CA HIS B 298 78.75 52.20 -24.27
C HIS B 298 78.60 50.71 -24.42
N PHE B 299 77.37 50.24 -24.60
CA PHE B 299 77.14 48.80 -24.70
C PHE B 299 77.56 48.30 -26.07
N ASP B 300 77.97 47.03 -26.11
CA ASP B 300 78.44 46.39 -27.33
C ASP B 300 77.26 46.14 -28.25
N VAL B 301 77.21 46.88 -29.37
CA VAL B 301 76.09 46.77 -30.29
C VAL B 301 76.01 45.37 -30.88
N ASP B 302 77.15 44.85 -31.34
CA ASP B 302 77.15 43.55 -32.02
C ASP B 302 76.84 42.42 -31.05
N ALA B 303 77.36 42.49 -29.82
CA ALA B 303 77.10 41.43 -28.85
C ALA B 303 75.61 41.36 -28.48
N HIS B 304 74.98 42.52 -28.27
CA HIS B 304 73.56 42.53 -27.95
C HIS B 304 72.72 42.10 -29.15
N ASP B 305 73.17 42.41 -30.36
CA ASP B 305 72.49 41.96 -31.56
C ASP B 305 72.59 40.44 -31.71
N GLU B 306 73.66 39.83 -31.18
CA GLU B 306 73.78 38.37 -31.22
C GLU B 306 72.88 37.71 -30.19
N VAL B 307 72.73 38.32 -29.00
CA VAL B 307 71.77 37.82 -28.02
C VAL B 307 70.36 37.92 -28.58
N ALA B 308 70.04 39.03 -29.25
CA ALA B 308 68.74 39.14 -29.90
C ALA B 308 68.58 38.10 -30.99
N HIS B 309 69.67 37.77 -31.68
CA HIS B 309 69.63 36.73 -32.71
C HIS B 309 69.32 35.37 -32.10
N GLN B 310 70.01 35.02 -31.01
CA GLN B 310 69.77 33.73 -30.38
C GLN B 310 68.38 33.67 -29.76
N ALA B 311 67.93 34.75 -29.13
CA ALA B 311 66.57 34.77 -28.60
C ALA B 311 65.56 34.60 -29.73
N ALA B 312 65.84 35.19 -30.89
CA ALA B 312 64.91 35.08 -32.02
C ALA B 312 64.82 33.65 -32.54
N ILE B 313 65.95 32.95 -32.59
CA ILE B 313 65.95 31.56 -33.04
C ILE B 313 65.04 30.73 -32.15
N GLU B 314 65.16 30.90 -30.83
CA GLU B 314 64.39 30.13 -29.87
C GLU B 314 63.00 30.70 -29.63
N SER B 315 62.55 31.66 -30.44
CA SER B 315 61.19 32.17 -30.33
C SER B 315 60.26 31.54 -31.35
N MET B 316 60.78 30.63 -32.18
CA MET B 316 59.99 30.00 -33.23
C MET B 316 59.49 28.64 -32.80
N VAL B 317 58.24 28.35 -33.11
CA VAL B 317 57.66 27.03 -32.90
C VAL B 317 57.35 26.43 -34.27
N LEU B 318 57.92 25.26 -34.54
CA LEU B 318 57.59 24.54 -35.77
C LEU B 318 56.30 23.77 -35.51
N LEU B 319 55.22 24.18 -36.19
CA LEU B 319 53.92 23.54 -35.98
C LEU B 319 53.70 22.35 -36.91
N LYS B 320 54.13 22.45 -38.16
CA LYS B 320 53.88 21.42 -39.13
C LYS B 320 55.09 21.31 -40.06
N ASN B 321 55.35 20.10 -40.53
CA ASN B 321 56.50 19.85 -41.40
C ASN B 321 56.29 18.59 -42.23
N ASP B 322 55.29 18.58 -43.09
CA ASP B 322 55.02 17.42 -43.94
C ASP B 322 56.19 17.19 -44.87
N ASP B 323 56.54 15.92 -45.06
CA ASP B 323 57.59 15.51 -45.99
C ASP B 323 58.93 16.16 -45.69
N ASP B 324 59.09 16.70 -44.47
CA ASP B 324 60.32 17.38 -44.05
C ASP B 324 60.76 18.43 -45.06
N ILE B 325 59.82 19.30 -45.44
CA ILE B 325 60.13 20.39 -46.35
C ILE B 325 61.14 21.34 -45.70
N LEU B 326 61.15 21.40 -44.37
CA LEU B 326 62.16 22.06 -43.56
C LEU B 326 63.12 21.04 -42.95
N PRO B 327 64.43 21.33 -42.93
CA PRO B 327 65.02 22.55 -43.49
C PRO B 327 65.12 22.54 -45.02
N VAL B 328 65.19 23.72 -45.61
CA VAL B 328 65.30 23.86 -47.06
C VAL B 328 66.76 23.85 -47.45
N ALA B 329 67.07 23.22 -48.58
CA ALA B 329 68.43 23.20 -49.09
C ALA B 329 68.84 24.58 -49.57
N ALA B 330 70.08 24.96 -49.26
CA ALA B 330 70.62 26.24 -49.72
C ALA B 330 70.62 26.36 -51.24
N ASN B 331 70.64 25.22 -51.94
CA ASN B 331 70.74 25.15 -53.39
C ASN B 331 69.38 25.20 -54.10
N ALA B 332 68.27 25.28 -53.37
CA ALA B 332 66.95 25.19 -53.96
C ALA B 332 66.54 26.49 -54.66
N LYS B 333 65.56 26.36 -55.55
CA LYS B 333 64.96 27.49 -56.25
C LYS B 333 63.81 28.03 -55.39
N ILE B 334 63.99 29.21 -54.81
CA ILE B 334 63.08 29.72 -53.78
C ILE B 334 62.15 30.78 -54.37
N ALA B 335 60.87 30.68 -54.02
CA ALA B 335 59.89 31.73 -54.28
C ALA B 335 59.42 32.26 -52.93
N VAL B 336 59.74 33.52 -52.66
CA VAL B 336 59.36 34.19 -51.42
C VAL B 336 58.15 35.06 -51.70
N ILE B 337 57.06 34.81 -50.98
CA ILE B 337 55.78 35.49 -51.21
C ILE B 337 55.30 36.07 -49.89
N GLY B 338 54.82 37.31 -49.93
CA GLY B 338 54.30 37.93 -48.70
C GLY B 338 55.11 39.17 -48.36
N GLU B 339 54.39 40.28 -48.16
CA GLU B 339 55.06 41.55 -47.91
C GLU B 339 55.86 41.55 -46.62
N PHE B 340 55.51 40.68 -45.66
CA PHE B 340 56.25 40.62 -44.41
C PHE B 340 57.72 40.26 -44.62
N ALA B 341 58.04 39.57 -45.71
CA ALA B 341 59.43 39.22 -45.97
C ALA B 341 60.24 40.46 -46.37
N ARG B 342 59.58 41.45 -46.95
CA ARG B 342 60.20 42.73 -47.27
C ARG B 342 59.93 43.80 -46.23
N THR B 343 58.70 43.86 -45.69
CA THR B 343 58.32 44.81 -44.64
C THR B 343 57.98 44.02 -43.38
N PRO B 344 58.96 43.73 -42.53
CA PRO B 344 58.73 42.78 -41.44
C PRO B 344 57.85 43.32 -40.33
N ARG B 345 57.12 42.41 -39.72
CA ARG B 345 56.38 42.66 -38.48
C ARG B 345 57.17 41.99 -37.35
N TYR B 346 57.79 42.81 -36.48
CA TYR B 346 58.69 42.27 -35.48
C TYR B 346 58.51 42.84 -34.08
N GLN B 347 57.54 43.72 -33.86
CA GLN B 347 57.25 44.24 -32.53
C GLN B 347 55.79 44.70 -32.50
N GLY B 348 55.41 45.44 -31.45
CA GLY B 348 54.03 45.86 -31.27
C GLY B 348 53.70 47.27 -31.74
N SER B 351 53.08 54.66 -28.45
CA SER B 351 53.46 53.40 -29.08
C SER B 351 54.68 52.79 -28.38
N SER B 352 54.83 51.48 -28.51
CA SER B 352 55.93 50.74 -27.92
C SER B 352 57.10 50.55 -28.89
N HIS B 353 57.17 51.35 -29.95
CA HIS B 353 58.15 51.15 -31.00
C HIS B 353 59.56 51.41 -30.48
N ILE B 354 60.47 50.48 -30.74
CA ILE B 354 61.89 50.64 -30.45
C ILE B 354 62.61 50.81 -31.77
N THR B 355 63.37 51.87 -31.90
CA THR B 355 64.22 52.03 -33.08
C THR B 355 65.41 51.08 -32.94
N PRO B 356 65.48 50.01 -33.73
CA PRO B 356 66.53 49.00 -33.50
C PRO B 356 67.91 49.52 -33.88
N THR B 357 68.92 48.96 -33.21
CA THR B 357 70.31 49.28 -33.59
C THR B 357 70.61 48.81 -35.01
N LYS B 358 70.16 47.62 -35.37
CA LYS B 358 70.33 47.15 -36.75
C LYS B 358 69.19 46.18 -37.06
N MET B 359 68.65 46.30 -38.27
CA MET B 359 67.63 45.37 -38.72
C MET B 359 67.81 45.03 -40.19
N THR B 360 67.75 43.74 -40.50
CA THR B 360 67.83 43.24 -41.86
C THR B 360 66.59 42.39 -42.10
N SER B 361 65.82 42.73 -43.13
CA SER B 361 64.62 41.98 -43.43
C SER B 361 64.99 40.57 -43.92
N PHE B 362 63.97 39.74 -44.11
CA PHE B 362 64.23 38.38 -44.59
C PHE B 362 64.81 38.41 -46.01
N LEU B 363 64.30 39.29 -46.86
CA LEU B 363 64.83 39.40 -48.22
C LEU B 363 66.26 39.90 -48.20
N ASP B 364 66.52 41.01 -47.50
CA ASP B 364 67.87 41.55 -47.43
C ASP B 364 68.83 40.56 -46.77
N THR B 365 68.31 39.67 -45.91
CA THR B 365 69.17 38.67 -45.30
C THR B 365 69.61 37.63 -46.32
N LEU B 366 68.68 37.12 -47.13
CA LEU B 366 69.02 36.16 -48.16
C LEU B 366 69.91 36.78 -49.22
N ALA B 367 69.65 38.03 -49.59
CA ALA B 367 70.51 38.71 -50.55
C ALA B 367 71.93 38.81 -50.01
N ALA B 368 72.06 39.20 -48.74
CA ALA B 368 73.38 39.29 -48.12
C ALA B 368 74.03 37.92 -47.94
N ARG B 369 73.26 36.84 -48.04
CA ARG B 369 73.80 35.49 -47.89
C ARG B 369 74.04 34.80 -49.23
N GLY B 370 73.87 35.52 -50.33
CA GLY B 370 74.07 34.96 -51.64
C GLY B 370 72.95 34.07 -52.12
N VAL B 371 71.98 33.76 -51.27
CA VAL B 371 70.82 32.97 -51.68
C VAL B 371 69.95 33.86 -52.55
N ASP B 372 69.91 33.56 -53.85
CA ASP B 372 69.10 34.31 -54.78
C ASP B 372 67.72 33.68 -54.84
N VAL B 373 66.68 34.50 -54.67
CA VAL B 373 65.30 34.05 -54.63
C VAL B 373 64.48 34.93 -55.57
N ALA B 374 63.24 34.51 -55.80
CA ALA B 374 62.27 35.30 -56.54
C ALA B 374 61.19 35.77 -55.57
N PHE B 375 60.98 37.08 -55.52
CA PHE B 375 60.03 37.68 -54.58
C PHE B 375 58.79 38.15 -55.32
N ALA B 376 57.63 37.97 -54.68
CA ALA B 376 56.39 38.53 -55.15
C ALA B 376 55.66 38.94 -53.87
N PRO B 377 55.24 40.21 -53.76
CA PRO B 377 54.53 40.64 -52.54
C PRO B 377 53.27 39.84 -52.27
N GLY B 378 52.51 39.50 -53.31
CA GLY B 378 51.28 38.74 -53.12
C GLY B 378 50.13 39.55 -52.58
N PHE B 379 50.37 40.32 -51.52
CA PHE B 379 49.32 41.11 -50.90
C PHE B 379 49.94 42.34 -50.27
N THR B 380 49.09 43.27 -49.87
CA THR B 380 49.46 44.48 -49.14
C THR B 380 49.07 44.36 -47.68
N LEU B 381 49.75 45.12 -46.82
CA LEU B 381 49.54 45.10 -45.38
C LEU B 381 48.45 46.06 -44.93
N ASP B 382 47.46 46.33 -45.78
CA ASP B 382 46.36 47.22 -45.50
C ASP B 382 45.05 46.45 -45.51
N LEU B 383 43.97 47.18 -45.24
CA LEU B 383 42.62 46.64 -45.28
C LEU B 383 42.04 46.64 -46.69
N GLU B 384 42.82 47.05 -47.69
CA GLU B 384 42.35 47.07 -49.06
C GLU B 384 41.94 45.67 -49.51
N PRO B 385 41.01 45.56 -50.45
CA PRO B 385 40.63 44.24 -50.96
C PRO B 385 41.79 43.54 -51.64
N ALA B 386 41.57 42.28 -52.00
CA ALA B 386 42.61 41.50 -52.64
C ALA B 386 42.92 42.08 -54.01
N ASP B 387 44.20 42.14 -54.36
CA ASP B 387 44.65 42.60 -55.67
C ASP B 387 44.88 41.37 -56.54
N ARG B 388 44.01 41.18 -57.55
CA ARG B 388 44.15 40.05 -58.44
C ARG B 388 45.48 40.08 -59.20
N THR B 389 46.03 41.28 -59.41
CA THR B 389 47.30 41.40 -60.13
C THR B 389 48.46 40.88 -59.28
N LEU B 390 48.57 41.36 -58.04
CA LEU B 390 49.61 40.85 -57.14
C LEU B 390 49.41 39.37 -56.86
N GLU B 391 48.16 38.94 -56.75
CA GLU B 391 47.87 37.53 -56.50
C GLU B 391 48.32 36.67 -57.67
N ALA B 392 48.02 37.11 -58.90
CA ALA B 392 48.45 36.36 -60.09
C ALA B 392 49.97 36.37 -60.23
N GLU B 393 50.61 37.51 -59.93
CA GLU B 393 52.07 37.56 -59.94
C GLU B 393 52.66 36.58 -58.94
N ALA B 394 52.04 36.46 -57.76
CA ALA B 394 52.54 35.50 -56.76
C ALA B 394 52.33 34.06 -57.20
N VAL B 395 51.29 33.80 -58.00
CA VAL B 395 51.05 32.44 -58.46
C VAL B 395 52.09 32.04 -59.51
N GLU B 396 52.37 32.93 -60.47
CA GLU B 396 53.40 32.64 -61.47
C GLU B 396 54.78 32.53 -60.85
N THR B 397 55.06 33.32 -59.83
CA THR B 397 56.35 33.24 -59.15
C THR B 397 56.51 31.91 -58.42
N ALA B 398 55.41 31.35 -57.92
CA ALA B 398 55.48 30.09 -57.19
C ALA B 398 55.41 28.87 -58.10
N LYS B 399 54.75 28.97 -59.26
CA LYS B 399 54.70 27.80 -60.14
C LYS B 399 56.07 27.48 -60.73
N ASN B 400 56.94 28.47 -60.87
CA ASN B 400 58.31 28.25 -61.33
C ASN B 400 59.27 28.40 -60.16
N ALA B 401 59.23 27.41 -59.27
CA ALA B 401 60.08 27.38 -58.08
C ALA B 401 59.97 26.01 -57.43
N ASP B 402 61.07 25.58 -56.81
CA ASP B 402 61.08 24.32 -56.06
C ASP B 402 60.29 24.42 -54.77
N VAL B 403 60.57 25.47 -53.98
CA VAL B 403 59.98 25.64 -52.67
C VAL B 403 59.45 27.07 -52.56
N VAL B 404 58.30 27.23 -51.90
CA VAL B 404 57.67 28.52 -51.66
C VAL B 404 57.76 28.82 -50.17
N LEU B 405 58.43 29.91 -49.83
CA LEU B 405 58.44 30.46 -48.47
C LEU B 405 57.44 31.61 -48.45
N MET B 406 56.25 31.38 -47.89
CA MET B 406 55.20 32.39 -47.84
C MET B 406 55.11 32.99 -46.44
N PHE B 407 55.17 34.32 -46.37
CA PHE B 407 55.16 35.03 -45.09
C PHE B 407 53.79 35.69 -44.88
N LEU B 408 53.03 35.16 -43.92
CA LEU B 408 51.69 35.61 -43.60
C LEU B 408 51.64 36.06 -42.13
N GLY B 409 50.50 36.59 -41.73
CA GLY B 409 50.31 36.98 -40.36
C GLY B 409 49.48 38.24 -40.25
N LEU B 410 49.57 38.89 -39.09
CA LEU B 410 48.73 40.04 -38.76
C LEU B 410 49.47 41.34 -39.03
N PRO B 411 48.93 42.24 -39.85
CA PRO B 411 49.50 43.58 -39.94
C PRO B 411 49.29 44.35 -38.64
N GLU B 412 49.98 45.49 -38.55
CA GLU B 412 49.97 46.24 -37.29
C GLU B 412 48.56 46.69 -36.91
N ALA B 413 47.76 47.11 -37.89
CA ALA B 413 46.42 47.58 -37.57
C ALA B 413 45.50 46.45 -37.14
N ALA B 414 45.87 45.21 -37.44
CA ALA B 414 45.12 44.06 -36.96
C ALA B 414 45.40 43.77 -35.50
N GLU B 415 46.38 44.45 -34.91
CA GLU B 415 46.70 44.34 -33.49
C GLU B 415 46.83 45.75 -32.91
N SER B 416 45.79 46.55 -33.10
CA SER B 416 45.83 47.94 -32.67
C SER B 416 46.02 48.03 -31.16
N GLU B 417 46.93 48.90 -30.74
CA GLU B 417 47.23 49.10 -29.32
C GLU B 417 46.02 49.67 -28.60
N GLY B 418 45.81 49.23 -27.36
CA GLY B 418 44.68 49.68 -26.55
C GLY B 418 43.36 49.01 -26.85
N PHE B 419 43.35 47.98 -27.67
CA PHE B 419 42.14 47.27 -28.05
C PHE B 419 42.38 45.77 -27.94
N ASP B 420 41.31 45.03 -27.64
CA ASP B 420 41.34 43.58 -27.78
C ASP B 420 40.97 43.20 -29.21
N ARG B 421 41.55 42.10 -29.68
CA ARG B 421 41.16 41.58 -30.97
C ARG B 421 39.73 41.06 -30.91
N GLU B 422 39.08 40.99 -32.07
CA GLU B 422 37.77 40.35 -32.19
C GLU B 422 37.77 39.06 -33.00
N THR B 423 38.89 38.69 -33.60
CA THR B 423 38.98 37.44 -34.34
C THR B 423 40.36 36.85 -34.17
N LEU B 424 40.44 35.52 -34.30
CA LEU B 424 41.71 34.81 -34.32
C LEU B 424 42.31 34.71 -35.72
N ASP B 425 41.52 34.92 -36.75
CA ASP B 425 41.94 34.64 -38.12
C ASP B 425 42.96 35.65 -38.63
N ILE B 426 43.81 35.20 -39.53
CA ILE B 426 44.67 36.08 -40.31
C ILE B 426 43.80 36.71 -41.39
N PRO B 427 44.22 37.79 -42.03
CA PRO B 427 43.38 38.43 -43.06
C PRO B 427 42.95 37.44 -44.14
N ALA B 428 41.70 37.57 -44.58
CA ALA B 428 41.14 36.62 -45.53
C ALA B 428 41.85 36.66 -46.88
N LYS B 429 42.29 37.83 -47.32
CA LYS B 429 42.97 37.91 -48.61
C LYS B 429 44.30 37.18 -48.59
N GLN B 430 44.94 37.09 -47.43
CA GLN B 430 46.13 36.25 -47.30
C GLN B 430 45.76 34.78 -47.45
N VAL B 431 44.58 34.39 -46.93
CA VAL B 431 44.10 33.03 -47.12
C VAL B 431 43.80 32.77 -48.59
N GLU B 432 43.16 33.74 -49.26
CA GLU B 432 42.88 33.58 -50.69
C GLU B 432 44.17 33.44 -51.50
N LEU B 433 45.19 34.23 -51.17
CA LEU B 433 46.45 34.12 -51.88
C LEU B 433 47.12 32.76 -51.64
N LEU B 434 47.10 32.29 -50.39
CA LEU B 434 47.68 30.99 -50.09
C LEU B 434 46.95 29.87 -50.83
N LYS B 435 45.63 29.92 -50.87
CA LYS B 435 44.86 28.91 -51.61
C LYS B 435 45.21 28.94 -53.10
N ALA B 436 45.37 30.13 -53.67
CA ALA B 436 45.69 30.24 -55.08
C ALA B 436 47.09 29.73 -55.39
N VAL B 437 48.07 30.06 -54.55
CA VAL B 437 49.42 29.55 -54.73
C VAL B 437 49.47 28.05 -54.52
N ALA B 438 48.74 27.55 -53.52
CA ALA B 438 48.76 26.12 -53.23
C ALA B 438 48.21 25.29 -54.38
N ALA B 439 47.36 25.88 -55.22
CA ALA B 439 46.80 25.15 -56.34
C ALA B 439 47.85 24.85 -57.41
N GLU B 440 48.92 25.64 -57.46
CA GLU B 440 49.96 25.45 -58.47
C GLU B 440 51.26 24.92 -57.90
N ASN B 441 51.45 24.95 -56.59
CA ASN B 441 52.68 24.44 -55.98
C ASN B 441 52.38 24.04 -54.55
N LYS B 442 52.57 22.76 -54.24
CA LYS B 442 52.26 22.23 -52.92
C LYS B 442 53.41 22.39 -51.93
N ASN B 443 54.61 22.70 -52.41
CA ASN B 443 55.78 22.81 -51.54
C ASN B 443 55.84 24.22 -50.94
N ILE B 444 54.95 24.45 -49.99
CA ILE B 444 54.78 25.77 -49.37
C ILE B 444 55.18 25.68 -47.90
N VAL B 445 56.01 26.63 -47.47
CA VAL B 445 56.25 26.88 -46.05
C VAL B 445 55.61 28.21 -45.72
N VAL B 446 54.68 28.21 -44.78
CA VAL B 446 54.04 29.43 -44.28
C VAL B 446 54.76 29.86 -43.02
N VAL B 447 55.25 31.09 -43.00
CA VAL B 447 55.86 31.68 -41.81
C VAL B 447 54.87 32.68 -41.24
N LEU B 448 54.55 32.54 -39.96
CA LEU B 448 53.54 33.38 -39.31
C LEU B 448 54.20 34.48 -38.49
N SER B 449 53.69 35.70 -38.63
CA SER B 449 54.07 36.84 -37.82
C SER B 449 52.82 37.34 -37.11
N ASN B 450 52.80 37.25 -35.78
CA ASN B 450 51.62 37.65 -35.01
C ASN B 450 51.99 37.81 -33.55
N GLY B 451 51.40 38.82 -32.90
CA GLY B 451 51.65 39.04 -31.49
C GLY B 451 50.91 38.08 -30.58
N SER B 452 49.81 37.49 -31.03
CA SER B 452 49.07 36.52 -30.23
C SER B 452 48.48 35.46 -31.16
N VAL B 453 47.84 34.46 -30.55
CA VAL B 453 47.43 33.25 -31.26
C VAL B 453 46.56 33.60 -32.48
N VAL B 454 46.93 33.04 -33.63
CA VAL B 454 46.09 33.07 -34.83
C VAL B 454 45.60 31.66 -35.09
N SER B 455 44.45 31.56 -35.75
CA SER B 455 43.95 30.27 -36.18
C SER B 455 44.83 29.72 -37.30
N VAL B 456 45.02 28.39 -37.29
CA VAL B 456 45.87 27.71 -38.25
C VAL B 456 45.07 26.68 -39.06
N ALA B 457 44.25 25.88 -38.38
CA ALA B 457 43.48 24.84 -39.06
C ALA B 457 42.63 25.33 -40.24
N PRO B 458 42.05 26.55 -40.25
CA PRO B 458 41.24 26.93 -41.43
C PRO B 458 42.01 26.89 -42.75
N TRP B 459 43.33 27.07 -42.74
CA TRP B 459 44.10 27.07 -43.98
C TRP B 459 45.28 26.11 -43.99
N ALA B 460 45.53 25.39 -42.89
CA ALA B 460 46.74 24.58 -42.77
C ALA B 460 46.84 23.53 -43.86
N GLY B 461 45.72 23.12 -44.46
CA GLY B 461 45.76 22.13 -45.52
C GLY B 461 46.49 22.59 -46.77
N ASN B 462 46.71 23.89 -46.91
CA ASN B 462 47.39 24.42 -48.08
C ASN B 462 48.90 24.56 -47.89
N ALA B 463 49.41 24.14 -46.73
CA ALA B 463 50.83 24.28 -46.41
C ALA B 463 51.35 22.96 -45.87
N LYS B 464 52.50 22.52 -46.38
CA LYS B 464 53.18 21.35 -45.81
C LYS B 464 53.95 21.71 -44.55
N GLY B 465 54.49 22.92 -44.49
CA GLY B 465 55.24 23.36 -43.33
C GLY B 465 54.68 24.66 -42.79
N ILE B 466 54.52 24.71 -41.46
CA ILE B 466 53.95 25.87 -40.78
C ILE B 466 54.88 26.24 -39.64
N LEU B 467 55.55 27.38 -39.77
CA LEU B 467 56.46 27.88 -38.75
C LEU B 467 55.84 29.11 -38.12
N GLU B 468 55.53 29.03 -36.84
CA GLU B 468 54.96 30.14 -36.08
C GLU B 468 56.12 30.93 -35.47
N SER B 469 56.38 32.12 -35.99
CA SER B 469 57.53 32.90 -35.54
C SER B 469 57.14 34.07 -34.64
N TRP B 470 55.86 34.20 -34.29
CA TRP B 470 55.36 35.23 -33.37
C TRP B 470 55.90 36.61 -33.73
N LEU B 471 56.56 37.25 -32.77
CA LEU B 471 57.30 38.48 -32.98
C LEU B 471 58.75 38.26 -32.56
N LEU B 472 59.68 38.53 -33.47
CA LEU B 472 61.07 38.13 -33.29
C LEU B 472 62.01 39.26 -32.91
N GLY B 473 61.56 40.51 -33.01
CA GLY B 473 62.47 41.60 -32.73
C GLY B 473 63.35 41.90 -33.92
N GLN B 474 64.40 42.67 -33.65
CA GLN B 474 65.21 43.24 -34.72
C GLN B 474 66.02 42.19 -35.46
N ALA B 475 66.23 41.02 -34.88
CA ALA B 475 67.06 39.99 -35.48
C ALA B 475 66.26 38.84 -36.07
N GLY B 476 64.99 39.08 -36.42
CA GLY B 476 64.17 38.00 -36.96
C GLY B 476 64.66 37.50 -38.31
N GLY B 477 65.13 38.42 -39.16
CA GLY B 477 65.62 38.07 -40.47
C GLY B 477 66.70 37.01 -40.48
N PRO B 478 67.86 37.32 -39.89
CA PRO B 478 68.94 36.32 -39.82
C PRO B 478 68.53 35.05 -39.11
N ALA B 479 67.72 35.15 -38.06
CA ALA B 479 67.30 33.96 -37.32
C ALA B 479 66.41 33.05 -38.16
N LEU B 480 65.50 33.64 -38.94
CA LEU B 480 64.64 32.82 -39.80
C LEU B 480 65.44 32.07 -40.84
N ALA B 481 66.46 32.72 -41.41
CA ALA B 481 67.30 32.05 -42.40
C ALA B 481 68.04 30.87 -41.78
N ASP B 482 68.50 31.02 -40.53
CA ASP B 482 69.23 29.94 -39.87
C ASP B 482 68.33 28.73 -39.65
N VAL B 483 67.05 28.97 -39.35
CA VAL B 483 66.12 27.88 -39.08
C VAL B 483 65.63 27.26 -40.37
N ILE B 484 65.18 28.10 -41.32
CA ILE B 484 64.57 27.58 -42.54
C ILE B 484 65.57 26.78 -43.36
N PHE B 485 66.84 27.15 -43.34
CA PHE B 485 67.85 26.47 -44.12
C PHE B 485 68.71 25.50 -43.31
N GLY B 486 68.34 25.25 -42.05
CA GLY B 486 68.93 24.15 -41.30
C GLY B 486 70.26 24.41 -40.65
N LYS B 487 70.75 25.66 -40.64
CA LYS B 487 71.95 25.95 -39.87
C LYS B 487 71.73 25.66 -38.39
N VAL B 488 70.49 25.80 -37.92
CA VAL B 488 70.10 25.47 -36.55
C VAL B 488 68.72 24.82 -36.59
N SER B 489 68.46 23.93 -35.61
CA SER B 489 67.12 23.35 -35.59
C SER B 489 66.18 24.17 -34.71
N PRO B 490 64.92 24.33 -35.11
CA PRO B 490 63.94 25.00 -34.24
C PRO B 490 63.64 24.16 -33.01
N SER B 491 63.40 24.85 -31.88
CA SER B 491 63.19 24.15 -30.62
C SER B 491 62.04 24.72 -29.80
N GLY B 492 61.18 25.54 -30.39
CA GLY B 492 60.15 26.22 -29.62
C GLY B 492 59.00 25.32 -29.24
N LYS B 493 58.47 25.55 -28.05
CA LYS B 493 57.27 24.89 -27.55
C LYS B 493 56.21 25.95 -27.33
N LEU B 494 54.96 25.62 -27.64
CA LEU B 494 53.88 26.60 -27.52
C LEU B 494 53.71 27.03 -26.07
N ALA B 495 53.78 28.34 -25.83
CA ALA B 495 53.41 28.91 -24.55
C ALA B 495 51.94 29.28 -24.48
N GLN B 496 51.19 28.97 -25.53
CA GLN B 496 49.78 29.32 -25.64
C GLN B 496 49.09 28.22 -26.43
N THR B 497 47.86 27.89 -26.01
CA THR B 497 47.06 26.93 -26.77
C THR B 497 46.56 27.57 -28.06
N ILE B 498 46.64 26.82 -29.15
CA ILE B 498 46.02 27.21 -30.42
C ILE B 498 44.73 26.43 -30.56
N PRO B 499 43.56 27.03 -30.37
CA PRO B 499 42.30 26.30 -30.37
C PRO B 499 41.69 26.15 -31.77
N MET B 500 40.67 25.29 -31.85
CA MET B 500 39.90 25.15 -33.08
C MET B 500 39.05 26.38 -33.36
N ASN B 501 38.63 27.08 -32.31
CA ASN B 501 37.67 28.16 -32.40
C ASN B 501 37.72 28.94 -31.10
N ILE B 502 37.64 30.27 -31.20
CA ILE B 502 37.64 31.09 -30.00
C ILE B 502 36.45 30.76 -29.12
N ASN B 503 35.36 30.27 -29.71
CA ASN B 503 34.18 29.92 -28.93
C ASN B 503 34.36 28.63 -28.15
N ASP B 504 35.48 27.93 -28.32
CA ASP B 504 35.81 26.79 -27.47
C ASP B 504 36.43 27.22 -26.15
N ASP B 505 37.02 28.41 -26.12
CA ASP B 505 37.67 28.90 -24.92
C ASP B 505 36.62 29.12 -23.84
N PRO B 506 36.84 28.57 -22.63
CA PRO B 506 35.79 28.65 -21.59
C PRO B 506 35.56 30.05 -21.07
N SER B 507 36.42 31.00 -21.43
CA SER B 507 36.27 32.38 -21.00
C SER B 507 35.44 33.21 -21.96
N MET B 508 35.16 32.71 -23.17
CA MET B 508 34.52 33.53 -24.20
C MET B 508 33.13 34.00 -23.79
N ILE B 509 32.42 33.21 -22.97
CA ILE B 509 31.11 33.65 -22.49
C ILE B 509 31.26 34.92 -21.69
N ASN B 510 32.35 35.04 -20.93
CA ASN B 510 32.59 36.23 -20.14
C ASN B 510 33.79 37.01 -20.66
N TRP B 511 33.67 37.47 -21.91
CA TRP B 511 34.69 38.26 -22.60
C TRP B 511 34.01 39.17 -23.61
N PRO B 512 34.23 40.49 -23.52
CA PRO B 512 35.06 41.15 -22.52
C PRO B 512 34.27 41.63 -21.30
N GLY B 513 33.06 41.12 -21.10
CA GLY B 513 32.24 41.58 -19.98
C GLY B 513 31.25 42.66 -20.40
N GLU B 514 30.59 43.21 -19.39
CA GLU B 514 29.52 44.17 -19.62
C GLU B 514 29.31 45.03 -18.39
N GLU B 515 28.87 46.27 -18.63
CA GLU B 515 28.42 47.17 -17.57
C GLU B 515 29.44 47.30 -16.43
N GLY B 516 30.71 47.45 -16.81
CA GLY B 516 31.75 47.71 -15.84
C GLY B 516 32.29 46.51 -15.11
N HIS B 517 31.92 45.29 -15.52
CA HIS B 517 32.39 44.11 -14.83
C HIS B 517 32.56 42.96 -15.82
N VAL B 518 33.49 42.07 -15.49
CA VAL B 518 33.73 40.85 -16.24
C VAL B 518 33.91 39.72 -15.23
N ASP B 519 33.03 38.73 -15.29
CA ASP B 519 33.02 37.67 -14.29
C ASP B 519 33.88 36.51 -14.80
N TYR B 520 34.96 36.20 -14.09
CA TYR B 520 35.83 35.09 -14.49
C TYR B 520 35.13 33.78 -14.13
N GLY B 521 34.07 33.49 -14.88
CA GLY B 521 33.22 32.37 -14.54
C GLY B 521 33.87 31.02 -14.72
N GLU B 522 34.96 30.95 -15.49
CA GLU B 522 35.67 29.70 -15.71
C GLU B 522 36.52 29.29 -14.52
N GLY B 523 36.77 30.19 -13.56
CA GLY B 523 37.54 29.81 -12.39
C GLY B 523 38.98 29.49 -12.74
N VAL B 524 39.46 28.33 -12.28
CA VAL B 524 40.83 27.90 -12.56
C VAL B 524 41.00 27.24 -13.92
N PHE B 525 39.90 27.01 -14.65
CA PHE B 525 39.96 26.26 -15.91
C PHE B 525 40.24 27.24 -17.05
N VAL B 526 41.52 27.60 -17.16
CA VAL B 526 42.00 28.53 -18.16
C VAL B 526 42.92 27.76 -19.11
N GLY B 527 42.73 27.98 -20.41
CA GLY B 527 43.63 27.40 -21.41
C GLY B 527 43.56 25.88 -21.41
N TYR B 528 44.74 25.25 -21.44
CA TYR B 528 44.79 23.79 -21.48
C TYR B 528 44.24 23.15 -20.23
N ARG B 529 44.16 23.91 -19.13
CA ARG B 529 43.52 23.40 -17.92
C ARG B 529 42.07 22.99 -18.20
N TYR B 530 41.39 23.73 -19.07
CA TYR B 530 40.05 23.35 -19.50
C TYR B 530 40.09 22.32 -20.62
N TYR B 531 40.93 22.55 -21.62
CA TYR B 531 40.93 21.69 -22.80
C TYR B 531 41.29 20.25 -22.43
N ASP B 532 42.30 20.06 -21.60
CA ASP B 532 42.71 18.71 -21.25
C ASP B 532 41.77 18.04 -20.27
N THR B 533 40.94 18.82 -19.56
CA THR B 533 40.03 18.29 -18.56
C THR B 533 38.70 17.86 -19.15
N TYR B 534 38.20 18.58 -20.14
CA TYR B 534 36.87 18.31 -20.68
C TYR B 534 36.94 17.71 -22.09
N ASP B 535 38.07 17.08 -22.43
CA ASP B 535 38.18 16.25 -23.62
C ASP B 535 37.82 17.03 -24.89
N LYS B 536 38.43 18.20 -25.02
CA LYS B 536 38.20 19.06 -26.16
C LYS B 536 39.38 18.97 -27.13
N ALA B 537 39.06 18.95 -28.42
CA ALA B 537 40.11 19.02 -29.42
C ALA B 537 40.71 20.42 -29.44
N VAL B 538 42.02 20.48 -29.74
CA VAL B 538 42.69 21.76 -29.94
C VAL B 538 43.48 21.65 -31.24
N ASP B 539 43.85 22.81 -31.78
CA ASP B 539 44.62 22.80 -33.03
C ASP B 539 46.04 22.34 -32.78
N TYR B 540 46.74 23.01 -31.87
CA TYR B 540 48.06 22.61 -31.43
C TYR B 540 48.05 22.82 -29.93
N PRO B 541 48.44 21.80 -29.16
CA PRO B 541 48.28 21.87 -27.70
C PRO B 541 49.39 22.66 -27.03
N PHE B 542 49.11 23.06 -25.80
CA PHE B 542 50.09 23.74 -24.96
C PHE B 542 51.35 22.90 -24.85
N GLY B 543 52.49 23.54 -25.00
CA GLY B 543 53.77 22.86 -24.93
C GLY B 543 54.18 22.09 -26.18
N PHE B 544 53.49 22.27 -27.30
CA PHE B 544 53.80 21.53 -28.51
C PHE B 544 54.78 22.29 -29.40
N GLY B 545 55.60 21.53 -30.11
CA GLY B 545 56.57 22.07 -31.04
C GLY B 545 57.37 20.98 -31.71
N LEU B 546 57.60 21.10 -33.01
CA LEU B 546 58.34 20.11 -33.78
C LEU B 546 59.83 20.46 -33.82
N SER B 547 60.62 19.51 -34.33
CA SER B 547 62.07 19.66 -34.40
C SER B 547 62.61 19.00 -35.66
N TYR B 548 63.84 19.40 -36.04
CA TYR B 548 64.55 18.69 -37.09
C TYR B 548 65.17 17.39 -36.58
N ALA B 549 65.16 17.17 -35.27
CA ALA B 549 65.71 15.98 -34.64
C ALA B 549 64.57 15.12 -34.09
N THR B 550 64.95 13.92 -33.65
CA THR B 550 64.04 13.03 -32.96
C THR B 550 64.61 12.75 -31.57
N PHE B 551 63.73 12.56 -30.60
CA PHE B 551 64.16 12.35 -29.23
C PHE B 551 63.41 11.18 -28.62
N ALA B 552 64.04 10.58 -27.61
CA ALA B 552 63.46 9.48 -26.86
C ALA B 552 63.70 9.72 -25.38
N ILE B 553 62.67 9.44 -24.58
CA ILE B 553 62.72 9.58 -23.13
C ILE B 553 62.52 8.18 -22.54
N ASP B 554 63.45 7.76 -21.68
CA ASP B 554 63.27 6.51 -20.96
C ASP B 554 63.96 6.63 -19.60
N GLY B 555 64.01 5.53 -18.86
CA GLY B 555 64.60 5.57 -17.53
C GLY B 555 63.87 6.51 -16.59
N VAL B 556 62.58 6.73 -16.80
CA VAL B 556 61.81 7.65 -15.97
C VAL B 556 61.53 7.01 -14.62
N ASN B 557 61.92 7.69 -13.55
CA ASN B 557 61.71 7.19 -12.20
C ASN B 557 61.23 8.33 -11.31
N VAL B 558 60.08 8.15 -10.68
CA VAL B 558 59.49 9.12 -9.76
C VAL B 558 59.53 8.53 -8.36
N ALA B 559 60.09 9.28 -7.40
CA ALA B 559 60.28 8.77 -6.06
C ALA B 559 59.71 9.75 -5.05
N LYS B 560 59.05 9.20 -4.03
CA LYS B 560 58.54 10.01 -2.92
C LYS B 560 59.70 10.43 -2.02
N THR B 561 59.77 11.72 -1.70
CA THR B 561 60.84 12.26 -0.87
C THR B 561 60.35 12.88 0.43
N GLY B 562 59.07 12.77 0.73
CA GLY B 562 58.53 13.35 1.94
C GLY B 562 57.06 13.04 2.05
N ALA B 563 56.41 13.66 3.04
CA ALA B 563 54.98 13.44 3.23
C ALA B 563 54.18 13.83 1.99
N ASN B 564 54.59 14.92 1.33
CA ASN B 564 53.88 15.45 0.18
C ASN B 564 54.86 16.00 -0.85
N THR B 565 56.00 15.35 -1.01
CA THR B 565 56.98 15.77 -2.00
C THR B 565 57.51 14.57 -2.77
N ALA B 566 57.98 14.83 -3.99
CA ALA B 566 58.46 13.79 -4.86
C ALA B 566 59.67 14.29 -5.64
N HIS B 567 60.33 13.36 -6.31
CA HIS B 567 61.52 13.64 -7.10
C HIS B 567 61.45 12.82 -8.38
N VAL B 568 61.75 13.46 -9.50
CA VAL B 568 61.64 12.86 -10.81
C VAL B 568 63.03 12.75 -11.42
N THR B 569 63.32 11.60 -12.03
CA THR B 569 64.57 11.40 -12.75
C THR B 569 64.26 10.88 -14.14
N ALA B 570 64.88 11.46 -15.15
CA ALA B 570 64.62 11.03 -16.51
C ALA B 570 65.87 11.19 -17.36
N THR B 571 65.97 10.38 -18.41
CA THR B 571 67.04 10.45 -19.39
C THR B 571 66.44 10.76 -20.75
N VAL B 572 66.97 11.77 -21.41
CA VAL B 572 66.53 12.16 -22.74
C VAL B 572 67.70 11.97 -23.69
N THR B 573 67.42 11.42 -24.86
CA THR B 573 68.45 11.02 -25.81
C THR B 573 68.08 11.49 -27.21
N ASN B 574 69.04 12.13 -27.88
CA ASN B 574 68.88 12.51 -29.28
C ASN B 574 69.12 11.29 -30.15
N THR B 575 68.04 10.75 -30.72
CA THR B 575 68.08 9.53 -31.52
C THR B 575 68.20 9.81 -33.02
N SER B 576 68.71 10.98 -33.39
CA SER B 576 68.79 11.40 -34.79
C SER B 576 70.24 11.76 -35.14
N ASP B 577 70.42 12.33 -36.34
CA ASP B 577 71.71 12.80 -36.81
C ASP B 577 71.83 14.31 -36.77
N VAL B 578 70.88 14.99 -36.15
CA VAL B 578 70.82 16.46 -36.15
C VAL B 578 70.96 16.94 -34.71
N ASP B 579 71.84 17.91 -34.50
CA ASP B 579 71.96 18.56 -33.20
C ASP B 579 70.77 19.48 -33.00
N ALA B 580 70.03 19.27 -31.90
CA ALA B 580 68.85 20.07 -31.63
C ALA B 580 68.53 19.99 -30.15
N ALA B 581 67.64 20.87 -29.71
CA ALA B 581 67.26 20.94 -28.31
C ALA B 581 65.88 20.34 -28.10
N GLU B 582 65.67 19.75 -26.93
CA GLU B 582 64.38 19.21 -26.56
C GLU B 582 63.97 19.79 -25.20
N THR B 583 62.69 20.11 -25.06
CA THR B 583 62.16 20.68 -23.82
C THR B 583 61.26 19.63 -23.19
N VAL B 584 61.79 18.98 -22.15
CA VAL B 584 61.05 17.96 -21.41
C VAL B 584 60.15 18.66 -20.40
N GLN B 585 58.92 18.17 -20.29
CA GLN B 585 57.90 18.81 -19.48
C GLN B 585 57.32 17.81 -18.50
N VAL B 586 57.03 18.29 -17.29
CA VAL B 586 56.46 17.47 -16.23
C VAL B 586 55.10 18.05 -15.86
N TYR B 587 54.07 17.23 -15.93
CA TYR B 587 52.74 17.62 -15.50
C TYR B 587 52.33 16.75 -14.31
N VAL B 588 51.49 17.31 -13.44
CA VAL B 588 50.98 16.60 -12.28
C VAL B 588 49.49 16.36 -12.52
N ALA B 589 49.09 15.09 -12.53
CA ALA B 589 47.70 14.69 -12.74
C ALA B 589 47.12 14.15 -11.45
N PRO B 590 46.35 14.93 -10.70
CA PRO B 590 45.85 14.46 -9.41
C PRO B 590 44.59 13.61 -9.53
N GLY B 591 44.39 12.78 -8.51
CA GLY B 591 43.16 12.04 -8.38
C GLY B 591 42.02 12.91 -7.88
N LYS B 592 40.86 12.28 -7.76
CA LYS B 592 39.64 12.95 -7.32
C LYS B 592 39.88 13.71 -6.03
N ALA B 593 39.49 14.98 -6.01
CA ALA B 593 39.72 15.88 -4.88
C ALA B 593 38.41 16.51 -4.40
N ALA B 594 38.50 17.18 -3.26
CA ALA B 594 37.32 17.87 -2.71
C ALA B 594 36.94 19.09 -3.52
N VAL B 595 37.82 19.58 -4.39
CA VAL B 595 37.53 20.71 -5.26
C VAL B 595 37.76 20.30 -6.71
N ALA B 596 37.15 21.07 -7.61
CA ALA B 596 37.35 20.85 -9.03
C ALA B 596 38.78 21.23 -9.42
N ARG B 597 39.44 20.34 -10.16
CA ARG B 597 40.81 20.58 -10.56
C ARG B 597 40.98 20.16 -12.02
N PRO B 598 41.80 20.87 -12.79
CA PRO B 598 42.13 20.39 -14.13
C PRO B 598 42.80 19.03 -14.06
N LYS B 599 42.67 18.27 -15.14
CA LYS B 599 43.22 16.91 -15.14
C LYS B 599 44.71 16.92 -14.85
N HIS B 600 45.46 17.86 -15.43
CA HIS B 600 46.87 18.01 -15.08
C HIS B 600 47.29 19.46 -15.21
N GLU B 601 48.40 19.80 -14.55
CA GLU B 601 48.96 21.14 -14.57
C GLU B 601 50.48 21.03 -14.68
N LEU B 602 51.07 21.93 -15.47
CA LEU B 602 52.52 21.96 -15.64
C LEU B 602 53.19 22.32 -14.32
N LYS B 603 54.17 21.52 -13.90
CA LYS B 603 54.87 21.77 -12.64
C LYS B 603 56.39 21.72 -12.79
N GLY B 604 56.91 21.65 -14.01
CA GLY B 604 58.34 21.64 -14.23
C GLY B 604 58.74 21.44 -15.68
N PHE B 605 59.91 21.95 -16.06
CA PHE B 605 60.40 21.78 -17.43
C PHE B 605 61.92 21.98 -17.46
N ARG B 606 62.55 21.36 -18.46
CA ARG B 606 64.00 21.45 -18.65
C ARG B 606 64.31 21.36 -20.12
N LYS B 607 65.01 22.36 -20.64
CA LYS B 607 65.44 22.35 -22.03
C LYS B 607 66.88 21.85 -22.09
N VAL B 608 67.14 20.91 -23.00
CA VAL B 608 68.44 20.29 -23.15
C VAL B 608 68.83 20.33 -24.62
N PHE B 609 70.03 20.86 -24.89
CA PHE B 609 70.62 20.84 -26.22
C PHE B 609 71.47 19.59 -26.33
N LEU B 610 71.18 18.75 -27.31
CA LEU B 610 71.86 17.46 -27.44
C LEU B 610 72.37 17.27 -28.86
N LYS B 611 73.64 16.91 -28.97
CA LYS B 611 74.24 16.53 -30.24
C LYS B 611 73.68 15.18 -30.70
N ALA B 612 74.01 14.82 -31.94
CA ALA B 612 73.54 13.56 -32.51
C ALA B 612 74.03 12.39 -31.68
N GLY B 613 73.09 11.61 -31.14
CA GLY B 613 73.43 10.44 -30.35
C GLY B 613 73.64 10.72 -28.87
N GLU B 614 73.74 11.98 -28.48
CA GLU B 614 74.01 12.35 -27.10
C GLU B 614 72.76 12.18 -26.24
N SER B 615 72.98 11.88 -24.96
CA SER B 615 71.91 11.74 -23.99
C SER B 615 72.22 12.58 -22.76
N ALA B 616 71.18 12.86 -21.97
CA ALA B 616 71.33 13.66 -20.78
C ALA B 616 70.34 13.18 -19.72
N GLU B 617 70.80 13.12 -18.47
CA GLU B 617 69.95 12.76 -17.33
C GLU B 617 69.51 14.02 -16.61
N ILE B 618 68.20 14.18 -16.47
CA ILE B 618 67.63 15.39 -15.90
C ILE B 618 66.76 15.00 -14.71
N THR B 619 66.68 15.91 -13.73
CA THR B 619 65.89 15.68 -12.54
C THR B 619 64.92 16.83 -12.32
N PHE B 620 63.80 16.53 -11.67
CA PHE B 620 62.80 17.52 -11.33
C PHE B 620 62.41 17.35 -9.87
N ASP B 621 62.43 18.45 -9.11
CA ASP B 621 61.88 18.46 -7.77
C ASP B 621 60.41 18.88 -7.82
N LEU B 622 59.56 18.14 -7.12
CA LEU B 622 58.15 18.46 -7.01
C LEU B 622 57.84 18.68 -5.53
N ASP B 623 57.83 19.95 -5.12
CA ASP B 623 57.57 20.31 -3.73
C ASP B 623 56.08 20.23 -3.44
N GLU B 624 55.69 20.63 -2.23
CA GLU B 624 54.30 20.52 -1.81
C GLU B 624 53.38 21.34 -2.70
N ARG B 625 53.86 22.50 -3.16
CA ARG B 625 53.03 23.33 -4.04
C ARG B 625 52.79 22.67 -5.38
N ALA B 626 53.57 21.67 -5.76
CA ALA B 626 53.28 20.95 -7.00
C ALA B 626 52.03 20.10 -6.89
N PHE B 627 51.57 19.82 -5.67
CA PHE B 627 50.42 18.97 -5.44
C PHE B 627 49.28 19.67 -4.73
N ALA B 628 49.37 20.98 -4.52
CA ALA B 628 48.45 21.70 -3.67
C ALA B 628 47.55 22.62 -4.47
N TYR B 629 46.28 22.66 -4.10
CA TYR B 629 45.34 23.66 -4.59
C TYR B 629 45.07 24.68 -3.50
N TRP B 630 44.48 25.80 -3.88
CA TRP B 630 44.05 26.77 -2.89
C TRP B 630 42.69 26.35 -2.32
N SER B 631 42.61 26.23 -1.00
CA SER B 631 41.38 25.86 -0.33
C SER B 631 40.76 27.10 0.30
N GLU B 632 39.57 27.46 -0.14
CA GLU B 632 38.84 28.56 0.47
C GLU B 632 38.27 28.16 1.83
N LYS B 633 38.14 26.87 2.10
CA LYS B 633 37.75 26.40 3.43
C LYS B 633 38.88 26.60 4.43
N PHE B 634 40.11 26.29 4.04
CA PHE B 634 41.25 26.50 4.90
C PHE B 634 41.83 27.91 4.77
N ASN B 635 41.49 28.61 3.69
CA ASN B 635 42.10 29.89 3.34
C ASN B 635 43.62 29.74 3.19
N ASP B 636 44.05 28.69 2.53
CA ASP B 636 45.46 28.32 2.45
C ASP B 636 45.61 27.20 1.43
N TRP B 637 46.85 26.97 1.00
CA TRP B 637 47.12 25.84 0.13
C TRP B 637 46.85 24.54 0.88
N HIS B 638 46.46 23.51 0.13
CA HIS B 638 46.10 22.24 0.73
C HIS B 638 46.57 21.10 -0.16
N VAL B 639 47.36 20.20 0.40
CA VAL B 639 47.72 18.94 -0.23
C VAL B 639 46.79 17.87 0.31
N GLU B 640 45.98 17.28 -0.56
CA GLU B 640 45.03 16.25 -0.17
C GLU B 640 45.70 14.88 -0.26
N ALA B 641 45.40 14.03 0.72
CA ALA B 641 45.93 12.67 0.71
C ALA B 641 45.37 11.91 -0.47
N GLY B 642 46.21 11.11 -1.11
CA GLY B 642 45.76 10.27 -2.19
C GLY B 642 46.85 10.10 -3.23
N GLU B 643 46.44 9.57 -4.38
CA GLU B 643 47.37 9.28 -5.46
C GLU B 643 47.46 10.46 -6.41
N TYR B 644 48.68 10.72 -6.86
CA TYR B 644 48.96 11.73 -7.87
C TYR B 644 49.81 11.08 -8.95
N THR B 645 49.41 11.27 -10.20
CA THR B 645 50.12 10.71 -11.34
C THR B 645 51.05 11.77 -11.90
N VAL B 646 52.35 11.46 -11.95
CA VAL B 646 53.34 12.36 -12.53
C VAL B 646 53.56 11.98 -13.99
N GLU B 647 53.36 12.94 -14.89
CA GLU B 647 53.49 12.74 -16.32
C GLU B 647 54.76 13.40 -16.83
N VAL B 648 55.51 12.69 -17.67
CA VAL B 648 56.75 13.17 -18.26
C VAL B 648 56.60 13.13 -19.77
N GLY B 649 56.87 14.24 -20.44
CA GLY B 649 56.71 14.27 -21.87
C GLY B 649 57.29 15.53 -22.47
N THR B 650 56.90 15.77 -23.73
CA THR B 650 57.38 16.89 -24.52
C THR B 650 56.26 17.83 -24.94
N SER B 651 55.07 17.67 -24.37
CA SER B 651 53.87 18.40 -24.72
C SER B 651 52.82 18.06 -23.68
N SER B 652 51.80 18.91 -23.57
CA SER B 652 50.67 18.59 -22.70
C SER B 652 49.87 17.39 -23.20
N ARG B 653 50.05 16.99 -24.46
CA ARG B 653 49.37 15.81 -25.00
C ARG B 653 50.37 14.86 -25.64
N ASP B 654 51.63 14.90 -25.20
CA ASP B 654 52.68 13.99 -25.66
C ASP B 654 53.44 13.50 -24.42
N ILE B 655 52.84 12.55 -23.71
CA ILE B 655 53.42 12.01 -22.49
C ILE B 655 54.16 10.72 -22.82
N ALA B 656 55.43 10.66 -22.42
CA ALA B 656 56.28 9.50 -22.70
C ALA B 656 56.20 8.45 -21.59
N ALA B 657 56.06 8.88 -20.34
CA ALA B 657 56.03 7.96 -19.22
C ALA B 657 55.22 8.59 -18.08
N VAL B 658 54.64 7.74 -17.25
CA VAL B 658 53.86 8.17 -16.10
C VAL B 658 54.30 7.35 -14.89
N ALA B 659 54.02 7.89 -13.70
CA ALA B 659 54.29 7.18 -12.46
C ALA B 659 53.38 7.73 -11.38
N VAL B 660 52.91 6.85 -10.50
CA VAL B 660 51.97 7.21 -9.45
C VAL B 660 52.70 7.31 -8.12
N VAL B 661 52.47 8.41 -7.42
CA VAL B 661 52.92 8.58 -6.04
C VAL B 661 51.70 8.78 -5.16
N THR B 662 51.78 8.29 -3.93
CA THR B 662 50.73 8.42 -2.95
C THR B 662 51.22 9.33 -1.82
N LEU B 663 50.56 10.46 -1.65
CA LEU B 663 50.95 11.45 -0.66
C LEU B 663 50.07 11.36 0.58
N ASP B 664 50.61 11.85 1.70
CA ASP B 664 49.93 11.73 2.99
C ASP B 664 48.89 12.79 3.24
N GLY B 665 48.93 13.90 2.51
CA GLY B 665 48.15 15.07 2.90
C GLY B 665 48.88 15.93 3.92
N ASP B 666 48.54 17.21 3.92
CA ASP B 666 49.22 18.17 4.79
C ASP B 666 48.64 18.20 6.20
N GLY B 667 47.63 17.39 6.48
CA GLY B 667 47.08 17.31 7.81
C GLY B 667 46.19 18.45 8.23
N LYS B 668 45.89 19.41 7.35
CA LYS B 668 44.99 20.49 7.72
C LYS B 668 43.59 19.92 7.91
N ALA B 669 43.05 20.07 9.09
CA ALA B 669 41.68 19.70 9.40
C ALA B 669 40.93 20.91 9.94
N LEU B 670 39.60 20.83 9.91
CA LEU B 670 38.81 21.90 10.45
C LEU B 670 37.87 21.33 11.51
N PRO B 671 37.63 22.06 12.60
CA PRO B 671 36.71 21.56 13.64
C PRO B 671 35.34 21.22 13.07
N LEU B 672 34.80 20.09 13.51
CA LEU B 672 33.50 19.64 13.05
C LEU B 672 32.43 20.27 13.95
N ASP B 673 31.33 20.67 13.34
CA ASP B 673 30.30 21.42 14.04
C ASP B 673 28.93 20.92 13.57
N GLU B 674 27.90 21.67 13.95
CA GLU B 674 26.52 21.30 13.64
C GLU B 674 26.22 21.42 12.14
N TRP B 675 26.84 22.38 11.46
CA TRP B 675 26.62 22.51 10.02
C TRP B 675 27.19 21.32 9.25
N SER B 676 28.27 20.73 9.75
CA SER B 676 28.81 19.52 9.15
C SER B 676 27.83 18.37 9.31
N THR B 677 27.66 17.59 8.24
CA THR B 677 26.70 16.48 8.21
C THR B 677 26.92 15.48 9.32
N PRO C 7 -66.02 -71.54 6.48
CA PRO C 7 -65.16 -71.50 5.28
C PRO C 7 -63.76 -70.94 5.55
N SER C 8 -62.85 -71.24 4.63
CA SER C 8 -61.51 -70.68 4.60
C SER C 8 -61.21 -70.27 3.17
N VAL C 9 -59.99 -69.78 2.92
CA VAL C 9 -59.62 -69.41 1.56
C VAL C 9 -59.51 -70.63 0.66
N ASN C 10 -59.41 -71.83 1.24
CA ASN C 10 -59.46 -73.04 0.43
C ASN C 10 -60.81 -73.21 -0.24
N ASP C 11 -61.85 -72.56 0.28
CA ASP C 11 -63.19 -72.61 -0.30
C ASP C 11 -63.49 -71.42 -1.21
N LEU C 12 -62.57 -70.48 -1.38
CA LEU C 12 -62.82 -69.26 -2.12
C LEU C 12 -62.13 -69.27 -3.47
N THR C 13 -62.76 -68.61 -4.44
CA THR C 13 -62.10 -68.39 -5.71
C THR C 13 -61.08 -67.28 -5.61
N LEU C 14 -60.28 -67.12 -6.67
CA LEU C 14 -59.30 -66.03 -6.71
C LEU C 14 -60.00 -64.68 -6.59
N GLU C 15 -61.10 -64.49 -7.32
CA GLU C 15 -61.82 -63.22 -7.27
C GLU C 15 -62.40 -62.97 -5.88
N GLU C 16 -62.87 -64.04 -5.22
CA GLU C 16 -63.43 -63.86 -3.88
C GLU C 16 -62.35 -63.52 -2.85
N LYS C 17 -61.18 -64.17 -2.95
CA LYS C 17 -60.09 -63.82 -2.04
C LYS C 17 -59.67 -62.38 -2.21
N ALA C 18 -59.54 -61.91 -3.45
CA ALA C 18 -59.12 -60.54 -3.69
C ALA C 18 -60.12 -59.54 -3.13
N SER C 19 -61.42 -59.89 -3.15
CA SER C 19 -62.45 -58.98 -2.65
C SER C 19 -62.32 -58.74 -1.16
N LEU C 20 -61.87 -59.74 -0.40
CA LEU C 20 -61.73 -59.63 1.04
C LEU C 20 -60.68 -58.61 1.46
N THR C 21 -59.77 -58.25 0.57
CA THR C 21 -58.68 -57.34 0.89
C THR C 21 -59.09 -55.88 0.81
N SER C 22 -60.38 -55.59 0.69
CA SER C 22 -60.91 -54.24 0.73
C SER C 22 -62.36 -54.33 1.19
N GLY C 23 -62.79 -53.30 1.91
CA GLY C 23 -64.11 -53.35 2.52
C GLY C 23 -65.23 -53.47 1.49
N GLY C 24 -66.39 -53.91 1.97
CA GLY C 24 -67.57 -53.94 1.13
C GLY C 24 -68.05 -52.55 0.78
N ASP C 25 -68.13 -51.69 1.77
CA ASP C 25 -68.32 -50.25 1.55
C ASP C 25 -67.36 -49.55 2.51
N ALA C 26 -67.57 -48.25 2.71
CA ALA C 26 -66.65 -47.44 3.51
C ALA C 26 -66.65 -47.79 4.99
N TRP C 27 -67.54 -48.68 5.45
CA TRP C 27 -67.64 -48.96 6.88
C TRP C 27 -67.87 -50.43 7.22
N HIS C 28 -67.73 -51.34 6.27
CA HIS C 28 -67.98 -52.76 6.51
C HIS C 28 -66.88 -53.59 5.90
N LEU C 29 -66.58 -54.71 6.54
CA LEU C 29 -65.73 -55.71 5.92
C LEU C 29 -66.42 -56.26 4.67
N GLN C 30 -65.64 -56.95 3.84
CA GLN C 30 -66.18 -57.52 2.61
C GLN C 30 -67.09 -58.70 2.91
N GLY C 31 -68.33 -58.62 2.46
CA GLY C 31 -69.27 -59.72 2.62
C GLY C 31 -69.20 -60.69 1.47
N VAL C 32 -68.91 -61.97 1.75
CA VAL C 32 -68.98 -63.02 0.75
C VAL C 32 -70.22 -63.86 1.02
N GLU C 33 -71.38 -63.30 0.69
CA GLU C 33 -72.65 -63.95 1.00
C GLU C 33 -72.75 -65.33 0.35
N ALA C 34 -72.07 -65.52 -0.78
CA ALA C 34 -72.09 -66.81 -1.45
C ALA C 34 -71.36 -67.90 -0.66
N LYS C 35 -70.47 -67.51 0.26
CA LYS C 35 -69.67 -68.49 0.99
C LYS C 35 -69.80 -68.34 2.51
N GLY C 36 -70.88 -67.74 3.00
CA GLY C 36 -71.10 -67.70 4.43
C GLY C 36 -70.19 -66.76 5.18
N ILE C 37 -69.72 -65.70 4.53
CA ILE C 37 -68.80 -64.73 5.14
C ILE C 37 -69.51 -63.38 5.23
N PRO C 38 -70.06 -63.03 6.39
CA PRO C 38 -70.76 -61.75 6.52
C PRO C 38 -69.82 -60.56 6.59
N GLY C 39 -70.29 -59.44 6.05
CA GLY C 39 -69.54 -58.21 6.06
C GLY C 39 -69.83 -57.34 7.26
N TYR C 40 -69.22 -57.66 8.40
CA TYR C 40 -69.50 -56.94 9.64
C TYR C 40 -69.10 -55.47 9.54
N MET C 41 -69.75 -54.65 10.35
CA MET C 41 -69.50 -53.21 10.34
C MET C 41 -68.27 -52.85 11.16
N ILE C 42 -67.49 -51.91 10.65
CA ILE C 42 -66.33 -51.34 11.32
C ILE C 42 -66.60 -49.86 11.55
N THR C 43 -66.36 -49.38 12.77
CA THR C 43 -66.66 -48.00 13.07
C THR C 43 -65.76 -47.47 14.18
N ASP C 44 -65.71 -46.15 14.28
CA ASP C 44 -64.81 -45.48 15.20
C ASP C 44 -65.19 -45.76 16.64
N GLY C 45 -64.26 -45.50 17.54
CA GLY C 45 -64.55 -45.54 18.95
C GLY C 45 -63.36 -45.77 19.85
N PRO C 46 -62.33 -44.92 19.80
CA PRO C 46 -61.21 -45.10 20.75
C PRO C 46 -61.63 -44.81 22.18
N HIS C 47 -62.62 -43.94 22.39
CA HIS C 47 -63.15 -43.69 23.71
C HIS C 47 -64.69 -43.79 23.71
N GLY C 48 -65.24 -44.66 22.87
CA GLY C 48 -66.66 -44.92 22.85
C GLY C 48 -67.20 -45.10 21.44
N LEU C 49 -68.21 -45.96 21.32
CA LEU C 49 -68.79 -46.27 20.01
C LEU C 49 -69.38 -45.03 19.37
N ARG C 50 -68.96 -44.75 18.14
CA ARG C 50 -69.49 -43.64 17.33
C ARG C 50 -70.02 -44.24 16.03
N LYS C 51 -71.27 -44.72 16.08
CA LYS C 51 -71.90 -45.30 14.90
C LYS C 51 -72.64 -44.18 14.16
N SER C 52 -73.49 -44.55 13.20
CA SER C 52 -74.17 -43.53 12.41
C SER C 52 -75.47 -44.04 11.80
N SER C 65 -73.82 -41.21 15.27
CA SER C 65 -74.94 -40.45 15.82
C SER C 65 -75.83 -41.32 16.71
N VAL C 66 -75.57 -42.61 16.73
CA VAL C 66 -76.28 -43.50 17.65
C VAL C 66 -75.83 -43.22 19.08
N PRO C 67 -76.75 -43.00 20.01
CA PRO C 67 -76.36 -42.70 21.39
C PRO C 67 -75.55 -43.83 22.01
N ALA C 68 -74.39 -43.48 22.55
CA ALA C 68 -73.50 -44.42 23.20
C ALA C 68 -72.82 -43.72 24.38
N THR C 69 -72.22 -44.51 25.28
CA THR C 69 -71.53 -43.93 26.42
C THR C 69 -70.23 -43.29 25.95
N CYS C 70 -70.10 -41.99 26.16
CA CYS C 70 -68.89 -41.25 25.83
C CYS C 70 -67.98 -41.26 27.05
N PHE C 71 -67.00 -42.16 27.04
CA PHE C 71 -66.01 -42.24 28.09
C PHE C 71 -64.99 -41.12 27.95
N PRO C 72 -64.23 -40.84 29.00
CA PRO C 72 -63.19 -39.80 28.91
C PRO C 72 -62.14 -40.15 27.86
N PRO C 73 -61.76 -39.21 27.00
CA PRO C 73 -60.66 -39.44 26.07
C PRO C 73 -59.38 -39.83 26.79
N ALA C 74 -58.48 -40.49 26.05
CA ALA C 74 -57.29 -41.06 26.65
C ALA C 74 -56.42 -40.00 27.32
N ALA C 75 -56.43 -38.77 26.79
CA ALA C 75 -55.64 -37.69 27.42
C ALA C 75 -56.05 -37.49 28.87
N GLY C 76 -57.30 -37.77 29.20
CA GLY C 76 -57.75 -37.74 30.58
C GLY C 76 -57.59 -39.08 31.26
N LEU C 77 -58.09 -40.14 30.64
CA LEU C 77 -58.07 -41.46 31.26
C LEU C 77 -56.66 -41.96 31.51
N SER C 78 -55.68 -41.47 30.73
CA SER C 78 -54.29 -41.82 31.00
C SER C 78 -53.80 -41.23 32.32
N SER C 79 -54.53 -40.28 32.91
CA SER C 79 -54.16 -39.78 34.22
C SER C 79 -54.44 -40.81 35.32
N SER C 80 -55.23 -41.84 35.02
CA SER C 80 -55.62 -42.79 36.05
C SER C 80 -54.49 -43.76 36.41
N TRP C 81 -53.62 -44.10 35.46
CA TRP C 81 -52.59 -45.12 35.67
C TRP C 81 -53.21 -46.39 36.22
N ASN C 82 -54.40 -46.73 35.71
CA ASN C 82 -55.24 -47.78 36.28
C ASN C 82 -55.64 -48.73 35.15
N PRO C 83 -54.76 -49.69 34.83
CA PRO C 83 -55.09 -50.63 33.73
C PRO C 83 -56.36 -51.41 33.97
N GLU C 84 -56.67 -51.73 35.22
CA GLU C 84 -57.88 -52.49 35.53
C GLU C 84 -59.15 -51.69 35.25
N LEU C 85 -59.13 -50.40 35.59
CA LEU C 85 -60.26 -49.53 35.27
C LEU C 85 -60.41 -49.36 33.77
N ILE C 86 -59.29 -49.23 33.05
CA ILE C 86 -59.34 -49.13 31.61
C ILE C 86 -59.89 -50.41 31.00
N HIS C 87 -59.54 -51.55 31.58
CA HIS C 87 -60.06 -52.82 31.10
C HIS C 87 -61.59 -52.87 31.25
N GLN C 88 -62.13 -52.19 32.27
CA GLN C 88 -63.57 -52.14 32.47
C GLN C 88 -64.22 -51.23 31.43
N VAL C 89 -63.59 -50.09 31.13
CA VAL C 89 -64.07 -49.24 30.04
C VAL C 89 -64.13 -50.02 28.74
N GLY C 90 -63.13 -50.86 28.50
CA GLY C 90 -63.12 -51.68 27.29
C GLY C 90 -64.27 -52.67 27.25
N GLU C 91 -64.54 -53.35 28.36
CA GLU C 91 -65.66 -54.30 28.39
C GLU C 91 -66.97 -53.61 28.07
N ALA C 92 -67.19 -52.42 28.63
CA ALA C 92 -68.44 -51.70 28.37
C ALA C 92 -68.53 -51.28 26.90
N MET C 93 -67.40 -50.81 26.35
CA MET C 93 -67.38 -50.46 24.93
C MET C 93 -67.75 -51.66 24.07
N ALA C 94 -67.24 -52.84 24.41
CA ALA C 94 -67.55 -54.05 23.65
C ALA C 94 -69.04 -54.41 23.77
N GLU C 95 -69.59 -54.26 24.98
CA GLU C 95 -71.00 -54.59 25.19
C GLU C 95 -71.91 -53.71 24.35
N GLU C 96 -71.54 -52.44 24.16
CA GLU C 96 -72.31 -51.58 23.29
C GLU C 96 -72.14 -51.97 21.81
N CYS C 97 -70.95 -52.42 21.43
CA CYS C 97 -70.78 -52.91 20.06
C CYS C 97 -71.66 -54.13 19.80
N ILE C 98 -71.82 -55.00 20.80
CA ILE C 98 -72.64 -56.18 20.62
C ILE C 98 -74.10 -55.80 20.41
N GLN C 99 -74.56 -54.73 21.07
CA GLN C 99 -75.90 -54.21 20.84
C GLN C 99 -76.06 -53.70 19.41
N GLU C 100 -75.04 -53.03 18.88
CA GLU C 100 -75.13 -52.33 17.60
C GLU C 100 -74.51 -53.11 16.44
N LYS C 101 -74.21 -54.40 16.61
CA LYS C 101 -73.66 -55.21 15.53
C LYS C 101 -72.36 -54.62 14.98
N VAL C 102 -71.44 -54.30 15.89
CA VAL C 102 -70.14 -53.76 15.52
C VAL C 102 -69.07 -54.77 15.91
N ALA C 103 -68.35 -55.29 14.90
CA ALA C 103 -67.37 -56.34 15.15
C ALA C 103 -66.00 -55.80 15.55
N VAL C 104 -65.61 -54.64 15.03
CA VAL C 104 -64.33 -54.02 15.35
C VAL C 104 -64.57 -52.56 15.68
N ILE C 105 -64.04 -52.10 16.81
CA ILE C 105 -64.08 -50.69 17.17
C ILE C 105 -62.69 -50.10 16.98
N LEU C 106 -62.62 -48.94 16.32
CA LEU C 106 -61.36 -48.44 15.79
C LEU C 106 -60.59 -47.69 16.88
N GLY C 107 -59.93 -48.46 17.74
CA GLY C 107 -59.10 -47.92 18.79
C GLY C 107 -58.39 -49.02 19.54
N PRO C 108 -57.52 -48.66 20.50
CA PRO C 108 -57.15 -47.31 20.91
C PRO C 108 -55.97 -46.74 20.14
N GLY C 109 -55.71 -45.45 20.26
CA GLY C 109 -54.56 -44.83 19.63
C GLY C 109 -53.42 -44.67 20.63
N VAL C 110 -52.25 -45.17 20.25
CA VAL C 110 -51.14 -45.23 21.18
C VAL C 110 -49.91 -44.50 20.66
N ASN C 111 -50.09 -43.60 19.70
CA ASN C 111 -48.96 -42.86 19.18
C ASN C 111 -48.34 -42.00 20.28
N ILE C 112 -47.01 -41.96 20.29
CA ILE C 112 -46.28 -41.21 21.31
C ILE C 112 -46.58 -39.73 21.15
N LYS C 113 -46.86 -39.06 22.26
CA LYS C 113 -47.02 -37.61 22.26
C LYS C 113 -45.63 -36.98 22.26
N ARG C 114 -45.01 -36.98 21.08
CA ARG C 114 -43.68 -36.40 20.92
C ARG C 114 -43.69 -34.92 21.30
N ASN C 115 -44.68 -34.18 20.83
CA ASN C 115 -44.81 -32.76 21.13
C ASN C 115 -46.24 -32.49 21.54
N PRO C 116 -46.47 -31.80 22.66
CA PRO C 116 -47.84 -31.60 23.16
C PRO C 116 -48.71 -30.76 22.23
N LEU C 117 -48.13 -30.10 21.22
CA LEU C 117 -48.91 -29.34 20.26
C LEU C 117 -49.62 -30.24 19.25
N GLY C 118 -49.35 -31.54 19.28
CA GLY C 118 -49.96 -32.48 18.35
C GLY C 118 -51.47 -32.48 18.41
N GLY C 119 -52.11 -32.33 17.25
CA GLY C 119 -53.55 -32.14 17.22
C GLY C 119 -54.35 -33.33 17.73
N ARG C 120 -53.80 -34.54 17.63
CA ARG C 120 -54.49 -35.74 18.06
C ARG C 120 -54.03 -36.24 19.43
N CYS C 121 -53.30 -35.42 20.19
CA CYS C 121 -52.86 -35.86 21.52
C CYS C 121 -54.03 -36.24 22.41
N PHE C 122 -55.21 -35.65 22.18
CA PHE C 122 -56.35 -35.91 23.06
C PHE C 122 -56.77 -37.37 23.03
N GLU C 123 -56.50 -38.06 21.93
CA GLU C 123 -56.86 -39.46 21.76
C GLU C 123 -55.72 -40.41 22.08
N TYR C 124 -54.53 -39.90 22.39
CA TYR C 124 -53.39 -40.76 22.72
C TYR C 124 -53.17 -40.72 24.23
N TRP C 125 -52.21 -41.52 24.69
CA TRP C 125 -52.11 -41.82 26.11
C TRP C 125 -50.98 -41.09 26.83
N SER C 126 -49.77 -41.11 26.31
CA SER C 126 -48.66 -40.56 27.07
C SER C 126 -47.53 -40.12 26.15
N GLU C 127 -46.59 -39.38 26.72
CA GLU C 127 -45.31 -39.15 26.08
C GLU C 127 -44.33 -40.30 26.33
N ASP C 128 -44.66 -41.23 27.23
CA ASP C 128 -43.82 -42.35 27.61
C ASP C 128 -44.33 -43.65 27.02
N PRO C 129 -43.47 -44.44 26.38
CA PRO C 129 -43.95 -45.68 25.74
C PRO C 129 -44.45 -46.71 26.73
N TYR C 130 -43.79 -46.85 27.88
CA TYR C 130 -44.18 -47.86 28.85
C TYR C 130 -45.57 -47.56 29.41
N LEU C 131 -45.80 -46.30 29.79
CA LEU C 131 -47.10 -45.92 30.34
C LEU C 131 -48.19 -46.10 29.28
N ALA C 132 -47.92 -45.72 28.04
CA ALA C 132 -48.91 -45.85 26.99
C ALA C 132 -49.27 -47.31 26.76
N GLY C 133 -48.26 -48.19 26.73
CA GLY C 133 -48.54 -49.59 26.47
C GLY C 133 -49.25 -50.27 27.62
N HIS C 134 -48.76 -50.05 28.83
CA HIS C 134 -49.33 -50.72 29.99
C HIS C 134 -50.65 -50.10 30.45
N GLU C 135 -51.03 -48.95 29.91
CA GLU C 135 -52.38 -48.42 30.14
C GLU C 135 -53.32 -48.87 29.03
N ALA C 136 -52.98 -48.54 27.78
CA ALA C 136 -53.89 -48.74 26.66
C ALA C 136 -54.16 -50.21 26.37
N VAL C 137 -53.35 -51.14 26.91
CA VAL C 137 -53.63 -52.56 26.70
C VAL C 137 -54.97 -52.93 27.30
N GLY C 138 -55.43 -52.19 28.31
CA GLY C 138 -56.71 -52.45 28.93
C GLY C 138 -57.87 -52.33 27.97
N ILE C 139 -57.78 -51.42 26.99
CA ILE C 139 -58.83 -51.30 25.99
C ILE C 139 -58.87 -52.55 25.12
N VAL C 140 -57.72 -52.97 24.60
CA VAL C 140 -57.68 -54.16 23.75
C VAL C 140 -58.10 -55.39 24.55
N ALA C 141 -57.45 -55.63 25.69
CA ALA C 141 -57.77 -56.81 26.48
C ALA C 141 -59.21 -56.77 26.99
N GLY C 142 -59.70 -55.57 27.35
CA GLY C 142 -61.06 -55.45 27.85
C GLY C 142 -62.10 -55.71 26.78
N VAL C 143 -61.97 -55.03 25.63
CA VAL C 143 -62.96 -55.18 24.56
C VAL C 143 -62.96 -56.62 24.05
N GLN C 144 -61.78 -57.16 23.77
CA GLN C 144 -61.70 -58.47 23.16
C GLN C 144 -62.03 -59.61 24.12
N SER C 145 -62.01 -59.35 25.43
CA SER C 145 -62.48 -60.37 26.36
C SER C 145 -63.98 -60.64 26.20
N LYS C 146 -64.70 -59.74 25.54
CA LYS C 146 -66.12 -59.90 25.26
C LYS C 146 -66.40 -60.35 23.84
N GLY C 147 -65.35 -60.61 23.05
CA GLY C 147 -65.54 -61.08 21.69
C GLY C 147 -65.61 -60.03 20.61
N VAL C 148 -65.25 -58.78 20.91
CA VAL C 148 -65.31 -57.70 19.94
C VAL C 148 -63.89 -57.27 19.62
N GLY C 149 -63.61 -57.00 18.33
CA GLY C 149 -62.28 -56.63 17.93
C GLY C 149 -61.96 -55.18 18.20
N THR C 150 -60.66 -54.90 18.32
CA THR C 150 -60.15 -53.54 18.44
C THR C 150 -59.27 -53.23 17.24
N SER C 151 -58.75 -52.01 17.20
CA SER C 151 -57.88 -51.57 16.10
C SER C 151 -56.77 -50.68 16.69
N LEU C 152 -55.68 -51.32 17.12
CA LEU C 152 -54.50 -50.58 17.56
C LEU C 152 -54.05 -49.63 16.46
N LYS C 153 -54.08 -48.33 16.76
CA LYS C 153 -54.27 -47.31 15.73
C LYS C 153 -52.97 -46.59 15.39
N HIS C 154 -52.73 -46.44 14.08
CA HIS C 154 -51.71 -45.60 13.46
C HIS C 154 -50.31 -46.13 13.69
N PHE C 155 -50.03 -47.31 13.14
CA PHE C 155 -48.75 -47.97 13.25
C PHE C 155 -47.93 -47.66 12.00
N ALA C 156 -46.89 -46.84 12.13
CA ALA C 156 -46.48 -46.22 13.40
C ALA C 156 -45.97 -44.80 13.21
N ALA C 157 -45.62 -44.14 14.32
CA ALA C 157 -44.96 -42.83 14.32
C ALA C 157 -45.81 -41.75 13.66
N ASN C 158 -47.08 -41.69 14.06
CA ASN C 158 -48.01 -40.65 13.61
C ASN C 158 -48.16 -39.63 14.74
N ASN C 159 -47.23 -38.69 14.82
CA ASN C 159 -47.10 -37.80 15.98
C ASN C 159 -47.47 -36.35 15.69
N GLN C 160 -47.95 -36.03 14.50
CA GLN C 160 -48.33 -34.66 14.16
C GLN C 160 -49.43 -34.69 13.11
N GLU C 161 -50.25 -33.63 13.10
CA GLU C 161 -51.28 -33.50 12.09
C GLU C 161 -50.80 -32.73 10.87
N THR C 162 -49.82 -31.85 11.04
CA THR C 162 -49.35 -31.02 9.94
C THR C 162 -48.76 -31.89 8.84
N ASP C 163 -49.38 -31.83 7.66
CA ASP C 163 -48.91 -32.56 6.49
C ASP C 163 -48.86 -34.06 6.76
N ARG C 164 -49.84 -34.56 7.54
CA ARG C 164 -49.81 -35.97 7.93
C ARG C 164 -49.91 -36.91 6.74
N LEU C 165 -50.47 -36.44 5.61
CA LEU C 165 -50.66 -37.31 4.45
C LEU C 165 -49.40 -37.47 3.61
N ARG C 166 -48.40 -36.60 3.77
CA ARG C 166 -47.21 -36.61 2.93
C ARG C 166 -45.92 -36.74 3.69
N VAL C 167 -45.87 -36.26 4.95
CA VAL C 167 -44.60 -36.07 5.63
C VAL C 167 -43.92 -37.41 5.83
N SER C 168 -42.59 -37.40 5.74
CA SER C 168 -41.77 -38.54 6.09
C SER C 168 -41.15 -38.25 7.44
N ALA C 169 -41.51 -39.04 8.44
CA ALA C 169 -40.86 -38.96 9.75
C ALA C 169 -39.52 -39.66 9.65
N ASN C 170 -38.43 -38.90 9.71
CA ASN C 170 -37.09 -39.46 9.64
C ASN C 170 -36.61 -39.71 11.06
N ILE C 171 -36.54 -40.98 11.45
CA ILE C 171 -36.34 -41.39 12.83
C ILE C 171 -35.22 -42.42 12.86
N SER C 172 -34.34 -42.31 13.84
CA SER C 172 -33.29 -43.30 14.01
C SER C 172 -33.89 -44.63 14.46
N GLN C 173 -33.10 -45.70 14.27
CA GLN C 173 -33.56 -47.01 14.69
C GLN C 173 -33.76 -47.07 16.20
N ARG C 174 -32.80 -46.53 16.96
CA ARG C 174 -32.94 -46.50 18.42
C ARG C 174 -34.23 -45.81 18.83
N ALA C 175 -34.50 -44.65 18.24
CA ALA C 175 -35.70 -43.91 18.61
C ALA C 175 -36.96 -44.68 18.22
N LEU C 176 -36.94 -45.36 17.07
CA LEU C 176 -38.07 -46.21 16.72
C LEU C 176 -38.24 -47.35 17.73
N ARG C 177 -37.16 -48.05 18.04
CA ARG C 177 -37.24 -49.24 18.88
C ARG C 177 -37.58 -48.91 20.33
N GLU C 178 -37.12 -47.78 20.85
CA GLU C 178 -37.26 -47.48 22.28
C GLU C 178 -38.45 -46.59 22.59
N ILE C 179 -38.85 -45.73 21.66
CA ILE C 179 -39.86 -44.71 21.92
C ILE C 179 -41.18 -45.04 21.23
N TYR C 180 -41.16 -45.18 19.89
CA TYR C 180 -42.37 -45.24 19.09
C TYR C 180 -42.88 -46.65 18.84
N PHE C 181 -42.10 -47.68 19.18
CA PHE C 181 -42.51 -49.08 19.04
C PHE C 181 -43.06 -49.71 20.32
N PRO C 182 -42.43 -49.50 21.50
CA PRO C 182 -42.77 -50.35 22.67
C PRO C 182 -44.24 -50.42 23.05
N ALA C 183 -45.01 -49.34 22.88
CA ALA C 183 -46.43 -49.42 23.21
C ALA C 183 -47.16 -50.37 22.26
N PHE C 184 -46.87 -50.28 20.96
CA PHE C 184 -47.42 -51.24 20.01
C PHE C 184 -46.94 -52.66 20.32
N GLU C 185 -45.63 -52.81 20.56
CA GLU C 185 -45.05 -54.12 20.79
C GLU C 185 -45.63 -54.78 22.03
N HIS C 186 -45.82 -54.01 23.11
CA HIS C 186 -46.36 -54.61 24.33
C HIS C 186 -47.83 -55.00 24.17
N ILE C 187 -48.63 -54.13 23.53
CA ILE C 187 -50.04 -54.45 23.37
C ILE C 187 -50.20 -55.61 22.40
N VAL C 188 -49.35 -55.72 21.39
CA VAL C 188 -49.42 -56.85 20.47
C VAL C 188 -49.05 -58.15 21.18
N LYS C 189 -48.00 -58.13 21.99
CA LYS C 189 -47.53 -59.37 22.60
C LYS C 189 -48.41 -59.80 23.77
N THR C 190 -48.93 -58.84 24.54
CA THR C 190 -49.69 -59.19 25.74
C THR C 190 -51.16 -59.49 25.42
N ALA C 191 -51.88 -58.53 24.86
CA ALA C 191 -53.26 -58.69 24.42
C ALA C 191 -53.34 -58.59 22.90
N GLN C 192 -52.94 -59.65 22.23
CA GLN C 192 -52.91 -59.83 20.77
C GLN C 192 -54.10 -59.21 20.04
N PRO C 193 -54.02 -57.93 19.65
CA PRO C 193 -55.18 -57.26 19.04
C PRO C 193 -55.53 -57.84 17.68
N TRP C 194 -56.83 -58.03 17.44
CA TRP C 194 -57.27 -58.67 16.20
C TRP C 194 -57.07 -57.79 14.96
N THR C 195 -56.85 -56.49 15.13
CA THR C 195 -56.72 -55.57 14.01
C THR C 195 -55.80 -54.43 14.37
N ILE C 196 -54.97 -54.02 13.40
CA ILE C 196 -54.09 -52.85 13.55
C ILE C 196 -54.32 -51.93 12.36
N MET C 197 -54.33 -50.62 12.62
CA MET C 197 -54.45 -49.62 11.56
C MET C 197 -53.09 -48.96 11.35
N CYS C 198 -52.62 -48.96 10.11
CA CYS C 198 -51.37 -48.30 9.80
C CYS C 198 -51.59 -46.80 9.67
N SER C 199 -50.50 -46.04 9.74
CA SER C 199 -50.57 -44.58 9.68
C SER C 199 -50.49 -44.10 8.23
N TYR C 200 -50.87 -42.82 8.03
CA TYR C 200 -50.74 -42.19 6.72
C TYR C 200 -49.30 -41.84 6.37
N ASN C 201 -48.49 -41.51 7.37
CA ASN C 201 -47.23 -40.84 7.07
C ASN C 201 -46.19 -41.84 6.58
N ARG C 202 -45.07 -41.29 6.11
CA ARG C 202 -43.90 -42.08 5.77
C ARG C 202 -42.97 -42.16 6.98
N ILE C 203 -42.20 -43.24 7.05
CA ILE C 203 -41.14 -43.41 8.02
C ILE C 203 -39.87 -43.66 7.23
N ASN C 204 -38.96 -42.70 7.24
CA ASN C 204 -37.70 -42.79 6.50
C ASN C 204 -37.96 -43.08 5.02
N GLY C 205 -38.94 -42.37 4.47
CA GLY C 205 -39.19 -42.41 3.03
C GLY C 205 -40.19 -43.44 2.57
N VAL C 206 -40.69 -44.30 3.45
CA VAL C 206 -41.57 -45.40 3.06
C VAL C 206 -42.91 -45.20 3.74
N HIS C 207 -43.98 -45.13 2.94
CA HIS C 207 -45.32 -45.07 3.50
C HIS C 207 -45.63 -46.33 4.29
N SER C 208 -46.32 -46.15 5.42
CA SER C 208 -46.59 -47.27 6.32
C SER C 208 -47.48 -48.30 5.67
N ALA C 209 -48.45 -47.88 4.85
CA ALA C 209 -49.37 -48.83 4.22
C ALA C 209 -48.62 -49.76 3.28
N GLN C 210 -47.38 -49.43 2.98
CA GLN C 210 -46.58 -50.10 1.97
C GLN C 210 -45.25 -50.60 2.54
N ASN C 211 -45.08 -50.52 3.86
CA ASN C 211 -43.78 -50.76 4.50
C ASN C 211 -43.72 -52.22 4.94
N ARG C 212 -43.09 -53.07 4.12
CA ARG C 212 -43.01 -54.49 4.43
C ARG C 212 -42.15 -54.75 5.65
N TRP C 213 -41.06 -53.99 5.82
CA TRP C 213 -40.26 -54.14 7.03
C TRP C 213 -41.11 -53.88 8.26
N LEU C 214 -41.94 -52.83 8.23
CA LEU C 214 -42.76 -52.51 9.39
C LEU C 214 -43.87 -53.53 9.59
N LEU C 215 -44.66 -53.78 8.53
CA LEU C 215 -45.87 -54.58 8.67
C LEU C 215 -45.62 -56.07 8.75
N THR C 216 -44.44 -56.54 8.33
CA THR C 216 -44.18 -57.98 8.29
C THR C 216 -42.92 -58.35 9.05
N ASP C 217 -41.76 -57.78 8.71
CA ASP C 217 -40.52 -58.15 9.40
C ASP C 217 -40.64 -57.90 10.90
N VAL C 218 -40.98 -56.67 11.27
CA VAL C 218 -41.06 -56.33 12.69
C VAL C 218 -42.35 -56.84 13.30
N LEU C 219 -43.48 -56.41 12.75
CA LEU C 219 -44.77 -56.66 13.38
C LEU C 219 -45.04 -58.16 13.54
N ARG C 220 -44.78 -58.94 12.50
CA ARG C 220 -45.13 -60.36 12.49
C ARG C 220 -43.94 -61.27 12.75
N ASP C 221 -42.83 -61.07 12.04
CA ASP C 221 -41.68 -61.96 12.20
C ASP C 221 -40.97 -61.75 13.55
N GLU C 222 -40.95 -60.52 14.06
CA GLU C 222 -40.30 -60.24 15.33
C GLU C 222 -41.25 -60.32 16.52
N TRP C 223 -42.42 -59.69 16.40
CA TRP C 223 -43.36 -59.60 17.51
C TRP C 223 -44.37 -60.74 17.53
N GLY C 224 -44.56 -61.45 16.42
CA GLY C 224 -45.55 -62.51 16.42
C GLY C 224 -46.98 -62.03 16.33
N TYR C 225 -47.22 -60.92 15.64
CA TYR C 225 -48.59 -60.41 15.50
C TYR C 225 -49.43 -61.37 14.68
N GLU C 226 -50.57 -61.78 15.24
CA GLU C 226 -51.45 -62.77 14.63
C GLU C 226 -52.67 -62.17 13.96
N GLY C 227 -52.85 -60.85 14.02
CA GLY C 227 -54.05 -60.22 13.53
C GLY C 227 -53.87 -59.66 12.13
N ILE C 228 -54.75 -58.73 11.76
CA ILE C 228 -54.76 -58.17 10.42
C ILE C 228 -54.34 -56.71 10.49
N VAL C 229 -53.84 -56.21 9.37
CA VAL C 229 -53.51 -54.79 9.22
C VAL C 229 -54.45 -54.19 8.19
N MET C 230 -55.08 -53.07 8.56
CA MET C 230 -55.85 -52.25 7.65
C MET C 230 -55.18 -50.88 7.55
N SER C 231 -55.47 -50.17 6.48
CA SER C 231 -54.86 -48.87 6.28
C SER C 231 -55.67 -47.79 6.98
N ASP C 232 -55.01 -46.67 7.27
CA ASP C 232 -55.79 -45.49 7.55
C ASP C 232 -56.56 -45.14 6.28
N TRP C 233 -57.63 -44.38 6.45
CA TRP C 233 -58.64 -44.32 5.41
C TRP C 233 -58.15 -43.46 4.26
N GLY C 234 -57.79 -44.12 3.16
CA GLY C 234 -57.14 -43.49 2.03
C GLY C 234 -55.64 -43.68 1.98
N ALA C 235 -55.06 -44.35 2.98
CA ALA C 235 -53.61 -44.50 3.07
C ALA C 235 -53.07 -45.54 2.08
N ASP C 236 -53.93 -46.39 1.53
CA ASP C 236 -53.50 -47.39 0.56
C ASP C 236 -53.56 -46.75 -0.82
N HIS C 237 -52.39 -46.43 -1.37
CA HIS C 237 -52.29 -45.79 -2.67
C HIS C 237 -51.95 -46.76 -3.78
N ASP C 238 -51.23 -47.83 -3.47
CA ASP C 238 -50.82 -48.84 -4.45
C ASP C 238 -51.29 -50.19 -3.93
N ARG C 239 -52.32 -50.75 -4.57
CA ARG C 239 -52.95 -51.97 -4.07
C ARG C 239 -51.97 -53.13 -3.97
N VAL C 240 -51.19 -53.38 -5.03
CA VAL C 240 -50.30 -54.53 -5.02
C VAL C 240 -49.17 -54.33 -4.01
N ALA C 241 -48.60 -53.13 -3.95
CA ALA C 241 -47.52 -52.88 -3.02
C ALA C 241 -47.96 -53.06 -1.57
N SER C 242 -49.17 -52.60 -1.24
CA SER C 242 -49.67 -52.75 0.13
C SER C 242 -49.87 -54.21 0.50
N LEU C 243 -50.48 -54.99 -0.40
CA LEU C 243 -50.73 -56.39 -0.09
C LEU C 243 -49.45 -57.17 0.12
N ASN C 244 -48.43 -56.91 -0.72
CA ASN C 244 -47.17 -57.60 -0.52
C ASN C 244 -46.47 -57.15 0.75
N ALA C 245 -46.70 -55.90 1.17
CA ALA C 245 -46.08 -55.40 2.39
C ALA C 245 -46.73 -55.99 3.64
N GLY C 246 -47.95 -56.50 3.54
CA GLY C 246 -48.61 -57.11 4.68
C GLY C 246 -49.89 -56.41 5.09
N LEU C 247 -50.37 -55.51 4.24
CA LEU C 247 -51.64 -54.84 4.50
C LEU C 247 -52.77 -55.75 4.07
N ASN C 248 -53.55 -56.25 5.03
CA ASN C 248 -54.63 -57.14 4.70
C ASN C 248 -55.79 -56.40 4.04
N LEU C 249 -56.05 -55.17 4.47
CA LEU C 249 -57.32 -54.54 4.17
C LEU C 249 -57.16 -53.10 3.74
N GLU C 250 -57.71 -52.78 2.57
CA GLU C 250 -57.84 -51.40 2.11
C GLU C 250 -59.17 -50.83 2.61
N MET C 251 -59.12 -49.66 3.26
CA MET C 251 -60.30 -48.92 3.70
C MET C 251 -60.09 -47.44 3.41
N PRO C 252 -61.07 -46.75 2.82
CA PRO C 252 -62.31 -47.34 2.30
C PRO C 252 -62.03 -47.98 0.94
N PRO C 253 -62.93 -48.84 0.46
CA PRO C 253 -62.68 -49.51 -0.83
C PRO C 253 -62.66 -48.50 -1.97
N SER C 254 -61.58 -48.54 -2.74
CA SER C 254 -61.52 -47.81 -4.00
C SER C 254 -62.05 -48.61 -5.18
N TYR C 255 -62.60 -49.80 -4.90
CA TYR C 255 -63.17 -50.70 -5.91
C TYR C 255 -62.14 -51.00 -7.00
N THR C 256 -60.99 -51.51 -6.55
CA THR C 256 -59.86 -51.85 -7.40
C THR C 256 -59.33 -53.25 -7.10
N ASP C 257 -60.22 -54.15 -6.66
CA ASP C 257 -59.78 -55.52 -6.38
C ASP C 257 -59.28 -56.24 -7.63
N ASP C 258 -59.71 -55.81 -8.81
CA ASP C 258 -59.25 -56.45 -10.04
C ASP C 258 -57.75 -56.36 -10.20
N GLN C 259 -57.12 -55.33 -9.60
CA GLN C 259 -55.66 -55.23 -9.63
C GLN C 259 -55.01 -56.34 -8.83
N ILE C 260 -55.66 -56.78 -7.74
CA ILE C 260 -55.14 -57.91 -6.99
C ILE C 260 -55.24 -59.19 -7.82
N VAL C 261 -56.36 -59.33 -8.56
CA VAL C 261 -56.56 -60.53 -9.37
C VAL C 261 -55.51 -60.62 -10.47
N TYR C 262 -55.29 -59.50 -11.18
CA TYR C 262 -54.31 -59.49 -12.25
C TYR C 262 -52.92 -59.77 -11.70
N ALA C 263 -52.55 -59.11 -10.61
CA ALA C 263 -51.23 -59.28 -10.03
C ALA C 263 -51.00 -60.69 -9.50
N ALA C 264 -52.04 -61.33 -8.98
CA ALA C 264 -51.89 -62.70 -8.51
C ALA C 264 -51.66 -63.68 -9.66
N ARG C 265 -52.02 -63.30 -10.88
CA ARG C 265 -51.90 -64.18 -12.03
C ARG C 265 -50.58 -64.03 -12.80
N ASP C 266 -49.92 -62.86 -12.72
CA ASP C 266 -48.69 -62.63 -13.47
C ASP C 266 -47.47 -62.53 -12.57
N GLY C 267 -47.54 -63.05 -11.35
CA GLY C 267 -46.37 -63.13 -10.51
C GLY C 267 -46.04 -61.87 -9.74
N ARG C 268 -46.94 -60.89 -9.72
CA ARG C 268 -46.74 -59.72 -8.90
C ARG C 268 -47.16 -59.97 -7.46
N ILE C 269 -48.08 -60.92 -7.24
CA ILE C 269 -48.47 -61.36 -5.91
C ILE C 269 -48.38 -62.88 -5.86
N GLN C 270 -47.61 -63.41 -4.92
CA GLN C 270 -47.56 -64.85 -4.74
C GLN C 270 -48.94 -65.34 -4.27
N PRO C 271 -49.43 -66.47 -4.79
CA PRO C 271 -50.70 -66.99 -4.29
C PRO C 271 -50.71 -67.20 -2.79
N GLU C 272 -49.56 -67.57 -2.20
CA GLU C 272 -49.48 -67.75 -0.75
C GLU C 272 -49.66 -66.42 -0.02
N GLN C 273 -49.13 -65.33 -0.56
CA GLN C 273 -49.27 -64.04 0.10
C GLN C 273 -50.71 -63.57 0.05
N LEU C 274 -51.38 -63.76 -1.09
CA LEU C 274 -52.79 -63.43 -1.16
C LEU C 274 -53.61 -64.32 -0.24
N ASP C 275 -53.27 -65.62 -0.17
CA ASP C 275 -53.96 -66.51 0.76
C ASP C 275 -53.76 -66.08 2.20
N ARG C 276 -52.54 -65.68 2.58
CA ARG C 276 -52.29 -65.25 3.95
C ARG C 276 -53.12 -64.02 4.30
N MET C 277 -53.12 -63.04 3.41
CA MET C 277 -53.87 -61.80 3.67
C MET C 277 -55.37 -62.08 3.73
N ALA C 278 -55.87 -62.91 2.81
CA ALA C 278 -57.31 -63.18 2.78
C ALA C 278 -57.74 -64.09 3.92
N GLN C 279 -56.90 -65.07 4.28
CA GLN C 279 -57.22 -65.92 5.42
C GLN C 279 -57.27 -65.12 6.71
N GLY C 280 -56.41 -64.10 6.83
CA GLY C 280 -56.47 -63.21 7.96
C GLY C 280 -57.82 -62.53 8.11
N MET C 281 -58.41 -62.12 6.98
CA MET C 281 -59.74 -61.50 7.03
C MET C 281 -60.82 -62.51 7.41
N VAL C 282 -60.66 -63.77 7.01
CA VAL C 282 -61.61 -64.81 7.41
C VAL C 282 -61.53 -65.05 8.91
N ASP C 283 -60.31 -65.09 9.46
CA ASP C 283 -60.13 -65.29 10.89
C ASP C 283 -60.75 -64.15 11.68
N LEU C 284 -60.67 -62.92 11.16
CA LEU C 284 -61.30 -61.80 11.84
C LEU C 284 -62.80 -62.01 11.97
N VAL C 285 -63.45 -62.41 10.87
CA VAL C 285 -64.89 -62.67 10.91
C VAL C 285 -65.20 -63.79 11.91
N ASN C 286 -64.38 -64.85 11.91
CA ASN C 286 -64.64 -65.97 12.81
C ASN C 286 -64.43 -65.57 14.27
N LYS C 287 -63.42 -64.75 14.56
CA LYS C 287 -63.17 -64.31 15.92
C LYS C 287 -64.33 -63.47 16.45
N THR C 288 -65.00 -62.73 15.58
CA THR C 288 -66.09 -61.83 15.97
C THR C 288 -67.46 -62.42 15.71
N ARG C 289 -67.53 -63.66 15.20
CA ARG C 289 -68.81 -64.20 14.75
C ARG C 289 -69.79 -64.38 15.90
N SER C 290 -69.33 -64.94 17.02
CA SER C 290 -70.21 -65.19 18.16
C SER C 290 -70.83 -63.89 18.67
N ALA C 291 -70.00 -62.88 18.92
CA ALA C 291 -70.51 -61.63 19.48
C ALA C 291 -71.51 -60.97 18.54
N MET C 292 -71.36 -61.15 17.24
CA MET C 292 -72.28 -60.59 16.26
C MET C 292 -73.50 -61.47 16.02
N SER C 293 -73.54 -62.67 16.60
CA SER C 293 -74.72 -63.52 16.50
C SER C 293 -75.66 -63.37 17.69
N ILE C 294 -75.30 -62.54 18.68
CA ILE C 294 -76.19 -62.29 19.81
C ILE C 294 -77.35 -61.41 19.35
N ASP C 295 -78.57 -61.89 19.56
CA ASP C 295 -79.76 -61.22 19.06
C ASP C 295 -80.42 -60.38 20.14
N ASP C 296 -80.82 -59.15 19.76
CA ASP C 296 -81.65 -58.29 20.59
C ASP C 296 -81.04 -58.08 21.98
N TYR C 297 -79.76 -57.70 21.99
CA TYR C 297 -79.08 -57.32 23.21
C TYR C 297 -79.08 -55.81 23.35
N HIS C 298 -79.43 -55.32 24.54
CA HIS C 298 -79.41 -53.91 24.87
C HIS C 298 -78.51 -53.72 26.09
N PHE C 299 -77.51 -52.86 25.97
CA PHE C 299 -76.59 -52.66 27.07
C PHE C 299 -77.23 -51.80 28.16
N ASP C 300 -76.80 -52.01 29.39
CA ASP C 300 -77.32 -51.27 30.54
C ASP C 300 -76.77 -49.84 30.49
N VAL C 301 -77.65 -48.88 30.21
CA VAL C 301 -77.22 -47.49 30.09
C VAL C 301 -76.65 -46.99 31.42
N ASP C 302 -77.36 -47.24 32.51
CA ASP C 302 -76.93 -46.75 33.82
C ASP C 302 -75.66 -47.43 34.29
N ALA C 303 -75.52 -48.73 34.02
CA ALA C 303 -74.30 -49.43 34.43
C ALA C 303 -73.08 -48.87 33.70
N HIS C 304 -73.20 -48.66 32.38
CA HIS C 304 -72.10 -48.09 31.62
C HIS C 304 -71.87 -46.62 31.98
N ASP C 305 -72.93 -45.90 32.31
CA ASP C 305 -72.77 -44.50 32.72
C ASP C 305 -72.01 -44.40 34.04
N GLU C 306 -72.12 -45.42 34.89
CA GLU C 306 -71.38 -45.40 36.15
C GLU C 306 -69.90 -45.71 35.93
N VAL C 307 -69.58 -46.61 34.99
CA VAL C 307 -68.19 -46.84 34.62
C VAL C 307 -67.58 -45.57 34.04
N ALA C 308 -68.35 -44.84 33.21
CA ALA C 308 -67.87 -43.56 32.70
C ALA C 308 -67.70 -42.54 33.81
N HIS C 309 -68.55 -42.61 34.84
CA HIS C 309 -68.42 -41.71 35.99
C HIS C 309 -67.12 -41.96 36.73
N GLN C 310 -66.81 -43.23 37.01
CA GLN C 310 -65.59 -43.57 37.73
C GLN C 310 -64.35 -43.26 36.90
N ALA C 311 -64.39 -43.55 35.59
CA ALA C 311 -63.27 -43.23 34.73
C ALA C 311 -63.01 -41.73 34.69
N ALA C 312 -64.09 -40.93 34.72
CA ALA C 312 -63.91 -39.48 34.70
C ALA C 312 -63.26 -38.99 35.99
N ILE C 313 -63.66 -39.56 37.13
CA ILE C 313 -63.05 -39.17 38.40
C ILE C 313 -61.54 -39.37 38.36
N GLU C 314 -61.12 -40.53 37.85
CA GLU C 314 -59.69 -40.84 37.82
C GLU C 314 -58.98 -40.22 36.63
N SER C 315 -59.64 -39.33 35.89
CA SER C 315 -59.02 -38.61 34.78
C SER C 315 -58.58 -37.20 35.17
N MET C 316 -58.77 -36.80 36.42
CA MET C 316 -58.39 -35.45 36.86
C MET C 316 -57.06 -35.50 37.58
N VAL C 317 -56.23 -34.50 37.30
CA VAL C 317 -54.97 -34.31 38.00
C VAL C 317 -55.05 -33.01 38.79
N LEU C 318 -54.87 -33.10 40.10
CA LEU C 318 -54.80 -31.93 40.97
C LEU C 318 -53.37 -31.40 40.93
N LEU C 319 -53.18 -30.21 40.35
CA LEU C 319 -51.86 -29.62 40.19
C LEU C 319 -51.43 -28.77 41.38
N LYS C 320 -52.36 -27.99 41.94
CA LYS C 320 -52.06 -27.06 43.03
C LYS C 320 -53.23 -27.03 43.99
N ASN C 321 -52.92 -26.85 45.27
CA ASN C 321 -53.97 -26.83 46.28
C ASN C 321 -53.51 -26.08 47.54
N ASP C 322 -53.26 -24.79 47.38
CA ASP C 322 -52.83 -23.98 48.51
C ASP C 322 -53.95 -23.90 49.55
N ASP C 323 -53.56 -23.95 50.82
CA ASP C 323 -54.46 -23.77 51.96
C ASP C 323 -55.61 -24.78 51.99
N ASP C 324 -55.48 -25.87 51.24
CA ASP C 324 -56.50 -26.91 51.17
C ASP C 324 -57.87 -26.32 50.87
N ILE C 325 -57.93 -25.45 49.86
CA ILE C 325 -59.22 -24.91 49.44
C ILE C 325 -60.08 -26.02 48.88
N LEU C 326 -59.44 -27.08 48.36
CA LEU C 326 -60.10 -28.31 47.96
C LEU C 326 -59.88 -29.37 49.05
N PRO C 327 -60.93 -30.12 49.43
CA PRO C 327 -62.29 -30.02 48.92
C PRO C 327 -63.04 -28.81 49.44
N VAL C 328 -64.09 -28.42 48.73
CA VAL C 328 -64.90 -27.26 49.10
C VAL C 328 -65.98 -27.69 50.08
N ALA C 329 -66.24 -26.82 51.04
CA ALA C 329 -67.27 -27.04 52.06
C ALA C 329 -68.66 -26.94 51.43
N ALA C 330 -69.25 -28.10 51.12
CA ALA C 330 -70.60 -28.26 50.57
C ALA C 330 -71.60 -27.15 50.92
N ASN C 331 -71.47 -26.52 52.08
CA ASN C 331 -72.38 -25.45 52.51
C ASN C 331 -71.86 -24.05 52.19
N ALA C 332 -70.71 -23.92 51.53
CA ALA C 332 -70.13 -22.60 51.30
C ALA C 332 -70.88 -21.86 50.20
N LYS C 333 -70.72 -20.53 50.19
CA LYS C 333 -71.34 -19.71 49.16
C LYS C 333 -70.44 -19.69 47.94
N ILE C 334 -70.87 -20.35 46.87
CA ILE C 334 -70.03 -20.66 45.71
C ILE C 334 -70.34 -19.67 44.60
N ALA C 335 -69.28 -19.20 43.94
CA ALA C 335 -69.37 -18.42 42.71
C ALA C 335 -68.76 -19.26 41.59
N VAL C 336 -69.58 -19.64 40.63
CA VAL C 336 -69.16 -20.44 39.48
C VAL C 336 -68.98 -19.49 38.29
N ILE C 337 -67.76 -19.44 37.76
CA ILE C 337 -67.42 -18.54 36.67
C ILE C 337 -66.79 -19.34 35.53
N GLY C 338 -67.21 -19.04 34.30
CA GLY C 338 -66.63 -19.73 33.16
C GLY C 338 -67.73 -20.50 32.43
N GLU C 339 -67.82 -20.24 31.12
CA GLU C 339 -68.87 -20.83 30.31
C GLU C 339 -68.77 -22.35 30.25
N PHE C 340 -67.58 -22.91 30.49
CA PHE C 340 -67.42 -24.36 30.47
C PHE C 340 -68.28 -25.05 31.51
N ALA C 341 -68.64 -24.33 32.59
CA ALA C 341 -69.51 -24.91 33.60
C ALA C 341 -70.94 -25.08 33.10
N ARG C 342 -71.36 -24.24 32.15
CA ARG C 342 -72.68 -24.35 31.55
C ARG C 342 -72.66 -25.09 30.22
N THR C 343 -71.65 -24.84 29.37
CA THR C 343 -71.50 -25.53 28.09
C THR C 343 -70.22 -26.34 28.11
N PRO C 344 -70.27 -27.60 28.53
CA PRO C 344 -69.04 -28.34 28.83
C PRO C 344 -68.25 -28.74 27.59
N ARG C 345 -66.93 -28.75 27.76
CA ARG C 345 -65.99 -29.31 26.80
C ARG C 345 -65.52 -30.65 27.35
N TYR C 346 -65.99 -31.75 26.77
CA TYR C 346 -65.74 -33.06 27.33
C TYR C 346 -65.28 -34.09 26.31
N GLN C 347 -65.14 -33.72 25.05
CA GLN C 347 -64.63 -34.61 24.02
C GLN C 347 -64.01 -33.76 22.91
N GLY C 348 -63.76 -34.38 21.76
CA GLY C 348 -63.14 -33.68 20.66
C GLY C 348 -64.16 -33.20 19.64
N SER C 351 -65.56 -36.38 12.15
CA SER C 351 -65.50 -35.85 13.52
C SER C 351 -65.54 -36.98 14.53
N SER C 352 -65.02 -36.71 15.73
CA SER C 352 -65.00 -37.68 16.82
C SER C 352 -66.17 -37.50 17.77
N HIS C 353 -67.23 -36.79 17.37
CA HIS C 353 -68.33 -36.50 18.28
C HIS C 353 -69.10 -37.77 18.60
N ILE C 354 -69.29 -38.04 19.88
CA ILE C 354 -70.13 -39.13 20.36
C ILE C 354 -71.37 -38.53 20.98
N THR C 355 -72.54 -38.94 20.50
CA THR C 355 -73.80 -38.54 21.11
C THR C 355 -73.96 -39.27 22.44
N PRO C 356 -73.82 -38.61 23.58
CA PRO C 356 -73.86 -39.35 24.85
C PRO C 356 -75.26 -39.83 25.17
N THR C 357 -75.31 -40.96 25.88
CA THR C 357 -76.58 -41.48 26.37
C THR C 357 -77.21 -40.54 27.39
N LYS C 358 -76.40 -40.04 28.33
CA LYS C 358 -76.84 -39.08 29.32
C LYS C 358 -75.66 -38.20 29.68
N MET C 359 -75.89 -36.89 29.74
CA MET C 359 -74.86 -35.94 30.12
C MET C 359 -75.49 -34.82 30.95
N THR C 360 -74.87 -34.51 32.09
CA THR C 360 -75.32 -33.44 32.97
C THR C 360 -74.16 -32.48 33.21
N SER C 361 -74.37 -31.20 32.89
CA SER C 361 -73.32 -30.22 33.07
C SER C 361 -73.03 -30.02 34.56
N PHE C 362 -71.98 -29.25 34.84
CA PHE C 362 -71.60 -28.99 36.23
C PHE C 362 -72.65 -28.17 36.96
N LEU C 363 -73.25 -27.19 36.26
CA LEU C 363 -74.33 -26.41 36.86
C LEU C 363 -75.52 -27.28 37.17
N ASP C 364 -76.02 -28.02 36.18
CA ASP C 364 -77.15 -28.90 36.42
C ASP C 364 -76.83 -29.95 37.46
N THR C 365 -75.54 -30.28 37.63
CA THR C 365 -75.14 -31.20 38.68
C THR C 365 -75.26 -30.55 40.05
N LEU C 366 -74.77 -29.32 40.19
CA LEU C 366 -74.89 -28.61 41.46
C LEU C 366 -76.35 -28.29 41.79
N ALA C 367 -77.13 -27.87 40.79
CA ALA C 367 -78.54 -27.59 41.02
C ALA C 367 -79.29 -28.85 41.48
N ALA C 368 -79.09 -29.96 40.76
CA ALA C 368 -79.76 -31.20 41.15
C ALA C 368 -79.25 -31.74 42.47
N ARG C 369 -78.11 -31.27 42.96
CA ARG C 369 -77.56 -31.73 44.23
C ARG C 369 -77.85 -30.77 45.37
N GLY C 370 -78.65 -29.72 45.13
CA GLY C 370 -79.00 -28.76 46.15
C GLY C 370 -77.95 -27.71 46.45
N VAL C 371 -76.74 -27.83 45.89
CA VAL C 371 -75.71 -26.81 46.09
C VAL C 371 -76.10 -25.58 45.29
N ASP C 372 -76.46 -24.51 45.99
CA ASP C 372 -76.86 -23.26 45.34
C ASP C 372 -75.63 -22.38 45.15
N VAL C 373 -75.44 -21.90 43.93
CA VAL C 373 -74.29 -21.09 43.55
C VAL C 373 -74.80 -19.88 42.78
N ALA C 374 -73.90 -18.93 42.53
CA ALA C 374 -74.15 -17.82 41.63
C ALA C 374 -73.25 -18.00 40.42
N PHE C 375 -73.85 -18.03 39.24
CA PHE C 375 -73.11 -18.28 38.01
C PHE C 375 -72.96 -17.00 37.21
N ALA C 376 -71.78 -16.82 36.61
CA ALA C 376 -71.51 -15.72 35.69
C ALA C 376 -70.65 -16.28 34.56
N PRO C 377 -71.06 -16.08 33.30
CA PRO C 377 -70.25 -16.63 32.19
C PRO C 377 -68.84 -16.06 32.16
N GLY C 378 -68.69 -14.76 32.43
CA GLY C 378 -67.39 -14.13 32.40
C GLY C 378 -66.86 -13.93 31.00
N PHE C 379 -66.93 -14.98 30.19
CA PHE C 379 -66.40 -14.95 28.84
C PHE C 379 -67.23 -15.88 27.96
N THR C 380 -67.02 -15.77 26.66
CA THR C 380 -67.64 -16.63 25.67
C THR C 380 -66.62 -17.60 25.11
N LEU C 381 -67.12 -18.72 24.59
CA LEU C 381 -66.28 -19.76 24.02
C LEU C 381 -65.95 -19.42 22.58
N ASP C 382 -65.82 -18.14 22.28
CA ASP C 382 -65.52 -17.65 20.94
C ASP C 382 -64.18 -16.94 20.93
N LEU C 383 -63.77 -16.53 19.73
CA LEU C 383 -62.57 -15.73 19.54
C LEU C 383 -62.85 -14.24 19.68
N GLU C 384 -64.10 -13.87 19.97
CA GLU C 384 -64.46 -12.46 20.13
C GLU C 384 -63.66 -11.82 21.26
N PRO C 385 -63.43 -10.51 21.21
CA PRO C 385 -62.69 -9.86 22.29
C PRO C 385 -63.45 -9.97 23.61
N ALA C 386 -62.79 -9.55 24.68
CA ALA C 386 -63.39 -9.64 26.00
C ALA C 386 -64.59 -8.71 26.13
N ASP C 387 -65.62 -9.20 26.80
CA ASP C 387 -66.83 -8.43 27.08
C ASP C 387 -66.68 -7.82 28.47
N ARG C 388 -66.54 -6.50 28.53
CA ARG C 388 -66.39 -5.83 29.81
C ARG C 388 -67.61 -6.04 30.70
N THR C 389 -68.78 -6.28 30.10
CA THR C 389 -69.99 -6.50 30.89
C THR C 389 -69.95 -7.87 31.57
N LEU C 390 -69.66 -8.93 30.81
CA LEU C 390 -69.53 -10.25 31.42
C LEU C 390 -68.37 -10.29 32.39
N GLU C 391 -67.28 -9.60 32.06
CA GLU C 391 -66.13 -9.55 32.94
C GLU C 391 -66.46 -8.83 34.24
N ALA C 392 -67.17 -7.70 34.14
CA ALA C 392 -67.54 -6.96 35.35
C ALA C 392 -68.56 -7.73 36.19
N GLU C 393 -69.53 -8.37 35.53
CA GLU C 393 -70.50 -9.18 36.27
C GLU C 393 -69.82 -10.32 37.04
N ALA C 394 -68.82 -10.95 36.42
CA ALA C 394 -68.13 -12.05 37.09
C ALA C 394 -67.31 -11.57 38.28
N VAL C 395 -66.84 -10.31 38.24
CA VAL C 395 -66.08 -9.78 39.36
C VAL C 395 -66.99 -9.50 40.55
N GLU C 396 -68.15 -8.89 40.31
CA GLU C 396 -69.10 -8.65 41.40
C GLU C 396 -69.64 -9.95 41.97
N THR C 397 -69.73 -10.99 41.16
CA THR C 397 -70.13 -12.30 41.64
C THR C 397 -69.08 -12.78 42.63
N ALA C 398 -67.99 -13.36 42.11
CA ALA C 398 -66.86 -13.84 42.91
C ALA C 398 -66.55 -12.99 44.12
N LYS C 399 -66.84 -11.68 44.07
CA LYS C 399 -66.57 -10.82 45.21
C LYS C 399 -67.45 -11.18 46.40
N ASN C 400 -68.63 -11.73 46.16
CA ASN C 400 -69.53 -12.16 47.23
C ASN C 400 -69.58 -13.69 47.26
N ALA C 401 -68.48 -14.30 47.71
CA ALA C 401 -68.41 -15.75 47.75
C ALA C 401 -67.23 -16.20 48.59
N ASP C 402 -67.38 -17.35 49.24
CA ASP C 402 -66.29 -17.95 50.01
C ASP C 402 -65.22 -18.48 49.08
N VAL C 403 -65.61 -19.25 48.08
CA VAL C 403 -64.70 -19.87 47.13
C VAL C 403 -65.24 -19.62 45.72
N VAL C 404 -64.33 -19.41 44.78
CA VAL C 404 -64.66 -19.21 43.38
C VAL C 404 -64.19 -20.45 42.62
N LEU C 405 -65.13 -21.13 41.97
CA LEU C 405 -64.81 -22.24 41.08
C LEU C 405 -64.83 -21.69 39.66
N MET C 406 -63.65 -21.44 39.10
CA MET C 406 -63.52 -20.85 37.77
C MET C 406 -63.15 -21.93 36.75
N PHE C 407 -63.95 -22.03 35.70
CA PHE C 407 -63.78 -23.05 34.67
C PHE C 407 -63.16 -22.42 33.43
N LEU C 408 -61.91 -22.76 33.16
CA LEU C 408 -61.16 -22.24 32.01
C LEU C 408 -60.70 -23.42 31.13
N GLY C 409 -60.07 -23.09 30.01
CA GLY C 409 -59.51 -24.09 29.14
C GLY C 409 -59.67 -23.71 27.68
N LEU C 410 -59.53 -24.71 26.82
CA LEU C 410 -59.51 -24.50 25.38
C LEU C 410 -60.90 -24.72 24.82
N PRO C 411 -61.48 -23.76 24.11
CA PRO C 411 -62.74 -24.02 23.39
C PRO C 411 -62.53 -25.00 22.25
N GLU C 412 -63.65 -25.46 21.70
CA GLU C 412 -63.59 -26.52 20.70
C GLU C 412 -62.80 -26.06 19.48
N ALA C 413 -62.94 -24.79 19.10
CA ALA C 413 -62.20 -24.27 17.95
C ALA C 413 -60.72 -24.12 18.23
N ALA C 414 -60.32 -24.06 19.49
CA ALA C 414 -58.90 -24.00 19.84
C ALA C 414 -58.20 -25.34 19.69
N GLU C 415 -58.93 -26.41 19.43
CA GLU C 415 -58.36 -27.71 19.13
C GLU C 415 -59.05 -28.31 17.91
N SER C 416 -59.05 -27.56 16.82
CA SER C 416 -59.73 -28.00 15.60
C SER C 416 -59.12 -29.30 15.11
N GLU C 417 -59.99 -30.24 14.75
CA GLU C 417 -59.53 -31.54 14.28
C GLU C 417 -58.72 -31.37 13.00
N GLY C 418 -57.70 -32.19 12.84
CA GLY C 418 -56.85 -32.15 11.68
C GLY C 418 -55.80 -31.06 11.70
N PHE C 419 -55.64 -30.33 12.80
CA PHE C 419 -54.63 -29.28 12.90
C PHE C 419 -53.85 -29.47 14.20
N ASP C 420 -52.59 -29.07 14.18
CA ASP C 420 -51.80 -28.93 15.39
C ASP C 420 -52.00 -27.55 15.98
N ARG C 421 -51.97 -27.45 17.31
CA ARG C 421 -51.97 -26.13 17.90
C ARG C 421 -50.67 -25.42 17.61
N GLU C 422 -50.69 -24.09 17.73
CA GLU C 422 -49.49 -23.28 17.61
C GLU C 422 -49.05 -22.67 18.93
N THR C 423 -49.85 -22.81 19.98
CA THR C 423 -49.48 -22.30 21.29
C THR C 423 -50.03 -23.23 22.36
N LEU C 424 -49.39 -23.21 23.52
CA LEU C 424 -49.85 -23.94 24.69
C LEU C 424 -50.81 -23.13 25.57
N ASP C 425 -50.89 -21.82 25.37
CA ASP C 425 -51.67 -20.97 26.27
C ASP C 425 -53.16 -21.14 26.04
N ILE C 426 -53.93 -20.93 27.12
CA ILE C 426 -55.39 -20.79 27.04
C ILE C 426 -55.66 -19.39 26.50
N PRO C 427 -56.88 -19.10 26.02
CA PRO C 427 -57.16 -17.76 25.49
C PRO C 427 -56.81 -16.66 26.50
N ALA C 428 -56.27 -15.56 25.99
CA ALA C 428 -55.81 -14.49 26.86
C ALA C 428 -56.96 -13.85 27.63
N LYS C 429 -58.15 -13.77 27.02
CA LYS C 429 -59.28 -13.15 27.71
C LYS C 429 -59.71 -13.96 28.91
N GLN C 430 -59.46 -15.27 28.92
CA GLN C 430 -59.71 -16.06 30.12
C GLN C 430 -58.69 -15.72 31.20
N VAL C 431 -57.43 -15.50 30.80
CA VAL C 431 -56.42 -15.07 31.77
C VAL C 431 -56.73 -13.66 32.28
N GLU C 432 -57.19 -12.78 31.39
CA GLU C 432 -57.56 -11.43 31.81
C GLU C 432 -58.70 -11.45 32.82
N LEU C 433 -59.71 -12.28 32.59
CA LEU C 433 -60.83 -12.37 33.54
C LEU C 433 -60.37 -12.94 34.87
N LEU C 434 -59.53 -13.99 34.85
CA LEU C 434 -59.04 -14.57 36.09
C LEU C 434 -58.27 -13.53 36.89
N LYS C 435 -57.42 -12.75 36.23
CA LYS C 435 -56.68 -11.71 36.94
C LYS C 435 -57.62 -10.69 37.56
N ALA C 436 -58.70 -10.35 36.87
CA ALA C 436 -59.67 -9.40 37.40
C ALA C 436 -60.40 -9.98 38.61
N VAL C 437 -60.79 -11.25 38.53
CA VAL C 437 -61.44 -11.89 39.67
C VAL C 437 -60.47 -12.00 40.85
N ALA C 438 -59.20 -12.32 40.57
CA ALA C 438 -58.22 -12.51 41.65
C ALA C 438 -57.96 -11.24 42.45
N ALA C 439 -58.22 -10.06 41.88
CA ALA C 439 -58.02 -8.84 42.62
C ALA C 439 -59.06 -8.64 43.71
N GLU C 440 -60.23 -9.28 43.59
CA GLU C 440 -61.31 -9.11 44.55
C GLU C 440 -61.56 -10.35 45.41
N ASN C 441 -61.02 -11.51 45.04
CA ASN C 441 -61.22 -12.72 45.84
C ASN C 441 -60.07 -13.67 45.56
N LYS C 442 -59.30 -14.01 46.60
CA LYS C 442 -58.12 -14.86 46.45
C LYS C 442 -58.45 -16.34 46.50
N ASN C 443 -59.64 -16.72 46.97
CA ASN C 443 -60.02 -18.12 47.10
C ASN C 443 -60.60 -18.60 45.76
N ILE C 444 -59.70 -18.86 44.81
CA ILE C 444 -60.06 -19.26 43.46
C ILE C 444 -59.60 -20.69 43.23
N VAL C 445 -60.48 -21.50 42.66
CA VAL C 445 -60.14 -22.81 42.10
C VAL C 445 -60.33 -22.72 40.59
N VAL C 446 -59.27 -23.01 39.84
CA VAL C 446 -59.34 -23.07 38.38
C VAL C 446 -59.52 -24.52 37.97
N VAL C 447 -60.57 -24.79 37.20
CA VAL C 447 -60.79 -26.10 36.60
C VAL C 447 -60.50 -25.97 35.11
N LEU C 448 -59.57 -26.79 34.60
CA LEU C 448 -59.12 -26.71 33.21
C LEU C 448 -59.76 -27.82 32.37
N SER C 449 -60.26 -27.44 31.19
CA SER C 449 -60.74 -28.38 30.19
C SER C 449 -59.92 -28.20 28.93
N ASN C 450 -59.17 -29.23 28.55
CA ASN C 450 -58.28 -29.15 27.40
C ASN C 450 -57.87 -30.55 26.96
N GLY C 451 -57.79 -30.74 25.64
CA GLY C 451 -57.39 -32.03 25.10
C GLY C 451 -55.91 -32.32 25.19
N SER C 452 -55.07 -31.28 25.32
CA SER C 452 -53.65 -31.48 25.47
C SER C 452 -53.11 -30.38 26.39
N VAL C 453 -51.80 -30.47 26.66
CA VAL C 453 -51.17 -29.64 27.67
C VAL C 453 -51.44 -28.17 27.40
N VAL C 454 -51.89 -27.46 28.44
CA VAL C 454 -51.94 -26.00 28.44
C VAL C 454 -50.93 -25.50 29.46
N SER C 455 -50.41 -24.30 29.22
CA SER C 455 -49.49 -23.69 30.18
C SER C 455 -50.26 -23.26 31.43
N VAL C 456 -49.62 -23.39 32.59
CA VAL C 456 -50.24 -23.13 33.87
C VAL C 456 -49.55 -21.99 34.62
N ALA C 457 -48.23 -22.03 34.67
CA ALA C 457 -47.47 -21.00 35.38
C ALA C 457 -47.80 -19.55 34.96
N PRO C 458 -48.08 -19.24 33.68
CA PRO C 458 -48.36 -17.82 33.35
C PRO C 458 -49.48 -17.21 34.16
N TRP C 459 -50.43 -18.00 34.63
CA TRP C 459 -51.57 -17.48 35.39
C TRP C 459 -51.76 -18.14 36.73
N ALA C 460 -50.94 -19.15 37.08
CA ALA C 460 -51.14 -19.92 38.30
C ALA C 460 -51.11 -19.06 39.56
N GLY C 461 -50.47 -17.89 39.51
CA GLY C 461 -50.40 -17.02 40.67
C GLY C 461 -51.75 -16.50 41.12
N ASN C 462 -52.75 -16.55 40.26
CA ASN C 462 -54.09 -16.07 40.58
C ASN C 462 -55.01 -17.16 41.10
N ALA C 463 -54.52 -18.38 41.29
CA ALA C 463 -55.34 -19.49 41.74
C ALA C 463 -54.63 -20.22 42.88
N LYS C 464 -55.37 -20.49 43.95
CA LYS C 464 -54.84 -21.32 45.02
C LYS C 464 -54.98 -22.80 44.67
N GLY C 465 -56.01 -23.17 43.95
CA GLY C 465 -56.21 -24.56 43.54
C GLY C 465 -56.38 -24.68 42.05
N ILE C 466 -55.70 -25.66 41.46
CA ILE C 466 -55.71 -25.90 40.02
C ILE C 466 -56.01 -27.38 39.80
N LEU C 467 -57.16 -27.67 39.22
CA LEU C 467 -57.58 -29.02 38.91
C LEU C 467 -57.51 -29.19 37.40
N GLU C 468 -56.60 -30.04 36.93
CA GLU C 468 -56.47 -30.35 35.51
C GLU C 468 -57.36 -31.54 35.23
N SER C 469 -58.49 -31.29 34.57
CA SER C 469 -59.47 -32.34 34.32
C SER C 469 -59.48 -32.80 32.87
N TRP C 470 -58.57 -32.30 32.04
CA TRP C 470 -58.44 -32.68 30.63
C TRP C 470 -59.79 -32.71 29.93
N LEU C 471 -60.14 -33.88 29.39
CA LEU C 471 -61.47 -34.15 28.85
C LEU C 471 -62.03 -35.36 29.59
N LEU C 472 -63.22 -35.20 30.17
CA LEU C 472 -63.75 -36.17 31.12
C LEU C 472 -64.85 -37.07 30.54
N GLY C 473 -65.37 -36.76 29.35
CA GLY C 473 -66.47 -37.53 28.83
C GLY C 473 -67.80 -37.06 29.38
N GLN C 474 -68.82 -37.89 29.15
CA GLN C 474 -70.21 -37.49 29.40
C GLN C 474 -70.53 -37.34 30.88
N ALA C 475 -69.75 -37.94 31.77
CA ALA C 475 -70.01 -37.90 33.19
C ALA C 475 -69.09 -36.95 33.93
N GLY C 476 -68.49 -35.98 33.23
CA GLY C 476 -67.55 -35.07 33.88
C GLY C 476 -68.21 -34.22 34.94
N GLY C 477 -69.44 -33.77 34.70
CA GLY C 477 -70.17 -32.97 35.65
C GLY C 477 -70.24 -33.61 37.01
N PRO C 478 -70.90 -34.78 37.11
CA PRO C 478 -70.96 -35.47 38.41
C PRO C 478 -69.61 -35.78 39.00
N ALA C 479 -68.64 -36.14 38.14
CA ALA C 479 -67.32 -36.49 38.64
C ALA C 479 -66.63 -35.27 39.25
N LEU C 480 -66.76 -34.11 38.60
CA LEU C 480 -66.17 -32.88 39.12
C LEU C 480 -66.77 -32.52 40.47
N ALA C 481 -68.08 -32.71 40.63
CA ALA C 481 -68.72 -32.42 41.91
C ALA C 481 -68.18 -33.31 43.02
N ASP C 482 -68.00 -34.60 42.73
CA ASP C 482 -67.50 -35.55 43.74
C ASP C 482 -66.08 -35.23 44.16
N VAL C 483 -65.24 -34.75 43.25
CA VAL C 483 -63.86 -34.46 43.59
C VAL C 483 -63.75 -33.13 44.33
N ILE C 484 -64.39 -32.09 43.78
CA ILE C 484 -64.29 -30.75 44.35
C ILE C 484 -64.91 -30.68 45.73
N PHE C 485 -65.99 -31.44 45.97
CA PHE C 485 -66.69 -31.39 47.25
C PHE C 485 -66.33 -32.55 48.17
N GLY C 486 -65.31 -33.33 47.82
CA GLY C 486 -64.69 -34.24 48.76
C GLY C 486 -65.36 -35.59 48.96
N LYS C 487 -66.37 -35.94 48.17
CA LYS C 487 -66.89 -37.30 48.27
C LYS C 487 -65.82 -38.33 47.94
N VAL C 488 -64.90 -37.98 47.05
CA VAL C 488 -63.76 -38.81 46.69
C VAL C 488 -62.57 -37.88 46.47
N SER C 489 -61.36 -38.40 46.72
CA SER C 489 -60.14 -37.63 46.50
C SER C 489 -59.61 -37.82 45.08
N PRO C 490 -59.08 -36.78 44.44
CA PRO C 490 -58.42 -36.96 43.13
C PRO C 490 -57.15 -37.76 43.30
N SER C 491 -56.85 -38.60 42.30
CA SER C 491 -55.71 -39.48 42.35
C SER C 491 -54.91 -39.49 41.04
N GLY C 492 -55.13 -38.50 40.19
CA GLY C 492 -54.51 -38.50 38.88
C GLY C 492 -53.04 -38.13 38.93
N LYS C 493 -52.27 -38.77 38.07
CA LYS C 493 -50.87 -38.44 37.85
C LYS C 493 -50.70 -38.03 36.39
N LEU C 494 -49.86 -37.03 36.15
CA LEU C 494 -49.66 -36.54 34.79
C LEU C 494 -49.05 -37.61 33.89
N ALA C 495 -49.74 -37.88 32.78
CA ALA C 495 -49.20 -38.70 31.70
C ALA C 495 -48.44 -37.86 30.68
N GLN C 496 -48.30 -36.56 30.94
CA GLN C 496 -47.65 -35.62 30.03
C GLN C 496 -46.92 -34.60 30.89
N THR C 497 -45.73 -34.20 30.44
CA THR C 497 -45.00 -33.13 31.09
C THR C 497 -45.64 -31.78 30.78
N ILE C 498 -45.75 -30.94 31.80
CA ILE C 498 -46.15 -29.55 31.61
C ILE C 498 -44.90 -28.69 31.67
N PRO C 499 -44.42 -28.19 30.54
CA PRO C 499 -43.17 -27.41 30.53
C PRO C 499 -43.44 -25.96 30.89
N MET C 500 -42.34 -25.24 31.16
CA MET C 500 -42.44 -23.81 31.41
C MET C 500 -42.72 -23.04 30.11
N ASN C 501 -42.31 -23.60 28.98
CA ASN C 501 -42.35 -22.93 27.69
C ASN C 501 -42.19 -24.01 26.61
N ILE C 502 -42.98 -23.91 25.54
CA ILE C 502 -42.92 -24.89 24.47
C ILE C 502 -41.53 -24.90 23.81
N ASN C 503 -40.82 -23.78 23.87
CA ASN C 503 -39.48 -23.70 23.31
C ASN C 503 -38.44 -24.43 24.13
N ASP C 504 -38.81 -25.00 25.28
CA ASP C 504 -37.91 -25.89 26.01
C ASP C 504 -37.94 -27.30 25.47
N ASP C 505 -39.01 -27.68 24.79
CA ASP C 505 -39.16 -29.04 24.29
C ASP C 505 -38.11 -29.31 23.21
N PRO C 506 -37.32 -30.37 23.34
CA PRO C 506 -36.24 -30.61 22.37
C PRO C 506 -36.70 -30.99 20.98
N SER C 507 -37.98 -31.27 20.78
CA SER C 507 -38.50 -31.56 19.46
C SER C 507 -38.95 -30.30 18.72
N MET C 508 -39.09 -29.18 19.43
CA MET C 508 -39.65 -27.97 18.84
C MET C 508 -38.81 -27.45 17.68
N ILE C 509 -37.51 -27.73 17.67
CA ILE C 509 -36.68 -27.35 16.53
C ILE C 509 -37.20 -28.05 15.28
N ASN C 510 -37.62 -29.29 15.42
CA ASN C 510 -38.12 -30.07 14.30
C ASN C 510 -39.62 -30.28 14.43
N TRP C 511 -40.36 -29.19 14.46
CA TRP C 511 -41.81 -29.25 14.57
C TRP C 511 -42.39 -28.04 13.85
N PRO C 512 -43.28 -28.24 12.87
CA PRO C 512 -43.71 -29.57 12.44
C PRO C 512 -42.90 -30.15 11.27
N GLY C 513 -41.71 -29.62 11.03
CA GLY C 513 -40.92 -30.05 9.89
C GLY C 513 -41.10 -29.11 8.70
N GLU C 514 -40.52 -29.52 7.57
CA GLU C 514 -40.52 -28.66 6.40
C GLU C 514 -40.32 -29.50 5.15
N GLU C 515 -40.90 -29.02 4.04
CA GLU C 515 -40.68 -29.58 2.71
C GLU C 515 -40.87 -31.10 2.69
N GLY C 516 -41.94 -31.56 3.33
CA GLY C 516 -42.34 -32.95 3.27
C GLY C 516 -41.61 -33.90 4.19
N HIS C 517 -40.81 -33.39 5.12
CA HIS C 517 -40.11 -34.28 6.03
C HIS C 517 -39.97 -33.60 7.39
N VAL C 518 -39.89 -34.41 8.43
CA VAL C 518 -39.63 -33.95 9.79
C VAL C 518 -38.59 -34.89 10.40
N ASP C 519 -37.45 -34.32 10.80
CA ASP C 519 -36.33 -35.11 11.30
C ASP C 519 -36.39 -35.16 12.82
N TYR C 520 -36.59 -36.35 13.37
CA TYR C 520 -36.72 -36.49 14.83
C TYR C 520 -35.34 -36.37 15.48
N GLY C 521 -34.79 -35.15 15.42
CA GLY C 521 -33.42 -34.91 15.82
C GLY C 521 -33.16 -35.11 17.31
N GLU C 522 -34.20 -35.12 18.13
CA GLU C 522 -34.03 -35.34 19.56
C GLU C 522 -33.75 -36.79 19.90
N GLY C 523 -34.00 -37.72 18.97
CA GLY C 523 -33.70 -39.12 19.22
C GLY C 523 -34.60 -39.70 20.30
N VAL C 524 -33.99 -40.37 21.27
CA VAL C 524 -34.75 -40.98 22.36
C VAL C 524 -35.09 -39.99 23.47
N PHE C 525 -34.60 -38.75 23.39
CA PHE C 525 -34.81 -37.78 24.45
C PHE C 525 -36.12 -37.04 24.20
N VAL C 526 -37.22 -37.70 24.52
CA VAL C 526 -38.57 -37.18 24.31
C VAL C 526 -39.20 -36.88 25.66
N GLY C 527 -39.78 -35.70 25.79
CA GLY C 527 -40.52 -35.38 27.01
C GLY C 527 -39.59 -35.35 28.22
N TYR C 528 -40.03 -36.00 29.30
CA TYR C 528 -39.25 -35.98 30.54
C TYR C 528 -37.90 -36.68 30.38
N ARG C 529 -37.75 -37.54 29.38
CA ARG C 529 -36.45 -38.14 29.11
C ARG C 529 -35.39 -37.09 28.84
N TYR C 530 -35.78 -35.98 28.22
CA TYR C 530 -34.85 -34.87 28.01
C TYR C 530 -34.77 -33.98 29.24
N TYR C 531 -35.92 -33.60 29.81
CA TYR C 531 -35.93 -32.63 30.89
C TYR C 531 -35.17 -33.13 32.10
N ASP C 532 -35.36 -34.40 32.46
CA ASP C 532 -34.69 -34.96 33.64
C ASP C 532 -33.23 -35.27 33.38
N THR C 533 -32.80 -35.33 32.11
CA THR C 533 -31.41 -35.64 31.81
C THR C 533 -30.55 -34.39 31.79
N TYR C 534 -31.09 -33.26 31.33
CA TYR C 534 -30.32 -32.04 31.19
C TYR C 534 -30.72 -30.98 32.22
N ASP C 535 -31.37 -31.41 33.31
CA ASP C 535 -31.63 -30.56 34.47
C ASP C 535 -32.39 -29.30 34.10
N LYS C 536 -33.50 -29.47 33.38
CA LYS C 536 -34.33 -28.35 32.95
C LYS C 536 -35.54 -28.27 33.87
N ALA C 537 -35.92 -27.05 34.23
CA ALA C 537 -37.12 -26.85 35.03
C ALA C 537 -38.37 -27.14 34.20
N VAL C 538 -39.40 -27.66 34.87
CA VAL C 538 -40.70 -27.85 34.27
C VAL C 538 -41.75 -27.28 35.21
N ASP C 539 -42.95 -27.06 34.67
CA ASP C 539 -44.03 -26.53 35.49
C ASP C 539 -44.56 -27.60 36.43
N TYR C 540 -44.96 -28.75 35.88
CA TYR C 540 -45.37 -29.89 36.66
C TYR C 540 -44.77 -31.11 35.99
N PRO C 541 -44.04 -31.95 36.72
CA PRO C 541 -43.27 -33.02 36.09
C PRO C 541 -44.13 -34.22 35.71
N PHE C 542 -43.57 -35.04 34.83
CA PHE C 542 -44.19 -36.31 34.46
C PHE C 542 -44.47 -37.14 35.70
N GLY C 543 -45.69 -37.69 35.77
CA GLY C 543 -46.06 -38.52 36.90
C GLY C 543 -46.44 -37.76 38.15
N PHE C 544 -46.63 -36.45 38.09
CA PHE C 544 -46.96 -35.66 39.27
C PHE C 544 -48.47 -35.55 39.43
N GLY C 545 -48.90 -35.46 40.69
CA GLY C 545 -50.30 -35.28 41.02
C GLY C 545 -50.51 -35.16 42.51
N LEU C 546 -51.39 -34.25 42.93
CA LEU C 546 -51.68 -34.06 44.34
C LEU C 546 -52.86 -34.92 44.76
N SER C 547 -53.07 -34.99 46.08
CA SER C 547 -54.12 -35.80 46.68
C SER C 547 -54.67 -35.08 47.90
N TYR C 548 -55.88 -35.46 48.31
CA TYR C 548 -56.44 -35.02 49.58
C TYR C 548 -55.86 -35.78 50.75
N ALA C 549 -55.12 -36.85 50.50
CA ALA C 549 -54.51 -37.66 51.55
C ALA C 549 -53.00 -37.47 51.52
N THR C 550 -52.36 -38.02 52.54
CA THR C 550 -50.91 -38.06 52.62
C THR C 550 -50.48 -39.52 52.65
N PHE C 551 -49.32 -39.79 52.06
CA PHE C 551 -48.82 -41.16 51.96
C PHE C 551 -47.36 -41.19 52.37
N ALA C 552 -46.92 -42.38 52.78
CA ALA C 552 -45.52 -42.62 53.12
C ALA C 552 -45.10 -43.95 52.51
N ILE C 553 -43.90 -43.98 51.96
CA ILE C 553 -43.32 -45.17 51.35
C ILE C 553 -42.10 -45.56 52.18
N ASP C 554 -42.08 -46.80 52.63
CA ASP C 554 -40.92 -47.37 53.32
C ASP C 554 -40.85 -48.85 53.00
N GLY C 555 -39.95 -49.55 53.67
CA GLY C 555 -39.76 -50.97 53.43
C GLY C 555 -39.34 -51.30 52.02
N VAL C 556 -38.68 -50.38 51.33
CA VAL C 556 -38.28 -50.62 49.95
C VAL C 556 -37.09 -51.57 49.93
N ASN C 557 -37.21 -52.64 49.15
CA ASN C 557 -36.15 -53.63 49.01
C ASN C 557 -36.03 -53.99 47.54
N VAL C 558 -34.84 -53.81 46.97
CA VAL C 558 -34.54 -54.14 45.59
C VAL C 558 -33.55 -55.28 45.58
N ALA C 559 -33.86 -56.33 44.83
CA ALA C 559 -33.04 -57.53 44.80
C ALA C 559 -32.74 -57.95 43.37
N LYS C 560 -31.51 -58.38 43.14
CA LYS C 560 -31.14 -58.98 41.87
C LYS C 560 -31.73 -60.39 41.79
N THR C 561 -32.41 -60.69 40.68
CA THR C 561 -33.09 -61.97 40.53
C THR C 561 -32.54 -62.79 39.39
N GLY C 562 -31.51 -62.32 38.72
CA GLY C 562 -30.92 -63.04 37.60
C GLY C 562 -29.73 -62.26 37.08
N ALA C 563 -29.18 -62.74 35.97
CA ALA C 563 -28.02 -62.07 35.41
C ALA C 563 -28.33 -60.61 35.11
N ASN C 564 -29.54 -60.32 34.62
CA ASN C 564 -29.91 -58.97 34.21
C ASN C 564 -31.37 -58.69 34.54
N THR C 565 -31.85 -59.17 35.70
CA THR C 565 -33.22 -58.89 36.14
C THR C 565 -33.22 -58.52 37.62
N ALA C 566 -34.24 -57.76 38.01
CA ALA C 566 -34.37 -57.29 39.38
C ALA C 566 -35.85 -57.31 39.78
N HIS C 567 -36.07 -57.18 41.09
CA HIS C 567 -37.41 -57.19 41.68
C HIS C 567 -37.48 -56.16 42.78
N VAL C 568 -38.57 -55.40 42.81
CA VAL C 568 -38.77 -54.32 43.76
C VAL C 568 -39.95 -54.67 44.66
N THR C 569 -39.79 -54.43 45.96
CA THR C 569 -40.86 -54.55 46.93
C THR C 569 -40.93 -53.28 47.76
N ALA C 570 -42.14 -52.77 47.96
CA ALA C 570 -42.31 -51.54 48.73
C ALA C 570 -43.65 -51.59 49.46
N THR C 571 -43.73 -50.83 50.55
CA THR C 571 -44.94 -50.68 51.34
C THR C 571 -45.40 -49.23 51.29
N VAL C 572 -46.67 -49.02 51.01
CA VAL C 572 -47.28 -47.70 50.98
C VAL C 572 -48.32 -47.63 52.08
N THR C 573 -48.38 -46.49 52.78
CA THR C 573 -49.23 -46.34 53.94
C THR C 573 -49.98 -45.01 53.84
N ASN C 574 -51.29 -45.05 54.04
CA ASN C 574 -52.10 -43.83 54.12
C ASN C 574 -51.93 -43.25 55.51
N THR C 575 -51.18 -42.16 55.62
CA THR C 575 -50.89 -41.54 56.90
C THR C 575 -51.82 -40.38 57.21
N SER C 576 -53.01 -40.36 56.62
CA SER C 576 -53.96 -39.28 56.78
C SER C 576 -55.29 -39.82 57.29
N ASP C 577 -56.29 -38.95 57.35
CA ASP C 577 -57.64 -39.32 57.75
C ASP C 577 -58.59 -39.42 56.56
N VAL C 578 -58.06 -39.40 55.34
CA VAL C 578 -58.86 -39.38 54.13
C VAL C 578 -58.57 -40.64 53.33
N ASP C 579 -59.63 -41.32 52.89
CA ASP C 579 -59.48 -42.44 51.98
C ASP C 579 -59.13 -41.92 50.59
N ALA C 580 -58.02 -42.39 50.04
CA ALA C 580 -57.57 -41.93 48.73
C ALA C 580 -56.62 -42.96 48.14
N ALA C 581 -56.31 -42.78 46.85
CA ALA C 581 -55.43 -43.66 46.12
C ALA C 581 -54.08 -43.00 45.90
N GLU C 582 -53.03 -43.82 45.86
CA GLU C 582 -51.69 -43.35 45.56
C GLU C 582 -51.12 -44.21 44.44
N THR C 583 -50.36 -43.59 43.53
CA THR C 583 -49.78 -44.28 42.38
C THR C 583 -48.26 -44.34 42.56
N VAL C 584 -47.76 -45.52 42.91
CA VAL C 584 -46.32 -45.71 43.06
C VAL C 584 -45.69 -45.95 41.70
N GLN C 585 -44.56 -45.32 41.46
CA GLN C 585 -43.87 -45.34 40.18
C GLN C 585 -42.43 -45.80 40.38
N VAL C 586 -41.95 -46.61 39.45
CA VAL C 586 -40.59 -47.14 39.49
C VAL C 586 -39.85 -46.68 38.25
N TYR C 587 -38.70 -46.03 38.44
CA TYR C 587 -37.85 -45.61 37.35
C TYR C 587 -36.50 -46.33 37.45
N VAL C 588 -35.87 -46.54 36.29
CA VAL C 588 -34.55 -47.16 36.22
C VAL C 588 -33.56 -46.11 35.75
N ALA C 589 -32.57 -45.82 36.58
CA ALA C 589 -31.55 -44.82 36.26
C ALA C 589 -30.23 -45.52 35.99
N PRO C 590 -29.84 -45.72 34.74
CA PRO C 590 -28.61 -46.44 34.45
C PRO C 590 -27.39 -45.54 34.57
N GLY C 591 -26.24 -46.17 34.81
CA GLY C 591 -24.97 -45.49 34.77
C GLY C 591 -24.51 -45.25 33.34
N LYS C 592 -23.32 -44.67 33.24
CA LYS C 592 -22.69 -44.38 31.95
C LYS C 592 -22.64 -45.62 31.07
N ALA C 593 -23.14 -45.47 29.84
CA ALA C 593 -23.26 -46.57 28.88
C ALA C 593 -22.52 -46.20 27.60
N ALA C 594 -22.39 -47.19 26.71
CA ALA C 594 -21.78 -46.97 25.40
C ALA C 594 -22.65 -46.10 24.49
N VAL C 595 -23.92 -45.90 24.83
CA VAL C 595 -24.79 -45.02 24.06
C VAL C 595 -25.35 -43.97 25.01
N ALA C 596 -25.83 -42.87 24.43
CA ALA C 596 -26.50 -41.86 25.20
C ALA C 596 -27.85 -42.41 25.67
N ARG C 597 -28.16 -42.23 26.96
CA ARG C 597 -29.38 -42.71 27.59
C ARG C 597 -29.93 -41.62 28.50
N PRO C 598 -31.26 -41.49 28.59
CA PRO C 598 -31.84 -40.58 29.57
C PRO C 598 -31.42 -40.96 30.98
N LYS C 599 -31.48 -39.98 31.89
CA LYS C 599 -31.03 -40.23 33.26
C LYS C 599 -31.83 -41.37 33.89
N HIS C 600 -33.14 -41.41 33.69
CA HIS C 600 -33.93 -42.55 34.12
C HIS C 600 -35.12 -42.72 33.20
N GLU C 601 -35.72 -43.91 33.26
CA GLU C 601 -36.89 -44.23 32.46
C GLU C 601 -37.89 -45.00 33.31
N LEU C 602 -39.17 -44.71 33.12
CA LEU C 602 -40.22 -45.42 33.83
C LEU C 602 -40.27 -46.89 33.42
N LYS C 603 -40.22 -47.79 34.40
CA LYS C 603 -40.24 -49.22 34.10
C LYS C 603 -41.29 -49.98 34.91
N GLY C 604 -42.17 -49.28 35.62
CA GLY C 604 -43.24 -49.93 36.36
C GLY C 604 -44.04 -48.97 37.21
N PHE C 605 -45.31 -49.30 37.47
CA PHE C 605 -46.16 -48.47 38.31
C PHE C 605 -47.30 -49.32 38.86
N ARG C 606 -47.85 -48.88 40.00
CA ARG C 606 -48.95 -49.58 40.64
C ARG C 606 -49.79 -48.59 41.41
N LYS C 607 -51.09 -48.56 41.13
CA LYS C 607 -52.04 -47.70 41.83
C LYS C 607 -52.69 -48.48 42.95
N VAL C 608 -52.76 -47.89 44.14
CA VAL C 608 -53.30 -48.52 45.34
C VAL C 608 -54.31 -47.59 46.00
N PHE C 609 -55.52 -48.09 46.24
CA PHE C 609 -56.53 -47.38 47.01
C PHE C 609 -56.40 -47.78 48.47
N LEU C 610 -56.19 -46.80 49.35
CA LEU C 610 -55.95 -47.08 50.75
C LEU C 610 -56.88 -46.23 51.61
N LYS C 611 -57.61 -46.88 52.52
CA LYS C 611 -58.38 -46.13 53.49
C LYS C 611 -57.43 -45.47 54.49
N ALA C 612 -57.99 -44.58 55.31
CA ALA C 612 -57.19 -43.85 56.29
C ALA C 612 -56.47 -44.83 57.21
N GLY C 613 -55.14 -44.78 57.21
CA GLY C 613 -54.33 -45.63 58.06
C GLY C 613 -53.94 -46.96 57.46
N GLU C 614 -54.52 -47.37 56.34
CA GLU C 614 -54.23 -48.66 55.76
C GLU C 614 -52.89 -48.62 55.03
N SER C 615 -52.23 -49.78 54.98
CA SER C 615 -50.97 -49.95 54.26
C SER C 615 -51.06 -51.16 53.32
N ALA C 616 -50.15 -51.20 52.34
CA ALA C 616 -50.16 -52.26 51.34
C ALA C 616 -48.75 -52.58 50.84
N GLU C 617 -48.52 -53.87 50.61
CA GLU C 617 -47.27 -54.40 50.09
C GLU C 617 -47.40 -54.62 48.58
N ILE C 618 -46.55 -53.96 47.80
CA ILE C 618 -46.66 -54.01 46.36
C ILE C 618 -45.30 -54.40 45.79
N THR C 619 -45.33 -55.12 44.66
CA THR C 619 -44.11 -55.63 44.03
C THR C 619 -44.04 -55.22 42.57
N PHE C 620 -42.81 -55.10 42.06
CA PHE C 620 -42.55 -54.79 40.67
C PHE C 620 -41.48 -55.74 40.14
N ASP C 621 -41.75 -56.36 39.00
CA ASP C 621 -40.74 -57.13 38.28
C ASP C 621 -39.99 -56.21 37.33
N LEU C 622 -38.67 -56.34 37.30
CA LEU C 622 -37.81 -55.60 36.38
C LEU C 622 -37.11 -56.61 35.49
N ASP C 623 -37.66 -56.86 34.31
CA ASP C 623 -37.08 -57.86 33.41
C ASP C 623 -35.87 -57.28 32.69
N GLU C 624 -35.28 -58.07 31.77
CA GLU C 624 -34.08 -57.61 31.08
C GLU C 624 -34.34 -56.36 30.26
N ARG C 625 -35.53 -56.23 29.67
CA ARG C 625 -35.86 -55.06 28.88
C ARG C 625 -35.92 -53.79 29.73
N ALA C 626 -36.05 -53.93 31.05
CA ALA C 626 -36.02 -52.76 31.91
C ALA C 626 -34.64 -52.14 31.99
N PHE C 627 -33.60 -52.88 31.60
CA PHE C 627 -32.23 -52.38 31.70
C PHE C 627 -31.54 -52.32 30.34
N ALA C 628 -32.28 -52.53 29.26
CA ALA C 628 -31.69 -52.65 27.93
C ALA C 628 -32.05 -51.46 27.06
N TYR C 629 -31.08 -51.01 26.28
CA TYR C 629 -31.32 -50.08 25.20
C TYR C 629 -31.23 -50.82 23.87
N TRP C 630 -31.71 -50.17 22.82
CA TRP C 630 -31.53 -50.72 21.49
C TRP C 630 -30.13 -50.39 20.98
N SER C 631 -29.42 -51.41 20.51
CA SER C 631 -28.08 -51.23 19.97
C SER C 631 -28.12 -51.31 18.45
N GLU C 632 -27.71 -50.24 17.78
CA GLU C 632 -27.57 -50.28 16.33
C GLU C 632 -26.34 -51.08 15.91
N LYS C 633 -25.37 -51.24 16.80
CA LYS C 633 -24.23 -52.10 16.51
C LYS C 633 -24.63 -53.56 16.51
N PHE C 634 -25.43 -53.98 17.49
CA PHE C 634 -25.88 -55.36 17.55
C PHE C 634 -27.15 -55.62 16.76
N ASN C 635 -27.89 -54.57 16.40
CA ASN C 635 -29.22 -54.71 15.79
C ASN C 635 -30.15 -55.49 16.72
N ASP C 636 -30.08 -55.16 18.01
CA ASP C 636 -30.79 -55.93 19.02
C ASP C 636 -30.71 -55.19 20.36
N TRP C 637 -31.58 -55.58 21.29
CA TRP C 637 -31.52 -55.08 22.66
C TRP C 637 -30.23 -55.49 23.34
N HIS C 638 -29.75 -54.63 24.25
CA HIS C 638 -28.48 -54.89 24.91
C HIS C 638 -28.52 -54.40 26.35
N VAL C 639 -28.22 -55.30 27.28
CA VAL C 639 -27.99 -54.95 28.67
C VAL C 639 -26.48 -54.90 28.89
N GLU C 640 -25.99 -53.72 29.24
CA GLU C 640 -24.57 -53.51 29.50
C GLU C 640 -24.28 -53.83 30.96
N ALA C 641 -23.15 -54.50 31.19
CA ALA C 641 -22.76 -54.83 32.56
C ALA C 641 -22.46 -53.57 33.36
N GLY C 642 -22.92 -53.54 34.60
CA GLY C 642 -22.65 -52.42 35.46
C GLY C 642 -23.79 -52.16 36.44
N GLU C 643 -23.73 -50.99 37.06
CA GLU C 643 -24.67 -50.61 38.11
C GLU C 643 -25.86 -49.87 37.53
N TYR C 644 -27.04 -50.19 38.05
CA TYR C 644 -28.28 -49.55 37.66
C TYR C 644 -29.01 -49.17 38.94
N THR C 645 -29.45 -47.92 39.04
CA THR C 645 -30.15 -47.43 40.22
C THR C 645 -31.66 -47.55 40.02
N VAL C 646 -32.31 -48.28 40.92
CA VAL C 646 -33.76 -48.44 40.89
C VAL C 646 -34.37 -47.40 41.83
N GLU C 647 -35.25 -46.56 41.28
CA GLU C 647 -35.90 -45.49 42.02
C GLU C 647 -37.37 -45.83 42.26
N VAL C 648 -37.85 -45.55 43.47
CA VAL C 648 -39.24 -45.76 43.85
C VAL C 648 -39.80 -44.43 44.34
N GLY C 649 -40.96 -44.03 43.84
CA GLY C 649 -41.53 -42.76 44.23
C GLY C 649 -42.95 -42.58 43.76
N THR C 650 -43.41 -41.32 43.80
CA THR C 650 -44.78 -40.98 43.39
C THR C 650 -44.80 -40.00 42.22
N SER C 651 -43.66 -39.79 41.58
CA SER C 651 -43.47 -38.81 40.51
C SER C 651 -42.09 -39.00 39.92
N SER C 652 -41.89 -38.51 38.70
CA SER C 652 -40.53 -38.51 38.15
C SER C 652 -39.59 -37.59 38.92
N ARG C 653 -40.12 -36.69 39.77
CA ARG C 653 -39.31 -35.82 40.61
C ARG C 653 -39.73 -35.90 42.08
N ASP C 654 -40.35 -37.01 42.49
CA ASP C 654 -40.71 -37.26 43.89
C ASP C 654 -40.29 -38.71 44.17
N ILE C 655 -38.99 -38.90 44.39
CA ILE C 655 -38.42 -40.22 44.62
C ILE C 655 -38.30 -40.45 46.12
N ALA C 656 -38.83 -41.58 46.59
CA ALA C 656 -38.78 -41.92 48.00
C ALA C 656 -37.54 -42.71 48.39
N ALA C 657 -37.09 -43.60 47.52
CA ALA C 657 -35.95 -44.47 47.84
C ALA C 657 -35.26 -44.89 46.56
N VAL C 658 -33.97 -45.21 46.67
CA VAL C 658 -33.16 -45.71 45.56
C VAL C 658 -32.34 -46.90 46.05
N ALA C 659 -31.93 -47.73 45.10
CA ALA C 659 -31.08 -48.87 45.40
C ALA C 659 -30.33 -49.27 44.13
N VAL C 660 -29.08 -49.70 44.29
CA VAL C 660 -28.20 -50.02 43.17
C VAL C 660 -28.13 -51.54 43.02
N VAL C 661 -28.31 -52.02 41.79
CA VAL C 661 -28.07 -53.42 41.46
C VAL C 661 -26.99 -53.47 40.39
N THR C 662 -26.19 -54.52 40.46
CA THR C 662 -25.11 -54.74 39.50
C THR C 662 -25.45 -55.93 38.63
N LEU C 663 -25.60 -55.69 37.33
CA LEU C 663 -25.98 -56.74 36.40
C LEU C 663 -24.76 -57.24 35.65
N ASP C 664 -24.87 -58.45 35.11
CA ASP C 664 -23.72 -59.09 34.46
C ASP C 664 -23.54 -58.61 33.03
N GLY C 665 -24.56 -58.03 32.42
CA GLY C 665 -24.57 -57.79 30.99
C GLY C 665 -25.01 -59.05 30.27
N ASP C 666 -25.61 -58.92 29.10
CA ASP C 666 -26.11 -60.09 28.39
C ASP C 666 -25.04 -60.77 27.55
N GLY C 667 -23.80 -60.29 27.59
CA GLY C 667 -22.68 -60.93 26.93
C GLY C 667 -22.57 -60.71 25.44
N LYS C 668 -23.43 -59.89 24.84
CA LYS C 668 -23.35 -59.68 23.41
C LYS C 668 -22.05 -58.94 23.07
N ALA C 669 -21.20 -59.59 22.29
CA ALA C 669 -19.97 -59.03 21.77
C ALA C 669 -20.00 -59.10 20.25
N LEU C 670 -19.14 -58.30 19.63
CA LEU C 670 -19.06 -58.31 18.17
C LEU C 670 -17.61 -58.60 17.79
N PRO C 671 -17.39 -59.38 16.72
CA PRO C 671 -16.02 -59.67 16.28
C PRO C 671 -15.18 -58.42 16.07
N LEU C 672 -13.87 -58.57 16.33
CA LEU C 672 -12.90 -57.50 16.19
C LEU C 672 -12.36 -57.48 14.77
N ASP C 673 -12.20 -56.28 14.22
CA ASP C 673 -11.75 -56.11 12.83
C ASP C 673 -10.77 -54.95 12.77
N GLU C 674 -10.40 -54.58 11.55
CA GLU C 674 -9.44 -53.51 11.29
C GLU C 674 -10.03 -52.13 11.61
N THR D 5 -13.48 40.58 10.12
CA THR D 5 -13.58 39.14 9.87
C THR D 5 -13.05 38.37 11.08
N TYR D 6 -13.84 37.41 11.56
CA TYR D 6 -13.39 36.49 12.60
C TYR D 6 -13.13 35.13 11.98
N PRO D 7 -11.94 34.55 12.15
CA PRO D 7 -10.87 35.12 12.98
C PRO D 7 -9.84 35.97 12.25
N SER D 8 -9.16 36.84 13.00
CA SER D 8 -8.01 37.58 12.53
C SER D 8 -6.96 37.56 13.63
N VAL D 9 -5.85 38.26 13.42
CA VAL D 9 -4.83 38.32 14.46
C VAL D 9 -5.29 39.15 15.65
N ASN D 10 -6.31 39.98 15.46
CA ASN D 10 -6.89 40.73 16.59
C ASN D 10 -7.55 39.82 17.61
N ASP D 11 -7.92 38.61 17.22
CA ASP D 11 -8.57 37.69 18.14
C ASP D 11 -7.58 36.75 18.82
N LEU D 12 -6.30 36.88 18.54
CA LEU D 12 -5.28 35.97 19.03
C LEU D 12 -4.41 36.65 20.08
N THR D 13 -3.97 35.86 21.06
CA THR D 13 -2.94 36.32 21.97
C THR D 13 -1.57 36.21 21.31
N LEU D 14 -0.56 36.76 21.98
CA LEU D 14 0.80 36.68 21.45
C LEU D 14 1.23 35.22 21.29
N GLU D 15 0.95 34.39 22.29
CA GLU D 15 1.33 32.99 22.22
C GLU D 15 0.61 32.26 21.09
N GLU D 16 -0.65 32.61 20.83
CA GLU D 16 -1.35 32.00 19.71
C GLU D 16 -0.79 32.50 18.38
N LYS D 17 -0.45 33.79 18.31
CA LYS D 17 0.15 34.33 17.09
C LYS D 17 1.43 33.60 16.73
N ALA D 18 2.32 33.42 17.71
CA ALA D 18 3.58 32.78 17.44
C ALA D 18 3.41 31.33 17.02
N SER D 19 2.39 30.66 17.54
CA SER D 19 2.18 29.26 17.17
C SER D 19 1.82 29.11 15.71
N LEU D 20 1.14 30.10 15.12
CA LEU D 20 0.77 30.02 13.71
C LEU D 20 1.99 30.05 12.79
N THR D 21 3.14 30.48 13.28
CA THR D 21 4.34 30.59 12.46
C THR D 21 5.08 29.26 12.30
N SER D 22 4.49 28.16 12.73
CA SER D 22 5.01 26.82 12.50
C SER D 22 3.85 25.84 12.56
N GLY D 23 3.94 24.78 11.77
CA GLY D 23 2.83 23.85 11.65
C GLY D 23 2.48 23.18 12.96
N GLY D 24 1.29 22.58 12.99
CA GLY D 24 0.88 21.79 14.14
C GLY D 24 1.72 20.53 14.27
N ASP D 25 1.89 19.79 13.19
CA ASP D 25 2.86 18.70 13.12
C ASP D 25 3.55 18.79 11.76
N ALA D 26 4.22 17.70 11.36
CA ALA D 26 4.95 17.73 10.10
C ALA D 26 4.06 17.84 8.88
N TRP D 27 2.74 17.73 9.03
CA TRP D 27 1.85 17.73 7.87
C TRP D 27 0.59 18.57 8.08
N HIS D 28 0.51 19.39 9.11
CA HIS D 28 -0.68 20.20 9.34
C HIS D 28 -0.27 21.62 9.70
N LEU D 29 -1.09 22.58 9.28
CA LEU D 29 -0.96 23.94 9.76
C LEU D 29 -1.25 23.99 11.27
N GLN D 30 -0.87 25.11 11.88
CA GLN D 30 -1.11 25.25 13.32
C GLN D 30 -2.61 25.42 13.57
N GLY D 31 -3.17 24.51 14.35
CA GLY D 31 -4.57 24.63 14.71
C GLY D 31 -4.82 25.38 15.99
N VAL D 32 -5.55 26.49 15.89
CA VAL D 32 -6.10 27.17 17.05
C VAL D 32 -7.61 26.95 16.98
N GLU D 33 -8.05 25.71 17.21
CA GLU D 33 -9.46 25.38 17.02
C GLU D 33 -10.37 26.19 17.94
N ALA D 34 -9.86 26.61 19.10
CA ALA D 34 -10.69 27.38 20.03
C ALA D 34 -11.10 28.74 19.49
N LYS D 35 -10.40 29.24 18.47
CA LYS D 35 -10.70 30.54 17.89
C LYS D 35 -10.96 30.42 16.40
N GLY D 36 -11.40 29.24 15.97
CA GLY D 36 -11.82 29.01 14.60
C GLY D 36 -10.74 28.87 13.56
N ILE D 37 -9.55 28.43 13.95
CA ILE D 37 -8.45 28.22 13.01
C ILE D 37 -8.09 26.74 13.01
N PRO D 38 -8.64 25.97 12.08
CA PRO D 38 -8.31 24.53 12.03
C PRO D 38 -6.90 24.30 11.50
N GLY D 39 -6.30 23.23 11.96
CA GLY D 39 -4.99 22.85 11.48
C GLY D 39 -5.08 21.92 10.29
N TYR D 40 -5.38 22.49 9.12
CA TYR D 40 -5.60 21.68 7.93
C TYR D 40 -4.31 20.96 7.52
N MET D 41 -4.48 19.83 6.84
CA MET D 41 -3.35 19.02 6.43
C MET D 41 -2.68 19.62 5.19
N ILE D 42 -1.35 19.59 5.18
CA ILE D 42 -0.53 20.02 4.06
C ILE D 42 0.28 18.80 3.62
N THR D 43 0.27 18.49 2.32
CA THR D 43 1.00 17.32 1.85
C THR D 43 1.32 17.44 0.36
N ASP D 44 2.24 16.56 -0.07
CA ASP D 44 2.72 16.47 -1.45
C ASP D 44 1.59 15.99 -2.36
N GLY D 45 1.74 16.15 -3.68
CA GLY D 45 2.91 16.70 -4.35
C GLY D 45 2.66 17.45 -5.66
N PRO D 46 3.72 17.69 -6.43
CA PRO D 46 3.55 18.43 -7.69
C PRO D 46 2.77 17.69 -8.77
N HIS D 47 2.76 16.37 -8.78
CA HIS D 47 2.06 15.63 -9.83
C HIS D 47 1.11 14.61 -9.23
N GLY D 48 0.49 14.95 -8.11
CA GLY D 48 -0.55 14.12 -7.51
C GLY D 48 -0.58 14.06 -5.99
N LEU D 49 -1.78 13.89 -5.46
CA LEU D 49 -1.96 13.81 -4.02
C LEU D 49 -1.23 12.59 -3.45
N ARG D 50 -0.36 12.83 -2.49
CA ARG D 50 0.35 11.77 -1.76
C ARG D 50 0.07 11.95 -0.28
N LYS D 51 -1.06 11.40 0.18
CA LYS D 51 -1.46 11.45 1.58
C LYS D 51 -0.90 10.21 2.29
N SER D 52 -1.67 9.60 3.19
CA SER D 52 -1.20 8.43 3.94
C SER D 52 -2.34 7.52 4.39
N SER D 65 0.40 5.01 0.19
CA SER D 65 -0.42 6.16 0.57
C SER D 65 -1.89 5.93 0.25
N VAL D 66 -2.69 6.99 0.40
CA VAL D 66 -4.09 6.96 -0.03
C VAL D 66 -4.13 6.88 -1.55
N PRO D 67 -4.94 6.00 -2.13
CA PRO D 67 -5.00 5.89 -3.60
C PRO D 67 -5.39 7.21 -4.25
N ALA D 68 -4.56 7.67 -5.18
CA ALA D 68 -4.80 8.92 -5.89
C ALA D 68 -4.32 8.78 -7.32
N THR D 69 -4.74 9.71 -8.17
CA THR D 69 -4.32 9.71 -9.56
C THR D 69 -2.88 10.18 -9.67
N CYS D 70 -2.02 9.33 -10.21
CA CYS D 70 -0.63 9.70 -10.45
C CYS D 70 -0.51 10.28 -11.85
N PHE D 71 -0.46 11.61 -11.93
CA PHE D 71 -0.29 12.29 -13.20
C PHE D 71 1.17 12.26 -13.64
N PRO D 72 1.44 12.48 -14.93
CA PRO D 72 2.84 12.47 -15.40
C PRO D 72 3.65 13.54 -14.70
N PRO D 73 4.84 13.20 -14.20
CA PRO D 73 5.73 14.24 -13.68
C PRO D 73 6.00 15.31 -14.72
N ALA D 74 6.39 16.49 -14.23
CA ALA D 74 6.51 17.65 -15.10
C ALA D 74 7.50 17.42 -16.23
N ALA D 75 8.56 16.63 -15.98
CA ALA D 75 9.53 16.34 -17.04
C ALA D 75 8.85 15.72 -18.25
N GLY D 76 7.74 15.03 -18.04
CA GLY D 76 6.94 14.53 -19.13
C GLY D 76 5.90 15.53 -19.58
N LEU D 77 5.12 16.04 -18.61
CA LEU D 77 4.01 16.92 -18.95
C LEU D 77 4.49 18.24 -19.57
N SER D 78 5.73 18.66 -19.30
CA SER D 78 6.26 19.86 -19.94
C SER D 78 6.43 19.70 -21.44
N SER D 79 6.39 18.47 -21.96
CA SER D 79 6.41 18.29 -23.40
C SER D 79 5.10 18.71 -24.05
N SER D 80 4.04 18.93 -23.26
CA SER D 80 2.74 19.19 -23.85
C SER D 80 2.65 20.58 -24.44
N TRP D 81 3.34 21.56 -23.85
CA TRP D 81 3.20 22.97 -24.26
C TRP D 81 1.73 23.36 -24.32
N ASN D 82 0.96 22.83 -23.36
CA ASN D 82 -0.51 22.90 -23.36
C ASN D 82 -1.00 23.37 -22.01
N PRO D 83 -1.01 24.69 -21.76
CA PRO D 83 -1.46 25.19 -20.45
C PRO D 83 -2.88 24.81 -20.09
N GLU D 84 -3.79 24.71 -21.07
CA GLU D 84 -5.16 24.32 -20.74
C GLU D 84 -5.21 22.89 -20.21
N LEU D 85 -4.42 21.99 -20.80
CA LEU D 85 -4.38 20.61 -20.31
C LEU D 85 -3.77 20.54 -18.92
N ILE D 86 -2.75 21.36 -18.66
CA ILE D 86 -2.16 21.43 -17.32
C ILE D 86 -3.16 21.98 -16.31
N HIS D 87 -3.97 22.96 -16.73
CA HIS D 87 -5.00 23.49 -15.85
C HIS D 87 -6.01 22.41 -15.47
N GLN D 88 -6.28 21.49 -16.38
CA GLN D 88 -7.26 20.43 -16.12
C GLN D 88 -6.69 19.37 -15.19
N VAL D 89 -5.40 19.05 -15.36
CA VAL D 89 -4.71 18.22 -14.37
C VAL D 89 -4.80 18.85 -12.99
N GLY D 90 -4.67 20.18 -12.92
CA GLY D 90 -4.76 20.86 -11.63
C GLY D 90 -6.14 20.74 -11.01
N GLU D 91 -7.19 20.92 -11.81
CA GLU D 91 -8.54 20.81 -11.28
C GLU D 91 -8.77 19.45 -10.65
N ALA D 92 -8.32 18.37 -11.30
CA ALA D 92 -8.50 17.03 -10.76
C ALA D 92 -7.71 16.85 -9.47
N MET D 93 -6.47 17.38 -9.43
CA MET D 93 -5.68 17.30 -8.20
C MET D 93 -6.40 17.97 -7.04
N ALA D 94 -7.02 19.13 -7.30
CA ALA D 94 -7.73 19.82 -6.23
C ALA D 94 -8.95 19.03 -5.77
N GLU D 95 -9.66 18.41 -6.72
CA GLU D 95 -10.85 17.62 -6.36
C GLU D 95 -10.49 16.44 -5.48
N GLU D 96 -9.31 15.85 -5.70
CA GLU D 96 -8.85 14.78 -4.81
C GLU D 96 -8.45 15.32 -3.44
N CYS D 97 -7.87 16.52 -3.42
CA CYS D 97 -7.57 17.16 -2.14
C CYS D 97 -8.86 17.44 -1.37
N ILE D 98 -9.93 17.78 -2.07
CA ILE D 98 -11.20 18.06 -1.41
C ILE D 98 -11.76 16.79 -0.75
N GLN D 99 -11.61 15.64 -1.41
CA GLN D 99 -12.07 14.39 -0.81
C GLN D 99 -11.27 14.05 0.44
N GLU D 100 -9.97 14.29 0.41
CA GLU D 100 -9.08 13.82 1.47
C GLU D 100 -8.74 14.90 2.50
N LYS D 101 -9.48 16.02 2.52
CA LYS D 101 -9.28 17.10 3.50
C LYS D 101 -7.85 17.64 3.48
N VAL D 102 -7.36 17.95 2.29
CA VAL D 102 -6.04 18.53 2.12
C VAL D 102 -6.22 19.95 1.61
N ALA D 103 -5.77 20.94 2.38
CA ALA D 103 -5.96 22.34 2.05
C ALA D 103 -4.89 22.88 1.11
N VAL D 104 -3.66 22.38 1.21
CA VAL D 104 -2.58 22.79 0.34
C VAL D 104 -1.86 21.54 -0.15
N ILE D 105 -1.69 21.44 -1.46
CA ILE D 105 -0.89 20.39 -2.09
C ILE D 105 0.41 21.03 -2.57
N LEU D 106 1.54 20.38 -2.28
CA LEU D 106 2.86 21.02 -2.35
C LEU D 106 3.41 20.97 -3.77
N GLY D 107 2.95 21.92 -4.60
CA GLY D 107 3.42 22.05 -5.95
C GLY D 107 2.83 23.25 -6.66
N PRO D 108 3.25 23.51 -7.90
CA PRO D 108 4.24 22.74 -8.65
C PRO D 108 5.67 23.23 -8.41
N GLY D 109 6.66 22.47 -8.87
CA GLY D 109 8.05 22.87 -8.79
C GLY D 109 8.50 23.45 -10.11
N VAL D 110 9.10 24.64 -10.06
CA VAL D 110 9.39 25.37 -11.29
C VAL D 110 10.87 25.76 -11.40
N ASN D 111 11.73 25.11 -10.63
CA ASN D 111 13.16 25.42 -10.69
C ASN D 111 13.73 25.15 -12.07
N ILE D 112 14.63 26.03 -12.49
CA ILE D 112 15.26 25.94 -13.80
C ILE D 112 16.17 24.71 -13.86
N LYS D 113 16.06 23.95 -14.94
CA LYS D 113 16.97 22.82 -15.19
C LYS D 113 18.27 23.38 -15.74
N ARG D 114 19.09 23.91 -14.83
CA ARG D 114 20.38 24.48 -15.20
C ARG D 114 21.26 23.44 -15.88
N ASN D 115 21.32 22.24 -15.29
CA ASN D 115 22.12 21.16 -15.81
C ASN D 115 21.25 19.90 -15.80
N PRO D 116 21.19 19.15 -16.90
CA PRO D 116 20.29 17.98 -16.94
C PRO D 116 20.64 16.91 -15.93
N LEU D 117 21.80 16.97 -15.29
CA LEU D 117 22.15 16.01 -14.25
C LEU D 117 21.44 16.27 -12.92
N GLY D 118 20.73 17.39 -12.80
CA GLY D 118 20.02 17.75 -11.59
C GLY D 118 19.05 16.66 -11.18
N GLY D 119 19.16 16.20 -9.93
CA GLY D 119 18.41 15.04 -9.50
C GLY D 119 16.89 15.20 -9.49
N ARG D 120 16.42 16.43 -9.27
CA ARG D 120 14.98 16.66 -9.18
C ARG D 120 14.40 17.19 -10.49
N CYS D 121 15.15 17.09 -11.59
CA CYS D 121 14.66 17.56 -12.89
C CYS D 121 13.35 16.88 -13.26
N PHE D 122 13.12 15.65 -12.77
CA PHE D 122 11.93 14.92 -13.17
C PHE D 122 10.64 15.60 -12.74
N GLU D 123 10.68 16.39 -11.66
CA GLU D 123 9.49 17.10 -11.20
C GLU D 123 9.50 18.57 -11.57
N TYR D 124 10.51 19.04 -12.30
CA TYR D 124 10.54 20.42 -12.76
C TYR D 124 10.19 20.47 -14.25
N TRP D 125 10.08 21.67 -14.79
CA TRP D 125 9.43 21.82 -16.08
C TRP D 125 10.40 22.05 -17.25
N SER D 126 11.30 23.02 -17.17
CA SER D 126 12.11 23.33 -18.33
C SER D 126 13.42 23.98 -17.94
N GLU D 127 14.32 24.06 -18.92
CA GLU D 127 15.52 24.89 -18.85
C GLU D 127 15.24 26.33 -19.24
N ASP D 128 14.03 26.62 -19.72
CA ASP D 128 13.63 27.94 -20.20
C ASP D 128 12.70 28.60 -19.19
N PRO D 129 12.95 29.84 -18.80
CA PRO D 129 12.05 30.47 -17.81
C PRO D 129 10.65 30.70 -18.33
N TYR D 130 10.51 31.12 -19.59
CA TYR D 130 9.18 31.43 -20.12
C TYR D 130 8.33 30.17 -20.21
N LEU D 131 8.89 29.08 -20.75
CA LEU D 131 8.14 27.84 -20.89
C LEU D 131 7.72 27.29 -19.52
N ALA D 132 8.63 27.31 -18.54
CA ALA D 132 8.30 26.80 -17.21
C ALA D 132 7.15 27.58 -16.58
N GLY D 133 7.19 28.91 -16.70
CA GLY D 133 6.15 29.71 -16.07
C GLY D 133 4.80 29.56 -16.74
N HIS D 134 4.78 29.61 -18.06
CA HIS D 134 3.49 29.57 -18.77
C HIS D 134 2.90 28.18 -18.85
N GLU D 135 3.66 27.15 -18.49
CA GLU D 135 3.10 25.81 -18.34
C GLU D 135 2.64 25.57 -16.91
N ALA D 136 3.55 25.72 -15.95
CA ALA D 136 3.26 25.37 -14.57
C ALA D 136 2.22 26.27 -13.92
N VAL D 137 1.93 27.43 -14.51
CA VAL D 137 0.88 28.28 -13.95
C VAL D 137 -0.45 27.55 -14.00
N GLY D 138 -0.61 26.63 -14.96
CA GLY D 138 -1.84 25.86 -15.06
C GLY D 138 -2.10 25.01 -13.84
N ILE D 139 -1.05 24.53 -13.17
CA ILE D 139 -1.23 23.76 -11.95
C ILE D 139 -1.80 24.64 -10.85
N VAL D 140 -1.20 25.82 -10.65
CA VAL D 140 -1.68 26.73 -9.59
C VAL D 140 -3.10 27.18 -9.88
N ALA D 141 -3.34 27.70 -11.08
CA ALA D 141 -4.66 28.23 -11.43
C ALA D 141 -5.71 27.12 -11.43
N GLY D 142 -5.34 25.94 -11.91
CA GLY D 142 -6.30 24.84 -11.96
C GLY D 142 -6.71 24.37 -10.57
N VAL D 143 -5.71 24.11 -9.72
CA VAL D 143 -6.00 23.64 -8.37
C VAL D 143 -6.77 24.69 -7.59
N GLN D 144 -6.30 25.94 -7.62
CA GLN D 144 -6.91 26.97 -6.80
C GLN D 144 -8.28 27.38 -7.32
N SER D 145 -8.62 27.05 -8.56
CA SER D 145 -9.98 27.29 -9.02
C SER D 145 -11.00 26.45 -8.27
N LYS D 146 -10.56 25.41 -7.57
CA LYS D 146 -11.42 24.57 -6.76
C LYS D 146 -11.37 24.89 -5.27
N GLY D 147 -10.64 25.94 -4.89
CA GLY D 147 -10.59 26.32 -3.49
C GLY D 147 -9.48 25.70 -2.68
N VAL D 148 -8.53 25.03 -3.34
CA VAL D 148 -7.43 24.35 -2.67
C VAL D 148 -6.15 25.09 -3.00
N GLY D 149 -5.26 25.21 -2.01
CA GLY D 149 -4.04 25.95 -2.22
C GLY D 149 -2.95 25.12 -2.88
N THR D 150 -2.02 25.83 -3.53
CA THR D 150 -0.82 25.21 -4.08
C THR D 150 0.39 25.78 -3.34
N SER D 151 1.58 25.30 -3.70
CA SER D 151 2.84 25.74 -3.09
C SER D 151 3.92 25.79 -4.19
N LEU D 152 4.02 26.94 -4.85
CA LEU D 152 5.08 27.20 -5.83
C LEU D 152 6.44 26.93 -5.22
N LYS D 153 7.18 25.99 -5.80
CA LYS D 153 8.15 25.22 -5.03
C LYS D 153 9.59 25.65 -5.25
N HIS D 154 10.31 25.79 -4.15
CA HIS D 154 11.76 25.93 -4.04
C HIS D 154 12.21 27.27 -4.61
N PHE D 155 11.80 28.33 -3.95
CA PHE D 155 12.11 29.71 -4.29
C PHE D 155 13.28 30.16 -3.43
N ALA D 156 14.46 30.35 -4.04
CA ALA D 156 14.69 30.12 -5.46
C ALA D 156 16.07 29.51 -5.72
N ALA D 157 16.35 29.21 -6.99
CA ALA D 157 17.67 28.74 -7.46
C ALA D 157 18.07 27.42 -6.78
N ASN D 158 17.13 26.49 -6.73
CA ASN D 158 17.39 25.15 -6.20
C ASN D 158 17.53 24.21 -7.41
N ASN D 159 18.72 24.19 -7.99
CA ASN D 159 18.95 23.55 -9.29
C ASN D 159 19.84 22.32 -9.21
N GLN D 160 20.22 21.86 -8.02
CA GLN D 160 21.03 20.66 -7.86
C GLN D 160 20.72 20.03 -6.51
N GLU D 161 20.95 18.73 -6.42
CA GLU D 161 20.75 18.02 -5.15
C GLU D 161 22.00 17.96 -4.30
N THR D 162 23.18 18.01 -4.91
CA THR D 162 24.44 17.92 -4.19
C THR D 162 24.59 19.06 -3.20
N ASP D 163 24.67 18.71 -1.91
CA ASP D 163 24.87 19.67 -0.82
C ASP D 163 23.79 20.74 -0.79
N ARG D 164 22.58 20.37 -1.19
CA ARG D 164 21.49 21.33 -1.32
C ARG D 164 21.17 22.01 0.01
N LEU D 165 21.51 21.39 1.14
CA LEU D 165 21.21 21.95 2.45
C LEU D 165 22.19 23.05 2.86
N ARG D 166 23.37 23.11 2.25
CA ARG D 166 24.41 24.03 2.69
C ARG D 166 24.92 24.92 1.57
N VAL D 167 24.86 24.40 0.34
CA VAL D 167 25.56 25.05 -0.77
C VAL D 167 24.97 26.42 -1.05
N SER D 168 25.83 27.36 -1.38
CA SER D 168 25.44 28.69 -1.82
C SER D 168 25.56 28.77 -3.33
N ALA D 169 24.44 29.00 -4.01
CA ALA D 169 24.45 29.30 -5.43
C ALA D 169 24.84 30.76 -5.60
N ASN D 170 26.03 31.01 -6.13
CA ASN D 170 26.52 32.36 -6.34
C ASN D 170 26.16 32.80 -7.76
N ILE D 171 25.20 33.70 -7.86
CA ILE D 171 24.53 34.04 -9.11
C ILE D 171 24.53 35.55 -9.30
N SER D 172 24.77 35.99 -10.53
CA SER D 172 24.69 37.41 -10.83
C SER D 172 23.24 37.88 -10.79
N GLN D 173 23.06 39.19 -10.65
CA GLN D 173 21.70 39.73 -10.63
C GLN D 173 20.99 39.49 -11.96
N ARG D 174 21.67 39.71 -13.08
CA ARG D 174 21.06 39.48 -14.38
C ARG D 174 20.55 38.04 -14.49
N ALA D 175 21.39 37.06 -14.13
CA ALA D 175 21.00 35.67 -14.24
C ALA D 175 19.83 35.34 -13.30
N LEU D 176 19.82 35.92 -12.11
CA LEU D 176 18.67 35.75 -11.22
C LEU D 176 17.41 36.33 -11.84
N ARG D 177 17.50 37.56 -12.36
CA ARG D 177 16.32 38.24 -12.91
C ARG D 177 15.83 37.61 -14.20
N GLU D 178 16.73 37.09 -15.04
CA GLU D 178 16.35 36.60 -16.35
C GLU D 178 16.13 35.09 -16.42
N ILE D 179 16.77 34.31 -15.56
CA ILE D 179 16.74 32.84 -15.63
C ILE D 179 15.88 32.25 -14.51
N TYR D 180 16.26 32.48 -13.25
CA TYR D 180 15.71 31.74 -12.12
C TYR D 180 14.49 32.40 -11.49
N PHE D 181 14.19 33.65 -11.81
CA PHE D 181 13.02 34.33 -11.27
C PHE D 181 11.79 34.30 -12.18
N PRO D 182 11.91 34.54 -13.51
CA PRO D 182 10.71 34.82 -14.31
C PRO D 182 9.57 33.80 -14.20
N ALA D 183 9.87 32.52 -14.06
CA ALA D 183 8.78 31.55 -13.88
C ALA D 183 8.06 31.79 -12.56
N PHE D 184 8.80 32.06 -11.50
CA PHE D 184 8.18 32.46 -10.23
C PHE D 184 7.43 33.77 -10.40
N GLU D 185 8.07 34.75 -11.05
CA GLU D 185 7.49 36.07 -11.21
C GLU D 185 6.18 36.01 -11.99
N HIS D 186 6.15 35.23 -13.07
CA HIS D 186 4.96 35.17 -13.90
C HIS D 186 3.80 34.48 -13.18
N ILE D 187 4.08 33.37 -12.49
CA ILE D 187 3.01 32.65 -11.79
C ILE D 187 2.48 33.49 -10.63
N VAL D 188 3.36 34.23 -9.96
CA VAL D 188 2.94 35.11 -8.86
C VAL D 188 2.05 36.22 -9.39
N LYS D 189 2.40 36.80 -10.54
CA LYS D 189 1.61 37.92 -11.05
C LYS D 189 0.34 37.45 -11.76
N THR D 190 0.41 36.32 -12.48
CA THR D 190 -0.73 35.87 -13.28
C THR D 190 -1.77 35.20 -12.42
N ALA D 191 -1.37 34.20 -11.66
CA ALA D 191 -2.28 33.65 -10.66
C ALA D 191 -1.77 34.25 -9.35
N GLN D 192 -2.03 33.60 -8.26
CA GLN D 192 -1.54 34.09 -6.98
C GLN D 192 -1.53 32.88 -6.08
N PRO D 193 -0.46 32.09 -6.10
CA PRO D 193 -0.47 30.87 -5.30
C PRO D 193 -0.57 31.25 -3.83
N TRP D 194 -1.46 30.57 -3.12
CA TRP D 194 -1.71 30.91 -1.73
C TRP D 194 -0.51 30.61 -0.85
N THR D 195 0.49 29.88 -1.36
CA THR D 195 1.65 29.47 -0.59
C THR D 195 2.85 29.38 -1.53
N ILE D 196 4.02 29.77 -1.00
CA ILE D 196 5.30 29.57 -1.68
C ILE D 196 6.22 28.85 -0.70
N MET D 197 7.00 27.90 -1.22
CA MET D 197 8.01 27.20 -0.44
C MET D 197 9.40 27.68 -0.83
N CYS D 198 10.18 28.10 0.16
CA CYS D 198 11.54 28.54 -0.07
C CYS D 198 12.45 27.32 -0.20
N SER D 199 13.63 27.55 -0.79
CA SER D 199 14.56 26.46 -1.06
C SER D 199 15.51 26.23 0.12
N TYR D 200 16.16 25.07 0.12
CA TYR D 200 17.13 24.78 1.17
C TYR D 200 18.40 25.62 1.04
N ASN D 201 18.77 25.96 -0.18
CA ASN D 201 20.12 26.45 -0.43
C ASN D 201 20.26 27.92 -0.07
N ARG D 202 21.50 28.38 -0.12
CA ARG D 202 21.83 29.80 -0.04
C ARG D 202 21.94 30.38 -1.45
N ILE D 203 21.64 31.67 -1.56
CA ILE D 203 21.85 32.44 -2.78
C ILE D 203 22.78 33.59 -2.40
N ASN D 204 24.03 33.53 -2.86
CA ASN D 204 25.04 34.54 -2.52
C ASN D 204 25.21 34.66 -1.00
N GLY D 205 25.27 33.52 -0.33
CA GLY D 205 25.60 33.46 1.07
C GLY D 205 24.43 33.50 2.04
N VAL D 206 23.21 33.67 1.55
CA VAL D 206 22.03 33.85 2.39
C VAL D 206 21.06 32.72 2.12
N HIS D 207 20.71 31.96 3.16
CA HIS D 207 19.69 30.93 3.05
C HIS D 207 18.36 31.57 2.68
N SER D 208 17.60 30.89 1.82
CA SER D 208 16.36 31.47 1.33
C SER D 208 15.36 31.72 2.46
N ALA D 209 15.33 30.84 3.46
CA ALA D 209 14.40 31.00 4.57
C ALA D 209 14.70 32.23 5.40
N GLN D 210 15.86 32.84 5.17
CA GLN D 210 16.37 33.94 5.98
C GLN D 210 16.64 35.17 5.12
N ASN D 211 16.27 35.13 3.84
CA ASN D 211 16.64 36.13 2.84
C ASN D 211 15.51 37.14 2.71
N ARG D 212 15.64 38.27 3.40
CA ARG D 212 14.58 39.28 3.34
C ARG D 212 14.50 39.89 1.95
N TRP D 213 15.64 40.06 1.28
CA TRP D 213 15.63 40.55 -0.09
C TRP D 213 14.76 39.66 -0.98
N LEU D 214 14.91 38.35 -0.85
CA LEU D 214 14.15 37.41 -1.69
C LEU D 214 12.67 37.37 -1.29
N LEU D 215 12.41 37.11 -0.01
CA LEU D 215 11.04 36.82 0.43
C LEU D 215 10.17 38.06 0.55
N THR D 216 10.75 39.25 0.65
CA THR D 216 9.96 40.47 0.87
C THR D 216 10.23 41.54 -0.18
N ASP D 217 11.48 41.96 -0.36
CA ASP D 217 11.78 43.03 -1.31
C ASP D 217 11.33 42.67 -2.72
N VAL D 218 11.77 41.53 -3.22
CA VAL D 218 11.41 41.12 -4.57
C VAL D 218 10.00 40.53 -4.59
N LEU D 219 9.79 39.47 -3.81
CA LEU D 219 8.56 38.68 -3.91
C LEU D 219 7.32 39.53 -3.62
N ARG D 220 7.38 40.35 -2.58
CA ARG D 220 6.21 41.11 -2.15
C ARG D 220 6.22 42.57 -2.59
N ASP D 221 7.33 43.29 -2.37
CA ASP D 221 7.34 44.72 -2.69
C ASP D 221 7.36 44.97 -4.20
N GLU D 222 8.06 44.12 -4.95
CA GLU D 222 8.14 44.29 -6.40
C GLU D 222 7.08 43.48 -7.14
N TRP D 223 6.93 42.19 -6.81
CA TRP D 223 6.03 41.34 -7.57
C TRP D 223 4.59 41.41 -7.07
N GLY D 224 4.36 41.90 -5.86
CA GLY D 224 3.00 41.95 -5.34
C GLY D 224 2.44 40.62 -4.88
N TYR D 225 3.28 39.73 -4.37
CA TYR D 225 2.79 38.44 -3.87
C TYR D 225 1.91 38.64 -2.64
N GLU D 226 0.71 38.07 -2.68
CA GLU D 226 -0.27 38.25 -1.62
C GLU D 226 -0.34 37.06 -0.67
N GLY D 227 0.42 36.00 -0.91
CA GLY D 227 0.28 34.78 -0.17
C GLY D 227 1.29 34.67 0.95
N ILE D 228 1.51 33.43 1.39
CA ILE D 228 2.39 33.15 2.51
C ILE D 228 3.60 32.38 2.00
N VAL D 229 4.70 32.46 2.74
CA VAL D 229 5.91 31.72 2.44
C VAL D 229 6.14 30.71 3.56
N MET D 230 6.37 29.46 3.18
CA MET D 230 6.78 28.43 4.11
C MET D 230 8.15 27.94 3.70
N SER D 231 8.84 27.30 4.65
CA SER D 231 10.15 26.73 4.40
C SER D 231 10.02 25.33 3.82
N ASP D 232 11.08 24.89 3.15
CA ASP D 232 11.22 23.47 2.92
C ASP D 232 11.50 22.76 4.24
N TRP D 233 11.30 21.45 4.26
CA TRP D 233 11.29 20.71 5.53
C TRP D 233 12.68 20.74 6.16
N GLY D 234 12.83 21.57 7.19
CA GLY D 234 14.10 21.77 7.85
C GLY D 234 14.88 22.98 7.39
N ALA D 235 14.34 23.75 6.44
CA ALA D 235 15.08 24.87 5.86
C ALA D 235 15.17 26.07 6.78
N ASP D 236 14.37 26.12 7.85
CA ASP D 236 14.38 27.24 8.79
C ASP D 236 15.40 26.97 9.88
N HIS D 237 16.51 27.72 9.87
CA HIS D 237 17.57 27.54 10.85
C HIS D 237 17.53 28.58 11.97
N ASP D 238 17.02 29.77 11.71
CA ASP D 238 16.88 30.84 12.71
C ASP D 238 15.43 31.30 12.70
N ARG D 239 14.68 30.95 13.76
CA ARG D 239 13.26 31.29 13.80
C ARG D 239 13.04 32.79 13.64
N VAL D 240 13.77 33.59 14.42
CA VAL D 240 13.57 35.04 14.41
C VAL D 240 13.99 35.63 13.07
N ALA D 241 15.15 35.22 12.56
CA ALA D 241 15.62 35.75 11.28
C ALA D 241 14.67 35.38 10.14
N SER D 242 14.17 34.13 10.15
CA SER D 242 13.24 33.71 9.12
C SER D 242 11.95 34.52 9.17
N LEU D 243 11.40 34.70 10.37
CA LEU D 243 10.17 35.48 10.48
C LEU D 243 10.37 36.93 10.05
N ASN D 244 11.50 37.53 10.46
CA ASN D 244 11.76 38.91 10.06
C ASN D 244 12.02 39.03 8.56
N ALA D 245 12.52 37.96 7.93
CA ALA D 245 12.75 37.99 6.50
C ALA D 245 11.46 37.86 5.69
N GLY D 246 10.40 37.34 6.29
CA GLY D 246 9.14 37.18 5.61
C GLY D 246 8.69 35.73 5.51
N LEU D 247 9.34 34.82 6.23
CA LEU D 247 8.91 33.43 6.24
C LEU D 247 7.76 33.27 7.23
N ASN D 248 6.57 32.98 6.73
CA ASN D 248 5.41 32.87 7.61
C ASN D 248 5.43 31.59 8.42
N LEU D 249 5.90 30.49 7.85
CA LEU D 249 5.61 29.17 8.38
C LEU D 249 6.86 28.32 8.38
N GLU D 250 7.23 27.80 9.56
CA GLU D 250 8.30 26.81 9.66
C GLU D 250 7.71 25.41 9.54
N MET D 251 8.28 24.61 8.63
CA MET D 251 7.87 23.21 8.47
C MET D 251 9.13 22.35 8.33
N PRO D 252 9.22 21.22 9.06
CA PRO D 252 8.24 20.83 10.07
C PRO D 252 8.47 21.62 11.35
N PRO D 253 7.50 21.63 12.27
CA PRO D 253 7.69 22.39 13.51
C PRO D 253 8.83 21.80 14.34
N SER D 254 9.79 22.65 14.68
CA SER D 254 10.85 22.28 15.62
C SER D 254 10.45 22.54 17.06
N TYR D 255 9.20 22.94 17.29
CA TYR D 255 8.67 23.22 18.62
C TYR D 255 9.51 24.28 19.33
N THR D 256 9.69 25.41 18.65
CA THR D 256 10.48 26.53 19.13
C THR D 256 9.73 27.84 18.96
N ASP D 257 8.39 27.79 19.01
CA ASP D 257 7.59 29.01 18.88
C ASP D 257 7.86 29.98 20.02
N ASP D 258 8.35 29.49 21.17
CA ASP D 258 8.65 30.38 22.28
C ASP D 258 9.73 31.40 21.90
N GLN D 259 10.61 31.05 20.95
CA GLN D 259 11.61 32.00 20.49
C GLN D 259 10.96 33.18 19.79
N ILE D 260 9.85 32.94 19.09
CA ILE D 260 9.10 34.04 18.48
C ILE D 260 8.48 34.92 19.56
N VAL D 261 7.93 34.30 20.60
CA VAL D 261 7.28 35.07 21.66
C VAL D 261 8.29 35.96 22.36
N TYR D 262 9.43 35.40 22.74
CA TYR D 262 10.47 36.17 23.41
C TYR D 262 10.97 37.32 22.53
N ALA D 263 11.21 37.04 21.26
CA ALA D 263 11.73 38.07 20.36
C ALA D 263 10.70 39.18 20.17
N ALA D 264 9.41 38.83 20.16
CA ALA D 264 8.36 39.84 20.05
C ALA D 264 8.25 40.66 21.33
N ARG D 265 8.76 40.15 22.45
CA ARG D 265 8.68 40.88 23.71
C ARG D 265 9.91 41.75 23.96
N ASP D 266 11.06 41.42 23.38
CA ASP D 266 12.27 42.19 23.62
C ASP D 266 12.71 43.00 22.40
N GLY D 267 11.81 43.19 21.42
CA GLY D 267 12.08 44.07 20.30
C GLY D 267 12.88 43.49 19.16
N ARG D 268 13.09 42.17 19.12
CA ARG D 268 13.76 41.55 17.99
C ARG D 268 12.83 41.32 16.81
N ILE D 269 11.53 41.23 17.05
CA ILE D 269 10.53 41.17 15.99
C ILE D 269 9.56 42.32 16.22
N GLN D 270 9.43 43.17 15.22
CA GLN D 270 8.44 44.24 15.34
C GLN D 270 7.04 43.64 15.42
N PRO D 271 6.19 44.15 16.32
CA PRO D 271 4.81 43.65 16.41
C PRO D 271 4.07 43.68 15.09
N GLU D 272 4.39 44.66 14.23
CA GLU D 272 3.78 44.73 12.91
C GLU D 272 4.16 43.54 12.05
N GLN D 273 5.42 43.09 12.16
CA GLN D 273 5.87 41.98 11.33
C GLN D 273 5.23 40.67 11.77
N LEU D 274 5.14 40.43 13.08
CA LEU D 274 4.50 39.21 13.56
C LEU D 274 3.02 39.18 13.20
N ASP D 275 2.34 40.33 13.33
CA ASP D 275 0.94 40.40 12.92
C ASP D 275 0.79 40.10 11.43
N ARG D 276 1.67 40.67 10.59
CA ARG D 276 1.59 40.41 9.15
C ARG D 276 1.83 38.93 8.87
N MET D 277 2.86 38.35 9.49
CA MET D 277 3.16 36.95 9.24
C MET D 277 2.04 36.04 9.73
N ALA D 278 1.50 36.30 10.92
CA ALA D 278 0.46 35.44 11.46
C ALA D 278 -0.86 35.65 10.73
N GLN D 279 -1.18 36.89 10.35
CA GLN D 279 -2.41 37.16 9.62
C GLN D 279 -2.42 36.45 8.28
N GLY D 280 -1.27 36.36 7.61
CA GLY D 280 -1.19 35.57 6.39
C GLY D 280 -1.58 34.12 6.62
N MET D 281 -1.15 33.55 7.75
CA MET D 281 -1.54 32.17 8.04
C MET D 281 -3.02 32.06 8.32
N VAL D 282 -3.62 33.07 8.95
CA VAL D 282 -5.07 33.06 9.15
C VAL D 282 -5.80 33.15 7.82
N ASP D 283 -5.31 34.03 6.93
CA ASP D 283 -5.93 34.19 5.62
C ASP D 283 -5.85 32.91 4.79
N LEU D 284 -4.76 32.15 4.92
CA LEU D 284 -4.66 30.88 4.22
C LEU D 284 -5.78 29.94 4.65
N VAL D 285 -6.03 29.83 5.96
CA VAL D 285 -7.10 28.99 6.48
C VAL D 285 -8.46 29.48 5.95
N ASN D 286 -8.67 30.79 5.92
CA ASN D 286 -9.95 31.30 5.40
C ASN D 286 -10.10 31.04 3.91
N LYS D 287 -9.00 31.13 3.14
CA LYS D 287 -9.09 30.87 1.70
C LYS D 287 -9.45 29.41 1.41
N THR D 288 -9.03 28.49 2.26
CA THR D 288 -9.26 27.07 2.02
C THR D 288 -10.44 26.53 2.80
N ARG D 289 -11.12 27.40 3.55
CA ARG D 289 -12.13 26.95 4.52
C ARG D 289 -13.32 26.27 3.84
N SER D 290 -13.85 26.89 2.78
CA SER D 290 -15.03 26.33 2.11
C SER D 290 -14.75 24.93 1.60
N ALA D 291 -13.65 24.75 0.86
CA ALA D 291 -13.35 23.44 0.30
C ALA D 291 -13.13 22.39 1.38
N MET D 292 -12.63 22.79 2.55
CA MET D 292 -12.44 21.82 3.62
C MET D 292 -13.71 21.58 4.43
N SER D 293 -14.77 22.35 4.17
CA SER D 293 -16.07 22.12 4.80
C SER D 293 -16.99 21.29 3.93
N ILE D 294 -16.52 20.89 2.74
CA ILE D 294 -17.31 20.02 1.86
C ILE D 294 -17.37 18.63 2.48
N ASP D 295 -18.59 18.15 2.70
CA ASP D 295 -18.86 16.89 3.38
C ASP D 295 -19.12 15.79 2.36
N ASP D 296 -18.46 14.65 2.56
CA ASP D 296 -18.71 13.42 1.80
C ASP D 296 -18.63 13.66 0.29
N TYR D 297 -17.54 14.27 -0.16
CA TYR D 297 -17.28 14.38 -1.58
C TYR D 297 -16.32 13.27 -2.01
N HIS D 298 -16.67 12.58 -3.09
CA HIS D 298 -15.82 11.54 -3.66
C HIS D 298 -15.54 11.89 -5.11
N PHE D 299 -14.26 11.98 -5.48
CA PHE D 299 -13.91 12.37 -6.83
C PHE D 299 -14.13 11.21 -7.81
N ASP D 300 -14.38 11.57 -9.06
CA ASP D 300 -14.61 10.58 -10.11
C ASP D 300 -13.29 9.92 -10.47
N VAL D 301 -13.17 8.63 -10.09
CA VAL D 301 -11.94 7.89 -10.34
C VAL D 301 -11.67 7.76 -11.83
N ASP D 302 -12.67 7.34 -12.61
CA ASP D 302 -12.45 7.12 -14.03
C ASP D 302 -12.21 8.41 -14.77
N ALA D 303 -12.90 9.48 -14.37
CA ALA D 303 -12.70 10.77 -15.03
C ALA D 303 -11.28 11.27 -14.82
N HIS D 304 -10.75 11.12 -13.59
CA HIS D 304 -9.39 11.55 -13.33
C HIS D 304 -8.37 10.67 -14.04
N ASP D 305 -8.64 9.37 -14.15
CA ASP D 305 -7.72 8.51 -14.88
C ASP D 305 -7.71 8.84 -16.37
N GLU D 306 -8.83 9.37 -16.88
CA GLU D 306 -8.86 9.78 -18.28
C GLU D 306 -8.12 11.10 -18.49
N VAL D 307 -8.18 12.01 -17.52
CA VAL D 307 -7.37 13.22 -17.58
C VAL D 307 -5.89 12.85 -17.57
N ALA D 308 -5.50 11.90 -16.72
CA ALA D 308 -4.13 11.43 -16.70
C ALA D 308 -3.76 10.75 -18.02
N HIS D 309 -4.72 10.09 -18.66
CA HIS D 309 -4.46 9.47 -19.96
C HIS D 309 -4.10 10.52 -21.00
N GLN D 310 -4.88 11.60 -21.06
CA GLN D 310 -4.59 12.66 -22.01
C GLN D 310 -3.28 13.36 -21.68
N ALA D 311 -3.03 13.62 -20.40
CA ALA D 311 -1.76 14.21 -20.00
C ALA D 311 -0.59 13.31 -20.40
N ALA D 312 -0.77 12.00 -20.31
CA ALA D 312 0.31 11.09 -20.70
C ALA D 312 0.57 11.12 -22.21
N ILE D 313 -0.50 11.17 -23.01
CA ILE D 313 -0.35 11.22 -24.47
C ILE D 313 0.49 12.42 -24.87
N GLU D 314 0.22 13.57 -24.27
CA GLU D 314 0.94 14.78 -24.60
C GLU D 314 2.24 14.91 -23.81
N SER D 315 2.67 13.85 -23.13
CA SER D 315 3.95 13.85 -22.42
C SER D 315 5.06 13.16 -23.19
N MET D 316 4.79 12.65 -24.39
CA MET D 316 5.78 11.94 -25.20
C MET D 316 6.31 12.84 -26.30
N VAL D 317 7.61 12.76 -26.55
CA VAL D 317 8.25 13.45 -27.66
C VAL D 317 8.76 12.38 -28.63
N LEU D 318 8.32 12.48 -29.88
CA LEU D 318 8.81 11.61 -30.94
C LEU D 318 10.10 12.20 -31.51
N LEU D 319 11.22 11.51 -31.26
CA LEU D 319 12.52 12.01 -31.66
C LEU D 319 12.94 11.55 -33.05
N LYS D 320 12.67 10.30 -33.40
CA LYS D 320 13.14 9.74 -34.66
C LYS D 320 12.06 8.80 -35.19
N ASN D 321 11.93 8.74 -36.51
CA ASN D 321 10.90 7.91 -37.12
C ASN D 321 11.24 7.57 -38.56
N ASP D 322 12.35 6.85 -38.78
CA ASP D 322 12.77 6.50 -40.12
C ASP D 322 11.75 5.60 -40.81
N ASP D 323 11.52 5.85 -42.09
CA ASP D 323 10.64 5.04 -42.94
C ASP D 323 9.22 4.95 -42.39
N ASP D 324 8.87 5.86 -41.48
CA ASP D 324 7.57 5.88 -40.81
C ASP D 324 7.25 4.52 -40.19
N ILE D 325 8.21 4.01 -39.41
CA ILE D 325 7.99 2.76 -38.69
C ILE D 325 6.88 2.93 -37.65
N LEU D 326 6.70 4.15 -37.14
CA LEU D 326 5.59 4.57 -36.30
C LEU D 326 4.58 5.39 -37.10
N PRO D 327 3.28 5.14 -36.92
CA PRO D 327 2.72 4.11 -36.03
C PRO D 327 2.84 2.69 -36.55
N VAL D 328 2.76 1.72 -35.63
CA VAL D 328 2.81 0.31 -35.94
C VAL D 328 1.40 -0.19 -36.24
N ALA D 329 1.27 -1.12 -37.18
CA ALA D 329 -0.02 -1.71 -37.48
C ALA D 329 -0.49 -2.58 -36.33
N ALA D 330 -1.81 -2.62 -36.11
CA ALA D 330 -2.36 -3.44 -35.03
C ALA D 330 -2.22 -4.92 -35.31
N ASN D 331 -2.14 -5.31 -36.58
CA ASN D 331 -2.04 -6.72 -36.96
C ASN D 331 -0.59 -7.21 -37.08
N ALA D 332 0.40 -6.38 -36.79
CA ALA D 332 1.77 -6.78 -37.01
C ALA D 332 2.22 -7.77 -35.93
N LYS D 333 3.27 -8.52 -36.25
CA LYS D 333 3.86 -9.46 -35.30
C LYS D 333 4.88 -8.70 -34.46
N ILE D 334 4.54 -8.49 -33.19
CA ILE D 334 5.30 -7.58 -32.32
C ILE D 334 6.20 -8.40 -31.41
N ALA D 335 7.45 -7.96 -31.28
CA ALA D 335 8.39 -8.48 -30.29
C ALA D 335 8.69 -7.36 -29.32
N VAL D 336 8.26 -7.50 -28.07
CA VAL D 336 8.45 -6.48 -27.05
C VAL D 336 9.65 -6.87 -26.20
N ILE D 337 10.64 -5.99 -26.14
CA ILE D 337 11.90 -6.27 -25.45
C ILE D 337 12.14 -5.17 -24.43
N GLY D 338 12.52 -5.54 -23.22
CA GLY D 338 12.79 -4.54 -22.19
C GLY D 338 11.84 -4.68 -21.02
N GLU D 339 12.42 -4.77 -19.83
CA GLU D 339 11.66 -5.00 -18.60
C GLU D 339 10.68 -3.88 -18.29
N PHE D 340 10.90 -2.67 -18.82
CA PHE D 340 9.99 -1.56 -18.56
C PHE D 340 8.58 -1.85 -19.06
N ALA D 341 8.44 -2.72 -20.06
CA ALA D 341 7.11 -3.07 -20.55
C ALA D 341 6.34 -3.92 -19.54
N ARG D 342 7.05 -4.66 -18.70
CA ARG D 342 6.44 -5.45 -17.64
C ARG D 342 6.41 -4.69 -16.31
N THR D 343 7.54 -4.06 -15.96
CA THR D 343 7.67 -3.29 -14.72
C THR D 343 7.88 -1.84 -15.09
N PRO D 344 6.83 -1.05 -15.22
CA PRO D 344 6.98 0.30 -15.77
C PRO D 344 7.68 1.25 -14.80
N ARG D 345 8.42 2.18 -15.39
CA ARG D 345 8.95 3.35 -14.69
C ARG D 345 8.10 4.54 -15.13
N TYR D 346 7.29 5.06 -14.20
CA TYR D 346 6.33 6.09 -14.54
C TYR D 346 6.30 7.24 -13.54
N GLN D 347 7.12 7.23 -12.49
CA GLN D 347 7.22 8.34 -11.55
C GLN D 347 8.60 8.30 -10.91
N GLY D 348 8.80 9.10 -9.87
CA GLY D 348 10.09 9.20 -9.21
C GLY D 348 10.21 8.35 -7.95
N SER D 351 10.37 8.40 -0.25
CA SER D 351 10.13 8.26 -1.68
C SER D 351 8.93 9.12 -2.09
N SER D 352 8.88 9.49 -3.36
CA SER D 352 7.78 10.28 -3.90
C SER D 352 6.67 9.40 -4.46
N HIS D 353 6.65 8.12 -4.08
CA HIS D 353 5.72 7.16 -4.67
C HIS D 353 4.28 7.48 -4.32
N ILE D 354 3.43 7.52 -5.34
CA ILE D 354 1.99 7.66 -5.20
C ILE D 354 1.37 6.30 -5.51
N THR D 355 0.57 5.78 -4.58
CA THR D 355 -0.12 4.54 -4.85
C THR D 355 -1.18 4.82 -5.91
N PRO D 356 -1.00 4.39 -7.15
CA PRO D 356 -1.93 4.80 -8.20
C PRO D 356 -3.30 4.19 -7.99
N THR D 357 -4.31 4.91 -8.48
CA THR D 357 -5.67 4.40 -8.45
C THR D 357 -5.79 3.15 -9.30
N LYS D 358 -5.22 3.19 -10.51
CA LYS D 358 -5.20 2.05 -11.41
C LYS D 358 -3.98 2.18 -12.30
N MET D 359 -3.27 1.07 -12.52
CA MET D 359 -2.16 1.05 -13.44
C MET D 359 -2.13 -0.26 -14.23
N THR D 360 -2.04 -0.15 -15.55
CA THR D 360 -1.93 -1.29 -16.44
C THR D 360 -0.68 -1.11 -17.28
N SER D 361 0.23 -2.07 -17.19
CA SER D 361 1.48 -1.97 -17.91
C SER D 361 1.24 -2.05 -19.42
N PHE D 362 2.32 -1.82 -20.18
CA PHE D 362 2.22 -1.91 -21.63
C PHE D 362 1.93 -3.34 -22.05
N LEU D 363 2.54 -4.32 -21.38
CA LEU D 363 2.24 -5.72 -21.68
C LEU D 363 0.78 -6.03 -21.38
N ASP D 364 0.31 -5.69 -20.17
CA ASP D 364 -1.08 -5.95 -19.83
C ASP D 364 -2.03 -5.16 -20.72
N THR D 365 -1.61 -4.01 -21.22
CA THR D 365 -2.47 -3.23 -22.12
C THR D 365 -2.59 -3.89 -23.48
N LEU D 366 -1.48 -4.35 -24.05
CA LEU D 366 -1.53 -5.02 -25.35
C LEU D 366 -2.32 -6.32 -25.26
N ALA D 367 -2.13 -7.07 -24.17
CA ALA D 367 -2.88 -8.31 -23.98
C ALA D 367 -4.37 -8.03 -23.89
N ALA D 368 -4.76 -7.05 -23.07
CA ALA D 368 -6.16 -6.70 -22.91
C ALA D 368 -6.77 -6.10 -24.18
N ARG D 369 -5.94 -5.67 -25.13
CA ARG D 369 -6.43 -5.10 -26.38
C ARG D 369 -6.38 -6.09 -27.54
N GLY D 370 -6.07 -7.36 -27.25
CA GLY D 370 -6.00 -8.37 -28.29
C GLY D 370 -4.73 -8.39 -29.11
N VAL D 371 -3.83 -7.43 -28.91
CA VAL D 371 -2.56 -7.42 -29.63
C VAL D 371 -1.69 -8.56 -29.09
N ASP D 372 -1.43 -9.56 -29.92
CA ASP D 372 -0.62 -10.71 -29.52
C ASP D 372 0.85 -10.41 -29.81
N VAL D 373 1.69 -10.52 -28.79
CA VAL D 373 3.10 -10.17 -28.88
C VAL D 373 3.94 -11.29 -28.28
N ALA D 374 5.24 -11.22 -28.53
CA ALA D 374 6.23 -12.07 -27.86
C ALA D 374 7.10 -11.16 -27.00
N PHE D 375 7.20 -11.48 -25.71
CA PHE D 375 7.93 -10.67 -24.76
C PHE D 375 9.24 -11.33 -24.37
N ALA D 376 10.28 -10.51 -24.24
CA ALA D 376 11.58 -10.94 -23.73
C ALA D 376 12.12 -9.83 -22.83
N PRO D 377 12.51 -10.15 -21.59
CA PRO D 377 13.02 -9.08 -20.71
C PRO D 377 14.25 -8.38 -21.26
N GLY D 378 15.17 -9.12 -21.84
CA GLY D 378 16.39 -8.52 -22.35
C GLY D 378 17.40 -8.13 -21.29
N PHE D 379 16.96 -7.43 -20.25
CA PHE D 379 17.87 -6.98 -19.21
C PHE D 379 17.09 -6.86 -17.90
N THR D 380 17.85 -6.67 -16.82
CA THR D 380 17.30 -6.42 -15.48
C THR D 380 17.46 -4.96 -15.11
N LEU D 381 16.62 -4.50 -14.20
CA LEU D 381 16.59 -3.09 -13.79
C LEU D 381 17.56 -2.76 -12.64
N ASP D 382 18.65 -3.50 -12.51
CA ASP D 382 19.64 -3.22 -11.47
C ASP D 382 21.01 -2.99 -12.13
N LEU D 383 22.02 -2.70 -11.31
CA LEU D 383 23.33 -2.35 -11.85
C LEU D 383 24.22 -3.53 -12.24
N GLU D 384 23.72 -4.77 -12.11
CA GLU D 384 24.51 -5.94 -12.47
C GLU D 384 24.90 -5.91 -13.96
N PRO D 385 26.00 -6.58 -14.32
CA PRO D 385 26.42 -6.61 -15.73
C PRO D 385 25.40 -7.29 -16.65
N ALA D 386 25.68 -7.22 -17.94
CA ALA D 386 24.76 -7.77 -18.93
C ALA D 386 24.63 -9.27 -18.76
N ASP D 387 23.41 -9.77 -18.89
CA ASP D 387 23.11 -11.20 -18.81
C ASP D 387 23.09 -11.74 -20.23
N ARG D 388 24.08 -12.57 -20.56
CA ARG D 388 24.16 -13.15 -21.91
C ARG D 388 22.93 -13.96 -22.26
N THR D 389 22.29 -14.57 -21.26
CA THR D 389 21.12 -15.40 -21.50
C THR D 389 19.91 -14.54 -21.87
N LEU D 390 19.62 -13.51 -21.06
CA LEU D 390 18.51 -12.62 -21.36
C LEU D 390 18.70 -11.93 -22.70
N GLU D 391 19.94 -11.55 -23.00
CA GLU D 391 20.22 -10.88 -24.27
C GLU D 391 19.98 -11.82 -25.45
N ALA D 392 20.46 -13.06 -25.36
CA ALA D 392 20.26 -14.00 -26.46
C ALA D 392 18.79 -14.35 -26.64
N GLU D 393 18.06 -14.51 -25.54
CA GLU D 393 16.62 -14.74 -25.63
C GLU D 393 15.92 -13.59 -26.32
N ALA D 394 16.32 -12.35 -26.01
CA ALA D 394 15.68 -11.20 -26.64
C ALA D 394 16.03 -11.11 -28.11
N VAL D 395 17.20 -11.59 -28.51
CA VAL D 395 17.58 -11.55 -29.92
C VAL D 395 16.76 -12.54 -30.72
N GLU D 396 16.59 -13.76 -30.20
CA GLU D 396 15.77 -14.76 -30.87
C GLU D 396 14.30 -14.38 -30.92
N THR D 397 13.80 -13.69 -29.89
CA THR D 397 12.41 -13.23 -29.92
C THR D 397 12.20 -12.18 -30.99
N ALA D 398 13.20 -11.34 -31.24
CA ALA D 398 13.09 -10.27 -32.22
C ALA D 398 13.33 -10.73 -33.65
N LYS D 399 14.09 -11.82 -33.83
CA LYS D 399 14.43 -12.28 -35.18
C LYS D 399 13.21 -12.73 -35.98
N ASN D 400 12.19 -13.26 -35.30
CA ASN D 400 10.95 -13.65 -35.96
C ASN D 400 9.84 -12.69 -35.54
N ALA D 401 9.88 -11.48 -36.09
CA ALA D 401 8.91 -10.45 -35.77
C ALA D 401 9.03 -9.32 -36.77
N ASP D 402 7.89 -8.68 -37.07
CA ASP D 402 7.87 -7.55 -37.99
C ASP D 402 8.55 -6.33 -37.37
N VAL D 403 8.15 -5.97 -36.16
CA VAL D 403 8.67 -4.77 -35.50
C VAL D 403 9.03 -5.10 -34.07
N VAL D 404 10.09 -4.45 -33.59
CA VAL D 404 10.58 -4.62 -32.23
C VAL D 404 10.28 -3.34 -31.47
N LEU D 405 9.47 -3.45 -30.41
CA LEU D 405 9.22 -2.36 -29.47
C LEU D 405 10.16 -2.60 -28.29
N MET D 406 11.26 -1.85 -28.24
CA MET D 406 12.26 -2.02 -27.20
C MET D 406 12.12 -0.91 -26.17
N PHE D 407 11.93 -1.30 -24.91
CA PHE D 407 11.71 -0.35 -23.83
C PHE D 407 13.00 -0.23 -23.02
N LEU D 408 13.67 0.90 -23.15
CA LEU D 408 14.92 1.21 -22.49
C LEU D 408 14.74 2.44 -21.61
N GLY D 409 15.78 2.80 -20.90
CA GLY D 409 15.74 3.99 -20.07
C GLY D 409 16.47 3.75 -18.78
N LEU D 410 16.17 4.60 -17.79
CA LEU D 410 16.86 4.57 -16.52
C LEU D 410 16.06 3.77 -15.51
N PRO D 411 16.62 2.74 -14.89
CA PRO D 411 15.96 2.11 -13.75
C PRO D 411 15.94 3.07 -12.57
N GLU D 412 15.17 2.69 -11.55
CA GLU D 412 14.96 3.58 -10.41
C GLU D 412 16.28 3.93 -9.73
N ALA D 413 17.22 2.98 -9.67
CA ALA D 413 18.50 3.25 -9.02
C ALA D 413 19.37 4.22 -9.80
N ALA D 414 19.11 4.40 -11.11
CA ALA D 414 19.84 5.38 -11.91
C ALA D 414 19.37 6.82 -11.66
N GLU D 415 18.27 7.01 -10.95
CA GLU D 415 17.77 8.32 -10.57
C GLU D 415 17.45 8.31 -9.07
N SER D 416 18.46 7.96 -8.28
CA SER D 416 18.28 7.84 -6.84
C SER D 416 17.85 9.16 -6.22
N GLU D 417 16.87 9.08 -5.33
CA GLU D 417 16.35 10.27 -4.68
C GLU D 417 17.44 10.98 -3.90
N GLY D 418 17.43 12.31 -3.94
CA GLY D 418 18.42 13.08 -3.22
C GLY D 418 19.79 13.13 -3.84
N PHE D 419 19.96 12.64 -5.08
CA PHE D 419 21.26 12.62 -5.72
C PHE D 419 21.18 13.23 -7.11
N ASP D 420 22.28 13.82 -7.54
CA ASP D 420 22.45 14.19 -8.93
C ASP D 420 23.05 13.02 -9.70
N ARG D 421 22.65 12.87 -10.94
CA ARG D 421 23.25 11.87 -11.81
C ARG D 421 24.71 12.23 -12.09
N GLU D 422 25.49 11.22 -12.46
CA GLU D 422 26.85 11.47 -12.89
C GLU D 422 27.06 11.22 -14.38
N THR D 423 26.08 10.67 -15.08
CA THR D 423 26.20 10.45 -16.51
C THR D 423 24.84 10.66 -17.15
N LEU D 424 24.84 11.01 -18.43
CA LEU D 424 23.60 11.11 -19.20
C LEU D 424 23.22 9.81 -19.87
N ASP D 425 24.14 8.85 -19.96
CA ASP D 425 23.89 7.64 -20.73
C ASP D 425 22.93 6.69 -20.02
N ILE D 426 22.17 5.94 -20.79
CA ILE D 426 21.41 4.82 -20.26
C ILE D 426 22.39 3.68 -20.00
N PRO D 427 22.03 2.68 -19.19
CA PRO D 427 22.99 1.61 -18.88
C PRO D 427 23.56 0.96 -20.14
N ALA D 428 24.86 0.65 -20.09
CA ALA D 428 25.56 0.14 -21.26
C ALA D 428 25.03 -1.22 -21.69
N LYS D 429 24.58 -2.04 -20.74
CA LYS D 429 24.04 -3.35 -21.11
C LYS D 429 22.76 -3.20 -21.92
N GLN D 430 22.02 -2.11 -21.74
CA GLN D 430 20.89 -1.83 -22.61
C GLN D 430 21.36 -1.47 -24.01
N VAL D 431 22.46 -0.73 -24.10
CA VAL D 431 23.04 -0.40 -25.41
C VAL D 431 23.53 -1.66 -26.11
N GLU D 432 24.18 -2.56 -25.36
CA GLU D 432 24.67 -3.83 -25.92
C GLU D 432 23.51 -4.66 -26.47
N LEU D 433 22.38 -4.68 -25.76
CA LEU D 433 21.23 -5.44 -26.23
C LEU D 433 20.66 -4.86 -27.52
N LEU D 434 20.57 -3.53 -27.60
CA LEU D 434 20.04 -2.89 -28.80
C LEU D 434 20.91 -3.21 -30.01
N LYS D 435 22.24 -3.12 -29.85
CA LYS D 435 23.13 -3.48 -30.95
C LYS D 435 22.98 -4.94 -31.32
N ALA D 436 22.86 -5.83 -30.32
CA ALA D 436 22.73 -7.24 -30.61
C ALA D 436 21.40 -7.56 -31.27
N VAL D 437 20.31 -6.96 -30.80
CA VAL D 437 19.02 -7.19 -31.44
C VAL D 437 19.01 -6.62 -32.85
N ALA D 438 19.60 -5.45 -33.04
CA ALA D 438 19.60 -4.83 -34.36
C ALA D 438 20.32 -5.66 -35.40
N ALA D 439 21.22 -6.56 -34.96
CA ALA D 439 21.95 -7.40 -35.91
C ALA D 439 21.04 -8.42 -36.57
N GLU D 440 19.92 -8.78 -35.95
CA GLU D 440 19.00 -9.74 -36.52
C GLU D 440 17.69 -9.11 -36.97
N ASN D 441 17.39 -7.88 -36.56
CA ASN D 441 16.15 -7.21 -36.94
C ASN D 441 16.36 -5.71 -36.87
N LYS D 442 16.22 -5.03 -38.01
CA LYS D 442 16.48 -3.60 -38.08
C LYS D 442 15.26 -2.74 -37.75
N ASN D 443 14.06 -3.33 -37.73
CA ASN D 443 12.84 -2.57 -37.48
C ASN D 443 12.64 -2.46 -35.96
N ILE D 444 13.40 -1.55 -35.37
CA ILE D 444 13.39 -1.35 -33.92
C ILE D 444 12.84 0.04 -33.63
N VAL D 445 11.87 0.10 -32.72
CA VAL D 445 11.40 1.35 -32.13
C VAL D 445 11.80 1.31 -30.66
N VAL D 446 12.60 2.29 -30.24
CA VAL D 446 13.03 2.40 -28.85
C VAL D 446 12.13 3.40 -28.14
N VAL D 447 11.50 2.94 -27.06
CA VAL D 447 10.70 3.80 -26.17
C VAL D 447 11.53 4.02 -24.91
N LEU D 448 11.74 5.28 -24.57
CA LEU D 448 12.60 5.67 -23.45
C LEU D 448 11.77 6.06 -22.23
N SER D 449 12.21 5.58 -21.07
CA SER D 449 11.66 5.96 -19.77
C SER D 449 12.77 6.60 -18.95
N ASN D 450 12.63 7.89 -18.65
CA ASN D 450 13.65 8.62 -17.90
C ASN D 450 13.06 9.93 -17.40
N GLY D 451 13.42 10.28 -16.15
CA GLY D 451 12.99 11.53 -15.55
C GLY D 451 13.74 12.75 -16.04
N SER D 452 14.95 12.56 -16.58
CA SER D 452 15.71 13.66 -17.14
C SER D 452 16.44 13.18 -18.37
N VAL D 453 17.11 14.13 -19.04
CA VAL D 453 17.68 13.90 -20.36
C VAL D 453 18.64 12.72 -20.34
N VAL D 454 18.48 11.81 -21.29
CA VAL D 454 19.48 10.78 -21.56
C VAL D 454 20.05 11.02 -22.95
N SER D 455 21.30 10.58 -23.13
CA SER D 455 21.92 10.67 -24.43
C SER D 455 21.24 9.70 -25.41
N VAL D 456 21.16 10.11 -26.67
CA VAL D 456 20.48 9.35 -27.70
C VAL D 456 21.43 8.95 -28.83
N ALA D 457 22.25 9.89 -29.29
CA ALA D 457 23.12 9.64 -30.43
C ALA D 457 24.01 8.40 -30.29
N PRO D 458 24.58 8.05 -29.13
CA PRO D 458 25.47 6.87 -29.08
C PRO D 458 24.83 5.57 -29.56
N TRP D 459 23.51 5.45 -29.49
CA TRP D 459 22.85 4.22 -29.90
C TRP D 459 21.73 4.44 -30.92
N ALA D 460 21.43 5.69 -31.27
CA ALA D 460 20.30 5.97 -32.14
C ALA D 460 20.43 5.32 -33.51
N GLY D 461 21.64 5.02 -33.96
CA GLY D 461 21.80 4.39 -35.27
C GLY D 461 21.19 3.00 -35.36
N ASN D 462 20.93 2.35 -34.23
CA ASN D 462 20.35 1.02 -34.20
C ASN D 462 18.83 1.04 -34.08
N ALA D 463 18.20 2.21 -34.08
CA ALA D 463 16.76 2.33 -33.92
C ALA D 463 16.20 3.19 -35.05
N LYS D 464 15.12 2.72 -35.68
CA LYS D 464 14.43 3.54 -36.68
C LYS D 464 13.48 4.53 -36.03
N GLY D 465 12.89 4.16 -34.92
CA GLY D 465 12.00 5.05 -34.18
C GLY D 465 12.45 5.19 -32.76
N ILE D 466 12.43 6.43 -32.26
CA ILE D 466 12.82 6.74 -30.90
C ILE D 466 11.70 7.60 -30.31
N LEU D 467 11.00 7.06 -29.32
CA LEU D 467 9.93 7.75 -28.63
C LEU D 467 10.40 8.08 -27.23
N GLU D 468 10.56 9.37 -26.94
CA GLU D 468 10.94 9.82 -25.61
C GLU D 468 9.66 10.05 -24.81
N SER D 469 9.38 9.14 -23.88
CA SER D 469 8.15 9.17 -23.10
C SER D 469 8.35 9.64 -21.67
N TRP D 470 9.58 10.03 -21.31
CA TRP D 470 9.91 10.52 -19.99
C TRP D 470 9.33 9.63 -18.89
N LEU D 471 8.53 10.21 -18.00
CA LEU D 471 7.75 9.47 -17.01
C LEU D 471 6.29 9.82 -17.21
N LEU D 472 5.45 8.81 -17.37
CA LEU D 472 4.11 9.02 -17.87
C LEU D 472 3.04 8.97 -16.80
N GLY D 473 3.35 8.54 -15.59
CA GLY D 473 2.32 8.41 -14.59
C GLY D 473 1.56 7.12 -14.78
N GLN D 474 0.42 7.04 -14.09
CA GLN D 474 -0.31 5.78 -14.00
C GLN D 474 -0.95 5.38 -15.32
N ALA D 475 -1.15 6.30 -16.26
CA ALA D 475 -1.83 5.99 -17.50
C ALA D 475 -0.87 5.85 -18.68
N GLY D 476 0.42 5.63 -18.41
CA GLY D 476 1.38 5.57 -19.49
C GLY D 476 1.19 4.37 -20.41
N GLY D 477 0.85 3.22 -19.83
CA GLY D 477 0.63 2.00 -20.58
C GLY D 477 -0.37 2.20 -21.71
N PRO D 478 -1.61 2.53 -21.36
CA PRO D 478 -2.61 2.80 -22.41
C PRO D 478 -2.21 3.92 -23.35
N ALA D 479 -1.55 4.96 -22.85
CA ALA D 479 -1.18 6.09 -23.69
C ALA D 479 -0.16 5.69 -24.76
N LEU D 480 0.81 4.87 -24.38
CA LEU D 480 1.81 4.40 -25.35
C LEU D 480 1.15 3.57 -26.45
N ALA D 481 0.21 2.71 -26.09
CA ALA D 481 -0.47 1.89 -27.08
C ALA D 481 -1.25 2.75 -28.07
N ASP D 482 -1.90 3.82 -27.57
CA ASP D 482 -2.65 4.69 -28.46
C ASP D 482 -1.73 5.43 -29.43
N VAL D 483 -0.54 5.82 -28.97
CA VAL D 483 0.38 6.56 -29.83
C VAL D 483 1.13 5.60 -30.77
N ILE D 484 1.65 4.50 -30.22
CA ILE D 484 2.45 3.56 -31.00
C ILE D 484 1.64 2.94 -32.13
N PHE D 485 0.35 2.71 -31.90
CA PHE D 485 -0.51 2.08 -32.90
C PHE D 485 -1.39 3.09 -33.63
N GLY D 486 -1.16 4.38 -33.43
CA GLY D 486 -1.74 5.38 -34.29
C GLY D 486 -3.15 5.83 -33.97
N LYS D 487 -3.70 5.47 -32.81
CA LYS D 487 -4.97 6.07 -32.42
C LYS D 487 -4.83 7.58 -32.25
N VAL D 488 -3.65 8.04 -31.82
CA VAL D 488 -3.33 9.46 -31.74
C VAL D 488 -1.87 9.64 -32.16
N SER D 489 -1.58 10.83 -32.71
CA SER D 489 -0.22 11.17 -33.09
C SER D 489 0.50 11.82 -31.90
N PRO D 490 1.79 11.52 -31.68
CA PRO D 490 2.54 12.27 -30.66
C PRO D 490 2.70 13.71 -31.10
N SER D 491 2.69 14.62 -30.12
CA SER D 491 2.81 16.05 -30.41
C SER D 491 3.75 16.76 -29.43
N GLY D 492 4.58 16.01 -28.71
CA GLY D 492 5.42 16.61 -27.70
C GLY D 492 6.60 17.34 -28.31
N LYS D 493 6.95 18.45 -27.67
CA LYS D 493 8.15 19.22 -28.00
C LYS D 493 9.07 19.23 -26.79
N LEU D 494 10.36 19.16 -27.04
CA LEU D 494 11.34 19.11 -25.96
C LEU D 494 11.29 20.39 -25.11
N ALA D 495 11.15 20.21 -23.80
CA ALA D 495 11.35 21.28 -22.83
C ALA D 495 12.78 21.33 -22.35
N GLN D 496 13.64 20.49 -22.90
CA GLN D 496 15.03 20.35 -22.49
C GLN D 496 15.86 20.04 -23.72
N THR D 497 17.05 20.63 -23.77
CA THR D 497 17.97 20.30 -24.85
C THR D 497 18.57 18.93 -24.60
N ILE D 498 18.65 18.12 -25.66
CA ILE D 498 19.39 16.87 -25.61
C ILE D 498 20.74 17.12 -26.22
N PRO D 499 21.82 17.22 -25.45
CA PRO D 499 23.11 17.59 -25.99
C PRO D 499 23.83 16.37 -26.55
N MET D 500 24.88 16.65 -27.33
CA MET D 500 25.75 15.58 -27.82
C MET D 500 26.61 15.00 -26.69
N ASN D 501 26.87 15.79 -25.66
CA ASN D 501 27.79 15.43 -24.58
C ASN D 501 27.56 16.40 -23.43
N ILE D 502 27.54 15.86 -22.20
CA ILE D 502 27.30 16.71 -21.03
C ILE D 502 28.40 17.75 -20.89
N ASN D 503 29.59 17.48 -21.41
CA ASN D 503 30.70 18.42 -21.37
C ASN D 503 30.53 19.59 -22.33
N ASP D 504 29.46 19.60 -23.13
CA ASP D 504 29.12 20.77 -23.92
C ASP D 504 28.33 21.80 -23.11
N ASP D 505 27.66 21.36 -22.04
CA ASP D 505 26.86 22.27 -21.24
C ASP D 505 27.76 23.30 -20.57
N PRO D 506 27.48 24.59 -20.72
CA PRO D 506 28.39 25.61 -20.17
C PRO D 506 28.42 25.65 -18.66
N SER D 507 27.53 24.92 -17.99
CA SER D 507 27.50 24.84 -16.53
C SER D 507 28.37 23.72 -15.98
N MET D 508 28.83 22.79 -16.83
CA MET D 508 29.53 21.61 -16.34
C MET D 508 30.83 21.96 -15.62
N ILE D 509 31.48 23.07 -15.98
CA ILE D 509 32.68 23.51 -15.27
C ILE D 509 32.34 23.78 -13.81
N ASN D 510 31.17 24.34 -13.56
CA ASN D 510 30.73 24.69 -12.22
C ASN D 510 29.58 23.79 -11.77
N TRP D 511 29.83 22.49 -11.73
CA TRP D 511 28.83 21.50 -11.33
C TRP D 511 29.55 20.32 -10.70
N PRO D 512 29.19 19.92 -9.47
CA PRO D 512 28.14 20.51 -8.63
C PRO D 512 28.63 21.57 -7.64
N GLY D 513 29.81 22.12 -7.88
CA GLY D 513 30.41 23.07 -6.96
C GLY D 513 31.38 22.39 -6.01
N GLU D 514 31.89 23.20 -5.07
CA GLU D 514 32.92 22.72 -4.17
C GLU D 514 32.95 23.59 -2.93
N GLU D 515 33.29 22.96 -1.80
CA GLU D 515 33.55 23.66 -0.53
C GLU D 515 32.41 24.61 -0.17
N GLY D 516 31.18 24.14 -0.33
CA GLY D 516 29.99 24.86 0.10
C GLY D 516 29.46 25.90 -0.85
N HIS D 517 29.98 26.00 -2.08
CA HIS D 517 29.47 26.97 -3.02
C HIS D 517 29.56 26.43 -4.44
N VAL D 518 28.67 26.92 -5.29
CA VAL D 518 28.67 26.61 -6.72
C VAL D 518 28.45 27.91 -7.47
N ASP D 519 29.41 28.30 -8.30
CA ASP D 519 29.38 29.60 -8.97
C ASP D 519 28.75 29.45 -10.34
N TYR D 520 27.62 30.13 -10.54
CA TYR D 520 26.90 30.05 -11.82
C TYR D 520 27.63 30.89 -12.87
N GLY D 521 28.78 30.36 -13.32
CA GLY D 521 29.65 31.10 -14.21
C GLY D 521 29.11 31.32 -15.61
N GLU D 522 28.11 30.53 -16.03
CA GLU D 522 27.53 30.69 -17.36
C GLU D 522 26.59 31.89 -17.46
N GLY D 523 26.14 32.45 -16.34
CA GLY D 523 25.28 33.62 -16.38
C GLY D 523 23.92 33.30 -16.98
N VAL D 524 23.50 34.11 -17.95
CA VAL D 524 22.22 33.86 -18.62
C VAL D 524 22.32 32.79 -19.70
N PHE D 525 23.52 32.32 -20.02
CA PHE D 525 23.70 31.38 -21.12
C PHE D 525 23.55 29.95 -20.59
N VAL D 526 22.30 29.58 -20.35
CA VAL D 526 21.94 28.28 -19.80
C VAL D 526 21.16 27.53 -20.88
N GLY D 527 21.53 26.27 -21.11
CA GLY D 527 20.79 25.45 -22.07
C GLY D 527 20.91 25.99 -23.48
N TYR D 528 19.78 26.03 -24.18
CA TYR D 528 19.80 26.45 -25.58
C TYR D 528 20.24 27.90 -25.76
N ARG D 529 20.12 28.72 -24.71
CA ARG D 529 20.64 30.09 -24.78
C ARG D 529 22.13 30.10 -25.07
N TYR D 530 22.87 29.11 -24.58
CA TYR D 530 24.28 28.99 -24.92
C TYR D 530 24.48 28.29 -26.26
N TYR D 531 23.77 27.17 -26.48
CA TYR D 531 23.99 26.35 -27.66
C TYR D 531 23.72 27.14 -28.94
N ASP D 532 22.62 27.87 -28.99
CA ASP D 532 22.25 28.62 -30.18
C ASP D 532 23.08 29.87 -30.36
N THR D 533 23.72 30.36 -29.30
CA THR D 533 24.50 31.59 -29.40
C THR D 533 25.92 31.33 -29.88
N TYR D 534 26.51 30.21 -29.51
CA TYR D 534 27.89 29.91 -29.88
C TYR D 534 27.99 28.81 -30.93
N ASP D 535 26.89 28.59 -31.67
CA ASP D 535 26.87 27.72 -32.86
C ASP D 535 27.40 26.33 -32.53
N LYS D 536 26.85 25.74 -31.46
CA LYS D 536 27.25 24.41 -31.01
C LYS D 536 26.21 23.40 -31.45
N ALA D 537 26.67 22.23 -31.88
CA ALA D 537 25.75 21.16 -32.23
C ALA D 537 25.11 20.57 -30.97
N VAL D 538 23.86 20.14 -31.12
CA VAL D 538 23.13 19.42 -30.09
C VAL D 538 22.52 18.19 -30.75
N ASP D 539 22.10 17.24 -29.90
CA ASP D 539 21.47 16.02 -30.43
C ASP D 539 20.06 16.31 -30.92
N TYR D 540 19.23 16.91 -30.05
CA TYR D 540 17.88 17.32 -30.41
C TYR D 540 17.67 18.68 -29.75
N PRO D 541 17.23 19.69 -30.50
CA PRO D 541 17.19 21.04 -29.96
C PRO D 541 15.96 21.27 -29.11
N PHE D 542 16.04 22.33 -28.30
CA PHE D 542 14.92 22.77 -27.49
C PHE D 542 13.69 23.02 -28.36
N GLY D 543 12.54 22.50 -27.92
CA GLY D 543 11.31 22.67 -28.64
C GLY D 543 11.09 21.77 -29.84
N PHE D 544 11.93 20.74 -30.00
CA PHE D 544 11.83 19.85 -31.15
C PHE D 544 10.90 18.69 -30.85
N GLY D 545 10.22 18.22 -31.88
CA GLY D 545 9.35 17.07 -31.76
C GLY D 545 8.71 16.71 -33.09
N LEU D 546 8.65 15.42 -33.39
CA LEU D 546 8.05 14.96 -34.62
C LEU D 546 6.58 14.61 -34.40
N SER D 547 5.88 14.37 -35.51
CA SER D 547 4.47 14.04 -35.50
C SER D 547 4.19 13.03 -36.60
N TYR D 548 3.04 12.35 -36.50
CA TYR D 548 2.59 11.52 -37.61
C TYR D 548 1.97 12.34 -38.73
N ALA D 549 1.75 13.64 -38.51
CA ALA D 549 1.16 14.53 -39.50
C ALA D 549 2.19 15.53 -40.01
N THR D 550 1.79 16.27 -41.04
CA THR D 550 2.61 17.33 -41.58
C THR D 550 1.87 18.66 -41.45
N PHE D 551 2.64 19.72 -41.22
CA PHE D 551 2.08 21.05 -41.03
C PHE D 551 2.86 22.06 -41.85
N ALA D 552 2.20 23.16 -42.17
CA ALA D 552 2.81 24.26 -42.90
C ALA D 552 2.44 25.57 -42.23
N ILE D 553 3.40 26.49 -42.17
CA ILE D 553 3.21 27.82 -41.60
C ILE D 553 3.39 28.85 -42.70
N ASP D 554 2.39 29.71 -42.89
CA ASP D 554 2.47 30.83 -43.81
C ASP D 554 1.62 31.96 -43.26
N GLY D 555 1.46 33.02 -44.06
CA GLY D 555 0.67 34.17 -43.63
C GLY D 555 1.22 34.86 -42.40
N VAL D 556 2.53 34.75 -42.17
CA VAL D 556 3.15 35.31 -40.98
C VAL D 556 3.27 36.82 -41.16
N ASN D 557 2.77 37.57 -40.18
CA ASN D 557 2.86 39.03 -40.19
C ASN D 557 3.22 39.52 -38.81
N VAL D 558 4.33 40.25 -38.71
CA VAL D 558 4.80 40.85 -37.46
C VAL D 558 4.70 42.36 -37.59
N ALA D 559 4.02 42.99 -36.64
CA ALA D 559 3.81 44.43 -36.67
C ALA D 559 4.10 45.04 -35.30
N LYS D 560 4.74 46.20 -35.32
CA LYS D 560 4.96 46.98 -34.11
C LYS D 560 3.63 47.58 -33.65
N THR D 561 3.33 47.46 -32.35
CA THR D 561 2.07 47.94 -31.80
C THR D 561 2.25 49.05 -30.78
N GLY D 562 3.48 49.50 -30.55
CA GLY D 562 3.74 50.54 -29.58
C GLY D 562 5.21 50.87 -29.62
N ALA D 563 5.64 51.71 -28.68
CA ALA D 563 7.05 52.11 -28.67
C ALA D 563 7.97 50.91 -28.53
N ASN D 564 7.58 49.91 -27.73
CA ASN D 564 8.44 48.77 -27.48
C ASN D 564 7.62 47.49 -27.37
N THR D 565 6.58 47.37 -28.20
CA THR D 565 5.77 46.16 -28.24
C THR D 565 5.49 45.80 -29.68
N ALA D 566 5.20 44.51 -29.92
CA ALA D 566 4.91 44.02 -31.26
C ALA D 566 3.84 42.94 -31.18
N HIS D 567 3.31 42.56 -32.35
CA HIS D 567 2.25 41.57 -32.42
C HIS D 567 2.47 40.65 -33.61
N VAL D 568 2.28 39.34 -33.40
CA VAL D 568 2.53 38.34 -34.42
C VAL D 568 1.22 37.68 -34.82
N THR D 569 1.03 37.48 -36.12
CA THR D 569 -0.13 36.75 -36.63
C THR D 569 0.37 35.73 -37.64
N ALA D 570 -0.12 34.48 -37.54
CA ALA D 570 0.34 33.41 -38.43
C ALA D 570 -0.76 32.39 -38.65
N THR D 571 -0.64 31.64 -39.76
CA THR D 571 -1.56 30.57 -40.10
C THR D 571 -0.82 29.24 -40.12
N VAL D 572 -1.37 28.24 -39.44
CA VAL D 572 -0.82 26.90 -39.44
C VAL D 572 -1.86 25.96 -40.06
N THR D 573 -1.41 25.04 -40.90
CA THR D 573 -2.29 24.18 -41.67
C THR D 573 -1.81 22.74 -41.61
N ASN D 574 -2.73 21.82 -41.31
CA ASN D 574 -2.44 20.39 -41.32
C ASN D 574 -2.49 19.91 -42.77
N THR D 575 -1.33 19.63 -43.36
CA THR D 575 -1.23 19.24 -44.76
C THR D 575 -1.18 17.72 -44.95
N SER D 576 -1.71 16.97 -44.00
CA SER D 576 -1.66 15.50 -44.05
C SER D 576 -3.07 14.93 -43.99
N ASP D 577 -3.13 13.60 -43.84
CA ASP D 577 -4.37 12.88 -43.66
C ASP D 577 -4.57 12.45 -42.21
N VAL D 578 -3.75 12.97 -41.30
CA VAL D 578 -3.73 12.56 -39.90
C VAL D 578 -4.11 13.75 -39.04
N ASP D 579 -5.08 13.55 -38.15
CA ASP D 579 -5.44 14.57 -37.17
C ASP D 579 -4.37 14.61 -36.09
N ALA D 580 -3.73 15.75 -35.93
CA ALA D 580 -2.62 15.86 -34.97
C ALA D 580 -2.42 17.33 -34.63
N ALA D 581 -1.61 17.55 -33.60
CA ALA D 581 -1.34 18.89 -33.12
C ALA D 581 0.05 19.35 -33.53
N GLU D 582 0.18 20.65 -33.71
CA GLU D 582 1.45 21.31 -33.98
C GLU D 582 1.61 22.42 -32.96
N THR D 583 2.84 22.62 -32.48
CA THR D 583 3.13 23.63 -31.48
C THR D 583 3.99 24.73 -32.12
N VAL D 584 3.37 25.88 -32.39
CA VAL D 584 4.06 27.02 -32.97
C VAL D 584 4.81 27.76 -31.88
N GLN D 585 6.05 28.14 -32.17
CA GLN D 585 6.93 28.77 -31.19
C GLN D 585 7.46 30.09 -31.73
N VAL D 586 7.53 31.09 -30.85
CA VAL D 586 8.00 32.42 -31.21
C VAL D 586 9.22 32.76 -30.38
N TYR D 587 10.31 33.12 -31.06
CA TYR D 587 11.54 33.56 -30.43
C TYR D 587 11.84 35.00 -30.82
N VAL D 588 12.53 35.72 -29.93
CA VAL D 588 12.98 37.09 -30.17
C VAL D 588 14.50 37.09 -30.28
N ALA D 589 15.02 37.55 -31.42
CA ALA D 589 16.45 37.60 -31.70
C ALA D 589 16.94 39.05 -31.73
N PRO D 590 17.58 39.52 -30.66
CA PRO D 590 17.95 40.94 -30.59
C PRO D 590 19.26 41.26 -31.31
N GLY D 591 19.38 42.52 -31.71
CA GLY D 591 20.62 43.01 -32.27
C GLY D 591 21.65 43.25 -31.18
N LYS D 592 22.85 43.65 -31.61
CA LYS D 592 23.93 43.89 -30.66
C LYS D 592 23.49 44.90 -29.61
N ALA D 593 23.66 44.54 -28.35
CA ALA D 593 23.21 45.34 -27.21
C ALA D 593 24.36 45.66 -26.28
N ALA D 594 24.08 46.53 -25.30
CA ALA D 594 25.07 46.91 -24.30
C ALA D 594 25.41 45.79 -23.35
N VAL D 595 24.63 44.72 -23.31
CA VAL D 595 24.93 43.54 -22.52
C VAL D 595 24.96 42.34 -23.44
N ALA D 596 25.60 41.28 -22.97
CA ALA D 596 25.60 40.02 -23.70
C ALA D 596 24.22 39.38 -23.60
N ARG D 597 23.69 38.94 -24.74
CA ARG D 597 22.37 38.33 -24.79
C ARG D 597 22.42 37.10 -25.68
N PRO D 598 21.64 36.07 -25.35
CA PRO D 598 21.53 34.91 -26.23
C PRO D 598 21.00 35.30 -27.61
N LYS D 599 21.33 34.48 -28.62
CA LYS D 599 20.93 34.79 -29.98
C LYS D 599 19.42 34.94 -30.08
N HIS D 600 18.67 34.05 -29.43
CA HIS D 600 17.23 34.24 -29.32
C HIS D 600 16.77 33.62 -28.01
N GLU D 601 15.56 34.01 -27.60
CA GLU D 601 14.95 33.51 -26.39
C GLU D 601 13.47 33.24 -26.66
N LEU D 602 12.93 32.17 -26.08
CA LEU D 602 11.53 31.84 -26.27
C LEU D 602 10.64 32.91 -25.64
N LYS D 603 9.70 33.44 -26.44
CA LYS D 603 8.82 34.51 -25.97
C LYS D 603 7.34 34.25 -26.26
N GLY D 604 6.98 33.04 -26.69
CA GLY D 604 5.59 32.73 -26.91
C GLY D 604 5.41 31.38 -27.58
N PHE D 605 4.27 30.74 -27.35
CA PHE D 605 4.00 29.48 -28.01
C PHE D 605 2.50 29.23 -28.00
N ARG D 606 2.05 28.44 -28.97
CA ARG D 606 0.64 28.10 -29.09
C ARG D 606 0.54 26.71 -29.70
N LYS D 607 -0.15 25.81 -29.00
CA LYS D 607 -0.43 24.48 -29.50
C LYS D 607 -1.81 24.48 -30.15
N VAL D 608 -1.89 23.91 -31.36
CA VAL D 608 -3.13 23.89 -32.13
C VAL D 608 -3.40 22.46 -32.56
N PHE D 609 -4.60 21.99 -32.24
CA PHE D 609 -5.08 20.69 -32.71
C PHE D 609 -5.84 20.93 -34.01
N LEU D 610 -5.40 20.28 -35.08
CA LEU D 610 -5.97 20.49 -36.40
C LEU D 610 -6.30 19.15 -37.03
N LYS D 611 -7.52 18.99 -37.52
CA LYS D 611 -7.86 17.81 -38.27
C LYS D 611 -7.18 17.87 -39.64
N ALA D 612 -7.22 16.74 -40.35
CA ALA D 612 -6.56 16.67 -41.65
C ALA D 612 -7.12 17.73 -42.58
N GLY D 613 -6.24 18.62 -43.05
CA GLY D 613 -6.65 19.68 -43.94
C GLY D 613 -7.07 20.97 -43.27
N GLU D 614 -7.28 20.96 -41.95
CA GLU D 614 -7.74 22.15 -41.25
C GLU D 614 -6.61 23.16 -41.09
N SER D 615 -7.00 24.43 -41.00
CA SER D 615 -6.06 25.52 -40.75
C SER D 615 -6.60 26.36 -39.61
N ALA D 616 -5.69 27.11 -38.99
CA ALA D 616 -6.08 27.95 -37.86
C ALA D 616 -5.19 29.18 -37.87
N GLU D 617 -5.77 30.33 -37.53
CA GLU D 617 -5.03 31.57 -37.42
C GLU D 617 -4.68 31.81 -35.96
N ILE D 618 -3.42 32.09 -35.70
CA ILE D 618 -2.89 32.24 -34.36
C ILE D 618 -2.25 33.62 -34.22
N THR D 619 -2.30 34.16 -33.00
CA THR D 619 -1.72 35.46 -32.67
C THR D 619 -0.79 35.35 -31.47
N PHE D 620 0.20 36.24 -31.43
CA PHE D 620 1.12 36.34 -30.30
C PHE D 620 1.29 37.81 -29.91
N ASP D 621 1.11 38.12 -28.64
CA ASP D 621 1.45 39.42 -28.10
C ASP D 621 2.89 39.39 -27.59
N LEU D 622 3.66 40.41 -27.96
CA LEU D 622 5.05 40.55 -27.51
C LEU D 622 5.13 41.85 -26.73
N ASP D 623 5.06 41.76 -25.40
CA ASP D 623 5.11 42.94 -24.57
C ASP D 623 6.56 43.45 -24.45
N GLU D 624 6.75 44.49 -23.65
CA GLU D 624 8.08 45.08 -23.52
C GLU D 624 9.08 44.08 -22.94
N ARG D 625 8.63 43.23 -22.02
CA ARG D 625 9.51 42.22 -21.43
C ARG D 625 9.97 41.18 -22.44
N ALA D 626 9.28 41.06 -23.57
CA ALA D 626 9.75 40.17 -24.63
C ALA D 626 11.01 40.70 -25.30
N PHE D 627 11.31 41.98 -25.12
CA PHE D 627 12.48 42.63 -25.73
C PHE D 627 13.44 43.18 -24.69
N ALA D 628 13.23 42.90 -23.41
CA ALA D 628 13.96 43.55 -22.34
C ALA D 628 14.90 42.58 -21.64
N TYR D 629 16.10 43.05 -21.34
CA TYR D 629 17.02 42.36 -20.45
C TYR D 629 17.10 43.10 -19.12
N TRP D 630 17.64 42.42 -18.12
CA TRP D 630 17.91 43.08 -16.85
C TRP D 630 19.23 43.83 -16.95
N SER D 631 19.20 45.12 -16.62
CA SER D 631 20.40 45.95 -16.63
C SER D 631 20.81 46.20 -15.19
N GLU D 632 22.02 45.77 -14.82
CA GLU D 632 22.51 46.05 -13.47
C GLU D 632 22.88 47.51 -13.30
N LYS D 633 23.16 48.21 -14.39
CA LYS D 633 23.39 49.65 -14.33
C LYS D 633 22.09 50.41 -14.14
N PHE D 634 21.00 49.94 -14.77
CA PHE D 634 19.67 50.51 -14.53
C PHE D 634 19.02 49.94 -13.29
N ASN D 635 19.47 48.77 -12.82
CA ASN D 635 18.79 48.07 -11.73
C ASN D 635 17.32 47.89 -12.06
N ASP D 636 17.05 47.51 -13.30
CA ASP D 636 15.69 47.45 -13.83
C ASP D 636 15.75 46.81 -15.20
N TRP D 637 14.59 46.39 -15.69
CA TRP D 637 14.48 45.92 -17.07
C TRP D 637 14.75 47.08 -18.01
N HIS D 638 15.29 46.75 -19.19
CA HIS D 638 15.62 47.78 -20.16
C HIS D 638 15.40 47.27 -21.56
N VAL D 639 14.60 48.01 -22.33
CA VAL D 639 14.47 47.79 -23.77
C VAL D 639 15.37 48.80 -24.49
N GLU D 640 16.36 48.29 -25.20
CA GLU D 640 17.31 49.12 -25.92
C GLU D 640 16.74 49.41 -27.31
N ALA D 641 16.89 50.66 -27.76
CA ALA D 641 16.42 51.02 -29.08
C ALA D 641 17.19 50.27 -30.16
N GLY D 642 16.49 49.83 -31.19
CA GLY D 642 17.14 49.17 -32.30
C GLY D 642 16.24 48.11 -32.90
N GLU D 643 16.85 47.25 -33.72
CA GLU D 643 16.13 46.23 -34.46
C GLU D 643 16.09 44.93 -33.66
N TYR D 644 14.92 44.28 -33.69
CA TYR D 644 14.71 42.98 -33.06
C TYR D 644 14.04 42.07 -34.08
N THR D 645 14.58 40.87 -34.25
CA THR D 645 14.04 39.90 -35.19
C THR D 645 13.10 38.95 -34.45
N VAL D 646 11.84 38.88 -34.90
CA VAL D 646 10.86 37.96 -34.36
C VAL D 646 10.86 36.71 -35.23
N GLU D 647 11.13 35.56 -34.62
CA GLU D 647 11.21 34.29 -35.33
C GLU D 647 9.98 33.44 -35.02
N VAL D 648 9.43 32.81 -36.05
CA VAL D 648 8.27 31.94 -35.92
C VAL D 648 8.63 30.58 -36.48
N GLY D 649 8.36 29.54 -35.70
CA GLY D 649 8.70 28.21 -36.13
C GLY D 649 8.11 27.14 -35.24
N THR D 650 8.63 25.93 -35.37
CA THR D 650 8.16 24.77 -34.62
C THR D 650 9.26 24.16 -33.75
N SER D 651 10.38 24.86 -33.57
CA SER D 651 11.56 24.40 -32.84
C SER D 651 12.50 25.58 -32.72
N SER D 652 13.42 25.50 -31.76
CA SER D 652 14.45 26.53 -31.67
C SER D 652 15.38 26.51 -32.87
N ARG D 653 15.40 25.41 -33.64
CA ARG D 653 16.21 25.31 -34.85
C ARG D 653 15.37 24.90 -36.05
N ASP D 654 14.07 25.21 -36.03
CA ASP D 654 13.18 24.99 -37.17
C ASP D 654 12.33 26.26 -37.31
N ILE D 655 12.94 27.29 -37.91
CA ILE D 655 12.30 28.59 -38.08
C ILE D 655 11.68 28.67 -39.47
N ALA D 656 10.40 29.01 -39.52
CA ALA D 656 9.67 29.12 -40.78
C ALA D 656 9.72 30.52 -41.36
N ALA D 657 9.65 31.54 -40.50
CA ALA D 657 9.64 32.92 -40.96
C ALA D 657 10.23 33.80 -39.87
N VAL D 658 10.82 34.91 -40.31
CA VAL D 658 11.40 35.91 -39.41
C VAL D 658 10.93 37.28 -39.88
N ALA D 659 10.98 38.24 -38.96
CA ALA D 659 10.64 39.61 -39.32
C ALA D 659 11.31 40.56 -38.34
N VAL D 660 11.78 41.70 -38.84
CA VAL D 660 12.52 42.67 -38.07
C VAL D 660 11.60 43.82 -37.69
N VAL D 661 11.60 44.17 -36.41
CA VAL D 661 10.90 45.35 -35.90
C VAL D 661 11.95 46.27 -35.28
N THR D 662 11.72 47.56 -35.38
CA THR D 662 12.60 48.56 -34.80
C THR D 662 11.85 49.26 -33.67
N LEU D 663 12.36 49.11 -32.44
CA LEU D 663 11.73 49.66 -31.26
C LEU D 663 12.42 50.95 -30.84
N ASP D 664 11.67 51.77 -30.09
CA ASP D 664 12.14 53.11 -29.73
C ASP D 664 13.10 53.12 -28.56
N GLY D 665 13.14 52.08 -27.76
CA GLY D 665 13.78 52.17 -26.46
C GLY D 665 12.81 52.74 -25.44
N ASP D 666 13.06 52.41 -24.17
CA ASP D 666 12.17 52.80 -23.08
C ASP D 666 12.45 54.19 -22.53
N GLY D 667 13.47 54.89 -23.04
CA GLY D 667 13.73 56.25 -22.63
C GLY D 667 14.39 56.43 -21.29
N LYS D 668 14.72 55.33 -20.60
CA LYS D 668 15.34 55.38 -19.29
C LYS D 668 16.75 55.99 -19.36
N ALA D 669 17.04 56.93 -18.46
CA ALA D 669 18.35 57.55 -18.44
C ALA D 669 19.16 57.08 -17.24
N LEU D 670 20.48 57.24 -17.35
CA LEU D 670 21.49 56.84 -16.40
C LEU D 670 22.35 58.02 -16.01
N PRO D 671 22.80 58.09 -14.75
CA PRO D 671 23.70 59.18 -14.36
C PRO D 671 24.95 59.20 -15.22
N LEU D 672 25.25 60.37 -15.78
CA LEU D 672 26.44 60.58 -16.58
C LEU D 672 27.42 61.47 -15.82
N ASP D 673 28.71 61.15 -15.91
CA ASP D 673 29.73 61.93 -15.21
C ASP D 673 30.96 62.02 -16.12
N GLU D 674 32.07 62.51 -15.56
CA GLU D 674 33.28 62.68 -16.35
C GLU D 674 33.90 61.34 -16.73
N TRP D 675 33.68 60.30 -15.93
CA TRP D 675 34.20 58.97 -16.24
C TRP D 675 33.33 58.19 -17.22
N SER D 676 32.21 58.76 -17.66
CA SER D 676 31.43 58.13 -18.72
C SER D 676 32.11 58.36 -20.06
N THR D 677 31.88 57.44 -20.98
CA THR D 677 32.42 57.63 -22.32
C THR D 677 31.52 58.56 -23.11
N PHE D 678 32.09 59.14 -24.17
CA PHE D 678 31.29 59.99 -25.04
C PHE D 678 30.15 59.19 -25.67
N GLY D 679 30.39 57.92 -25.98
CA GLY D 679 29.33 57.10 -26.53
C GLY D 679 28.19 56.87 -25.55
N GLU D 680 28.53 56.66 -24.28
CA GLU D 680 27.51 56.51 -23.25
C GLU D 680 26.66 57.77 -23.13
N TRP D 681 27.30 58.95 -23.18
CA TRP D 681 26.54 60.19 -23.20
C TRP D 681 25.61 60.26 -24.41
N ALA D 682 26.10 59.81 -25.57
CA ALA D 682 25.30 59.91 -26.79
C ALA D 682 24.08 59.00 -26.74
N ASP D 683 24.20 57.81 -26.11
CA ASP D 683 23.10 56.87 -26.04
C ASP D 683 22.11 57.18 -24.93
N ASP D 684 22.41 58.14 -24.06
CA ASP D 684 21.46 58.46 -22.99
C ASP D 684 20.48 59.53 -23.45
N PRO D 685 19.20 59.38 -23.13
CA PRO D 685 18.21 60.38 -23.58
C PRO D 685 18.50 61.80 -23.13
N VAL D 686 19.05 61.98 -21.92
CA VAL D 686 19.44 63.32 -21.51
C VAL D 686 20.78 63.70 -22.12
N GLY D 687 21.74 62.77 -22.11
CA GLY D 687 23.06 63.07 -22.64
C GLY D 687 23.06 63.33 -24.13
N SER D 688 22.15 62.69 -24.87
CA SER D 688 22.15 62.85 -26.33
C SER D 688 21.85 64.29 -26.72
N LYS D 689 21.00 64.99 -25.96
CA LYS D 689 20.79 66.41 -26.19
C LYS D 689 22.06 67.20 -25.92
N ILE D 690 22.81 66.82 -24.88
CA ILE D 690 24.06 67.52 -24.57
C ILE D 690 25.07 67.29 -25.68
N VAL D 691 25.13 66.06 -26.21
CA VAL D 691 26.07 65.76 -27.28
C VAL D 691 25.68 66.49 -28.56
N ALA D 692 24.39 66.46 -28.92
CA ALA D 692 23.94 67.18 -30.11
C ALA D 692 24.16 68.68 -29.95
N SER D 693 24.02 69.20 -28.73
CA SER D 693 24.33 70.59 -28.45
C SER D 693 25.83 70.88 -28.51
N VAL D 694 26.66 69.85 -28.45
CA VAL D 694 28.10 70.05 -28.60
C VAL D 694 28.49 70.11 -30.07
N TYR D 695 27.83 69.32 -30.91
CA TYR D 695 28.02 69.47 -32.35
C TYR D 695 27.49 70.81 -32.82
N ALA D 696 26.32 71.23 -32.32
CA ALA D 696 25.75 72.51 -32.69
C ALA D 696 26.66 73.67 -32.26
N GLU D 697 27.13 73.64 -31.01
CA GLU D 697 28.06 74.65 -30.54
C GLU D 697 29.43 74.56 -31.19
N GLY D 698 29.65 73.58 -32.06
CA GLY D 698 30.87 73.50 -32.83
C GLY D 698 30.74 74.17 -34.19
N GLU D 699 29.59 74.00 -34.84
CA GLU D 699 29.36 74.64 -36.13
C GLU D 699 29.32 76.16 -36.01
N ALA D 700 29.05 76.68 -34.82
CA ALA D 700 29.39 78.04 -34.46
C ALA D 700 30.69 78.02 -33.66
N GLY D 701 31.45 79.10 -33.75
CA GLY D 701 32.78 79.09 -33.16
C GLY D 701 32.82 79.34 -31.66
N ASN D 702 31.91 78.70 -30.93
CA ASN D 702 31.85 78.84 -29.48
C ASN D 702 32.54 77.69 -28.74
N LEU D 703 32.87 76.60 -29.44
CA LEU D 703 33.40 75.41 -28.84
C LEU D 703 34.23 74.68 -29.89
N PRO D 704 35.38 74.11 -29.52
CA PRO D 704 36.18 73.38 -30.50
C PRO D 704 35.40 72.23 -31.12
N GLN D 705 35.84 71.83 -32.30
CA GLN D 705 35.19 70.76 -33.05
C GLN D 705 36.00 69.47 -32.94
N LEU D 706 35.39 68.39 -33.40
CA LEU D 706 36.07 67.09 -33.45
C LEU D 706 37.28 67.18 -34.38
N ASP D 710 37.73 71.34 -22.07
CA ASP D 710 37.00 72.36 -22.81
C ASP D 710 35.59 71.88 -23.14
N MET D 711 35.51 70.78 -23.90
CA MET D 711 34.21 70.19 -24.19
C MET D 711 33.70 69.39 -22.98
N MET D 712 34.60 68.74 -22.26
CA MET D 712 34.20 67.98 -21.07
C MET D 712 33.57 68.89 -20.01
N ARG D 713 34.11 70.11 -19.86
CA ARG D 713 33.46 71.08 -18.99
C ARG D 713 32.10 71.49 -19.54
N MET D 714 32.01 71.62 -20.87
CA MET D 714 30.72 71.90 -21.50
C MET D 714 29.71 70.79 -21.21
N PHE D 715 30.15 69.53 -21.27
CA PHE D 715 29.27 68.42 -20.88
C PHE D 715 28.82 68.57 -19.44
N LEU D 716 29.78 68.76 -18.53
CA LEU D 716 29.56 68.78 -17.09
C LEU D 716 29.03 70.11 -16.58
N LYS D 717 28.59 70.98 -17.49
CA LYS D 717 27.86 72.18 -17.11
C LYS D 717 26.41 72.16 -17.59
N SER D 718 26.14 71.56 -18.76
CA SER D 718 24.77 71.38 -19.20
C SER D 718 24.07 70.27 -18.42
N MET D 719 24.82 69.27 -17.98
CA MET D 719 24.24 68.23 -17.12
C MET D 719 23.74 68.80 -15.79
N PRO D 720 24.53 69.57 -15.02
CA PRO D 720 23.97 70.16 -13.79
C PRO D 720 22.99 71.28 -14.05
N ILE D 721 23.00 71.90 -15.22
CA ILE D 721 21.95 72.84 -15.56
C ILE D 721 20.65 72.10 -15.85
N ASN D 722 20.74 70.92 -16.47
CA ASN D 722 19.57 70.10 -16.76
C ASN D 722 19.12 69.34 -15.52
C1 GOL E . -1.64 -33.08 9.56
O1 GOL E . -0.44 -32.88 10.25
C2 GOL E . -2.49 -31.78 9.69
O2 GOL E . -2.35 -30.96 8.59
C3 GOL E . -3.94 -32.24 9.91
O3 GOL E . -4.66 -31.15 10.39
#